data_1VPX
#
_entry.id   1VPX
#
_cell.length_a   145.298
_cell.length_b   104.419
_cell.length_c   171.124
_cell.angle_alpha   90.00
_cell.angle_beta   108.99
_cell.angle_gamma   90.00
#
_symmetry.space_group_name_H-M   'P 1 21 1'
#
loop_
_entity.id
_entity.type
_entity.pdbx_description
1 polymer 'PROTEIN (Transaldolase (EC 2.2.1.2))'
2 non-polymer GLYCEROL
3 non-polymer 'SULFATE ION'
4 water water
#
_entity_poly.entity_id   1
_entity_poly.type   'polypeptide(L)'
_entity_poly.pdbx_seq_one_letter_code
;MGSDKIHHHHHHMKIFLDTANLEEIKKGVEWGIVDGVTTNPTLISKEGAEFKQRVKEICDLVKGPVSAEVVSLDYEGMVR
EARELAQISEYVVIKIPMTPDGIKAVKTLSAEGIKTNVTLVFSPAQAILAAKAGATYVSPFVGRMDDLSNDGMRMLGEIV
EIYNNYGFETEIIAASIRHPMHVVEAALMGVDIVTMPFAVLEKLFKHPMTDLGIERFMEDWKKYLENLKK
;
_entity_poly.pdbx_strand_id   A,B,C,D,E,F,G,H,I,J,K,L,M,N,O,P,Q,R,S,T
#
# COMPACT_ATOMS: atom_id res chain seq x y z
N HIS A 11 -2.63 -25.23 -4.80
CA HIS A 11 -3.99 -24.90 -4.31
C HIS A 11 -5.09 -25.83 -4.94
N HIS A 12 -4.99 -26.28 -6.19
CA HIS A 12 -5.91 -27.32 -6.68
C HIS A 12 -5.94 -28.58 -5.79
N MET A 13 -7.14 -29.14 -5.61
CA MET A 13 -7.29 -30.41 -4.97
C MET A 13 -6.72 -31.49 -5.91
N LYS A 14 -5.92 -32.38 -5.33
CA LYS A 14 -5.36 -33.48 -6.07
C LYS A 14 -6.20 -34.75 -5.89
N ILE A 15 -6.29 -35.51 -6.97
CA ILE A 15 -6.86 -36.84 -6.90
C ILE A 15 -5.79 -37.88 -7.25
N PHE A 16 -5.47 -38.76 -6.31
CA PHE A 16 -4.64 -39.92 -6.57
C PHE A 16 -5.54 -41.13 -6.74
N LEU A 17 -5.08 -42.14 -7.46
CA LEU A 17 -5.81 -43.42 -7.55
C LEU A 17 -5.13 -44.47 -6.63
N ASP A 18 -5.97 -45.19 -5.89
CA ASP A 18 -5.57 -46.42 -5.19
C ASP A 18 -5.62 -47.59 -6.15
N THR A 19 -4.52 -47.88 -6.84
CA THR A 19 -4.51 -48.88 -7.89
C THR A 19 -3.09 -49.16 -8.30
N ALA A 20 -2.93 -50.28 -9.01
CA ALA A 20 -1.77 -50.57 -9.80
C ALA A 20 -2.18 -50.91 -11.27
N ASN A 21 -3.45 -50.75 -11.61
CA ASN A 21 -3.96 -50.99 -12.94
C ASN A 21 -3.63 -49.84 -13.89
N LEU A 22 -2.91 -50.15 -14.96
CA LEU A 22 -2.39 -49.12 -15.87
C LEU A 22 -3.50 -48.56 -16.83
N GLU A 23 -4.50 -49.37 -17.15
CA GLU A 23 -5.59 -48.91 -18.00
C GLU A 23 -6.42 -47.90 -17.23
N GLU A 24 -6.72 -48.21 -15.97
CA GLU A 24 -7.46 -47.24 -15.15
C GLU A 24 -6.68 -45.97 -14.91
N ILE A 25 -5.36 -46.07 -14.78
CA ILE A 25 -4.51 -44.88 -14.64
C ILE A 25 -4.42 -44.08 -15.96
N LYS A 26 -4.36 -44.78 -17.10
CA LYS A 26 -4.37 -44.08 -18.42
C LYS A 26 -5.71 -43.35 -18.57
N LYS A 27 -6.76 -44.11 -18.26
CA LYS A 27 -8.11 -43.55 -18.17
C LYS A 27 -8.15 -42.23 -17.37
N GLY A 28 -7.58 -42.26 -16.17
CA GLY A 28 -7.46 -41.11 -15.28
C GLY A 28 -6.68 -39.93 -15.83
N VAL A 29 -5.56 -40.22 -16.51
CA VAL A 29 -4.72 -39.14 -17.09
C VAL A 29 -5.32 -38.57 -18.39
N GLU A 30 -5.98 -39.44 -19.19
CA GLU A 30 -6.83 -39.01 -20.31
C GLU A 30 -7.84 -37.94 -19.93
N TRP A 31 -8.47 -38.15 -18.77
CA TRP A 31 -9.48 -37.27 -18.25
C TRP A 31 -8.85 -36.01 -17.71
N GLY A 32 -7.54 -36.08 -17.40
CA GLY A 32 -6.80 -34.95 -16.81
C GLY A 32 -7.23 -34.67 -15.40
N ILE A 33 -7.60 -35.72 -14.69
CA ILE A 33 -8.12 -35.58 -13.32
C ILE A 33 -7.31 -36.39 -12.29
N VAL A 34 -6.40 -37.24 -12.74
CA VAL A 34 -5.56 -38.01 -11.82
C VAL A 34 -4.12 -37.46 -11.79
N ASP A 35 -3.70 -37.09 -10.57
CA ASP A 35 -2.44 -36.41 -10.32
C ASP A 35 -1.35 -37.32 -9.81
N GLY A 36 -1.73 -38.51 -9.36
CA GLY A 36 -0.78 -39.46 -8.82
C GLY A 36 -1.45 -40.78 -8.48
N VAL A 37 -0.68 -41.67 -7.88
CA VAL A 37 -1.14 -43.01 -7.58
C VAL A 37 -0.61 -43.45 -6.25
N THR A 38 -1.44 -44.13 -5.49
CA THR A 38 -1.03 -44.78 -4.27
C THR A 38 -1.11 -46.30 -4.50
N THR A 39 -0.07 -47.05 -4.12
CA THR A 39 0.00 -48.49 -4.46
C THR A 39 0.19 -49.35 -3.22
N ASN A 40 0.12 -50.66 -3.45
CA ASN A 40 0.48 -51.67 -2.44
C ASN A 40 0.68 -53.03 -3.10
N PRO A 41 0.99 -54.03 -2.26
CA PRO A 41 1.12 -55.42 -2.72
C PRO A 41 0.19 -55.79 -3.89
N GLN A 53 9.27 -52.61 -9.61
CA GLN A 53 9.14 -53.02 -11.02
C GLN A 53 8.02 -52.23 -11.72
N ARG A 54 6.77 -52.53 -11.35
CA ARG A 54 5.60 -51.95 -12.01
C ARG A 54 5.47 -50.48 -11.65
N VAL A 55 6.01 -50.14 -10.47
CA VAL A 55 6.12 -48.77 -9.95
C VAL A 55 6.73 -47.85 -10.99
N LYS A 56 7.72 -48.34 -11.72
CA LYS A 56 8.30 -47.54 -12.80
C LYS A 56 7.28 -47.28 -13.91
N GLU A 57 6.53 -48.32 -14.31
CA GLU A 57 5.51 -48.17 -15.37
C GLU A 57 4.51 -47.10 -14.98
N ILE A 58 4.08 -47.16 -13.73
CA ILE A 58 3.08 -46.22 -13.19
C ILE A 58 3.63 -44.80 -13.20
N CYS A 59 4.87 -44.65 -12.75
CA CYS A 59 5.51 -43.34 -12.75
C CYS A 59 5.51 -42.72 -14.10
N ASP A 60 5.93 -43.52 -15.10
CA ASP A 60 5.96 -43.10 -16.49
C ASP A 60 4.61 -42.63 -16.98
N LEU A 61 3.57 -43.34 -16.54
CA LEU A 61 2.22 -43.07 -17.01
C LEU A 61 1.59 -41.83 -16.35
N VAL A 62 1.61 -41.78 -15.03
CA VAL A 62 0.96 -40.68 -14.33
C VAL A 62 1.83 -39.42 -14.29
N LYS A 63 3.16 -39.58 -14.30
CA LYS A 63 4.10 -38.46 -14.18
C LYS A 63 3.65 -37.55 -13.07
N GLY A 64 3.48 -38.14 -11.90
CA GLY A 64 3.10 -37.44 -10.67
C GLY A 64 3.41 -38.40 -9.52
N PRO A 65 3.19 -37.98 -8.29
CA PRO A 65 3.60 -38.77 -7.12
C PRO A 65 3.02 -40.18 -7.11
N VAL A 66 3.89 -41.18 -6.94
CA VAL A 66 3.50 -42.59 -6.90
C VAL A 66 4.04 -43.15 -5.59
N SER A 67 3.15 -43.40 -4.65
CA SER A 67 3.52 -43.91 -3.32
C SER A 67 3.70 -45.42 -3.38
N ALA A 68 4.82 -45.89 -2.82
CA ALA A 68 5.15 -47.30 -2.81
C ALA A 68 5.71 -47.69 -1.45
N GLU A 69 5.24 -48.84 -0.91
CA GLU A 69 5.60 -49.23 0.47
C GLU A 69 6.89 -50.01 0.47
N VAL A 70 7.59 -49.91 1.59
CA VAL A 70 8.81 -50.68 1.86
C VAL A 70 8.45 -51.97 2.61
N VAL A 71 9.31 -52.96 2.54
CA VAL A 71 9.06 -54.24 3.22
C VAL A 71 9.41 -54.15 4.70
N SER A 72 10.57 -53.59 5.03
CA SER A 72 11.10 -53.62 6.39
C SER A 72 10.34 -52.72 7.33
N LEU A 73 10.39 -53.05 8.61
CA LEU A 73 9.78 -52.27 9.68
C LEU A 73 10.80 -51.67 10.66
N ASP A 74 12.05 -52.14 10.61
CA ASP A 74 13.09 -51.53 11.41
C ASP A 74 13.60 -50.30 10.66
N TYR A 75 14.05 -49.31 11.43
CA TYR A 75 14.58 -48.06 10.89
C TYR A 75 15.64 -48.23 9.81
N GLU A 76 16.65 -49.06 10.09
CA GLU A 76 17.77 -49.31 9.16
C GLU A 76 17.26 -49.84 7.83
N GLY A 77 16.45 -50.90 7.91
CA GLY A 77 15.87 -51.54 6.73
C GLY A 77 14.96 -50.64 5.94
N MET A 78 14.13 -49.87 6.62
CA MET A 78 13.24 -48.95 5.95
C MET A 78 14.01 -47.89 5.13
N VAL A 79 15.04 -47.32 5.75
CA VAL A 79 15.87 -46.32 5.09
C VAL A 79 16.60 -46.92 3.89
N ARG A 80 17.22 -48.08 4.10
CA ARG A 80 17.92 -48.82 3.03
C ARG A 80 17.03 -49.01 1.80
N GLU A 81 15.83 -49.52 2.04
CA GLU A 81 14.88 -49.84 0.98
C GLU A 81 14.30 -48.60 0.32
N ALA A 82 14.06 -47.57 1.15
CA ALA A 82 13.57 -46.31 0.67
C ALA A 82 14.51 -45.69 -0.34
N ARG A 83 15.80 -45.74 -0.03
CA ARG A 83 16.82 -45.23 -0.96
C ARG A 83 16.81 -45.99 -2.28
N GLU A 84 16.61 -47.30 -2.20
CA GLU A 84 16.54 -48.18 -3.38
C GLU A 84 15.33 -47.85 -4.25
N LEU A 85 14.16 -47.74 -3.61
CA LEU A 85 12.95 -47.39 -4.34
C LEU A 85 12.98 -45.98 -4.93
N ALA A 86 13.59 -45.04 -4.21
CA ALA A 86 13.67 -43.66 -4.68
C ALA A 86 14.45 -43.56 -6.00
N GLN A 87 15.44 -44.42 -6.17
CA GLN A 87 16.21 -44.43 -7.40
C GLN A 87 15.40 -44.85 -8.64
N ILE A 88 14.23 -45.48 -8.47
CA ILE A 88 13.48 -45.87 -9.68
C ILE A 88 12.95 -44.67 -10.47
N SER A 89 12.57 -43.60 -9.77
CA SER A 89 12.03 -42.44 -10.44
C SER A 89 11.92 -41.26 -9.51
N GLU A 90 12.00 -40.06 -10.09
CA GLU A 90 11.83 -38.81 -9.33
C GLU A 90 10.43 -38.73 -8.70
N TYR A 91 9.47 -39.45 -9.28
CA TYR A 91 8.07 -39.39 -8.85
C TYR A 91 7.75 -40.31 -7.67
N VAL A 92 8.66 -41.22 -7.35
CA VAL A 92 8.42 -42.19 -6.28
C VAL A 92 8.34 -41.50 -4.92
N VAL A 93 7.31 -41.85 -4.15
CA VAL A 93 7.14 -41.39 -2.77
C VAL A 93 7.14 -42.64 -1.92
N ILE A 94 7.88 -42.63 -0.81
CA ILE A 94 8.01 -43.84 0.00
C ILE A 94 6.95 -43.87 1.10
N LYS A 95 6.15 -44.93 1.10
CA LYS A 95 5.16 -45.16 2.16
C LYS A 95 5.89 -45.64 3.41
N ILE A 96 5.67 -44.95 4.53
CA ILE A 96 6.24 -45.34 5.81
C ILE A 96 5.08 -45.47 6.80
N PRO A 97 5.00 -46.58 7.51
CA PRO A 97 3.94 -46.75 8.51
C PRO A 97 4.19 -45.81 9.69
N MET A 98 3.11 -45.38 10.32
CA MET A 98 3.23 -44.54 11.50
C MET A 98 3.74 -45.31 12.71
N THR A 99 5.06 -45.32 12.88
CA THR A 99 5.68 -45.94 14.05
C THR A 99 6.87 -45.08 14.43
N PRO A 100 7.37 -45.27 15.64
CA PRO A 100 8.60 -44.61 16.07
C PRO A 100 9.76 -44.74 15.08
N ASP A 101 10.05 -45.96 14.67
CA ASP A 101 11.10 -46.20 13.67
C ASP A 101 10.74 -45.57 12.32
N GLY A 102 9.46 -45.61 11.94
CA GLY A 102 9.01 -44.95 10.73
C GLY A 102 9.27 -43.45 10.76
N ILE A 103 9.02 -42.85 11.90
CA ILE A 103 9.20 -41.41 12.09
C ILE A 103 10.67 -41.01 12.08
N LYS A 104 11.48 -41.87 12.68
CA LYS A 104 12.91 -41.75 12.63
C LYS A 104 13.37 -41.82 11.18
N ALA A 105 12.82 -42.76 10.41
CA ALA A 105 13.15 -42.91 9.00
C ALA A 105 12.74 -41.69 8.17
N VAL A 106 11.60 -41.09 8.50
CA VAL A 106 11.15 -39.87 7.81
C VAL A 106 12.12 -38.70 8.07
N LYS A 107 12.59 -38.55 9.30
CA LYS A 107 13.61 -37.56 9.62
C LYS A 107 14.80 -37.69 8.70
N THR A 108 15.32 -38.92 8.62
CA THR A 108 16.52 -39.21 7.84
C THR A 108 16.30 -39.03 6.34
N LEU A 109 15.18 -39.53 5.83
CA LEU A 109 14.90 -39.49 4.40
C LEU A 109 14.59 -38.08 3.92
N SER A 110 13.88 -37.31 4.73
CA SER A 110 13.61 -35.90 4.42
C SER A 110 14.91 -35.12 4.20
N ALA A 111 15.85 -35.33 5.12
CA ALA A 111 17.17 -34.69 5.04
C ALA A 111 17.92 -35.03 3.76
N GLU A 112 17.63 -36.20 3.19
CA GLU A 112 18.25 -36.63 1.94
C GLU A 112 17.42 -36.31 0.69
N GLY A 113 16.34 -35.56 0.85
CA GLY A 113 15.48 -35.21 -0.27
C GLY A 113 14.65 -36.35 -0.79
N ILE A 114 14.40 -37.36 0.03
CA ILE A 114 13.59 -38.49 -0.36
C ILE A 114 12.20 -38.26 0.19
N LYS A 115 11.20 -38.29 -0.71
CA LYS A 115 9.82 -37.96 -0.37
C LYS A 115 9.14 -39.12 0.35
N THR A 116 8.34 -38.80 1.36
CA THR A 116 7.71 -39.80 2.21
C THR A 116 6.21 -39.56 2.35
N ASN A 117 5.51 -40.66 2.59
CA ASN A 117 4.10 -40.66 2.81
C ASN A 117 3.83 -41.50 4.04
N VAL A 118 3.51 -40.83 5.16
CA VAL A 118 3.24 -41.52 6.41
C VAL A 118 1.81 -42.07 6.42
N THR A 119 1.73 -43.37 6.54
CA THR A 119 0.47 -44.05 6.35
C THR A 119 0.05 -44.72 7.69
N LEU A 120 -1.15 -45.33 7.68
CA LEU A 120 -1.76 -45.94 8.88
C LEU A 120 -1.88 -44.93 10.02
N VAL A 121 -2.43 -43.77 9.65
CA VAL A 121 -2.68 -42.67 10.57
C VAL A 121 -4.16 -42.62 10.95
N PHE A 122 -4.42 -42.73 12.25
CA PHE A 122 -5.79 -42.84 12.78
C PHE A 122 -6.10 -41.82 13.87
N SER A 123 -5.16 -40.92 14.14
CA SER A 123 -5.36 -39.88 15.12
C SER A 123 -4.63 -38.61 14.71
N PRO A 124 -5.16 -37.46 15.12
CA PRO A 124 -4.48 -36.17 14.93
C PRO A 124 -3.10 -36.11 15.58
N ALA A 125 -2.91 -36.80 16.69
CA ALA A 125 -1.64 -36.85 17.40
C ALA A 125 -0.56 -37.45 16.53
N GLN A 126 -0.90 -38.56 15.88
CA GLN A 126 -0.02 -39.17 14.91
C GLN A 126 0.33 -38.22 13.78
N ALA A 127 -0.65 -37.53 13.23
CA ALA A 127 -0.41 -36.61 12.10
C ALA A 127 0.53 -35.46 12.46
N ILE A 128 0.46 -34.98 13.72
CA ILE A 128 1.36 -33.91 14.16
C ILE A 128 2.79 -34.41 14.12
N LEU A 129 3.04 -35.59 14.67
CA LEU A 129 4.39 -36.13 14.64
C LEU A 129 4.87 -36.34 13.22
N ALA A 130 4.00 -36.83 12.34
CA ALA A 130 4.39 -37.06 10.96
C ALA A 130 4.86 -35.74 10.32
N ALA A 131 4.08 -34.69 10.51
CA ALA A 131 4.44 -33.39 9.99
C ALA A 131 5.73 -32.88 10.60
N LYS A 132 5.83 -32.96 11.90
CA LYS A 132 7.03 -32.46 12.56
C LYS A 132 8.31 -33.18 12.13
N ALA A 133 8.22 -34.47 11.83
CA ALA A 133 9.38 -35.24 11.38
C ALA A 133 9.74 -34.90 9.93
N GLY A 134 8.83 -34.24 9.21
CA GLY A 134 9.13 -33.77 7.85
C GLY A 134 8.55 -34.61 6.73
N ALA A 135 7.48 -35.33 7.02
CA ALA A 135 6.76 -36.10 6.02
C ALA A 135 6.29 -35.22 4.87
N THR A 136 6.40 -35.74 3.65
CA THR A 136 5.90 -35.03 2.47
C THR A 136 4.40 -35.05 2.53
N TYR A 137 3.87 -36.24 2.84
CA TYR A 137 2.44 -36.53 2.95
C TYR A 137 2.12 -37.31 4.20
N VAL A 138 0.89 -37.09 4.69
CA VAL A 138 0.26 -37.98 5.66
C VAL A 138 -1.00 -38.51 5.03
N SER A 139 -1.29 -39.79 5.34
CA SER A 139 -2.48 -40.48 4.86
C SER A 139 -3.35 -40.98 6.05
N PRO A 140 -4.29 -40.15 6.51
CA PRO A 140 -5.31 -40.62 7.48
C PRO A 140 -6.30 -41.61 6.90
N PHE A 141 -6.59 -42.68 7.63
CA PHE A 141 -7.49 -43.72 7.12
C PHE A 141 -8.93 -43.49 7.59
N VAL A 142 -9.70 -42.79 6.74
CA VAL A 142 -11.05 -42.34 7.02
C VAL A 142 -12.01 -43.51 7.13
N GLY A 143 -12.13 -44.27 6.06
CA GLY A 143 -13.10 -45.38 6.01
C GLY A 143 -12.96 -46.40 7.12
N ARG A 144 -11.72 -46.70 7.50
CA ARG A 144 -11.52 -47.68 8.55
C ARG A 144 -11.98 -47.18 9.90
N MET A 145 -11.82 -45.88 10.13
CA MET A 145 -12.32 -45.26 11.37
C MET A 145 -13.83 -45.19 11.34
N ASP A 146 -14.39 -44.87 10.18
CA ASP A 146 -15.84 -44.81 10.03
C ASP A 146 -16.45 -46.13 10.47
N ASP A 147 -15.83 -47.22 10.07
CA ASP A 147 -16.38 -48.55 10.35
C ASP A 147 -16.27 -48.98 11.80
N LEU A 148 -15.42 -48.32 12.55
CA LEU A 148 -15.38 -48.36 14.01
C LEU A 148 -16.50 -47.53 14.66
N SER A 149 -17.24 -46.79 13.82
CA SER A 149 -18.24 -45.81 14.21
C SER A 149 -17.65 -44.76 15.20
N ASN A 150 -16.36 -44.47 15.03
CA ASN A 150 -15.68 -43.38 15.70
C ASN A 150 -15.46 -42.15 14.78
N ASP A 151 -16.08 -42.14 13.59
CA ASP A 151 -16.12 -41.00 12.66
C ASP A 151 -14.78 -40.55 12.05
N GLY A 152 -14.42 -41.15 10.92
CA GLY A 152 -13.14 -40.88 10.25
C GLY A 152 -13.05 -39.51 9.62
N MET A 153 -14.19 -38.97 9.21
CA MET A 153 -14.22 -37.64 8.64
C MET A 153 -13.98 -36.57 9.69
N ARG A 154 -14.43 -36.80 10.92
CA ARG A 154 -14.15 -35.86 11.99
C ARG A 154 -12.65 -35.86 12.28
N MET A 155 -12.03 -37.04 12.31
CA MET A 155 -10.60 -37.17 12.55
C MET A 155 -9.79 -36.49 11.46
N LEU A 156 -10.24 -36.61 10.24
CA LEU A 156 -9.60 -35.93 9.15
C LEU A 156 -9.74 -34.42 9.30
N GLY A 157 -10.93 -33.97 9.65
CA GLY A 157 -11.16 -32.55 9.86
C GLY A 157 -10.30 -31.98 10.97
N GLU A 158 -10.00 -32.74 12.00
CA GLU A 158 -9.12 -32.25 13.07
C GLU A 158 -7.68 -32.08 12.57
N ILE A 159 -7.27 -32.96 11.69
CA ILE A 159 -5.94 -32.96 11.13
C ILE A 159 -5.79 -31.78 10.17
N VAL A 160 -6.81 -31.54 9.37
CA VAL A 160 -6.85 -30.36 8.48
C VAL A 160 -6.76 -29.08 9.24
N GLU A 161 -7.53 -29.01 10.31
CA GLU A 161 -7.53 -27.84 11.16
C GLU A 161 -6.14 -27.61 11.78
N ILE A 162 -5.51 -28.65 12.28
CA ILE A 162 -4.22 -28.45 12.95
C ILE A 162 -3.15 -28.08 11.93
N TYR A 163 -3.18 -28.72 10.75
CA TYR A 163 -2.27 -28.41 9.70
C TYR A 163 -2.48 -26.98 9.18
N ASN A 164 -3.71 -26.49 9.12
CA ASN A 164 -3.92 -25.06 8.78
C ASN A 164 -3.41 -24.15 9.90
N ASN A 165 -3.54 -24.56 11.16
CA ASN A 165 -3.06 -23.68 12.24
C ASN A 165 -1.57 -23.40 12.14
N TYR A 166 -0.81 -24.39 11.69
CA TYR A 166 0.67 -24.33 11.76
C TYR A 166 1.37 -24.28 10.39
N GLY A 167 0.61 -24.40 9.30
CA GLY A 167 1.16 -24.37 7.96
C GLY A 167 2.27 -25.40 7.75
N PHE A 168 2.10 -26.60 8.31
CA PHE A 168 3.03 -27.67 8.03
C PHE A 168 3.11 -27.84 6.52
N GLU A 169 4.31 -28.06 6.02
CA GLU A 169 4.51 -28.26 4.59
C GLU A 169 3.95 -29.62 4.13
N THR A 170 3.80 -30.55 5.08
CA THR A 170 3.18 -31.86 4.85
C THR A 170 1.78 -31.70 4.28
N GLU A 171 1.52 -32.47 3.22
CA GLU A 171 0.21 -32.45 2.59
C GLU A 171 -0.62 -33.65 3.03
N ILE A 172 -1.92 -33.43 3.21
CA ILE A 172 -2.83 -34.48 3.72
C ILE A 172 -3.49 -35.19 2.56
N ILE A 173 -3.27 -36.51 2.50
CA ILE A 173 -3.93 -37.44 1.59
C ILE A 173 -5.08 -38.13 2.35
N ALA A 174 -6.33 -37.76 2.07
CA ALA A 174 -7.44 -38.49 2.60
C ALA A 174 -7.39 -39.89 1.98
N ALA A 175 -7.22 -40.89 2.85
CA ALA A 175 -7.09 -42.25 2.41
C ALA A 175 -8.18 -43.11 3.01
N SER A 176 -8.23 -44.38 2.60
CA SER A 176 -9.32 -45.26 2.96
C SER A 176 -10.68 -44.65 2.54
N ILE A 177 -10.71 -44.13 1.33
CA ILE A 177 -11.89 -43.50 0.73
C ILE A 177 -12.73 -44.61 0.08
N ARG A 178 -14.01 -44.64 0.43
CA ARG A 178 -14.93 -45.75 0.09
C ARG A 178 -16.06 -45.36 -0.83
N HIS A 179 -16.42 -44.09 -0.84
CA HIS A 179 -17.63 -43.65 -1.58
C HIS A 179 -17.57 -42.17 -1.88
N PRO A 180 -18.42 -41.69 -2.81
CA PRO A 180 -18.42 -40.26 -3.19
C PRO A 180 -18.52 -39.23 -2.05
N MET A 181 -19.30 -39.50 -1.02
CA MET A 181 -19.47 -38.52 0.06
C MET A 181 -18.18 -38.30 0.81
N HIS A 182 -17.33 -39.33 0.94
CA HIS A 182 -16.01 -39.15 1.54
C HIS A 182 -15.29 -38.07 0.75
N VAL A 183 -15.36 -38.16 -0.58
CA VAL A 183 -14.63 -37.22 -1.44
C VAL A 183 -15.17 -35.79 -1.29
N VAL A 184 -16.50 -35.67 -1.32
CA VAL A 184 -17.18 -34.39 -1.23
C VAL A 184 -16.94 -33.74 0.12
N GLU A 185 -17.08 -34.48 1.21
CA GLU A 185 -16.80 -33.94 2.54
C GLU A 185 -15.32 -33.58 2.73
N ALA A 186 -14.43 -34.38 2.18
CA ALA A 186 -12.99 -34.06 2.20
C ALA A 186 -12.70 -32.78 1.45
N ALA A 187 -13.35 -32.61 0.29
CA ALA A 187 -13.27 -31.37 -0.49
C ALA A 187 -13.79 -30.14 0.26
N LEU A 188 -14.89 -30.31 0.95
CA LEU A 188 -15.52 -29.20 1.64
C LEU A 188 -14.66 -28.73 2.81
N MET A 189 -13.88 -29.62 3.38
CA MET A 189 -12.93 -29.25 4.42
C MET A 189 -11.64 -28.68 3.87
N GLY A 190 -11.38 -28.95 2.60
CA GLY A 190 -10.18 -28.47 1.95
C GLY A 190 -8.94 -29.38 2.14
N VAL A 191 -9.12 -30.69 2.14
CA VAL A 191 -7.97 -31.59 2.15
C VAL A 191 -7.16 -31.34 0.90
N ASP A 192 -5.85 -31.58 0.99
CA ASP A 192 -4.98 -31.32 -0.11
C ASP A 192 -5.26 -32.32 -1.20
N ILE A 193 -5.36 -33.58 -0.80
CA ILE A 193 -5.37 -34.67 -1.74
C ILE A 193 -6.34 -35.72 -1.24
N VAL A 194 -7.09 -36.31 -2.16
CA VAL A 194 -7.85 -37.50 -1.83
C VAL A 194 -7.40 -38.62 -2.75
N THR A 195 -7.09 -39.76 -2.15
CA THR A 195 -6.74 -40.95 -2.91
C THR A 195 -7.89 -41.91 -2.84
N MET A 196 -8.30 -42.44 -3.99
CA MET A 196 -9.53 -43.22 -4.10
C MET A 196 -9.39 -44.38 -5.07
N PRO A 197 -10.23 -45.40 -4.87
CA PRO A 197 -10.35 -46.45 -5.88
C PRO A 197 -10.95 -45.89 -7.16
N PHE A 198 -10.57 -46.48 -8.28
CA PHE A 198 -11.08 -46.09 -9.58
C PHE A 198 -12.62 -46.10 -9.59
N ALA A 199 -13.19 -47.15 -9.01
CA ALA A 199 -14.63 -47.33 -8.93
C ALA A 199 -15.31 -46.12 -8.31
N VAL A 200 -14.68 -45.53 -7.31
CA VAL A 200 -15.25 -44.33 -6.73
C VAL A 200 -15.17 -43.18 -7.73
N LEU A 201 -14.02 -43.03 -8.38
CA LEU A 201 -13.80 -41.96 -9.36
C LEU A 201 -14.83 -42.05 -10.46
N GLU A 202 -15.09 -43.23 -10.96
CA GLU A 202 -16.15 -43.41 -11.95
C GLU A 202 -17.50 -42.87 -11.49
N LYS A 203 -17.85 -43.13 -10.22
CA LYS A 203 -19.14 -42.66 -9.63
C LYS A 203 -19.28 -41.18 -9.63
N LEU A 204 -18.18 -40.49 -9.43
CA LEU A 204 -18.11 -39.03 -9.35
C LEU A 204 -18.61 -38.30 -10.62
N PHE A 205 -18.46 -38.96 -11.77
CA PHE A 205 -18.95 -38.43 -13.05
C PHE A 205 -20.47 -38.47 -13.15
N LYS A 206 -21.11 -39.35 -12.39
CA LYS A 206 -22.44 -39.78 -12.70
C LYS A 206 -23.52 -39.04 -11.95
N HIS A 207 -24.62 -38.80 -12.66
CA HIS A 207 -25.82 -38.32 -12.02
C HIS A 207 -27.02 -38.59 -12.99
N PRO A 208 -28.13 -39.08 -12.44
CA PRO A 208 -29.32 -39.37 -13.24
C PRO A 208 -29.94 -38.17 -13.95
N MET A 209 -29.76 -36.97 -13.40
CA MET A 209 -30.27 -35.75 -14.03
C MET A 209 -29.41 -35.34 -15.20
N THR A 210 -28.13 -35.68 -15.14
CA THR A 210 -27.26 -35.49 -16.27
C THR A 210 -27.73 -36.36 -17.44
N ASP A 211 -28.02 -37.62 -17.14
CA ASP A 211 -28.48 -38.56 -18.16
C ASP A 211 -29.79 -38.13 -18.82
N LEU A 212 -30.70 -37.64 -18.01
CA LEU A 212 -31.99 -37.17 -18.49
C LEU A 212 -31.82 -35.93 -19.33
N GLY A 213 -30.94 -35.02 -18.90
CA GLY A 213 -30.66 -33.80 -19.64
C GLY A 213 -30.06 -34.07 -20.97
N ILE A 214 -29.21 -35.09 -21.05
CA ILE A 214 -28.64 -35.55 -22.32
C ILE A 214 -29.70 -36.13 -23.26
N GLU A 215 -30.62 -36.92 -22.72
CA GLU A 215 -31.74 -37.45 -23.50
C GLU A 215 -32.59 -36.30 -24.04
N ARG A 216 -32.79 -35.29 -23.20
CA ARG A 216 -33.59 -34.11 -23.57
C ARG A 216 -32.90 -33.22 -24.58
N PHE A 217 -31.61 -33.11 -24.43
CA PHE A 217 -30.75 -32.35 -25.34
C PHE A 217 -30.87 -32.88 -26.75
N MET A 218 -30.89 -34.20 -26.89
CA MET A 218 -30.99 -34.84 -28.20
C MET A 218 -32.36 -34.64 -28.79
N GLU A 219 -33.37 -34.59 -27.95
CA GLU A 219 -34.73 -34.30 -28.41
C GLU A 219 -34.88 -32.92 -29.05
N ASP A 220 -34.10 -31.95 -28.55
CA ASP A 220 -34.20 -30.55 -28.96
C ASP A 220 -33.46 -30.24 -30.26
N TRP A 221 -32.37 -30.99 -30.49
CA TRP A 221 -31.67 -30.99 -31.77
C TRP A 221 -32.53 -31.60 -32.84
N LYS A 222 -33.25 -32.67 -32.50
CA LYS A 222 -34.24 -33.27 -33.40
C LYS A 222 -35.27 -32.20 -33.79
N LYS A 223 -35.99 -31.68 -32.79
CA LYS A 223 -36.96 -30.58 -32.96
C LYS A 223 -36.35 -29.50 -33.87
N TYR A 224 -35.24 -28.92 -33.40
CA TYR A 224 -34.57 -27.81 -34.10
C TYR A 224 -34.43 -28.12 -35.59
N LEU A 225 -34.12 -29.38 -35.90
CA LEU A 225 -34.02 -29.82 -37.31
C LEU A 225 -35.37 -29.90 -38.03
N GLU A 226 -36.41 -30.41 -37.37
CA GLU A 226 -37.75 -30.44 -38.00
C GLU A 226 -38.28 -29.07 -38.42
N ASN A 227 -37.81 -28.02 -37.75
CA ASN A 227 -38.35 -26.69 -37.95
C ASN A 227 -37.50 -25.79 -38.86
N LEU A 228 -37.32 -26.21 -40.12
CA LEU A 228 -36.94 -25.28 -41.21
C LEU A 228 -37.11 -25.95 -42.58
N HIS B 11 6.54 -21.06 12.74
CA HIS B 11 5.13 -21.38 12.42
C HIS B 11 4.73 -22.87 12.70
N HIS B 12 5.67 -23.83 12.61
CA HIS B 12 5.49 -25.20 13.16
C HIS B 12 5.18 -25.20 14.67
N MET B 13 4.34 -26.14 15.10
CA MET B 13 4.14 -26.40 16.51
C MET B 13 5.39 -27.03 17.07
N LYS B 14 5.84 -26.52 18.21
CA LYS B 14 7.01 -27.03 18.87
C LYS B 14 6.59 -28.01 19.99
N ILE B 15 7.38 -29.06 20.16
CA ILE B 15 7.22 -29.97 21.29
C ILE B 15 8.51 -29.90 22.13
N PHE B 16 8.32 -29.53 23.39
CA PHE B 16 9.37 -29.63 24.39
C PHE B 16 9.15 -30.87 25.27
N LEU B 17 10.21 -31.38 25.87
CA LEU B 17 10.05 -32.47 26.85
C LEU B 17 10.21 -31.96 28.26
N ASP B 18 9.29 -32.36 29.14
CA ASP B 18 9.47 -32.22 30.61
C ASP B 18 10.33 -33.34 31.15
N THR B 19 11.64 -33.11 31.22
CA THR B 19 12.53 -34.18 31.61
C THR B 19 13.92 -33.63 31.89
N ALA B 20 14.74 -34.43 32.57
CA ALA B 20 16.16 -34.25 32.58
C ALA B 20 16.88 -35.49 32.08
N ASN B 21 16.13 -36.47 31.57
CA ASN B 21 16.68 -37.75 31.15
C ASN B 21 17.22 -37.67 29.74
N LEU B 22 18.51 -37.91 29.57
CA LEU B 22 19.18 -37.69 28.29
C LEU B 22 18.84 -38.74 27.24
N GLU B 23 18.50 -39.96 27.66
CA GLU B 23 18.15 -41.05 26.74
C GLU B 23 16.85 -40.66 26.06
N GLU B 24 15.89 -40.23 26.88
CA GLU B 24 14.60 -39.75 26.39
C GLU B 24 14.72 -38.56 25.42
N ILE B 25 15.61 -37.64 25.76
CA ILE B 25 15.88 -36.50 24.90
C ILE B 25 16.55 -36.95 23.59
N LYS B 26 17.48 -37.90 23.68
CA LYS B 26 18.14 -38.45 22.48
C LYS B 26 17.07 -39.07 21.57
N LYS B 27 16.15 -39.82 22.16
CA LYS B 27 15.12 -40.50 21.39
C LYS B 27 14.22 -39.45 20.73
N GLY B 28 13.93 -38.39 21.50
CA GLY B 28 13.17 -37.25 21.00
C GLY B 28 13.80 -36.58 19.79
N VAL B 29 15.11 -36.37 19.83
CA VAL B 29 15.86 -35.73 18.74
C VAL B 29 16.06 -36.69 17.56
N GLU B 30 16.33 -37.97 17.87
CA GLU B 30 16.35 -39.04 16.87
C GLU B 30 15.10 -39.05 15.98
N TRP B 31 13.94 -38.86 16.62
CA TRP B 31 12.67 -38.82 15.94
C TRP B 31 12.47 -37.51 15.21
N GLY B 32 13.25 -36.49 15.56
CA GLY B 32 13.14 -35.17 14.92
C GLY B 32 11.85 -34.49 15.28
N ILE B 33 11.39 -34.72 16.50
CA ILE B 33 10.12 -34.13 16.98
C ILE B 33 10.29 -33.32 18.24
N VAL B 34 11.41 -33.40 18.95
CA VAL B 34 11.58 -32.60 20.15
C VAL B 34 12.45 -31.39 19.83
N ASP B 35 11.96 -30.22 20.22
CA ASP B 35 12.58 -28.92 19.88
C ASP B 35 13.25 -28.27 21.03
N GLY B 36 12.95 -28.74 22.23
CA GLY B 36 13.52 -28.17 23.44
C GLY B 36 13.16 -28.99 24.65
N VAL B 37 13.54 -28.48 25.81
CA VAL B 37 13.34 -29.17 27.06
C VAL B 37 12.96 -28.19 28.13
N THR B 38 12.02 -28.56 28.99
CA THR B 38 11.80 -27.83 30.23
C THR B 38 12.23 -28.71 31.40
N THR B 39 12.95 -28.14 32.35
CA THR B 39 13.54 -28.89 33.46
C THR B 39 13.13 -28.35 34.83
N ASN B 40 13.49 -29.11 35.87
CA ASN B 40 13.47 -28.69 37.28
C ASN B 40 14.48 -29.57 38.08
N PRO B 41 14.89 -29.19 39.30
CA PRO B 41 15.87 -30.01 40.04
C PRO B 41 15.27 -31.29 40.62
N THR B 42 13.94 -31.42 40.62
CA THR B 42 13.32 -32.69 40.99
C THR B 42 13.84 -33.67 39.95
N LEU B 43 13.51 -33.34 38.69
CA LEU B 43 13.82 -34.17 37.51
C LEU B 43 15.30 -34.57 37.41
N ILE B 44 16.18 -33.59 37.65
CA ILE B 44 17.62 -33.77 37.44
C ILE B 44 18.22 -34.61 38.57
N SER B 45 17.70 -34.42 39.78
CA SER B 45 18.12 -35.23 40.90
C SER B 45 17.71 -36.67 40.66
N LYS B 46 16.52 -36.89 40.11
CA LYS B 46 16.09 -38.27 39.83
C LYS B 46 17.05 -38.99 38.86
N GLU B 47 17.74 -38.23 38.02
CA GLU B 47 18.83 -38.77 37.20
C GLU B 47 20.15 -38.83 37.99
N GLY B 48 20.20 -38.15 39.14
CA GLY B 48 21.33 -38.21 40.05
C GLY B 48 22.42 -37.20 39.76
N ALA B 49 22.04 -36.04 39.25
CA ALA B 49 22.98 -35.14 38.59
C ALA B 49 23.05 -33.73 39.18
N GLU B 50 24.22 -33.10 39.00
CA GLU B 50 24.45 -31.69 39.33
C GLU B 50 23.60 -30.82 38.40
N PHE B 51 23.26 -29.63 38.86
CA PHE B 51 22.26 -28.80 38.18
C PHE B 51 22.81 -28.22 36.88
N LYS B 52 23.87 -27.43 36.97
CA LYS B 52 24.39 -26.72 35.79
C LYS B 52 24.95 -27.67 34.71
N GLN B 53 25.75 -28.66 35.13
CA GLN B 53 26.31 -29.69 34.23
C GLN B 53 25.20 -30.42 33.43
N ARG B 54 24.07 -30.71 34.10
CA ARG B 54 22.97 -31.39 33.45
C ARG B 54 22.29 -30.48 32.46
N VAL B 55 22.09 -29.23 32.83
CA VAL B 55 21.56 -28.21 31.93
C VAL B 55 22.44 -28.06 30.68
N LYS B 56 23.76 -28.03 30.88
CA LYS B 56 24.68 -27.95 29.75
C LYS B 56 24.52 -29.20 28.89
N GLU B 57 24.48 -30.40 29.49
CA GLU B 57 24.39 -31.65 28.72
C GLU B 57 23.12 -31.66 27.86
N ILE B 58 22.03 -31.20 28.46
CA ILE B 58 20.76 -31.13 27.78
C ILE B 58 20.81 -30.15 26.61
N CYS B 59 21.41 -28.99 26.85
CA CYS B 59 21.56 -28.00 25.79
C CYS B 59 22.31 -28.55 24.59
N ASP B 60 23.43 -29.22 24.84
CA ASP B 60 24.23 -29.85 23.80
C ASP B 60 23.45 -30.87 23.00
N LEU B 61 22.57 -31.57 23.70
CA LEU B 61 21.81 -32.66 23.12
C LEU B 61 20.63 -32.17 22.27
N VAL B 62 19.77 -31.31 22.84
CA VAL B 62 18.60 -30.84 22.06
C VAL B 62 18.93 -29.71 21.11
N LYS B 63 19.97 -28.92 21.41
CA LYS B 63 20.30 -27.73 20.63
C LYS B 63 19.01 -26.96 20.28
N GLY B 64 18.29 -26.61 21.32
CA GLY B 64 17.05 -25.84 21.27
C GLY B 64 16.79 -25.34 22.69
N PRO B 65 15.70 -24.61 22.90
CA PRO B 65 15.47 -23.97 24.20
C PRO B 65 15.39 -24.95 25.37
N VAL B 66 16.16 -24.67 26.41
CA VAL B 66 16.18 -25.46 27.61
C VAL B 66 15.86 -24.58 28.78
N SER B 67 14.66 -24.72 29.30
CA SER B 67 14.24 -23.84 30.40
C SER B 67 14.70 -24.40 31.76
N ALA B 68 15.31 -23.52 32.56
CA ALA B 68 15.91 -23.90 33.84
C ALA B 68 15.54 -22.87 34.91
N GLU B 69 15.15 -23.34 36.09
CA GLU B 69 14.63 -22.47 37.14
C GLU B 69 15.76 -21.94 37.99
N VAL B 70 15.54 -20.73 38.50
CA VAL B 70 16.46 -20.09 39.48
C VAL B 70 16.03 -20.43 40.91
N VAL B 71 16.95 -20.30 41.84
CA VAL B 71 16.68 -20.59 43.26
C VAL B 71 15.95 -19.43 43.96
N SER B 72 16.42 -18.19 43.75
CA SER B 72 15.91 -17.05 44.51
C SER B 72 14.55 -16.58 44.02
N LEU B 73 13.83 -15.91 44.92
CA LEU B 73 12.52 -15.35 44.64
C LEU B 73 12.49 -13.81 44.76
N ASP B 74 13.55 -13.21 45.29
CA ASP B 74 13.66 -11.75 45.28
C ASP B 74 14.28 -11.33 43.96
N TYR B 75 13.89 -10.13 43.51
CA TYR B 75 14.29 -9.58 42.21
C TYR B 75 15.80 -9.64 41.98
N GLU B 76 16.56 -9.13 42.93
CA GLU B 76 18.00 -9.03 42.79
C GLU B 76 18.61 -10.40 42.62
N GLY B 77 18.23 -11.34 43.46
CA GLY B 77 18.75 -12.71 43.38
C GLY B 77 18.33 -13.42 42.09
N MET B 78 17.09 -13.24 41.67
CA MET B 78 16.64 -13.86 40.43
C MET B 78 17.48 -13.39 39.22
N VAL B 79 17.73 -12.09 39.15
CA VAL B 79 18.49 -11.52 38.04
C VAL B 79 19.95 -11.99 38.09
N ARG B 80 20.55 -11.92 39.28
CA ARG B 80 21.89 -12.42 39.54
C ARG B 80 22.06 -13.88 39.04
N GLU B 81 21.15 -14.73 39.45
CA GLU B 81 21.21 -16.14 39.12
C GLU B 81 20.92 -16.42 37.65
N ALA B 82 19.98 -15.65 37.08
CA ALA B 82 19.63 -15.75 35.69
C ALA B 82 20.85 -15.50 34.78
N ARG B 83 21.58 -14.43 35.09
CA ARG B 83 22.79 -14.09 34.36
C ARG B 83 23.84 -15.20 34.44
N GLU B 84 23.93 -15.85 35.58
CA GLU B 84 24.85 -16.97 35.77
C GLU B 84 24.40 -18.16 34.92
N LEU B 85 23.14 -18.53 35.01
CA LEU B 85 22.62 -19.63 34.20
C LEU B 85 22.76 -19.38 32.72
N ALA B 86 22.50 -18.14 32.32
CA ALA B 86 22.54 -17.74 30.91
C ALA B 86 23.93 -17.96 30.29
N GLN B 87 24.95 -17.85 31.11
CA GLN B 87 26.31 -18.11 30.65
C GLN B 87 26.58 -19.55 30.23
N ILE B 88 25.74 -20.50 30.68
CA ILE B 88 25.98 -21.92 30.40
C ILE B 88 25.90 -22.20 28.91
N SER B 89 24.92 -21.61 28.25
CA SER B 89 24.69 -21.91 26.85
C SER B 89 23.73 -20.89 26.27
N GLU B 90 23.88 -20.64 24.98
CA GLU B 90 22.94 -19.77 24.22
C GLU B 90 21.48 -20.29 24.26
N TYR B 91 21.31 -21.59 24.50
CA TYR B 91 20.02 -22.23 24.47
C TYR B 91 19.26 -22.16 25.78
N VAL B 92 19.95 -21.77 26.86
CA VAL B 92 19.32 -21.68 28.17
C VAL B 92 18.26 -20.58 28.22
N VAL B 93 17.08 -20.94 28.72
CA VAL B 93 15.99 -20.00 28.97
C VAL B 93 15.71 -20.04 30.46
N ILE B 94 15.55 -18.88 31.07
CA ILE B 94 15.40 -18.82 32.53
C ILE B 94 13.91 -18.84 32.93
N LYS B 95 13.57 -19.84 33.75
CA LYS B 95 12.21 -19.98 34.30
C LYS B 95 12.03 -19.02 35.45
N ILE B 96 11.02 -18.19 35.34
CA ILE B 96 10.73 -17.19 36.36
C ILE B 96 9.27 -17.34 36.80
N PRO B 97 9.04 -17.46 38.10
CA PRO B 97 7.69 -17.63 38.59
C PRO B 97 6.90 -16.33 38.40
N MET B 98 5.62 -16.46 38.08
CA MET B 98 4.76 -15.32 37.86
C MET B 98 4.49 -14.57 39.17
N THR B 99 5.38 -13.62 39.49
CA THR B 99 5.26 -12.75 40.67
C THR B 99 5.66 -11.34 40.28
N PRO B 100 5.29 -10.34 41.06
CA PRO B 100 5.75 -8.97 40.83
C PRO B 100 7.27 -8.86 40.64
N ASP B 101 8.06 -9.43 41.55
CA ASP B 101 9.54 -9.45 41.39
C ASP B 101 9.96 -10.20 40.12
N GLY B 102 9.29 -11.32 39.86
CA GLY B 102 9.57 -12.12 38.68
C GLY B 102 9.38 -11.32 37.42
N ILE B 103 8.33 -10.51 37.41
CA ILE B 103 8.00 -9.66 36.26
C ILE B 103 9.02 -8.54 36.12
N LYS B 104 9.42 -7.98 37.25
CA LYS B 104 10.49 -6.99 37.31
C LYS B 104 11.78 -7.57 36.69
N ALA B 105 12.09 -8.80 37.09
CA ALA B 105 13.25 -9.52 36.59
C ALA B 105 13.12 -9.77 35.07
N VAL B 106 11.94 -10.11 34.58
CA VAL B 106 11.73 -10.28 33.14
C VAL B 106 12.05 -8.98 32.38
N LYS B 107 11.57 -7.84 32.88
CA LYS B 107 11.85 -6.58 32.22
C LYS B 107 13.36 -6.38 32.11
N THR B 108 14.07 -6.58 33.21
CA THR B 108 15.50 -6.37 33.26
C THR B 108 16.27 -7.34 32.37
N LEU B 109 15.93 -8.62 32.47
CA LEU B 109 16.61 -9.65 31.70
C LEU B 109 16.32 -9.58 30.20
N SER B 110 15.08 -9.23 29.82
CA SER B 110 14.75 -9.02 28.38
C SER B 110 15.65 -7.98 27.75
N ALA B 111 15.81 -6.88 28.47
CA ALA B 111 16.65 -5.75 28.02
C ALA B 111 18.12 -6.18 27.83
N GLU B 112 18.57 -7.19 28.57
CA GLU B 112 19.93 -7.70 28.41
C GLU B 112 20.06 -8.87 27.42
N GLY B 113 18.99 -9.19 26.71
CA GLY B 113 18.98 -10.32 25.77
C GLY B 113 18.94 -11.70 26.42
N ILE B 114 18.57 -11.77 27.69
CA ILE B 114 18.47 -13.05 28.35
C ILE B 114 17.03 -13.56 28.28
N LYS B 115 16.86 -14.77 27.75
CA LYS B 115 15.56 -15.35 27.44
C LYS B 115 14.85 -15.82 28.70
N THR B 116 13.54 -15.60 28.78
CA THR B 116 12.76 -15.93 29.97
C THR B 116 11.50 -16.73 29.65
N ASN B 117 11.12 -17.55 30.62
CA ASN B 117 9.93 -18.36 30.58
C ASN B 117 9.17 -18.16 31.86
N VAL B 118 8.07 -17.44 31.76
CA VAL B 118 7.26 -17.17 32.93
C VAL B 118 6.39 -18.35 33.23
N THR B 119 6.52 -18.87 34.44
CA THR B 119 5.96 -20.13 34.81
C THR B 119 4.96 -19.89 35.96
N LEU B 120 4.21 -20.91 36.33
CA LEU B 120 3.13 -20.82 37.33
C LEU B 120 2.04 -19.81 36.91
N VAL B 121 1.63 -19.87 35.66
CA VAL B 121 0.56 -19.03 35.13
C VAL B 121 -0.74 -19.82 35.13
N PHE B 122 -1.74 -19.27 35.83
CA PHE B 122 -3.07 -19.92 35.95
C PHE B 122 -4.26 -19.06 35.47
N SER B 123 -3.96 -17.88 34.93
CA SER B 123 -4.98 -16.95 34.54
C SER B 123 -4.52 -16.12 33.36
N PRO B 124 -5.47 -15.70 32.50
CA PRO B 124 -5.14 -14.84 31.34
C PRO B 124 -4.52 -13.51 31.76
N ALA B 125 -4.94 -12.97 32.91
CA ALA B 125 -4.43 -11.70 33.39
C ALA B 125 -2.95 -11.80 33.61
N GLN B 126 -2.54 -12.89 34.25
CA GLN B 126 -1.12 -13.19 34.47
C GLN B 126 -0.38 -13.25 33.15
N ALA B 127 -0.95 -13.96 32.18
CA ALA B 127 -0.35 -14.08 30.84
C ALA B 127 -0.19 -12.72 30.08
N ILE B 128 -1.07 -11.77 30.30
CA ILE B 128 -0.88 -10.51 29.62
C ILE B 128 0.32 -9.80 30.27
N LEU B 129 0.43 -9.83 31.58
CA LEU B 129 1.54 -9.15 32.23
C LEU B 129 2.90 -9.75 31.81
N ALA B 130 2.92 -11.06 31.68
CA ALA B 130 4.13 -11.77 31.25
C ALA B 130 4.57 -11.28 29.90
N ALA B 131 3.62 -11.22 28.95
CA ALA B 131 3.91 -10.74 27.60
C ALA B 131 4.31 -9.27 27.55
N LYS B 132 3.60 -8.44 28.30
CA LYS B 132 3.92 -7.02 28.36
C LYS B 132 5.29 -6.78 28.96
N ALA B 133 5.70 -7.56 29.96
CA ALA B 133 7.04 -7.37 30.58
C ALA B 133 8.16 -7.83 29.65
N GLY B 134 7.79 -8.56 28.60
CA GLY B 134 8.72 -8.98 27.57
C GLY B 134 9.21 -10.41 27.73
N ALA B 135 8.40 -11.28 28.32
CA ALA B 135 8.79 -12.72 28.45
C ALA B 135 8.99 -13.38 27.07
N THR B 136 9.96 -14.29 26.99
CA THR B 136 10.15 -15.01 25.75
C THR B 136 9.04 -16.03 25.59
N TYR B 137 8.72 -16.64 26.72
CA TYR B 137 7.71 -17.68 26.81
C TYR B 137 6.86 -17.45 28.05
N VAL B 138 5.62 -17.95 27.96
CA VAL B 138 4.74 -18.07 29.09
C VAL B 138 4.29 -19.52 29.14
N SER B 139 4.16 -20.05 30.36
CA SER B 139 3.79 -21.46 30.59
C SER B 139 2.57 -21.58 31.47
N PRO B 140 1.38 -21.56 30.86
CA PRO B 140 0.11 -21.80 31.59
C PRO B 140 -0.05 -23.27 31.97
N PHE B 141 -0.42 -23.50 33.22
CA PHE B 141 -0.51 -24.85 33.78
C PHE B 141 -1.93 -25.42 33.61
N VAL B 142 -2.10 -26.13 32.49
CA VAL B 142 -3.37 -26.71 32.07
C VAL B 142 -3.87 -27.81 33.03
N GLY B 143 -3.07 -28.85 33.22
CA GLY B 143 -3.44 -30.02 34.02
C GLY B 143 -3.81 -29.72 35.45
N ARG B 144 -3.08 -28.79 36.08
CA ARG B 144 -3.38 -28.41 37.47
C ARG B 144 -4.70 -27.65 37.59
N MET B 145 -5.03 -26.82 36.60
CA MET B 145 -6.32 -26.17 36.60
C MET B 145 -7.46 -27.16 36.34
N ASP B 146 -7.22 -28.07 35.40
CA ASP B 146 -8.16 -29.12 35.08
C ASP B 146 -8.60 -29.88 36.34
N ASP B 147 -7.64 -30.15 37.21
CA ASP B 147 -7.86 -30.88 38.46
C ASP B 147 -8.67 -30.13 39.51
N LEU B 148 -8.70 -28.81 39.40
CA LEU B 148 -9.58 -27.98 40.20
C LEU B 148 -11.00 -27.95 39.62
N SER B 149 -11.19 -28.60 38.47
CA SER B 149 -12.45 -28.56 37.72
C SER B 149 -12.81 -27.17 37.21
N ASN B 150 -11.80 -26.31 37.05
CA ASN B 150 -11.98 -24.96 36.51
C ASN B 150 -11.54 -24.83 35.04
N ASP B 151 -11.28 -25.98 34.41
CA ASP B 151 -11.00 -26.08 32.96
C ASP B 151 -9.71 -25.36 32.52
N GLY B 152 -8.60 -26.06 32.54
CA GLY B 152 -7.32 -25.48 32.12
C GLY B 152 -7.22 -25.26 30.61
N MET B 153 -7.88 -26.11 29.81
CA MET B 153 -7.88 -25.91 28.37
C MET B 153 -8.59 -24.62 27.96
N ARG B 154 -9.64 -24.27 28.71
CA ARG B 154 -10.37 -23.06 28.45
C ARG B 154 -9.50 -21.86 28.78
N MET B 155 -8.81 -21.90 29.90
CA MET B 155 -7.87 -20.87 30.30
C MET B 155 -6.72 -20.69 29.29
N LEU B 156 -6.20 -21.80 28.78
CA LEU B 156 -5.21 -21.76 27.71
C LEU B 156 -5.77 -21.12 26.46
N GLY B 157 -6.99 -21.49 26.10
CA GLY B 157 -7.64 -20.91 24.91
C GLY B 157 -7.83 -19.41 24.99
N GLU B 158 -8.07 -18.90 26.19
CA GLU B 158 -8.24 -17.48 26.38
C GLU B 158 -6.93 -16.78 26.19
N ILE B 159 -5.85 -17.38 26.65
CA ILE B 159 -4.53 -16.81 26.48
C ILE B 159 -4.10 -16.78 25.02
N VAL B 160 -4.26 -17.90 24.32
CA VAL B 160 -4.04 -17.97 22.91
C VAL B 160 -4.85 -16.88 22.18
N GLU B 161 -6.12 -16.74 22.50
CA GLU B 161 -6.96 -15.73 21.86
C GLU B 161 -6.41 -14.33 22.11
N ILE B 162 -6.01 -14.02 23.34
CA ILE B 162 -5.52 -12.71 23.66
C ILE B 162 -4.21 -12.45 22.93
N TYR B 163 -3.31 -13.44 22.97
CA TYR B 163 -2.03 -13.29 22.30
C TYR B 163 -2.18 -13.15 20.79
N ASN B 164 -3.19 -13.80 20.20
CA ASN B 164 -3.50 -13.53 18.77
C ASN B 164 -4.00 -12.14 18.56
N ASN B 165 -4.84 -11.64 19.45
CA ASN B 165 -5.37 -10.30 19.29
C ASN B 165 -4.27 -9.24 19.20
N TYR B 166 -3.20 -9.41 19.91
CA TYR B 166 -2.20 -8.35 20.06
C TYR B 166 -0.83 -8.66 19.47
N GLY B 167 -0.65 -9.85 18.94
CA GLY B 167 0.64 -10.26 18.41
C GLY B 167 1.82 -10.09 19.38
N PHE B 168 1.61 -10.35 20.66
CA PHE B 168 2.71 -10.35 21.59
C PHE B 168 3.76 -11.33 21.06
N GLU B 169 5.03 -10.93 21.17
CA GLU B 169 6.14 -11.75 20.64
C GLU B 169 6.33 -13.01 21.53
N THR B 170 5.89 -12.89 22.78
CA THR B 170 5.86 -14.02 23.70
C THR B 170 5.19 -15.24 23.11
N GLU B 171 5.85 -16.40 23.28
CA GLU B 171 5.28 -17.66 22.80
C GLU B 171 4.70 -18.45 23.96
N ILE B 172 3.59 -19.14 23.71
CA ILE B 172 2.90 -19.89 24.77
C ILE B 172 3.33 -21.33 24.73
N ILE B 173 3.84 -21.79 25.87
CA ILE B 173 4.11 -23.19 26.15
C ILE B 173 2.95 -23.77 26.97
N ALA B 174 2.07 -24.55 26.35
CA ALA B 174 1.08 -25.32 27.12
C ALA B 174 1.82 -26.27 28.05
N ALA B 175 1.66 -26.06 29.35
CA ALA B 175 2.41 -26.81 30.33
C ALA B 175 1.45 -27.58 31.25
N SER B 176 2.01 -28.36 32.15
CA SER B 176 1.23 -29.26 32.98
C SER B 176 0.36 -30.16 32.09
N ILE B 177 1.00 -30.74 31.07
CA ILE B 177 0.33 -31.61 30.10
C ILE B 177 0.37 -33.01 30.61
N ARG B 178 -0.78 -33.68 30.66
CA ARG B 178 -0.89 -34.96 31.35
C ARG B 178 -1.26 -36.11 30.43
N HIS B 179 -1.80 -35.81 29.24
CA HIS B 179 -2.33 -36.86 28.37
C HIS B 179 -2.47 -36.38 26.90
N PRO B 180 -2.63 -37.33 25.96
CA PRO B 180 -2.74 -37.00 24.55
C PRO B 180 -3.85 -35.98 24.13
N MET B 181 -5.00 -35.95 24.77
CA MET B 181 -6.02 -34.96 24.40
C MET B 181 -5.62 -33.53 24.75
N HIS B 182 -4.82 -33.36 25.80
CA HIS B 182 -4.26 -32.04 26.09
C HIS B 182 -3.49 -31.56 24.86
N VAL B 183 -2.70 -32.45 24.27
CA VAL B 183 -1.85 -32.10 23.14
C VAL B 183 -2.67 -31.78 21.89
N VAL B 184 -3.67 -32.58 21.65
CA VAL B 184 -4.53 -32.43 20.49
C VAL B 184 -5.42 -31.18 20.59
N GLU B 185 -5.98 -30.93 21.77
CA GLU B 185 -6.77 -29.70 21.96
C GLU B 185 -5.93 -28.42 21.93
N ALA B 186 -4.70 -28.49 22.44
CA ALA B 186 -3.78 -27.37 22.33
C ALA B 186 -3.37 -27.13 20.88
N ALA B 187 -3.13 -28.22 20.14
CA ALA B 187 -2.85 -28.09 18.71
C ALA B 187 -4.04 -27.50 17.95
N LEU B 188 -5.24 -27.95 18.29
CA LEU B 188 -6.45 -27.44 17.60
C LEU B 188 -6.67 -25.93 17.81
N MET B 189 -6.26 -25.42 18.97
CA MET B 189 -6.28 -23.98 19.29
C MET B 189 -5.09 -23.21 18.73
N GLY B 190 -4.06 -23.93 18.31
CA GLY B 190 -2.89 -23.32 17.73
C GLY B 190 -1.92 -22.75 18.75
N VAL B 191 -1.73 -23.39 19.90
CA VAL B 191 -0.70 -22.94 20.82
C VAL B 191 0.63 -23.10 20.15
N ASP B 192 1.58 -22.27 20.53
CA ASP B 192 2.89 -22.24 19.90
C ASP B 192 3.67 -23.51 20.21
N ILE B 193 3.66 -23.90 21.49
CA ILE B 193 4.51 -24.97 22.00
C ILE B 193 3.72 -25.79 23.01
N VAL B 194 3.95 -27.10 23.02
CA VAL B 194 3.48 -27.93 24.11
C VAL B 194 4.70 -28.58 24.71
N THR B 195 4.82 -28.49 26.03
CA THR B 195 5.80 -29.26 26.75
C THR B 195 5.11 -30.40 27.45
N MET B 196 5.66 -31.62 27.31
CA MET B 196 5.02 -32.83 27.85
C MET B 196 6.02 -33.85 28.37
N PRO B 197 5.58 -34.72 29.27
CA PRO B 197 6.44 -35.83 29.71
C PRO B 197 6.66 -36.80 28.56
N PHE B 198 7.77 -37.52 28.62
CA PHE B 198 8.14 -38.47 27.57
C PHE B 198 7.05 -39.51 27.39
N ALA B 199 6.52 -39.95 28.54
CA ALA B 199 5.45 -40.92 28.55
C ALA B 199 4.24 -40.49 27.69
N VAL B 200 3.92 -39.21 27.72
CA VAL B 200 2.84 -38.70 26.87
C VAL B 200 3.26 -38.69 25.39
N LEU B 201 4.47 -38.27 25.09
CA LEU B 201 5.01 -38.32 23.74
C LEU B 201 4.94 -39.71 23.15
N GLU B 202 5.39 -40.71 23.91
CA GLU B 202 5.27 -42.11 23.48
C GLU B 202 3.85 -42.49 23.05
N LYS B 203 2.85 -42.09 23.84
CA LYS B 203 1.45 -42.40 23.53
C LYS B 203 0.98 -41.84 22.20
N LEU B 204 1.48 -40.65 21.85
CA LEU B 204 1.10 -39.96 20.62
C LEU B 204 1.35 -40.79 19.33
N PHE B 205 2.37 -41.65 19.36
CA PHE B 205 2.70 -42.50 18.20
C PHE B 205 1.65 -43.56 17.97
N LYS B 206 0.96 -43.95 19.05
CA LYS B 206 0.27 -45.22 19.10
C LYS B 206 -1.20 -45.16 18.68
N HIS B 207 -1.62 -46.17 17.93
CA HIS B 207 -3.04 -46.43 17.68
C HIS B 207 -3.25 -47.92 17.35
N PRO B 208 -4.30 -48.54 17.90
CA PRO B 208 -4.54 -49.99 17.68
C PRO B 208 -4.83 -50.37 16.22
N MET B 209 -5.33 -49.40 15.43
CA MET B 209 -5.57 -49.60 14.01
C MET B 209 -4.27 -49.58 13.19
N THR B 210 -3.30 -48.79 13.66
CA THR B 210 -1.96 -48.81 13.08
C THR B 210 -1.33 -50.20 13.26
N ASP B 211 -1.48 -50.76 14.45
CA ASP B 211 -0.98 -52.09 14.76
C ASP B 211 -1.59 -53.15 13.92
N LEU B 212 -2.89 -53.09 13.76
CA LEU B 212 -3.61 -54.05 12.94
C LEU B 212 -3.25 -53.91 11.48
N GLY B 213 -3.12 -52.69 11.00
CA GLY B 213 -2.67 -52.45 9.62
C GLY B 213 -1.30 -53.05 9.35
N ILE B 214 -0.40 -52.93 10.32
CA ILE B 214 0.92 -53.52 10.23
C ILE B 214 0.87 -55.03 10.15
N GLU B 215 0.04 -55.65 10.99
CA GLU B 215 -0.11 -57.11 10.93
C GLU B 215 -0.71 -57.53 9.58
N ARG B 216 -1.66 -56.74 9.06
CA ARG B 216 -2.26 -57.02 7.75
C ARG B 216 -1.22 -56.94 6.60
N PHE B 217 -0.15 -56.19 6.77
CA PHE B 217 0.97 -56.30 5.85
C PHE B 217 2.04 -57.23 6.42
N MET B 218 1.90 -57.69 7.65
CA MET B 218 2.89 -58.62 8.22
C MET B 218 2.59 -60.02 7.76
N GLU B 219 2.63 -60.20 6.43
CA GLU B 219 2.72 -61.52 5.77
C GLU B 219 3.98 -61.59 4.92
N HIS C 12 0.75 -5.92 21.94
CA HIS C 12 0.13 -4.68 21.53
C HIS C 12 -0.66 -4.05 22.65
N MET C 13 -1.32 -4.86 23.48
CA MET C 13 -2.20 -4.21 24.44
C MET C 13 -1.48 -3.26 25.39
N LYS C 14 -2.00 -2.04 25.53
CA LYS C 14 -1.45 -1.09 26.50
C LYS C 14 -2.20 -1.15 27.81
N ILE C 15 -1.49 -0.93 28.91
CA ILE C 15 -2.09 -0.69 30.21
C ILE C 15 -1.73 0.70 30.68
N PHE C 16 -2.73 1.53 30.94
CA PHE C 16 -2.52 2.80 31.66
C PHE C 16 -2.97 2.65 33.12
N LEU C 17 -2.45 3.52 33.97
CA LEU C 17 -2.90 3.60 35.34
C LEU C 17 -3.81 4.80 35.57
N ASP C 18 -4.97 4.56 36.19
CA ASP C 18 -5.80 5.62 36.73
C ASP C 18 -5.22 6.05 38.10
N THR C 19 -4.33 7.03 38.06
CA THR C 19 -3.62 7.42 39.27
C THR C 19 -2.94 8.75 39.06
N ALA C 20 -2.60 9.40 40.17
CA ALA C 20 -1.65 10.48 40.19
C ALA C 20 -0.51 10.15 41.18
N ASN C 21 -0.50 8.93 41.72
CA ASN C 21 0.52 8.52 42.69
C ASN C 21 1.80 8.04 42.01
N LEU C 22 2.91 8.70 42.32
CA LEU C 22 4.17 8.48 41.61
C LEU C 22 4.88 7.17 41.98
N GLU C 23 4.68 6.70 43.20
CA GLU C 23 5.26 5.42 43.62
C GLU C 23 4.58 4.27 42.88
N GLU C 24 3.26 4.30 42.78
CA GLU C 24 2.57 3.25 42.01
C GLU C 24 2.93 3.31 40.52
N ILE C 25 3.13 4.51 39.98
CA ILE C 25 3.58 4.66 38.59
C ILE C 25 5.01 4.11 38.41
N LYS C 26 5.89 4.40 39.38
CA LYS C 26 7.26 3.88 39.33
C LYS C 26 7.24 2.34 39.35
N LYS C 27 6.43 1.76 40.24
CA LYS C 27 6.26 0.30 40.28
C LYS C 27 5.83 -0.22 38.91
N GLY C 28 4.83 0.47 38.34
CA GLY C 28 4.31 0.12 37.03
C GLY C 28 5.37 0.08 35.95
N VAL C 29 6.26 1.09 35.94
CA VAL C 29 7.34 1.13 34.93
C VAL C 29 8.48 0.15 35.28
N GLU C 30 8.75 -0.03 36.58
CA GLU C 30 9.69 -1.08 37.05
C GLU C 30 9.29 -2.44 36.45
N TRP C 31 7.99 -2.73 36.48
CA TRP C 31 7.47 -4.01 36.02
C TRP C 31 7.45 -4.07 34.50
N GLY C 32 7.56 -2.91 33.87
CA GLY C 32 7.60 -2.82 32.43
C GLY C 32 6.26 -3.12 31.85
N ILE C 33 5.19 -2.81 32.59
CA ILE C 33 3.82 -3.14 32.16
C ILE C 33 2.88 -1.93 32.04
N VAL C 34 3.29 -0.76 32.57
CA VAL C 34 2.50 0.45 32.46
C VAL C 34 3.03 1.36 31.36
N ASP C 35 2.16 1.67 30.41
CA ASP C 35 2.48 2.42 29.19
C ASP C 35 2.09 3.90 29.22
N GLY C 36 1.22 4.25 30.16
CA GLY C 36 0.77 5.62 30.32
C GLY C 36 -0.04 5.79 31.57
N VAL C 37 -0.61 6.98 31.71
CA VAL C 37 -1.39 7.33 32.90
C VAL C 37 -2.62 8.16 32.51
N THR C 38 -3.77 7.88 33.13
CA THR C 38 -4.92 8.73 33.00
C THR C 38 -5.16 9.37 34.34
N THR C 39 -5.44 10.66 34.32
CA THR C 39 -5.41 11.50 35.50
C THR C 39 -6.71 12.29 35.69
N ASN C 40 -6.90 12.81 36.91
CA ASN C 40 -7.97 13.75 37.26
C ASN C 40 -7.48 14.61 38.43
N PRO C 41 -8.01 15.81 38.61
CA PRO C 41 -7.47 16.70 39.64
C PRO C 41 -7.74 16.14 41.03
N THR C 42 -8.67 15.17 41.09
CA THR C 42 -9.05 14.48 42.33
C THR C 42 -7.83 13.72 42.87
N LEU C 43 -7.28 12.84 42.01
CA LEU C 43 -6.00 12.13 42.24
C LEU C 43 -4.81 13.08 42.48
N ILE C 44 -4.64 14.07 41.60
CA ILE C 44 -3.56 15.08 41.71
C ILE C 44 -3.57 15.83 43.06
N SER C 45 -4.77 16.14 43.55
CA SER C 45 -4.94 16.85 44.82
C SER C 45 -4.92 15.87 45.98
N LYS C 46 -5.30 14.63 45.68
CA LYS C 46 -5.32 13.52 46.65
C LYS C 46 -3.90 13.17 47.12
N GLU C 47 -2.91 13.47 46.26
CA GLU C 47 -1.49 13.27 46.58
C GLU C 47 -0.97 14.39 47.43
N GLY C 48 -1.19 15.62 46.96
CA GLY C 48 -0.69 16.83 47.62
C GLY C 48 0.09 17.71 46.66
N ALA C 49 -0.48 17.92 45.47
CA ALA C 49 0.21 18.58 44.35
C ALA C 49 -0.81 19.41 43.52
N GLU C 50 -0.19 20.12 42.48
CA GLU C 50 -1.02 20.98 41.63
C GLU C 50 -1.17 20.33 40.26
N PHE C 51 -2.35 20.49 39.65
CA PHE C 51 -2.61 20.07 38.26
C PHE C 51 -1.33 19.98 37.42
N LYS C 52 -0.80 21.14 37.04
CA LYS C 52 0.29 21.19 36.06
C LYS C 52 1.58 20.51 36.51
N GLN C 53 2.01 20.76 37.74
CA GLN C 53 3.28 20.21 38.20
C GLN C 53 3.30 18.68 38.11
N ARG C 54 2.30 18.04 38.74
CA ARG C 54 2.25 16.57 38.82
C ARG C 54 2.06 15.95 37.45
N VAL C 55 1.37 16.65 36.53
CA VAL C 55 1.27 16.17 35.17
C VAL C 55 2.67 16.07 34.59
N LYS C 56 3.47 17.10 34.81
CA LYS C 56 4.86 17.10 34.36
C LYS C 56 5.64 15.95 35.01
N GLU C 57 5.51 15.79 36.32
CA GLU C 57 6.23 14.74 37.04
C GLU C 57 5.85 13.35 36.57
N ILE C 58 4.56 13.15 36.30
CA ILE C 58 4.07 11.90 35.77
C ILE C 58 4.65 11.65 34.37
N CYS C 59 4.62 12.67 33.51
CA CYS C 59 5.14 12.52 32.14
C CYS C 59 6.58 12.03 32.16
N ASP C 60 7.37 12.71 32.99
CA ASP C 60 8.78 12.38 33.16
C ASP C 60 8.97 10.95 33.61
N LEU C 61 8.04 10.45 34.42
CA LEU C 61 8.15 9.11 35.01
C LEU C 61 7.70 8.00 34.05
N VAL C 62 6.51 8.15 33.48
CA VAL C 62 5.97 7.11 32.64
C VAL C 62 6.49 7.18 31.20
N LYS C 63 6.89 8.37 30.73
CA LYS C 63 7.38 8.53 29.37
C LYS C 63 6.44 7.82 28.40
N GLY C 64 5.16 8.16 28.53
CA GLY C 64 4.12 7.66 27.67
C GLY C 64 2.92 8.57 27.87
N PRO C 65 1.88 8.33 27.08
CA PRO C 65 0.66 9.15 27.12
C PRO C 65 0.10 9.36 28.51
N VAL C 66 -0.06 10.64 28.86
CA VAL C 66 -0.62 11.05 30.14
C VAL C 66 -1.82 11.93 29.91
N SER C 67 -3.01 11.39 30.11
CA SER C 67 -4.23 12.13 29.82
C SER C 67 -4.56 13.07 31.00
N ALA C 68 -4.85 14.32 30.68
CA ALA C 68 -5.14 15.32 31.70
C ALA C 68 -6.32 16.19 31.23
N GLU C 69 -7.23 16.47 32.16
CA GLU C 69 -8.51 17.11 31.83
C GLU C 69 -8.40 18.63 31.88
N VAL C 70 -9.19 19.29 31.04
CA VAL C 70 -9.30 20.75 31.06
C VAL C 70 -10.42 21.20 31.99
N VAL C 71 -10.39 22.46 32.42
CA VAL C 71 -11.44 22.99 33.27
C VAL C 71 -12.69 23.42 32.46
N SER C 72 -12.48 24.15 31.37
CA SER C 72 -13.59 24.78 30.64
C SER C 72 -14.41 23.77 29.86
N LEU C 73 -15.66 24.11 29.60
CA LEU C 73 -16.57 23.28 28.81
C LEU C 73 -17.03 23.96 27.52
N ASP C 74 -16.76 25.24 27.39
CA ASP C 74 -17.02 25.91 26.13
C ASP C 74 -15.87 25.64 25.21
N TYR C 75 -16.18 25.60 23.91
CA TYR C 75 -15.20 25.29 22.88
C TYR C 75 -13.93 26.16 22.95
N GLU C 76 -14.12 27.46 23.04
CA GLU C 76 -12.99 28.40 23.06
C GLU C 76 -12.07 28.16 24.28
N GLY C 77 -12.66 28.05 25.46
CA GLY C 77 -11.90 27.74 26.67
C GLY C 77 -11.23 26.37 26.63
N MET C 78 -11.92 25.35 26.14
CA MET C 78 -11.31 24.03 26.02
C MET C 78 -10.04 24.05 25.15
N VAL C 79 -10.14 24.69 24.00
CA VAL C 79 -9.04 24.80 23.07
C VAL C 79 -7.89 25.59 23.70
N ARG C 80 -8.20 26.75 24.27
CA ARG C 80 -7.23 27.59 24.96
C ARG C 80 -6.43 26.80 25.98
N GLU C 81 -7.14 26.11 26.86
CA GLU C 81 -6.50 25.36 27.94
C GLU C 81 -5.73 24.15 27.43
N ALA C 82 -6.28 23.49 26.41
CA ALA C 82 -5.63 22.35 25.79
C ALA C 82 -4.25 22.73 25.27
N ARG C 83 -4.14 23.88 24.61
CA ARG C 83 -2.86 24.36 24.10
C ARG C 83 -1.88 24.59 25.23
N GLU C 84 -2.39 25.11 26.34
CA GLU C 84 -1.58 25.40 27.51
C GLU C 84 -1.04 24.10 28.10
N LEU C 85 -1.92 23.14 28.31
CA LEU C 85 -1.54 21.83 28.86
C LEU C 85 -0.57 21.09 27.94
N ALA C 86 -0.80 21.18 26.64
CA ALA C 86 0.02 20.47 25.67
C ALA C 86 1.48 20.95 25.73
N GLN C 87 1.68 22.22 26.08
CA GLN C 87 3.03 22.76 26.21
C GLN C 87 3.84 22.15 27.36
N ILE C 88 3.20 21.45 28.31
CA ILE C 88 3.92 20.85 29.44
C ILE C 88 4.86 19.74 28.99
N SER C 89 4.38 18.90 28.08
CA SER C 89 5.19 17.76 27.62
C SER C 89 4.59 17.16 26.38
N GLU C 90 5.44 16.58 25.54
CA GLU C 90 4.96 15.92 24.31
C GLU C 90 4.04 14.72 24.63
N TYR C 91 4.13 14.21 25.86
CA TYR C 91 3.34 13.07 26.29
C TYR C 91 1.93 13.42 26.72
N VAL C 92 1.67 14.68 27.01
CA VAL C 92 0.35 15.07 27.51
C VAL C 92 -0.70 14.85 26.43
N VAL C 93 -1.81 14.25 26.84
CA VAL C 93 -2.99 14.04 26.00
C VAL C 93 -4.17 14.72 26.69
N ILE C 94 -4.96 15.46 25.94
CA ILE C 94 -5.98 16.30 26.56
C ILE C 94 -7.31 15.55 26.64
N LYS C 95 -7.85 15.39 27.86
CA LYS C 95 -9.19 14.78 28.05
C LYS C 95 -10.27 15.81 27.72
N ILE C 96 -11.16 15.40 26.84
CA ILE C 96 -12.27 16.23 26.38
C ILE C 96 -13.57 15.47 26.63
N PRO C 97 -14.53 16.08 27.29
CA PRO C 97 -15.79 15.39 27.51
C PRO C 97 -16.54 15.25 26.20
N MET C 98 -17.29 14.17 26.04
CA MET C 98 -18.04 13.93 24.82
C MET C 98 -19.27 14.86 24.77
N THR C 99 -19.06 16.00 24.13
CA THR C 99 -20.12 16.97 23.91
C THR C 99 -19.91 17.54 22.53
N PRO C 100 -20.90 18.26 22.00
CA PRO C 100 -20.74 18.97 20.70
C PRO C 100 -19.54 19.92 20.68
N ASP C 101 -19.41 20.77 21.68
CA ASP C 101 -18.25 21.63 21.84
C ASP C 101 -16.95 20.85 21.98
N GLY C 102 -17.01 19.75 22.72
CA GLY C 102 -15.87 18.86 22.88
C GLY C 102 -15.39 18.27 21.56
N ILE C 103 -16.35 17.93 20.71
CA ILE C 103 -16.07 17.35 19.39
C ILE C 103 -15.51 18.39 18.44
N LYS C 104 -16.07 19.60 18.50
CA LYS C 104 -15.53 20.77 17.80
C LYS C 104 -14.07 21.02 18.23
N ALA C 105 -13.82 21.01 19.53
CA ALA C 105 -12.48 21.18 20.06
C ALA C 105 -11.52 20.11 19.51
N VAL C 106 -11.98 18.85 19.42
CA VAL C 106 -11.16 17.76 18.92
C VAL C 106 -10.77 17.99 17.45
N LYS C 107 -11.72 18.44 16.65
CA LYS C 107 -11.46 18.77 15.27
C LYS C 107 -10.31 19.78 15.17
N THR C 108 -10.40 20.84 15.97
CA THR C 108 -9.45 21.92 16.01
C THR C 108 -8.08 21.45 16.49
N LEU C 109 -8.06 20.76 17.62
CA LEU C 109 -6.78 20.38 18.24
C LEU C 109 -6.08 19.27 17.44
N SER C 110 -6.85 18.37 16.84
CA SER C 110 -6.28 17.38 15.92
C SER C 110 -5.48 18.03 14.81
N ALA C 111 -6.08 19.04 14.19
CA ALA C 111 -5.44 19.81 13.14
C ALA C 111 -4.13 20.47 13.56
N GLU C 112 -4.00 20.79 14.85
CA GLU C 112 -2.80 21.39 15.41
C GLU C 112 -1.82 20.38 15.95
N GLY C 113 -2.09 19.09 15.79
CA GLY C 113 -1.20 18.06 16.33
C GLY C 113 -1.28 17.87 17.84
N ILE C 114 -2.35 18.35 18.46
CA ILE C 114 -2.53 18.17 19.89
C ILE C 114 -3.40 16.94 20.12
N LYS C 115 -2.89 16.01 20.94
CA LYS C 115 -3.52 14.71 21.16
C LYS C 115 -4.72 14.82 22.07
N THR C 116 -5.77 14.05 21.76
CA THR C 116 -7.02 14.14 22.54
C THR C 116 -7.54 12.77 22.96
N ASN C 117 -8.23 12.78 24.10
CA ASN C 117 -8.83 11.59 24.70
C ASN C 117 -10.27 11.96 25.03
N VAL C 118 -11.20 11.54 24.19
CA VAL C 118 -12.60 11.83 24.40
C VAL C 118 -13.14 10.88 25.46
N THR C 119 -13.68 11.48 26.50
CA THR C 119 -14.05 10.77 27.69
C THR C 119 -15.56 10.91 27.90
N LEU C 120 -16.08 10.20 28.89
CA LEU C 120 -17.52 10.15 29.17
C LEU C 120 -18.34 9.64 28.01
N VAL C 121 -17.85 8.55 27.43
CA VAL C 121 -18.50 7.88 26.31
C VAL C 121 -19.27 6.67 26.84
N PHE C 122 -20.59 6.68 26.59
CA PHE C 122 -21.46 5.58 27.05
C PHE C 122 -22.24 4.84 25.94
N SER C 123 -21.96 5.19 24.69
CA SER C 123 -22.63 4.56 23.58
C SER C 123 -21.73 4.48 22.38
N PRO C 124 -21.95 3.50 21.51
CA PRO C 124 -21.22 3.39 20.24
C PRO C 124 -21.42 4.54 19.24
N ALA C 125 -22.56 5.20 19.29
CA ALA C 125 -22.78 6.37 18.47
C ALA C 125 -21.80 7.48 18.85
N GLN C 126 -21.66 7.75 20.15
CA GLN C 126 -20.73 8.76 20.66
C GLN C 126 -19.32 8.41 20.18
N ALA C 127 -18.94 7.15 20.29
CA ALA C 127 -17.60 6.69 19.86
C ALA C 127 -17.31 6.89 18.37
N ILE C 128 -18.35 6.79 17.55
CA ILE C 128 -18.20 7.04 16.12
C ILE C 128 -17.86 8.48 15.89
N LEU C 129 -18.58 9.38 16.55
CA LEU C 129 -18.35 10.82 16.40
C LEU C 129 -16.96 11.18 16.86
N ALA C 130 -16.54 10.61 17.98
CA ALA C 130 -15.21 10.89 18.54
C ALA C 130 -14.10 10.52 17.56
N ALA C 131 -14.24 9.38 16.94
CA ALA C 131 -13.29 8.95 15.91
C ALA C 131 -13.37 9.80 14.64
N LYS C 132 -14.56 10.16 14.20
CA LYS C 132 -14.65 10.97 13.00
C LYS C 132 -14.09 12.38 13.20
N ALA C 133 -14.18 12.91 14.42
CA ALA C 133 -13.62 14.25 14.72
C ALA C 133 -12.10 14.25 14.80
N GLY C 134 -11.53 13.05 14.91
CA GLY C 134 -10.09 12.87 14.90
C GLY C 134 -9.49 12.66 16.29
N ALA C 135 -10.25 12.13 17.24
CA ALA C 135 -9.72 11.85 18.58
C ALA C 135 -8.54 10.89 18.54
N THR C 136 -7.56 11.09 19.40
CA THR C 136 -6.43 10.19 19.47
C THR C 136 -6.91 8.93 20.20
N TYR C 137 -7.69 9.16 21.22
CA TYR C 137 -8.27 8.10 21.97
C TYR C 137 -9.74 8.36 22.24
N VAL C 138 -10.49 7.29 22.50
CA VAL C 138 -11.83 7.35 23.13
C VAL C 138 -11.79 6.52 24.38
N SER C 139 -12.52 6.93 25.41
CA SER C 139 -12.60 6.20 26.70
C SER C 139 -14.05 5.84 27.07
N PRO C 140 -14.52 4.67 26.64
CA PRO C 140 -15.82 4.18 27.06
C PRO C 140 -15.84 3.77 28.51
N PHE C 141 -16.85 4.19 29.27
CA PHE C 141 -16.94 3.92 30.70
C PHE C 141 -17.70 2.65 31.01
N VAL C 142 -16.96 1.54 31.09
CA VAL C 142 -17.48 0.17 31.21
C VAL C 142 -18.20 -0.06 32.52
N GLY C 143 -17.50 0.10 33.61
CA GLY C 143 -18.09 -0.20 34.90
C GLY C 143 -19.30 0.62 35.31
N ARG C 144 -19.34 1.87 34.88
CA ARG C 144 -20.45 2.76 35.15
C ARG C 144 -21.72 2.31 34.43
N MET C 145 -21.55 1.78 33.22
CA MET C 145 -22.66 1.14 32.49
C MET C 145 -23.06 -0.19 33.10
N ASP C 146 -22.07 -0.97 33.50
CA ASP C 146 -22.33 -2.23 34.18
C ASP C 146 -23.26 -2.03 35.38
N ASP C 147 -23.04 -0.96 36.13
CA ASP C 147 -23.83 -0.63 37.31
C ASP C 147 -25.28 -0.29 37.03
N LEU C 148 -25.54 0.20 35.82
CA LEU C 148 -26.89 0.46 35.35
C LEU C 148 -27.59 -0.82 34.91
N SER C 149 -26.85 -1.93 34.95
CA SER C 149 -27.30 -3.24 34.45
C SER C 149 -27.57 -3.21 32.95
N ASN C 150 -26.98 -2.25 32.25
CA ASN C 150 -27.12 -2.19 30.80
C ASN C 150 -25.91 -2.80 30.06
N ASP C 151 -24.98 -3.44 30.80
CA ASP C 151 -23.83 -4.17 30.22
C ASP C 151 -22.77 -3.29 29.53
N GLY C 152 -21.78 -2.81 30.30
CA GLY C 152 -20.71 -1.98 29.75
C GLY C 152 -19.79 -2.72 28.81
N MET C 153 -19.55 -4.00 29.09
CA MET C 153 -18.66 -4.79 28.24
C MET C 153 -19.23 -5.02 26.86
N ARG C 154 -20.55 -5.11 26.75
CA ARG C 154 -21.22 -5.23 25.46
C ARG C 154 -21.07 -3.94 24.70
N MET C 155 -21.23 -2.79 25.37
CA MET C 155 -21.14 -1.53 24.65
C MET C 155 -19.70 -1.29 24.19
N LEU C 156 -18.72 -1.72 25.01
CA LEU C 156 -17.33 -1.70 24.59
C LEU C 156 -17.11 -2.60 23.35
N GLY C 157 -17.64 -3.80 23.39
CA GLY C 157 -17.55 -4.75 22.28
C GLY C 157 -18.11 -4.23 20.98
N GLU C 158 -19.18 -3.43 21.07
CA GLU C 158 -19.74 -2.80 19.87
C GLU C 158 -18.84 -1.74 19.30
N ILE C 159 -18.15 -0.99 20.16
CA ILE C 159 -17.25 0.04 19.72
C ILE C 159 -16.00 -0.54 19.07
N VAL C 160 -15.45 -1.56 19.68
CA VAL C 160 -14.37 -2.33 19.11
C VAL C 160 -14.76 -2.86 17.71
N GLU C 161 -15.90 -3.50 17.64
CA GLU C 161 -16.37 -4.05 16.36
C GLU C 161 -16.49 -2.95 15.27
N ILE C 162 -17.04 -1.79 15.62
CA ILE C 162 -17.19 -0.68 14.67
C ILE C 162 -15.84 -0.09 14.27
N TYR C 163 -14.95 0.11 15.24
CA TYR C 163 -13.61 0.61 14.93
C TYR C 163 -12.83 -0.38 14.06
N ASN C 164 -12.99 -1.68 14.29
CA ASN C 164 -12.38 -2.64 13.40
C ASN C 164 -12.95 -2.55 12.03
N ASN C 165 -14.26 -2.35 11.91
CA ASN C 165 -14.89 -2.28 10.59
C ASN C 165 -14.29 -1.19 9.71
N TYR C 166 -13.91 -0.06 10.33
CA TYR C 166 -13.57 1.13 9.58
C TYR C 166 -12.14 1.57 9.73
N GLY C 167 -11.40 0.88 10.59
CA GLY C 167 -10.00 1.22 10.87
C GLY C 167 -9.81 2.70 11.23
N PHE C 168 -10.68 3.24 12.06
CA PHE C 168 -10.43 4.55 12.62
C PHE C 168 -9.07 4.51 13.29
N GLU C 169 -8.28 5.55 13.11
CA GLU C 169 -6.97 5.70 13.77
C GLU C 169 -7.10 5.88 15.29
N THR C 170 -8.24 6.39 15.75
CA THR C 170 -8.57 6.49 17.18
C THR C 170 -8.41 5.17 17.95
N GLU C 171 -7.73 5.22 19.07
CA GLU C 171 -7.53 4.02 19.88
C GLU C 171 -8.49 4.01 21.05
N ILE C 172 -8.94 2.81 21.40
CA ILE C 172 -9.93 2.64 22.46
C ILE C 172 -9.22 2.37 23.78
N ILE C 173 -9.54 3.20 24.76
CA ILE C 173 -9.17 2.97 26.13
C ILE C 173 -10.39 2.49 26.86
N ALA C 174 -10.44 1.20 27.21
CA ALA C 174 -11.44 0.71 28.14
C ALA C 174 -11.22 1.41 29.49
N ALA C 175 -12.21 2.17 29.92
CA ALA C 175 -12.14 2.98 31.13
C ALA C 175 -13.21 2.57 32.11
N SER C 176 -13.20 3.17 33.28
CA SER C 176 -14.10 2.77 34.34
C SER C 176 -13.97 1.24 34.60
N ILE C 177 -12.71 0.79 34.70
CA ILE C 177 -12.35 -0.59 34.96
C ILE C 177 -12.28 -0.80 36.48
N ARG C 178 -12.97 -1.84 36.97
CA ARG C 178 -13.15 -2.01 38.41
C ARG C 178 -12.59 -3.35 38.93
N HIS C 179 -12.31 -4.29 38.03
CA HIS C 179 -11.87 -5.60 38.45
C HIS C 179 -11.22 -6.43 37.32
N PRO C 180 -10.48 -7.48 37.71
CA PRO C 180 -9.74 -8.28 36.71
C PRO C 180 -10.53 -8.79 35.53
N MET C 181 -11.79 -9.19 35.72
CA MET C 181 -12.56 -9.71 34.59
C MET C 181 -12.84 -8.69 33.54
N HIS C 182 -12.97 -7.42 33.92
CA HIS C 182 -13.04 -6.30 32.97
C HIS C 182 -11.82 -6.29 32.06
N VAL C 183 -10.64 -6.46 32.66
CA VAL C 183 -9.38 -6.45 31.91
C VAL C 183 -9.29 -7.63 30.93
N VAL C 184 -9.69 -8.80 31.41
CA VAL C 184 -9.61 -10.04 30.65
C VAL C 184 -10.57 -10.02 29.50
N GLU C 185 -11.80 -9.61 29.77
CA GLU C 185 -12.83 -9.52 28.75
C GLU C 185 -12.48 -8.48 27.70
N ALA C 186 -11.90 -7.37 28.15
CA ALA C 186 -11.40 -6.33 27.25
C ALA C 186 -10.31 -6.86 26.36
N ALA C 187 -9.41 -7.63 26.93
CA ALA C 187 -8.32 -8.21 26.17
C ALA C 187 -8.84 -9.25 25.16
N LEU C 188 -9.83 -10.02 25.55
CA LEU C 188 -10.38 -11.07 24.68
C LEU C 188 -11.04 -10.46 23.46
N MET C 189 -11.59 -9.27 23.59
CA MET C 189 -12.18 -8.54 22.43
C MET C 189 -11.15 -7.77 21.65
N GLY C 190 -9.96 -7.59 22.24
CA GLY C 190 -8.87 -6.90 21.56
C GLY C 190 -8.94 -5.38 21.63
N VAL C 191 -9.38 -4.85 22.77
CA VAL C 191 -9.34 -3.40 22.99
C VAL C 191 -7.87 -2.97 22.92
N ASP C 192 -7.64 -1.75 22.46
CA ASP C 192 -6.30 -1.22 22.26
C ASP C 192 -5.59 -1.00 23.63
N ILE C 193 -6.31 -0.42 24.56
CA ILE C 193 -5.74 0.00 25.82
C ILE C 193 -6.75 -0.23 26.96
N VAL C 194 -6.28 -0.71 28.11
CA VAL C 194 -7.15 -0.68 29.29
C VAL C 194 -6.50 0.20 30.30
N THR C 195 -7.28 1.11 30.86
CA THR C 195 -6.81 1.98 31.95
C THR C 195 -7.47 1.56 33.24
N MET C 196 -6.69 1.33 34.28
CA MET C 196 -7.22 0.70 35.49
C MET C 196 -6.52 1.23 36.73
N PRO C 197 -7.19 1.17 37.87
CA PRO C 197 -6.56 1.56 39.12
C PRO C 197 -5.42 0.62 39.49
N PHE C 198 -4.48 1.10 40.27
CA PHE C 198 -3.34 0.33 40.65
C PHE C 198 -3.73 -0.95 41.39
N ALA C 199 -4.76 -0.84 42.22
CA ALA C 199 -5.29 -1.96 42.98
C ALA C 199 -5.72 -3.10 42.11
N VAL C 200 -6.30 -2.79 40.96
CA VAL C 200 -6.69 -3.81 39.99
C VAL C 200 -5.43 -4.44 39.36
N LEU C 201 -4.43 -3.63 39.06
CA LEU C 201 -3.20 -4.15 38.48
C LEU C 201 -2.57 -5.16 39.40
N GLU C 202 -2.49 -4.82 40.68
CA GLU C 202 -1.89 -5.70 41.64
C GLU C 202 -2.58 -7.05 41.65
N LYS C 203 -3.90 -7.04 41.51
CA LYS C 203 -4.66 -8.31 41.47
C LYS C 203 -4.28 -9.19 40.30
N LEU C 204 -3.93 -8.57 39.19
CA LEU C 204 -3.64 -9.31 37.95
C LEU C 204 -2.45 -10.25 38.10
N PHE C 205 -1.53 -9.90 39.00
CA PHE C 205 -0.36 -10.75 39.28
C PHE C 205 -0.74 -12.07 39.95
N LYS C 206 -1.85 -12.05 40.69
CA LYS C 206 -2.08 -13.02 41.76
C LYS C 206 -2.87 -14.27 41.34
N HIS C 207 -2.43 -15.42 41.84
CA HIS C 207 -3.23 -16.64 41.79
C HIS C 207 -2.80 -17.54 42.95
N PRO C 208 -3.75 -18.18 43.63
CA PRO C 208 -3.43 -19.08 44.74
C PRO C 208 -2.59 -20.28 44.31
N MET C 209 -2.76 -20.71 43.07
CA MET C 209 -1.99 -21.84 42.53
C MET C 209 -0.54 -21.49 42.27
N THR C 210 -0.30 -20.24 41.93
CA THR C 210 1.03 -19.72 41.83
C THR C 210 1.71 -19.77 43.22
N ASP C 211 1.01 -19.33 44.25
CA ASP C 211 1.57 -19.33 45.58
C ASP C 211 1.87 -20.73 46.07
N LEU C 212 0.98 -21.69 45.78
CA LEU C 212 1.21 -23.07 46.15
C LEU C 212 2.36 -23.66 45.35
N GLY C 213 2.42 -23.31 44.07
CA GLY C 213 3.53 -23.74 43.23
C GLY C 213 4.86 -23.31 43.81
N ILE C 214 4.93 -22.06 44.27
CA ILE C 214 6.14 -21.49 44.88
C ILE C 214 6.51 -22.21 46.17
N GLU C 215 5.54 -22.50 47.03
CA GLU C 215 5.80 -23.27 48.25
C GLU C 215 6.35 -24.64 47.91
N ARG C 216 5.79 -25.25 46.87
CA ARG C 216 6.18 -26.58 46.41
C ARG C 216 7.54 -26.67 45.68
N PHE C 217 7.65 -25.99 44.54
CA PHE C 217 8.88 -26.03 43.74
C PHE C 217 10.02 -25.54 44.63
N MET C 218 9.89 -24.31 45.15
CA MET C 218 10.93 -23.74 46.02
C MET C 218 10.67 -24.36 47.40
N GLU C 219 11.19 -25.61 47.52
CA GLU C 219 10.98 -26.55 48.59
C GLU C 219 11.51 -27.92 48.15
N HIS D 11 -10.85 2.82 5.25
CA HIS D 11 -11.92 3.79 4.82
C HIS D 11 -12.93 4.00 5.95
N HIS D 12 -12.71 5.08 6.71
CA HIS D 12 -13.69 5.64 7.63
C HIS D 12 -15.13 5.54 7.15
N MET D 13 -16.04 5.37 8.11
CA MET D 13 -17.45 5.47 7.83
C MET D 13 -17.72 6.94 7.56
N LYS D 14 -18.47 7.19 6.50
CA LYS D 14 -18.92 8.54 6.17
C LYS D 14 -20.30 8.81 6.74
N ILE D 15 -20.53 10.05 7.15
CA ILE D 15 -21.86 10.54 7.49
C ILE D 15 -22.21 11.67 6.54
N PHE D 16 -23.34 11.51 5.86
CA PHE D 16 -23.92 12.54 5.05
C PHE D 16 -25.15 13.07 5.80
N LEU D 17 -25.54 14.32 5.51
CA LEU D 17 -26.77 14.88 6.04
C LEU D 17 -27.83 14.91 4.99
N ASP D 18 -29.05 14.47 5.37
CA ASP D 18 -30.29 14.72 4.59
C ASP D 18 -30.78 16.10 4.87
N THR D 19 -30.33 17.09 4.12
CA THR D 19 -30.75 18.50 4.35
C THR D 19 -30.50 19.35 3.16
N ALA D 20 -31.08 20.54 3.22
CA ALA D 20 -30.67 21.66 2.42
C ALA D 20 -30.32 22.87 3.31
N ASN D 21 -30.38 22.70 4.64
CA ASN D 21 -30.12 23.80 5.55
C ASN D 21 -28.65 24.00 5.76
N LEU D 22 -28.18 25.20 5.48
CA LEU D 22 -26.73 25.51 5.49
C LEU D 22 -26.14 25.67 6.90
N GLU D 23 -26.96 26.10 7.85
CA GLU D 23 -26.50 26.21 9.25
C GLU D 23 -26.22 24.81 9.78
N GLU D 24 -27.15 23.88 9.55
CA GLU D 24 -26.95 22.48 9.97
C GLU D 24 -25.69 21.88 9.34
N ILE D 25 -25.48 22.13 8.07
CA ILE D 25 -24.29 21.68 7.39
C ILE D 25 -23.01 22.33 7.93
N LYS D 26 -23.07 23.62 8.24
CA LYS D 26 -21.90 24.29 8.82
C LYS D 26 -21.56 23.68 10.18
N LYS D 27 -22.57 23.45 10.98
CA LYS D 27 -22.39 22.80 12.28
C LYS D 27 -21.71 21.41 12.07
N GLY D 28 -22.25 20.67 11.09
CA GLY D 28 -21.72 19.38 10.71
C GLY D 28 -20.25 19.43 10.34
N VAL D 29 -19.86 20.43 9.56
CA VAL D 29 -18.42 20.57 9.16
C VAL D 29 -17.55 21.12 10.32
N GLU D 30 -18.11 22.04 11.11
CA GLU D 30 -17.47 22.52 12.33
C GLU D 30 -17.09 21.35 13.24
N TRP D 31 -17.98 20.37 13.34
CA TRP D 31 -17.72 19.20 14.16
C TRP D 31 -16.73 18.22 13.50
N GLY D 32 -16.54 18.36 12.20
CA GLY D 32 -15.62 17.46 11.48
C GLY D 32 -16.18 16.07 11.33
N ILE D 33 -17.51 16.00 11.24
CA ILE D 33 -18.28 14.76 11.23
C ILE D 33 -19.03 14.53 9.93
N VAL D 34 -19.37 15.60 9.23
CA VAL D 34 -20.19 15.46 8.04
C VAL D 34 -19.29 15.53 6.80
N ASP D 35 -19.40 14.51 5.96
CA ASP D 35 -18.56 14.34 4.76
C ASP D 35 -19.29 14.70 3.46
N GLY D 36 -20.60 14.85 3.51
CA GLY D 36 -21.37 15.14 2.34
C GLY D 36 -22.82 15.41 2.69
N VAL D 37 -23.63 15.58 1.67
CA VAL D 37 -25.05 15.95 1.82
C VAL D 37 -25.87 15.23 0.76
N THR D 38 -27.03 14.71 1.16
CA THR D 38 -28.04 14.22 0.20
C THR D 38 -29.20 15.18 0.27
N THR D 39 -29.74 15.50 -0.90
CA THR D 39 -30.67 16.63 -1.02
C THR D 39 -31.89 16.22 -1.83
N ASN D 40 -32.92 17.08 -1.78
CA ASN D 40 -34.11 16.96 -2.66
C ASN D 40 -34.85 18.32 -2.74
N PRO D 41 -35.69 18.48 -3.75
CA PRO D 41 -36.40 19.76 -3.95
C PRO D 41 -37.19 20.20 -2.74
N THR D 42 -37.88 19.27 -2.09
CA THR D 42 -38.71 19.56 -0.89
C THR D 42 -37.89 20.31 0.15
N LEU D 43 -36.70 19.77 0.46
CA LEU D 43 -35.79 20.28 1.50
C LEU D 43 -35.23 21.69 1.19
N ILE D 44 -34.71 21.79 -0.03
CA ILE D 44 -34.38 23.04 -0.69
C ILE D 44 -35.56 23.99 -0.65
N SER D 45 -36.70 23.55 -1.18
CA SER D 45 -37.90 24.39 -1.23
C SER D 45 -38.15 24.94 0.15
N LYS D 46 -38.09 24.07 1.16
CA LYS D 46 -38.38 24.51 2.52
C LYS D 46 -37.37 25.55 3.10
N GLU D 47 -36.17 25.63 2.51
CA GLU D 47 -35.20 26.70 2.80
C GLU D 47 -35.51 28.03 2.12
N GLY D 48 -36.45 28.03 1.19
CA GLY D 48 -36.77 29.22 0.38
C GLY D 48 -35.74 29.47 -0.71
N ALA D 49 -35.27 28.40 -1.34
CA ALA D 49 -34.09 28.44 -2.21
C ALA D 49 -34.37 27.81 -3.56
N GLU D 50 -33.68 28.32 -4.59
CA GLU D 50 -33.68 27.71 -5.92
C GLU D 50 -32.74 26.48 -5.93
N PHE D 51 -33.07 25.51 -6.78
CA PHE D 51 -32.42 24.22 -6.77
C PHE D 51 -30.92 24.25 -7.10
N LYS D 52 -30.58 24.72 -8.31
CA LYS D 52 -29.20 24.70 -8.76
C LYS D 52 -28.35 25.59 -7.86
N GLN D 53 -28.83 26.79 -7.53
CA GLN D 53 -28.08 27.66 -6.60
C GLN D 53 -27.79 27.01 -5.24
N ARG D 54 -28.80 26.39 -4.65
CA ARG D 54 -28.69 25.79 -3.33
C ARG D 54 -27.67 24.67 -3.35
N VAL D 55 -27.69 23.89 -4.41
CA VAL D 55 -26.72 22.82 -4.61
C VAL D 55 -25.30 23.34 -4.66
N LYS D 56 -25.08 24.47 -5.33
CA LYS D 56 -23.76 25.11 -5.37
C LYS D 56 -23.30 25.52 -3.97
N GLU D 57 -24.18 26.21 -3.23
CA GLU D 57 -23.83 26.70 -1.88
C GLU D 57 -23.51 25.55 -0.92
N ILE D 58 -24.22 24.44 -1.06
CA ILE D 58 -23.97 23.25 -0.26
C ILE D 58 -22.61 22.65 -0.61
N CYS D 59 -22.33 22.50 -1.91
CA CYS D 59 -21.05 22.05 -2.37
C CYS D 59 -19.87 22.87 -1.80
N ASP D 60 -19.98 24.18 -1.91
CA ASP D 60 -18.94 25.07 -1.39
C ASP D 60 -18.74 24.89 0.13
N LEU D 61 -19.82 24.56 0.83
CA LEU D 61 -19.79 24.47 2.28
C LEU D 61 -19.28 23.10 2.78
N VAL D 62 -19.79 22.02 2.22
CA VAL D 62 -19.42 20.67 2.68
C VAL D 62 -18.13 20.19 2.03
N LYS D 63 -17.85 20.68 0.81
CA LYS D 63 -16.68 20.26 0.08
C LYS D 63 -16.57 18.75 0.12
N GLY D 64 -17.67 18.09 -0.24
CA GLY D 64 -17.73 16.66 -0.35
C GLY D 64 -18.93 16.32 -1.21
N PRO D 65 -19.20 15.04 -1.35
CA PRO D 65 -20.28 14.57 -2.23
C PRO D 65 -21.65 15.17 -1.87
N VAL D 66 -22.28 15.84 -2.84
CA VAL D 66 -23.59 16.40 -2.71
C VAL D 66 -24.50 15.76 -3.73
N SER D 67 -25.41 14.90 -3.26
CA SER D 67 -26.34 14.21 -4.13
C SER D 67 -27.56 15.06 -4.45
N ALA D 68 -27.87 15.18 -5.74
CA ALA D 68 -28.98 15.99 -6.22
C ALA D 68 -29.76 15.28 -7.34
N GLU D 69 -31.07 15.34 -7.23
CA GLU D 69 -31.98 14.62 -8.10
C GLU D 69 -32.24 15.39 -9.40
N VAL D 70 -32.46 14.63 -10.48
CA VAL D 70 -32.88 15.18 -11.75
C VAL D 70 -34.40 15.12 -11.84
N VAL D 71 -34.96 15.93 -12.72
CA VAL D 71 -36.41 15.99 -12.91
C VAL D 71 -36.88 14.80 -13.76
N SER D 72 -36.25 14.57 -14.91
CA SER D 72 -36.74 13.63 -15.91
C SER D 72 -36.67 12.18 -15.45
N LEU D 73 -37.51 11.36 -16.06
CA LEU D 73 -37.49 9.92 -15.81
C LEU D 73 -37.16 9.14 -17.07
N ASP D 74 -37.18 9.76 -18.24
CA ASP D 74 -36.71 9.07 -19.44
C ASP D 74 -35.19 9.17 -19.51
N TYR D 75 -34.59 8.18 -20.16
CA TYR D 75 -33.14 8.06 -20.26
C TYR D 75 -32.48 9.30 -20.83
N GLU D 76 -32.97 9.78 -21.96
CA GLU D 76 -32.37 10.93 -22.63
C GLU D 76 -32.41 12.19 -21.74
N GLY D 77 -33.58 12.47 -21.15
CA GLY D 77 -33.74 13.61 -20.26
C GLY D 77 -32.92 13.49 -19.00
N MET D 78 -32.83 12.30 -18.41
CA MET D 78 -31.98 12.12 -17.21
C MET D 78 -30.50 12.43 -17.48
N VAL D 79 -30.02 11.94 -18.63
CA VAL D 79 -28.63 12.15 -19.02
C VAL D 79 -28.38 13.60 -19.30
N ARG D 80 -29.25 14.24 -20.10
CA ARG D 80 -29.17 15.67 -20.40
C ARG D 80 -29.04 16.48 -19.12
N GLU D 81 -29.93 16.22 -18.17
CA GLU D 81 -29.97 16.99 -16.95
C GLU D 81 -28.80 16.71 -16.04
N ALA D 82 -28.40 15.44 -15.98
CA ALA D 82 -27.24 15.04 -15.17
C ALA D 82 -26.01 15.83 -15.60
N ARG D 83 -25.80 15.95 -16.91
CA ARG D 83 -24.64 16.70 -17.42
C ARG D 83 -24.73 18.17 -17.01
N GLU D 84 -25.93 18.73 -17.00
CA GLU D 84 -26.10 20.13 -16.61
C GLU D 84 -25.80 20.30 -15.10
N LEU D 85 -26.34 19.41 -14.27
CA LEU D 85 -26.10 19.50 -12.84
C LEU D 85 -24.63 19.26 -12.50
N ALA D 86 -23.99 18.35 -13.23
CA ALA D 86 -22.59 17.98 -12.98
C ALA D 86 -21.67 19.19 -13.20
N GLN D 87 -22.05 20.08 -14.11
CA GLN D 87 -21.30 21.31 -14.35
C GLN D 87 -21.28 22.27 -13.15
N ILE D 88 -22.19 22.11 -12.21
CA ILE D 88 -22.22 23.06 -11.06
C ILE D 88 -20.96 22.99 -10.22
N SER D 89 -20.48 21.75 -10.01
CA SER D 89 -19.39 21.52 -9.10
C SER D 89 -18.86 20.08 -9.20
N GLU D 90 -17.57 19.93 -8.99
CA GLU D 90 -16.95 18.60 -8.96
C GLU D 90 -17.55 17.66 -7.89
N TYR D 91 -18.15 18.26 -6.86
CA TYR D 91 -18.74 17.49 -5.75
C TYR D 91 -20.16 16.97 -6.00
N VAL D 92 -20.82 17.44 -7.05
CA VAL D 92 -22.19 17.02 -7.32
C VAL D 92 -22.24 15.56 -7.74
N VAL D 93 -23.18 14.84 -7.11
CA VAL D 93 -23.48 13.46 -7.46
C VAL D 93 -24.94 13.42 -7.92
N ILE D 94 -25.22 12.77 -9.04
CA ILE D 94 -26.58 12.77 -9.62
C ILE D 94 -27.40 11.59 -9.03
N LYS D 95 -28.50 11.94 -8.37
CA LYS D 95 -29.45 10.96 -7.88
C LYS D 95 -30.26 10.42 -9.09
N ILE D 96 -30.28 9.09 -9.22
CA ILE D 96 -30.96 8.41 -10.30
C ILE D 96 -31.89 7.39 -9.64
N PRO D 97 -33.18 7.39 -9.96
CA PRO D 97 -34.09 6.42 -9.39
C PRO D 97 -33.76 5.06 -9.94
N MET D 98 -34.01 4.02 -9.17
CA MET D 98 -33.79 2.66 -9.64
C MET D 98 -34.84 2.19 -10.68
N THR D 99 -34.56 2.42 -11.96
CA THR D 99 -35.43 1.91 -13.04
C THR D 99 -34.55 1.46 -14.19
N PRO D 100 -35.11 0.71 -15.14
CA PRO D 100 -34.38 0.36 -16.36
C PRO D 100 -33.70 1.56 -17.05
N ASP D 101 -34.44 2.63 -17.34
CA ASP D 101 -33.87 3.88 -17.92
C ASP D 101 -32.84 4.53 -17.00
N GLY D 102 -33.09 4.52 -15.69
CA GLY D 102 -32.11 5.01 -14.70
C GLY D 102 -30.78 4.27 -14.73
N ILE D 103 -30.87 2.96 -14.91
CA ILE D 103 -29.69 2.10 -15.00
C ILE D 103 -28.96 2.32 -16.32
N LYS D 104 -29.72 2.49 -17.40
CA LYS D 104 -29.19 2.89 -18.70
C LYS D 104 -28.39 4.19 -18.56
N ALA D 105 -28.97 5.16 -17.85
CA ALA D 105 -28.31 6.46 -17.64
C ALA D 105 -27.03 6.30 -16.85
N VAL D 106 -27.03 5.44 -15.85
CA VAL D 106 -25.81 5.25 -15.07
C VAL D 106 -24.66 4.71 -15.91
N LYS D 107 -24.97 3.77 -16.80
CA LYS D 107 -23.98 3.20 -17.69
C LYS D 107 -23.37 4.28 -18.54
N THR D 108 -24.21 5.15 -19.08
CA THR D 108 -23.78 6.31 -19.89
C THR D 108 -22.98 7.33 -19.08
N LEU D 109 -23.53 7.75 -17.93
CA LEU D 109 -22.89 8.76 -17.09
C LEU D 109 -21.57 8.29 -16.46
N SER D 110 -21.52 7.04 -16.04
CA SER D 110 -20.26 6.46 -15.54
C SER D 110 -19.12 6.56 -16.56
N ALA D 111 -19.43 6.21 -17.79
CA ALA D 111 -18.49 6.30 -18.88
C ALA D 111 -17.98 7.72 -19.12
N GLU D 112 -18.77 8.73 -18.76
CA GLU D 112 -18.36 10.16 -18.89
C GLU D 112 -17.77 10.75 -17.63
N GLY D 113 -17.52 9.94 -16.63
CA GLY D 113 -16.96 10.47 -15.40
C GLY D 113 -17.93 11.23 -14.52
N ILE D 114 -19.23 11.03 -14.73
CA ILE D 114 -20.25 11.71 -13.93
C ILE D 114 -20.73 10.79 -12.85
N LYS D 115 -20.64 11.24 -11.61
CA LYS D 115 -20.90 10.40 -10.45
C LYS D 115 -22.39 10.28 -10.23
N THR D 116 -22.83 9.10 -9.78
CA THR D 116 -24.22 8.79 -9.66
C THR D 116 -24.53 8.07 -8.34
N ASN D 117 -25.77 8.26 -7.92
CA ASN D 117 -26.30 7.71 -6.68
C ASN D 117 -27.65 7.12 -7.01
N VAL D 118 -27.68 5.79 -7.05
CA VAL D 118 -28.92 5.10 -7.39
C VAL D 118 -29.76 5.01 -6.15
N THR D 119 -30.94 5.59 -6.22
CA THR D 119 -31.78 5.71 -5.06
C THR D 119 -33.10 4.93 -5.26
N LEU D 120 -33.96 4.89 -4.25
CA LEU D 120 -35.18 4.08 -4.25
C LEU D 120 -34.89 2.59 -4.44
N VAL D 121 -33.90 2.11 -3.67
CA VAL D 121 -33.49 0.72 -3.68
C VAL D 121 -34.08 0.03 -2.47
N PHE D 122 -34.84 -1.03 -2.74
CA PHE D 122 -35.57 -1.76 -1.72
C PHE D 122 -35.34 -3.26 -1.77
N SER D 123 -34.38 -3.71 -2.59
CA SER D 123 -34.02 -5.12 -2.64
C SER D 123 -32.55 -5.27 -3.00
N PRO D 124 -31.95 -6.38 -2.58
CA PRO D 124 -30.58 -6.71 -2.99
C PRO D 124 -30.39 -6.95 -4.50
N ALA D 125 -31.43 -7.39 -5.20
CA ALA D 125 -31.38 -7.56 -6.64
C ALA D 125 -31.19 -6.22 -7.32
N GLN D 126 -31.95 -5.22 -6.89
CA GLN D 126 -31.81 -3.87 -7.42
C GLN D 126 -30.38 -3.37 -7.16
N ALA D 127 -29.85 -3.59 -5.98
CA ALA D 127 -28.48 -3.14 -5.64
C ALA D 127 -27.35 -3.75 -6.47
N ILE D 128 -27.57 -4.97 -6.93
CA ILE D 128 -26.63 -5.65 -7.79
C ILE D 128 -26.58 -4.96 -9.14
N LEU D 129 -27.75 -4.69 -9.70
CA LEU D 129 -27.81 -4.07 -11.01
C LEU D 129 -27.22 -2.68 -10.91
N ALA D 130 -27.48 -1.96 -9.82
CA ALA D 130 -26.93 -0.60 -9.67
C ALA D 130 -25.43 -0.66 -9.74
N ALA D 131 -24.82 -1.57 -8.99
CA ALA D 131 -23.39 -1.74 -8.97
C ALA D 131 -22.85 -2.09 -10.32
N LYS D 132 -23.50 -3.05 -10.97
CA LYS D 132 -23.05 -3.59 -12.28
C LYS D 132 -23.08 -2.52 -13.33
N ALA D 133 -24.05 -1.63 -13.25
CA ALA D 133 -24.15 -0.55 -14.24
C ALA D 133 -23.09 0.52 -13.98
N GLY D 134 -22.47 0.49 -12.81
CA GLY D 134 -21.38 1.40 -12.49
C GLY D 134 -21.71 2.57 -11.57
N ALA D 135 -22.74 2.44 -10.77
CA ALA D 135 -23.14 3.51 -9.84
C ALA D 135 -22.01 3.88 -8.92
N THR D 136 -21.84 5.16 -8.61
CA THR D 136 -20.84 5.52 -7.62
C THR D 136 -21.34 5.10 -6.25
N TYR D 137 -22.61 5.30 -6.02
CA TYR D 137 -23.28 4.95 -4.79
C TYR D 137 -24.62 4.28 -5.05
N VAL D 138 -25.05 3.49 -4.07
CA VAL D 138 -26.42 2.97 -4.01
C VAL D 138 -27.04 3.30 -2.64
N SER D 139 -28.33 3.68 -2.66
CA SER D 139 -29.02 4.13 -1.44
C SER D 139 -30.21 3.27 -1.17
N PRO D 140 -30.00 2.22 -0.38
CA PRO D 140 -31.09 1.41 0.14
C PRO D 140 -31.93 2.13 1.21
N PHE D 141 -33.25 2.06 1.09
CA PHE D 141 -34.15 2.77 1.97
C PHE D 141 -34.60 1.90 3.13
N VAL D 142 -33.87 2.02 4.23
CA VAL D 142 -34.00 1.18 5.40
C VAL D 142 -35.29 1.41 6.15
N GLY D 143 -35.49 2.65 6.59
CA GLY D 143 -36.67 2.98 7.40
C GLY D 143 -37.99 2.72 6.73
N ARG D 144 -38.11 2.97 5.42
CA ARG D 144 -39.38 2.71 4.72
C ARG D 144 -39.67 1.22 4.62
N MET D 145 -38.63 0.39 4.51
CA MET D 145 -38.80 -1.08 4.56
C MET D 145 -39.18 -1.54 5.94
N ASP D 146 -38.54 -0.95 6.93
CA ASP D 146 -38.83 -1.23 8.32
C ASP D 146 -40.31 -1.03 8.60
N ASP D 147 -40.91 0.02 8.03
CA ASP D 147 -42.32 0.33 8.26
C ASP D 147 -43.30 -0.61 7.66
N LEU D 148 -42.85 -1.35 6.64
CA LEU D 148 -43.62 -2.47 6.05
C LEU D 148 -43.52 -3.72 6.94
N SER D 149 -42.70 -3.60 7.99
CA SER D 149 -42.30 -4.68 8.87
C SER D 149 -41.67 -5.85 8.06
N ASN D 150 -41.01 -5.53 6.95
CA ASN D 150 -40.22 -6.50 6.21
C ASN D 150 -38.71 -6.35 6.45
N ASP D 151 -38.33 -5.55 7.47
CA ASP D 151 -36.94 -5.48 7.99
C ASP D 151 -35.93 -4.83 7.00
N GLY D 152 -35.80 -3.51 7.05
CA GLY D 152 -34.89 -2.79 6.21
C GLY D 152 -33.43 -3.00 6.57
N MET D 153 -33.16 -3.22 7.85
CA MET D 153 -31.77 -3.53 8.26
C MET D 153 -31.28 -4.86 7.71
N ARG D 154 -32.17 -5.83 7.61
CA ARG D 154 -31.82 -7.12 7.04
C ARG D 154 -31.52 -6.97 5.54
N MET D 155 -32.31 -6.18 4.82
CA MET D 155 -32.07 -5.98 3.40
C MET D 155 -30.78 -5.19 3.17
N LEU D 156 -30.49 -4.26 4.04
CA LEU D 156 -29.24 -3.54 3.99
C LEU D 156 -28.07 -4.50 4.20
N GLY D 157 -28.19 -5.41 5.15
CA GLY D 157 -27.10 -6.33 5.45
C GLY D 157 -26.87 -7.31 4.33
N GLU D 158 -27.93 -7.60 3.59
CA GLU D 158 -27.83 -8.48 2.46
C GLU D 158 -27.03 -7.80 1.33
N ILE D 159 -27.24 -6.51 1.17
CA ILE D 159 -26.53 -5.72 0.15
C ILE D 159 -25.04 -5.54 0.50
N VAL D 160 -24.78 -5.20 1.76
CA VAL D 160 -23.44 -5.14 2.29
C VAL D 160 -22.67 -6.44 2.05
N GLU D 161 -23.32 -7.56 2.38
CA GLU D 161 -22.74 -8.91 2.16
C GLU D 161 -22.38 -9.17 0.70
N ILE D 162 -23.34 -8.89 -0.17
CA ILE D 162 -23.18 -9.12 -1.59
C ILE D 162 -22.05 -8.27 -2.16
N TYR D 163 -21.98 -7.01 -1.73
CA TYR D 163 -20.99 -6.08 -2.19
C TYR D 163 -19.62 -6.46 -1.65
N ASN D 164 -19.57 -7.03 -0.42
CA ASN D 164 -18.29 -7.52 0.10
C ASN D 164 -17.86 -8.69 -0.75
N ASN D 165 -18.80 -9.56 -1.13
CA ASN D 165 -18.40 -10.76 -1.86
C ASN D 165 -17.72 -10.44 -3.19
N TYR D 166 -18.13 -9.36 -3.85
CA TYR D 166 -17.64 -9.05 -5.19
C TYR D 166 -16.80 -7.80 -5.29
N GLY D 167 -16.70 -7.04 -4.20
CA GLY D 167 -15.88 -5.83 -4.20
C GLY D 167 -16.31 -4.86 -5.29
N PHE D 168 -17.61 -4.74 -5.55
CA PHE D 168 -18.13 -3.65 -6.37
C PHE D 168 -17.51 -2.32 -5.84
N GLU D 169 -17.11 -1.44 -6.75
CA GLU D 169 -16.58 -0.10 -6.41
C GLU D 169 -17.66 0.75 -5.80
N THR D 170 -18.90 0.48 -6.19
CA THR D 170 -20.06 1.19 -5.67
C THR D 170 -20.08 1.21 -4.15
N GLU D 171 -20.32 2.38 -3.58
CA GLU D 171 -20.40 2.53 -2.14
C GLU D 171 -21.85 2.57 -1.66
N ILE D 172 -22.12 1.95 -0.53
CA ILE D 172 -23.49 1.86 0.02
C ILE D 172 -23.75 3.03 0.95
N ILE D 173 -24.81 3.78 0.65
CA ILE D 173 -25.36 4.79 1.54
C ILE D 173 -26.65 4.27 2.19
N ALA D 174 -26.56 3.87 3.44
CA ALA D 174 -27.77 3.57 4.23
C ALA D 174 -28.63 4.82 4.30
N ALA D 175 -29.79 4.74 3.67
CA ALA D 175 -30.66 5.88 3.54
C ALA D 175 -31.99 5.61 4.25
N SER D 176 -32.87 6.59 4.29
CA SER D 176 -34.12 6.53 5.03
C SER D 176 -33.83 6.10 6.48
N ILE D 177 -32.89 6.83 7.07
CA ILE D 177 -32.42 6.62 8.46
C ILE D 177 -33.23 7.48 9.38
N ARG D 178 -33.81 6.87 10.40
CA ARG D 178 -34.82 7.51 11.24
C ARG D 178 -34.39 7.77 12.66
N HIS D 179 -33.43 7.00 13.14
CA HIS D 179 -33.10 6.97 14.55
C HIS D 179 -31.70 6.40 14.75
N PRO D 180 -31.14 6.63 15.95
CA PRO D 180 -29.78 6.27 16.23
C PRO D 180 -29.44 4.82 16.07
N MET D 181 -30.36 3.89 16.38
CA MET D 181 -30.05 2.47 16.24
C MET D 181 -29.85 2.07 14.76
N HIS D 182 -30.53 2.77 13.86
CA HIS D 182 -30.29 2.57 12.42
C HIS D 182 -28.80 2.85 12.13
N VAL D 183 -28.27 3.89 12.75
CA VAL D 183 -26.90 4.29 12.54
C VAL D 183 -25.94 3.25 13.10
N VAL D 184 -26.19 2.88 14.34
CA VAL D 184 -25.36 1.91 15.08
C VAL D 184 -25.34 0.52 14.44
N GLU D 185 -26.50 0.05 13.99
CA GLU D 185 -26.60 -1.24 13.29
C GLU D 185 -25.94 -1.15 11.95
N ALA D 186 -26.15 -0.07 11.23
CA ALA D 186 -25.46 0.13 9.94
C ALA D 186 -23.94 0.15 10.08
N ALA D 187 -23.45 0.79 11.13
CA ALA D 187 -22.02 0.79 11.49
C ALA D 187 -21.47 -0.60 11.88
N LEU D 188 -22.24 -1.36 12.67
CA LEU D 188 -21.82 -2.70 13.08
C LEU D 188 -21.73 -3.64 11.85
N MET D 189 -22.55 -3.44 10.82
CA MET D 189 -22.42 -4.27 9.63
C MET D 189 -21.40 -3.67 8.65
N GLY D 190 -20.90 -2.46 8.95
CA GLY D 190 -19.85 -1.85 8.14
C GLY D 190 -20.32 -1.26 6.82
N VAL D 191 -21.47 -0.62 6.81
CA VAL D 191 -21.90 0.12 5.66
C VAL D 191 -20.91 1.27 5.42
N ASP D 192 -20.77 1.66 4.16
CA ASP D 192 -19.78 2.63 3.76
C ASP D 192 -20.16 3.98 4.25
N ILE D 193 -21.44 4.34 4.10
CA ILE D 193 -21.92 5.69 4.39
C ILE D 193 -23.31 5.58 4.99
N VAL D 194 -23.60 6.45 5.95
CA VAL D 194 -24.96 6.63 6.46
C VAL D 194 -25.36 8.07 6.21
N THR D 195 -26.52 8.27 5.59
CA THR D 195 -27.05 9.56 5.40
C THR D 195 -28.24 9.72 6.31
N MET D 196 -28.27 10.79 7.07
CA MET D 196 -29.28 10.95 8.13
C MET D 196 -29.74 12.40 8.28
N PRO D 197 -30.93 12.61 8.83
CA PRO D 197 -31.34 13.93 9.21
C PRO D 197 -30.47 14.48 10.33
N PHE D 198 -30.35 15.80 10.37
CA PHE D 198 -29.56 16.49 11.37
C PHE D 198 -30.03 16.10 12.76
N ALA D 199 -31.36 16.03 12.94
CA ALA D 199 -31.99 15.68 14.19
C ALA D 199 -31.47 14.37 14.69
N VAL D 200 -31.25 13.40 13.79
CA VAL D 200 -30.66 12.12 14.19
C VAL D 200 -29.20 12.27 14.59
N LEU D 201 -28.45 13.04 13.82
CA LEU D 201 -27.06 13.33 14.18
C LEU D 201 -26.93 13.94 15.56
N GLU D 202 -27.77 14.94 15.88
CA GLU D 202 -27.72 15.55 17.20
C GLU D 202 -27.88 14.50 18.31
N LYS D 203 -28.78 13.55 18.10
CA LYS D 203 -29.04 12.52 19.09
C LYS D 203 -27.83 11.65 19.38
N LEU D 204 -27.00 11.44 18.39
CA LEU D 204 -25.82 10.64 18.51
C LEU D 204 -24.81 11.17 19.55
N PHE D 205 -24.77 12.49 19.73
CA PHE D 205 -23.87 13.09 20.72
C PHE D 205 -24.26 12.74 22.15
N LYS D 206 -25.54 12.41 22.35
CA LYS D 206 -26.16 12.52 23.66
C LYS D 206 -26.21 11.22 24.49
N HIS D 207 -25.94 11.34 25.79
CA HIS D 207 -26.19 10.29 26.73
C HIS D 207 -26.37 10.86 28.12
N PRO D 208 -27.34 10.35 28.89
CA PRO D 208 -27.59 10.88 30.26
C PRO D 208 -26.42 10.69 31.22
N MET D 209 -25.64 9.64 31.01
CA MET D 209 -24.48 9.39 31.86
C MET D 209 -23.33 10.36 31.56
N THR D 210 -23.22 10.77 30.29
CA THR D 210 -22.31 11.85 29.93
C THR D 210 -22.66 13.13 30.73
N ASP D 211 -23.94 13.47 30.76
CA ASP D 211 -24.40 14.69 31.45
C ASP D 211 -24.16 14.62 32.95
N LEU D 212 -24.39 13.45 33.52
CA LEU D 212 -24.14 13.22 34.94
C LEU D 212 -22.64 13.28 35.27
N GLY D 213 -21.81 12.72 34.37
CA GLY D 213 -20.35 12.79 34.49
C GLY D 213 -19.88 14.23 34.50
N ILE D 214 -20.44 15.01 33.59
CA ILE D 214 -20.10 16.44 33.52
C ILE D 214 -20.50 17.21 34.75
N GLU D 215 -21.67 16.92 35.32
CA GLU D 215 -22.05 17.56 36.62
C GLU D 215 -21.12 17.10 37.73
N ARG D 216 -20.73 15.82 37.73
CA ARG D 216 -19.81 15.30 38.76
C ARG D 216 -18.36 15.82 38.68
N PHE D 217 -17.82 15.99 37.48
CA PHE D 217 -16.51 16.61 37.40
C PHE D 217 -16.75 18.14 37.22
N MET D 218 -17.86 18.61 37.80
CA MET D 218 -18.10 20.02 38.12
C MET D 218 -18.27 20.08 39.65
N GLU D 219 -19.09 19.17 40.20
CA GLU D 219 -19.28 19.07 41.65
C GLU D 219 -17.94 19.16 42.38
N ASP D 220 -16.90 18.56 41.81
CA ASP D 220 -15.58 18.57 42.44
C ASP D 220 -14.46 18.84 41.42
N HIS E 12 -16.35 -8.66 -9.83
CA HIS E 12 -17.76 -8.37 -10.25
C HIS E 12 -18.54 -9.62 -10.60
N MET E 13 -19.75 -9.69 -10.08
CA MET E 13 -20.66 -10.73 -10.45
C MET E 13 -21.07 -10.52 -11.90
N LYS E 14 -21.04 -11.60 -12.69
CA LYS E 14 -21.46 -11.55 -14.09
C LYS E 14 -22.89 -12.02 -14.22
N ILE E 15 -23.62 -11.42 -15.17
CA ILE E 15 -24.94 -11.88 -15.51
C ILE E 15 -24.87 -12.29 -16.99
N PHE E 16 -25.21 -13.54 -17.28
CA PHE E 16 -25.49 -13.96 -18.65
C PHE E 16 -27.00 -14.08 -18.85
N LEU E 17 -27.42 -13.98 -20.10
CA LEU E 17 -28.80 -14.24 -20.49
C LEU E 17 -28.98 -15.61 -21.11
N ASP E 18 -29.97 -16.36 -20.64
CA ASP E 18 -30.42 -17.57 -21.34
C ASP E 18 -31.37 -17.17 -22.41
N THR E 19 -30.85 -16.98 -23.60
CA THR E 19 -31.68 -16.51 -24.68
C THR E 19 -30.94 -16.66 -26.01
N ALA E 20 -31.72 -16.54 -27.08
CA ALA E 20 -31.21 -16.33 -28.41
C ALA E 20 -31.86 -15.06 -29.03
N ASN E 21 -32.61 -14.32 -28.24
CA ASN E 21 -33.31 -13.13 -28.76
C ASN E 21 -32.39 -11.91 -28.74
N LEU E 22 -32.20 -11.30 -29.90
CA LEU E 22 -31.28 -10.19 -30.03
C LEU E 22 -31.77 -8.87 -29.40
N GLU E 23 -33.08 -8.66 -29.38
CA GLU E 23 -33.64 -7.44 -28.76
C GLU E 23 -33.37 -7.49 -27.26
N GLU E 24 -33.67 -8.65 -26.64
CA GLU E 24 -33.45 -8.75 -25.21
C GLU E 24 -31.95 -8.65 -24.87
N ILE E 25 -31.09 -9.19 -25.71
CA ILE E 25 -29.63 -9.01 -25.53
C ILE E 25 -29.19 -7.55 -25.71
N LYS E 26 -29.76 -6.84 -26.70
CA LYS E 26 -29.46 -5.42 -26.87
C LYS E 26 -29.86 -4.61 -25.64
N LYS E 27 -31.00 -4.93 -25.02
CA LYS E 27 -31.46 -4.20 -23.84
C LYS E 27 -30.46 -4.50 -22.70
N GLY E 28 -30.15 -5.78 -22.56
CA GLY E 28 -29.19 -6.19 -21.57
C GLY E 28 -27.87 -5.44 -21.65
N VAL E 29 -27.37 -5.22 -22.87
CA VAL E 29 -26.13 -4.43 -23.09
C VAL E 29 -26.34 -2.92 -22.95
N GLU E 30 -27.47 -2.40 -23.43
CA GLU E 30 -27.87 -0.99 -23.18
C GLU E 30 -27.86 -0.68 -21.65
N TRP E 31 -28.37 -1.62 -20.85
CA TRP E 31 -28.42 -1.45 -19.40
C TRP E 31 -27.05 -1.60 -18.81
N GLY E 32 -26.13 -2.21 -19.54
CA GLY E 32 -24.77 -2.39 -19.05
C GLY E 32 -24.70 -3.42 -17.98
N ILE E 33 -25.60 -4.37 -18.02
CA ILE E 33 -25.65 -5.39 -16.97
C ILE E 33 -25.46 -6.82 -17.52
N VAL E 34 -25.57 -7.02 -18.83
CA VAL E 34 -25.38 -8.37 -19.41
C VAL E 34 -23.99 -8.56 -19.96
N ASP E 35 -23.27 -9.54 -19.43
CA ASP E 35 -21.89 -9.80 -19.77
C ASP E 35 -21.70 -10.89 -20.85
N GLY E 36 -22.73 -11.69 -21.04
CA GLY E 36 -22.61 -12.81 -21.93
C GLY E 36 -23.93 -13.48 -22.09
N VAL E 37 -23.92 -14.58 -22.85
CA VAL E 37 -25.16 -15.28 -23.20
C VAL E 37 -24.96 -16.77 -23.14
N THR E 38 -25.94 -17.51 -22.63
CA THR E 38 -25.97 -18.98 -22.78
C THR E 38 -27.11 -19.32 -23.73
N THR E 39 -26.83 -20.18 -24.72
CA THR E 39 -27.82 -20.52 -25.76
C THR E 39 -28.10 -21.99 -25.82
N ASN E 40 -29.09 -22.33 -26.62
CA ASN E 40 -29.38 -23.70 -27.06
C ASN E 40 -30.16 -23.68 -28.39
N PRO E 41 -30.15 -24.76 -29.14
CA PRO E 41 -30.86 -24.78 -30.44
C PRO E 41 -32.38 -24.46 -30.36
N THR E 42 -33.05 -24.77 -29.26
CA THR E 42 -34.51 -24.56 -29.19
C THR E 42 -34.91 -23.06 -29.11
N LEU E 43 -34.13 -22.28 -28.32
CA LEU E 43 -34.26 -20.81 -28.26
C LEU E 43 -34.13 -20.11 -29.64
N ILE E 44 -33.13 -20.60 -30.40
CA ILE E 44 -32.80 -20.12 -31.74
C ILE E 44 -33.91 -20.51 -32.71
N SER E 45 -34.27 -21.79 -32.70
CA SER E 45 -35.44 -22.30 -33.44
C SER E 45 -36.69 -21.49 -33.12
N LYS E 46 -36.89 -21.14 -31.85
CA LYS E 46 -38.06 -20.33 -31.50
C LYS E 46 -38.03 -18.96 -32.19
N GLU E 47 -36.80 -18.49 -32.50
CA GLU E 47 -36.55 -17.20 -33.17
C GLU E 47 -36.56 -17.23 -34.70
N GLY E 48 -36.76 -18.41 -35.28
CA GLY E 48 -36.69 -18.62 -36.72
C GLY E 48 -35.28 -18.57 -37.28
N ALA E 49 -34.32 -19.18 -36.58
CA ALA E 49 -32.89 -18.97 -36.92
C ALA E 49 -32.09 -20.26 -37.14
N GLU E 50 -31.14 -20.21 -38.09
CA GLU E 50 -30.09 -21.20 -38.22
C GLU E 50 -29.08 -20.98 -37.09
N PHE E 51 -28.75 -22.09 -36.41
CA PHE E 51 -27.87 -22.16 -35.26
C PHE E 51 -26.60 -21.30 -35.29
N LYS E 52 -25.57 -21.72 -36.02
CA LYS E 52 -24.43 -20.84 -36.21
C LYS E 52 -24.94 -19.76 -37.15
N GLN E 53 -24.64 -18.54 -36.77
CA GLN E 53 -25.14 -17.33 -37.45
C GLN E 53 -25.79 -16.57 -36.35
N ARG E 54 -26.66 -17.29 -35.66
CA ARG E 54 -27.34 -16.74 -34.57
C ARG E 54 -26.33 -16.63 -33.42
N VAL E 55 -25.38 -17.56 -33.36
CA VAL E 55 -24.25 -17.52 -32.42
C VAL E 55 -23.30 -16.37 -32.79
N LYS E 56 -22.99 -16.21 -34.09
CA LYS E 56 -22.19 -15.09 -34.57
C LYS E 56 -22.86 -13.76 -34.22
N GLU E 57 -24.12 -13.64 -34.58
CA GLU E 57 -24.92 -12.43 -34.33
C GLU E 57 -24.86 -12.03 -32.85
N ILE E 58 -25.01 -13.03 -31.98
CA ILE E 58 -25.01 -12.84 -30.53
C ILE E 58 -23.64 -12.45 -29.97
N CYS E 59 -22.59 -13.06 -30.51
CA CYS E 59 -21.22 -12.73 -30.18
C CYS E 59 -20.90 -11.27 -30.49
N ASP E 60 -21.30 -10.82 -31.69
CA ASP E 60 -21.12 -9.44 -32.14
C ASP E 60 -21.86 -8.42 -31.30
N LEU E 61 -22.99 -8.85 -30.73
CA LEU E 61 -23.86 -8.00 -29.95
C LEU E 61 -23.46 -7.88 -28.49
N VAL E 62 -23.25 -9.00 -27.80
CA VAL E 62 -22.87 -9.02 -26.39
C VAL E 62 -21.38 -8.79 -26.18
N LYS E 63 -20.55 -9.18 -27.15
CA LYS E 63 -19.11 -9.01 -27.03
C LYS E 63 -18.67 -9.47 -25.62
N GLY E 64 -19.05 -10.70 -25.33
CA GLY E 64 -18.71 -11.40 -24.10
C GLY E 64 -19.01 -12.86 -24.33
N PRO E 65 -18.73 -13.70 -23.34
CA PRO E 65 -18.82 -15.14 -23.50
C PRO E 65 -20.22 -15.58 -23.97
N VAL E 66 -20.26 -16.33 -25.08
CA VAL E 66 -21.49 -16.92 -25.60
C VAL E 66 -21.35 -18.43 -25.63
N SER E 67 -22.04 -19.10 -24.71
CA SER E 67 -21.99 -20.58 -24.60
C SER E 67 -22.92 -21.25 -25.65
N ALA E 68 -22.35 -22.18 -26.43
CA ALA E 68 -23.07 -22.86 -27.47
C ALA E 68 -22.79 -24.37 -27.42
N GLU E 69 -23.81 -25.19 -27.55
CA GLU E 69 -23.65 -26.66 -27.48
C GLU E 69 -23.24 -27.25 -28.80
N VAL E 70 -22.56 -28.38 -28.68
CA VAL E 70 -22.28 -29.25 -29.84
C VAL E 70 -23.35 -30.34 -29.97
N VAL E 71 -23.39 -30.96 -31.15
CA VAL E 71 -24.35 -32.01 -31.44
C VAL E 71 -23.89 -33.36 -30.86
N SER E 72 -22.64 -33.71 -31.10
CA SER E 72 -22.12 -35.06 -30.82
C SER E 72 -21.90 -35.29 -29.35
N LEU E 73 -21.93 -36.55 -28.94
CA LEU E 73 -21.68 -36.95 -27.53
C LEU E 73 -20.43 -37.82 -27.36
N ASP E 74 -19.89 -38.32 -28.47
CA ASP E 74 -18.62 -39.04 -28.38
C ASP E 74 -17.50 -38.04 -28.35
N TYR E 75 -16.41 -38.40 -27.69
CA TYR E 75 -15.27 -37.52 -27.53
C TYR E 75 -14.72 -36.93 -28.86
N GLU E 76 -14.56 -37.77 -29.88
CA GLU E 76 -14.01 -37.36 -31.17
C GLU E 76 -14.88 -36.27 -31.77
N GLY E 77 -16.17 -36.57 -31.91
CA GLY E 77 -17.12 -35.66 -32.52
C GLY E 77 -17.30 -34.37 -31.73
N MET E 78 -17.30 -34.45 -30.41
CA MET E 78 -17.38 -33.24 -29.62
C MET E 78 -16.21 -32.30 -29.92
N VAL E 79 -15.00 -32.85 -29.96
CA VAL E 79 -13.79 -32.08 -30.16
C VAL E 79 -13.80 -31.49 -31.55
N ARG E 80 -14.12 -32.32 -32.53
CA ARG E 80 -14.29 -31.90 -33.94
C ARG E 80 -15.19 -30.67 -34.08
N GLU E 81 -16.37 -30.76 -33.48
CA GLU E 81 -17.38 -29.75 -33.62
C GLU E 81 -17.05 -28.51 -32.82
N ALA E 82 -16.43 -28.71 -31.64
CA ALA E 82 -15.97 -27.61 -30.79
C ALA E 82 -14.99 -26.72 -31.53
N ARG E 83 -14.06 -27.34 -32.25
CA ARG E 83 -13.08 -26.60 -33.03
C ARG E 83 -13.74 -25.77 -34.08
N GLU E 84 -14.79 -26.32 -34.71
CA GLU E 84 -15.51 -25.61 -35.79
C GLU E 84 -16.33 -24.46 -35.21
N LEU E 85 -17.00 -24.68 -34.10
CA LEU E 85 -17.70 -23.60 -33.41
C LEU E 85 -16.76 -22.48 -32.97
N ALA E 86 -15.62 -22.87 -32.41
CA ALA E 86 -14.67 -21.90 -31.84
C ALA E 86 -14.19 -20.93 -32.91
N GLN E 87 -14.15 -21.39 -34.16
CA GLN E 87 -13.75 -20.52 -35.28
C GLN E 87 -14.76 -19.40 -35.62
N ILE E 88 -15.98 -19.48 -35.11
CA ILE E 88 -16.96 -18.42 -35.32
C ILE E 88 -16.57 -17.09 -34.65
N SER E 89 -16.05 -17.15 -33.43
CA SER E 89 -15.72 -15.94 -32.72
C SER E 89 -14.88 -16.21 -31.50
N GLU E 90 -14.06 -15.23 -31.12
CA GLU E 90 -13.24 -15.35 -29.93
C GLU E 90 -14.10 -15.51 -28.68
N TYR E 91 -15.36 -15.11 -28.75
CA TYR E 91 -16.27 -15.15 -27.61
C TYR E 91 -17.00 -16.46 -27.37
N VAL E 92 -16.99 -17.32 -28.39
CA VAL E 92 -17.68 -18.59 -28.30
C VAL E 92 -17.09 -19.49 -27.19
N VAL E 93 -17.95 -19.99 -26.31
CA VAL E 93 -17.59 -20.96 -25.29
C VAL E 93 -18.36 -22.23 -25.55
N ILE E 94 -17.68 -23.35 -25.53
CA ILE E 94 -18.29 -24.60 -25.99
C ILE E 94 -18.95 -25.29 -24.79
N LYS E 95 -20.27 -25.54 -24.91
CA LYS E 95 -21.01 -26.31 -23.90
C LYS E 95 -20.73 -27.78 -24.07
N ILE E 96 -20.26 -28.40 -23.00
CA ILE E 96 -19.97 -29.83 -23.00
C ILE E 96 -20.75 -30.46 -21.86
N PRO E 97 -21.53 -31.50 -22.13
CA PRO E 97 -22.27 -32.18 -21.07
C PRO E 97 -21.34 -32.89 -20.10
N MET E 98 -21.71 -32.95 -18.84
CA MET E 98 -20.83 -33.63 -17.86
C MET E 98 -20.91 -35.17 -18.06
N THR E 99 -19.95 -35.68 -18.82
CA THR E 99 -19.78 -37.11 -19.02
C THR E 99 -18.30 -37.39 -19.01
N PRO E 100 -17.92 -38.67 -18.90
CA PRO E 100 -16.55 -39.08 -19.16
C PRO E 100 -15.95 -38.53 -20.45
N ASP E 101 -16.64 -38.74 -21.56
CA ASP E 101 -16.19 -38.26 -22.87
C ASP E 101 -16.12 -36.75 -22.93
N GLY E 102 -17.10 -36.10 -22.30
CA GLY E 102 -17.12 -34.65 -22.18
C GLY E 102 -15.93 -34.11 -21.42
N ILE E 103 -15.57 -34.81 -20.36
CA ILE E 103 -14.41 -34.42 -19.53
C ILE E 103 -13.07 -34.63 -20.27
N LYS E 104 -13.02 -35.69 -21.06
CA LYS E 104 -11.90 -35.96 -21.93
C LYS E 104 -11.77 -34.80 -22.96
N ALA E 105 -12.91 -34.40 -23.51
CA ALA E 105 -12.93 -33.32 -24.52
C ALA E 105 -12.48 -32.01 -23.91
N VAL E 106 -12.84 -31.76 -22.66
CA VAL E 106 -12.40 -30.55 -21.95
C VAL E 106 -10.87 -30.52 -21.83
N LYS E 107 -10.28 -31.66 -21.45
CA LYS E 107 -8.83 -31.71 -21.31
C LYS E 107 -8.21 -31.32 -22.63
N THR E 108 -8.70 -31.93 -23.72
CA THR E 108 -8.16 -31.71 -25.04
C THR E 108 -8.34 -30.27 -25.48
N LEU E 109 -9.56 -29.78 -25.36
CA LEU E 109 -9.89 -28.44 -25.81
C LEU E 109 -9.22 -27.34 -24.97
N SER E 110 -9.13 -27.51 -23.64
CA SER E 110 -8.43 -26.51 -22.82
C SER E 110 -6.97 -26.41 -23.26
N ALA E 111 -6.31 -27.54 -23.57
CA ALA E 111 -4.92 -27.52 -24.05
C ALA E 111 -4.76 -26.75 -25.36
N GLU E 112 -5.83 -26.70 -26.17
CA GLU E 112 -5.81 -25.96 -27.44
C GLU E 112 -6.34 -24.53 -27.30
N GLY E 113 -6.58 -24.06 -26.08
CA GLY E 113 -7.05 -22.69 -25.89
C GLY E 113 -8.51 -22.48 -26.25
N ILE E 114 -9.30 -23.54 -26.32
CA ILE E 114 -10.72 -23.41 -26.62
C ILE E 114 -11.52 -23.45 -25.32
N LYS E 115 -12.35 -22.44 -25.10
CA LYS E 115 -13.05 -22.26 -23.82
C LYS E 115 -14.22 -23.21 -23.74
N THR E 116 -14.48 -23.70 -22.51
CA THR E 116 -15.49 -24.72 -22.28
C THR E 116 -16.37 -24.36 -21.13
N ASN E 117 -17.62 -24.84 -21.23
CA ASN E 117 -18.63 -24.73 -20.20
C ASN E 117 -19.22 -26.13 -19.98
N VAL E 118 -18.86 -26.71 -18.85
CA VAL E 118 -19.39 -28.01 -18.51
C VAL E 118 -20.79 -27.83 -17.90
N THR E 119 -21.75 -28.45 -18.57
CA THR E 119 -23.15 -28.23 -18.26
C THR E 119 -23.73 -29.55 -17.74
N LEU E 120 -25.00 -29.49 -17.30
CA LEU E 120 -25.70 -30.63 -16.69
C LEU E 120 -24.94 -31.17 -15.49
N VAL E 121 -24.53 -30.25 -14.63
CA VAL E 121 -23.88 -30.61 -13.38
C VAL E 121 -24.95 -30.50 -12.24
N PHE E 122 -25.08 -31.61 -11.50
CA PHE E 122 -26.08 -31.79 -10.45
C PHE E 122 -25.48 -32.27 -9.14
N SER E 123 -24.16 -32.31 -9.05
CA SER E 123 -23.46 -32.64 -7.79
C SER E 123 -22.11 -31.99 -7.70
N PRO E 124 -21.67 -31.74 -6.49
CA PRO E 124 -20.31 -31.22 -6.23
C PRO E 124 -19.16 -32.15 -6.70
N ALA E 125 -19.40 -33.44 -6.76
CA ALA E 125 -18.37 -34.36 -7.27
C ALA E 125 -18.16 -34.08 -8.76
N GLN E 126 -19.25 -33.93 -9.49
CA GLN E 126 -19.19 -33.57 -10.90
C GLN E 126 -18.42 -32.25 -11.10
N ALA E 127 -18.72 -31.27 -10.28
CA ALA E 127 -18.07 -29.97 -10.36
C ALA E 127 -16.55 -30.00 -10.16
N ILE E 128 -16.08 -30.87 -9.27
CA ILE E 128 -14.67 -31.04 -9.02
C ILE E 128 -13.97 -31.62 -10.25
N LEU E 129 -14.57 -32.64 -10.85
CA LEU E 129 -14.02 -33.18 -12.07
C LEU E 129 -13.96 -32.13 -13.16
N ALA E 130 -15.01 -31.35 -13.34
CA ALA E 130 -15.02 -30.33 -14.40
C ALA E 130 -13.86 -29.36 -14.24
N ALA E 131 -13.65 -28.88 -13.02
CA ALA E 131 -12.54 -27.98 -12.72
C ALA E 131 -11.19 -28.62 -12.92
N LYS E 132 -11.03 -29.85 -12.47
CA LYS E 132 -9.75 -30.54 -12.61
C LYS E 132 -9.41 -30.77 -14.08
N ALA E 133 -10.43 -31.02 -14.93
CA ALA E 133 -10.18 -31.21 -16.38
C ALA E 133 -9.78 -29.92 -17.05
N GLY E 134 -10.03 -28.82 -16.37
CA GLY E 134 -9.66 -27.50 -16.85
C GLY E 134 -10.78 -26.70 -17.52
N ALA E 135 -12.03 -26.97 -17.16
CA ALA E 135 -13.19 -26.25 -17.73
C ALA E 135 -13.08 -24.77 -17.47
N THR E 136 -13.51 -23.95 -18.44
CA THR E 136 -13.49 -22.49 -18.21
C THR E 136 -14.58 -22.15 -17.20
N TYR E 137 -15.75 -22.79 -17.44
CA TYR E 137 -16.96 -22.64 -16.64
C TYR E 137 -17.53 -23.99 -16.27
N VAL E 138 -18.28 -23.99 -15.17
CA VAL E 138 -19.17 -25.11 -14.81
C VAL E 138 -20.56 -24.55 -14.56
N SER E 139 -21.60 -25.26 -15.00
CA SER E 139 -23.00 -24.78 -14.87
C SER E 139 -23.81 -25.80 -14.08
N PRO E 140 -23.81 -25.65 -12.76
CA PRO E 140 -24.74 -26.41 -11.92
C PRO E 140 -26.20 -25.95 -12.07
N PHE E 141 -27.11 -26.92 -12.28
CA PHE E 141 -28.54 -26.68 -12.56
C PHE E 141 -29.36 -26.62 -11.27
N VAL E 142 -29.50 -25.40 -10.76
CA VAL E 142 -30.14 -25.14 -9.44
C VAL E 142 -31.63 -25.47 -9.48
N GLY E 143 -32.38 -24.86 -10.41
CA GLY E 143 -33.82 -25.00 -10.45
C GLY E 143 -34.30 -26.40 -10.63
N ARG E 144 -33.57 -27.19 -11.41
CA ARG E 144 -33.98 -28.56 -11.64
C ARG E 144 -33.78 -29.43 -10.43
N MET E 145 -32.74 -29.16 -9.65
CA MET E 145 -32.56 -29.83 -8.37
C MET E 145 -33.61 -29.42 -7.38
N ASP E 146 -33.96 -28.14 -7.35
CA ASP E 146 -34.97 -27.60 -6.44
C ASP E 146 -36.28 -28.35 -6.63
N ASP E 147 -36.58 -28.64 -7.88
CA ASP E 147 -37.85 -29.30 -8.21
C ASP E 147 -37.92 -30.78 -7.84
N LEU E 148 -36.76 -31.39 -7.57
CA LEU E 148 -36.66 -32.69 -6.94
C LEU E 148 -36.76 -32.59 -5.41
N SER E 149 -36.86 -31.36 -4.89
CA SER E 149 -36.90 -31.11 -3.45
C SER E 149 -35.59 -31.54 -2.75
N ASN E 150 -34.49 -31.63 -3.52
CA ASN E 150 -33.16 -31.95 -3.01
C ASN E 150 -32.26 -30.72 -2.79
N ASP E 151 -32.82 -29.54 -3.02
CA ASP E 151 -32.20 -28.26 -2.69
C ASP E 151 -31.01 -27.91 -3.60
N GLY E 152 -31.31 -27.27 -4.72
CA GLY E 152 -30.30 -26.89 -5.68
C GLY E 152 -29.39 -25.79 -5.23
N MET E 153 -29.88 -24.90 -4.38
CA MET E 153 -29.05 -23.82 -3.86
C MET E 153 -28.00 -24.36 -2.89
N ARG E 154 -28.34 -25.39 -2.13
CA ARG E 154 -27.40 -26.02 -1.23
C ARG E 154 -26.30 -26.69 -2.06
N MET E 155 -26.67 -27.37 -3.12
CA MET E 155 -25.67 -27.97 -4.02
C MET E 155 -24.72 -26.94 -4.61
N LEU E 156 -25.27 -25.84 -5.07
CA LEU E 156 -24.49 -24.70 -5.54
C LEU E 156 -23.52 -24.15 -4.48
N GLY E 157 -24.02 -23.97 -3.26
CA GLY E 157 -23.20 -23.56 -2.16
C GLY E 157 -22.07 -24.49 -1.84
N GLU E 158 -22.27 -25.77 -2.01
CA GLU E 158 -21.19 -26.72 -1.79
C GLU E 158 -20.10 -26.58 -2.84
N ILE E 159 -20.51 -26.35 -4.07
CA ILE E 159 -19.58 -26.14 -5.17
C ILE E 159 -18.78 -24.84 -4.99
N VAL E 160 -19.46 -23.77 -4.67
CA VAL E 160 -18.80 -22.47 -4.36
C VAL E 160 -17.78 -22.71 -3.23
N GLU E 161 -18.17 -23.41 -2.20
CA GLU E 161 -17.26 -23.66 -1.06
C GLU E 161 -16.00 -24.42 -1.45
N ILE E 162 -16.18 -25.49 -2.24
CA ILE E 162 -15.09 -26.29 -2.71
C ILE E 162 -14.20 -25.45 -3.61
N TYR E 163 -14.82 -24.70 -4.52
CA TYR E 163 -14.06 -23.85 -5.47
C TYR E 163 -13.26 -22.77 -4.77
N ASN E 164 -13.82 -22.22 -3.69
CA ASN E 164 -13.04 -21.31 -2.86
C ASN E 164 -11.90 -22.00 -2.13
N ASN E 165 -12.12 -23.22 -1.66
CA ASN E 165 -11.06 -23.92 -0.97
C ASN E 165 -9.80 -24.08 -1.83
N TYR E 166 -9.95 -24.31 -3.12
CA TYR E 166 -8.86 -24.77 -3.96
C TYR E 166 -8.45 -23.72 -4.99
N GLY E 167 -9.22 -22.65 -5.10
CA GLY E 167 -9.00 -21.64 -6.13
C GLY E 167 -8.87 -22.24 -7.51
N PHE E 168 -9.73 -23.19 -7.86
CA PHE E 168 -9.85 -23.61 -9.28
C PHE E 168 -10.10 -22.35 -10.17
N GLU E 169 -9.45 -22.31 -11.33
CA GLU E 169 -9.64 -21.21 -12.27
C GLU E 169 -11.05 -21.25 -12.90
N THR E 170 -11.65 -22.42 -12.94
CA THR E 170 -13.00 -22.58 -13.39
C THR E 170 -13.94 -21.63 -12.67
N GLU E 171 -14.82 -21.00 -13.46
CA GLU E 171 -15.83 -20.10 -12.95
C GLU E 171 -17.16 -20.75 -12.93
N ILE E 172 -17.92 -20.50 -11.86
CA ILE E 172 -19.24 -21.09 -11.66
C ILE E 172 -20.30 -20.20 -12.25
N ILE E 173 -21.06 -20.77 -13.17
CA ILE E 173 -22.31 -20.21 -13.69
C ILE E 173 -23.53 -20.90 -13.00
N ALA E 174 -24.15 -20.22 -12.02
CA ALA E 174 -25.43 -20.65 -11.53
C ALA E 174 -26.42 -20.71 -12.69
N ALA E 175 -26.86 -21.92 -13.05
CA ALA E 175 -27.80 -22.11 -14.17
C ALA E 175 -29.13 -22.70 -13.69
N SER E 176 -30.07 -22.82 -14.60
CA SER E 176 -31.42 -23.27 -14.26
C SER E 176 -31.99 -22.34 -13.19
N ILE E 177 -31.81 -21.04 -13.45
CA ILE E 177 -32.31 -19.96 -12.58
C ILE E 177 -33.71 -19.61 -13.03
N ARG E 178 -34.62 -19.60 -12.07
CA ARG E 178 -36.05 -19.52 -12.36
C ARG E 178 -36.72 -18.31 -11.78
N HIS E 179 -36.10 -17.63 -10.81
CA HIS E 179 -36.72 -16.50 -10.12
C HIS E 179 -35.68 -15.64 -9.38
N PRO E 180 -36.08 -14.42 -9.01
CA PRO E 180 -35.21 -13.50 -8.30
C PRO E 180 -34.46 -14.01 -7.05
N MET E 181 -35.08 -14.85 -6.23
CA MET E 181 -34.39 -15.36 -5.01
C MET E 181 -33.23 -16.25 -5.32
N HIS E 182 -33.31 -16.96 -6.47
CA HIS E 182 -32.23 -17.74 -6.96
C HIS E 182 -31.01 -16.83 -7.16
N VAL E 183 -31.25 -15.69 -7.81
CA VAL E 183 -30.17 -14.74 -8.07
C VAL E 183 -29.57 -14.13 -6.78
N VAL E 184 -30.43 -13.72 -5.87
CA VAL E 184 -30.04 -13.10 -4.64
C VAL E 184 -29.26 -14.08 -3.75
N GLU E 185 -29.75 -15.30 -3.66
CA GLU E 185 -29.09 -16.33 -2.93
C GLU E 185 -27.74 -16.73 -3.53
N ALA E 186 -27.67 -16.75 -4.85
CA ALA E 186 -26.40 -17.02 -5.53
C ALA E 186 -25.42 -15.90 -5.31
N ALA E 187 -25.91 -14.67 -5.34
CA ALA E 187 -25.10 -13.49 -5.02
C ALA E 187 -24.59 -13.50 -3.58
N LEU E 188 -25.44 -13.91 -2.67
CA LEU E 188 -25.07 -13.92 -1.23
C LEU E 188 -23.98 -14.93 -0.89
N MET E 189 -23.92 -16.02 -1.67
CA MET E 189 -22.87 -17.01 -1.54
C MET E 189 -21.65 -16.71 -2.45
N GLY E 190 -21.80 -15.77 -3.37
CA GLY E 190 -20.67 -15.29 -4.13
C GLY E 190 -20.33 -16.13 -5.30
N VAL E 191 -21.32 -16.64 -6.01
CA VAL E 191 -21.11 -17.32 -7.24
C VAL E 191 -20.52 -16.30 -8.24
N ASP E 192 -19.76 -16.82 -9.19
CA ASP E 192 -19.04 -15.99 -10.15
C ASP E 192 -20.04 -15.38 -11.11
N ILE E 193 -20.97 -16.18 -11.59
CA ILE E 193 -21.83 -15.80 -12.66
C ILE E 193 -23.21 -16.39 -12.39
N VAL E 194 -24.25 -15.67 -12.75
CA VAL E 194 -25.60 -16.22 -12.75
C VAL E 194 -26.17 -16.02 -14.17
N THR E 195 -26.60 -17.11 -14.82
CA THR E 195 -27.24 -17.03 -16.13
C THR E 195 -28.73 -17.20 -15.94
N MET E 196 -29.53 -16.30 -16.51
CA MET E 196 -30.95 -16.31 -16.27
C MET E 196 -31.76 -15.96 -17.52
N PRO E 197 -33.04 -16.29 -17.54
CA PRO E 197 -33.92 -15.76 -18.58
C PRO E 197 -34.10 -14.28 -18.43
N PHE E 198 -34.39 -13.63 -19.53
CA PHE E 198 -34.63 -12.20 -19.55
C PHE E 198 -35.76 -11.82 -18.63
N ALA E 199 -36.84 -12.63 -18.64
CA ALA E 199 -38.01 -12.37 -17.80
C ALA E 199 -37.57 -12.24 -16.32
N VAL E 200 -36.60 -13.05 -15.88
CA VAL E 200 -36.09 -12.94 -14.51
C VAL E 200 -35.35 -11.64 -14.31
N LEU E 201 -34.51 -11.29 -15.29
CA LEU E 201 -33.77 -10.03 -15.24
C LEU E 201 -34.70 -8.84 -15.09
N GLU E 202 -35.72 -8.77 -15.94
CA GLU E 202 -36.74 -7.71 -15.84
C GLU E 202 -37.31 -7.59 -14.41
N LYS E 203 -37.64 -8.70 -13.78
CA LYS E 203 -38.14 -8.66 -12.38
C LYS E 203 -37.17 -8.03 -11.38
N LEU E 204 -35.87 -8.20 -11.58
CA LEU E 204 -34.82 -7.65 -10.69
C LEU E 204 -34.83 -6.14 -10.57
N PHE E 205 -35.32 -5.46 -11.59
CA PHE E 205 -35.39 -4.00 -11.55
C PHE E 205 -36.47 -3.54 -10.59
N LYS E 206 -37.48 -4.38 -10.38
CA LYS E 206 -38.77 -3.94 -9.87
C LYS E 206 -38.94 -4.03 -8.38
N HIS E 207 -39.65 -3.03 -7.86
CA HIS E 207 -40.17 -3.04 -6.51
C HIS E 207 -41.29 -2.05 -6.37
N PRO E 208 -42.35 -2.45 -5.70
CA PRO E 208 -43.49 -1.59 -5.51
C PRO E 208 -43.19 -0.28 -4.73
N MET E 209 -42.24 -0.31 -3.80
CA MET E 209 -41.82 0.90 -3.07
C MET E 209 -41.00 1.86 -3.94
N THR E 210 -40.29 1.34 -4.93
CA THR E 210 -39.66 2.16 -5.92
C THR E 210 -40.75 2.94 -6.69
N ASP E 211 -41.80 2.25 -7.13
CA ASP E 211 -42.89 2.88 -7.87
C ASP E 211 -43.54 3.98 -7.06
N LEU E 212 -43.81 3.71 -5.80
CA LEU E 212 -44.45 4.64 -4.90
C LEU E 212 -43.52 5.83 -4.64
N GLY E 213 -42.23 5.54 -4.49
CA GLY E 213 -41.20 6.59 -4.38
C GLY E 213 -41.16 7.55 -5.58
N ILE E 214 -41.35 7.01 -6.78
CA ILE E 214 -41.41 7.80 -7.99
C ILE E 214 -42.67 8.64 -8.08
N GLU E 215 -43.85 8.09 -7.72
CA GLU E 215 -45.10 8.85 -7.67
C GLU E 215 -44.91 10.06 -6.72
N ARG E 216 -44.31 9.77 -5.58
CA ARG E 216 -44.07 10.75 -4.54
C ARG E 216 -43.04 11.83 -4.92
N PHE E 217 -41.97 11.40 -5.59
CA PHE E 217 -40.90 12.24 -6.20
C PHE E 217 -41.43 13.21 -7.25
N MET E 218 -42.30 12.73 -8.12
CA MET E 218 -42.99 13.60 -9.06
C MET E 218 -43.89 14.62 -8.34
N GLU E 219 -44.51 14.25 -7.23
CA GLU E 219 -45.33 15.19 -6.47
C GLU E 219 -44.52 16.28 -5.80
N ASP E 220 -43.29 15.99 -5.43
CA ASP E 220 -42.43 16.92 -4.71
C ASP E 220 -41.73 17.92 -5.62
N TRP E 221 -41.37 17.49 -6.82
CA TRP E 221 -40.91 18.40 -7.86
C TRP E 221 -42.03 19.40 -8.14
N LYS E 222 -43.20 18.84 -8.47
CA LYS E 222 -44.42 19.58 -8.78
C LYS E 222 -44.70 20.66 -7.75
N LYS E 223 -44.42 20.37 -6.49
CA LYS E 223 -44.71 21.33 -5.43
C LYS E 223 -43.57 22.32 -5.24
N TYR E 224 -42.33 21.84 -5.30
CA TYR E 224 -41.15 22.68 -5.33
C TYR E 224 -41.36 23.80 -6.40
N LEU E 225 -41.69 23.38 -7.64
CA LEU E 225 -41.86 24.31 -8.77
C LEU E 225 -42.95 25.31 -8.51
N GLU E 226 -44.05 24.88 -7.90
CA GLU E 226 -45.16 25.78 -7.65
C GLU E 226 -44.87 26.88 -6.63
N ASN E 227 -43.73 26.86 -5.95
CA ASN E 227 -43.48 27.78 -4.84
C ASN E 227 -42.20 28.61 -5.02
N HIS F 11 -39.89 -44.28 22.51
CA HIS F 11 -39.56 -45.73 22.30
C HIS F 11 -38.20 -45.97 21.57
N HIS F 12 -37.78 -47.21 21.68
CA HIS F 12 -36.56 -47.71 21.11
C HIS F 12 -36.40 -47.54 19.62
N MET F 13 -35.13 -47.40 19.22
CA MET F 13 -34.77 -47.48 17.84
C MET F 13 -34.92 -48.91 17.39
N LYS F 14 -35.54 -49.10 16.24
CA LYS F 14 -35.69 -50.46 15.71
C LYS F 14 -34.59 -50.74 14.66
N ILE F 15 -34.10 -51.98 14.63
CA ILE F 15 -33.21 -52.42 13.58
C ILE F 15 -33.94 -53.51 12.85
N PHE F 16 -34.13 -53.32 11.55
CA PHE F 16 -34.56 -54.38 10.64
C PHE F 16 -33.35 -54.93 9.88
N LEU F 17 -33.46 -56.15 9.37
CA LEU F 17 -32.43 -56.70 8.46
C LEU F 17 -32.90 -56.67 7.01
N ASP F 18 -32.03 -56.22 6.10
CA ASP F 18 -32.24 -56.42 4.66
C ASP F 18 -31.71 -57.75 4.27
N THR F 19 -32.58 -58.76 4.29
CA THR F 19 -32.15 -60.12 4.07
C THR F 19 -33.35 -61.03 3.82
N ALA F 20 -33.09 -62.20 3.24
CA ALA F 20 -34.02 -63.31 3.29
C ALA F 20 -33.36 -64.53 3.93
N ASN F 21 -32.13 -64.39 4.42
CA ASN F 21 -31.41 -65.52 5.01
C ASN F 21 -31.85 -65.74 6.44
N LEU F 22 -32.34 -66.94 6.72
CA LEU F 22 -32.97 -67.26 7.99
C LEU F 22 -31.95 -67.46 9.13
N GLU F 23 -30.73 -67.90 8.81
CA GLU F 23 -29.69 -68.06 9.86
C GLU F 23 -29.35 -66.68 10.40
N GLU F 24 -29.15 -65.74 9.48
CA GLU F 24 -28.87 -64.34 9.85
C GLU F 24 -29.94 -63.76 10.75
N ILE F 25 -31.19 -63.98 10.35
CA ILE F 25 -32.33 -63.52 11.11
C ILE F 25 -32.36 -64.20 12.50
N LYS F 26 -32.10 -65.52 12.53
CA LYS F 26 -32.02 -66.29 13.79
C LYS F 26 -30.96 -65.68 14.70
N LYS F 27 -29.78 -65.49 14.13
CA LYS F 27 -28.69 -64.82 14.83
C LYS F 27 -29.19 -63.48 15.40
N GLY F 28 -29.85 -62.67 14.54
CA GLY F 28 -30.41 -61.39 14.92
C GLY F 28 -31.37 -61.42 16.10
N VAL F 29 -32.26 -62.39 16.10
CA VAL F 29 -33.24 -62.53 17.20
C VAL F 29 -32.59 -63.13 18.44
N GLU F 30 -31.62 -64.04 18.27
CA GLU F 30 -30.79 -64.56 19.38
C GLU F 30 -30.12 -63.44 20.17
N TRP F 31 -29.66 -62.42 19.44
CA TRP F 31 -29.04 -61.25 20.00
C TRP F 31 -30.05 -60.28 20.63
N GLY F 32 -31.31 -60.42 20.23
CA GLY F 32 -32.39 -59.59 20.76
C GLY F 32 -32.28 -58.21 20.24
N ILE F 33 -31.80 -58.09 19.01
CA ILE F 33 -31.46 -56.81 18.42
C ILE F 33 -32.18 -56.53 17.12
N VAL F 34 -32.71 -57.57 16.48
CA VAL F 34 -33.45 -57.41 15.20
C VAL F 34 -34.95 -57.48 15.46
N ASP F 35 -35.64 -56.42 15.00
CA ASP F 35 -37.06 -56.19 15.25
C ASP F 35 -37.95 -56.54 14.07
N GLY F 36 -37.35 -56.64 12.89
CA GLY F 36 -38.12 -56.88 11.68
C GLY F 36 -37.18 -57.19 10.53
N VAL F 37 -37.76 -57.38 9.35
CA VAL F 37 -36.99 -57.72 8.13
C VAL F 37 -37.55 -56.95 6.95
N THR F 38 -36.67 -56.41 6.09
CA THR F 38 -37.16 -55.91 4.80
C THR F 38 -36.57 -56.81 3.76
N THR F 39 -37.37 -57.15 2.77
CA THR F 39 -37.08 -58.22 1.86
C THR F 39 -37.25 -57.78 0.37
N ASN F 40 -36.74 -58.59 -0.55
CA ASN F 40 -37.02 -58.45 -2.00
C ASN F 40 -36.82 -59.81 -2.71
N PRO F 41 -37.38 -59.97 -3.90
CA PRO F 41 -37.27 -61.24 -4.63
C PRO F 41 -35.83 -61.75 -4.80
N THR F 42 -34.94 -60.87 -5.24
CA THR F 42 -33.53 -61.20 -5.42
C THR F 42 -32.96 -61.93 -4.19
N LEU F 43 -33.28 -61.43 -3.00
CA LEU F 43 -32.96 -62.15 -1.74
C LEU F 43 -33.76 -63.45 -1.64
N ALA F 49 -36.71 -69.68 -1.59
CA ALA F 49 -36.59 -69.46 -3.02
C ALA F 49 -37.96 -69.15 -3.65
N GLU F 50 -39.05 -69.69 -3.09
CA GLU F 50 -40.42 -69.24 -3.46
C GLU F 50 -40.79 -68.08 -2.52
N PHE F 51 -41.43 -67.07 -3.11
CA PHE F 51 -41.63 -65.76 -2.48
C PHE F 51 -42.51 -65.77 -1.22
N LYS F 52 -43.77 -66.17 -1.37
CA LYS F 52 -44.74 -66.15 -0.27
C LYS F 52 -44.34 -67.06 0.90
N GLN F 53 -43.65 -68.16 0.59
CA GLN F 53 -43.17 -69.10 1.61
C GLN F 53 -42.05 -68.51 2.45
N ARG F 54 -41.11 -67.92 1.75
CA ARG F 54 -39.96 -67.28 2.37
C ARG F 54 -40.43 -66.17 3.31
N VAL F 55 -41.49 -65.50 2.89
CA VAL F 55 -42.08 -64.45 3.70
C VAL F 55 -42.73 -64.99 4.95
N LYS F 56 -43.43 -66.11 4.84
CA LYS F 56 -44.05 -66.77 6.00
C LYS F 56 -42.99 -67.24 6.99
N GLU F 57 -41.96 -67.91 6.47
CA GLU F 57 -40.88 -68.42 7.30
C GLU F 57 -40.22 -67.28 8.08
N ILE F 58 -40.01 -66.16 7.41
CA ILE F 58 -39.37 -64.98 8.01
C ILE F 58 -40.24 -64.34 9.09
N CYS F 59 -41.54 -64.26 8.80
CA CYS F 59 -42.52 -63.77 9.78
C CYS F 59 -42.48 -64.60 11.06
N ASP F 60 -42.53 -65.91 10.93
CA ASP F 60 -42.54 -66.83 12.08
C ASP F 60 -41.23 -66.73 12.88
N LEU F 61 -40.15 -66.37 12.21
CA LEU F 61 -38.84 -66.25 12.82
C LEU F 61 -38.67 -64.94 13.60
N VAL F 62 -38.89 -63.80 12.92
CA VAL F 62 -38.68 -62.49 13.56
C VAL F 62 -39.84 -62.13 14.46
N LYS F 63 -41.04 -62.54 14.09
CA LYS F 63 -42.23 -62.13 14.81
C LYS F 63 -42.20 -60.61 15.01
N GLY F 64 -42.02 -59.91 13.89
CA GLY F 64 -42.04 -58.48 13.80
C GLY F 64 -42.26 -58.11 12.33
N PRO F 65 -42.31 -56.82 12.02
CA PRO F 65 -42.64 -56.36 10.68
C PRO F 65 -41.73 -56.93 9.60
N VAL F 66 -42.33 -57.55 8.59
CA VAL F 66 -41.62 -58.11 7.44
C VAL F 66 -42.13 -57.44 6.16
N SER F 67 -41.32 -56.58 5.57
CA SER F 67 -41.69 -55.85 4.37
C SER F 67 -41.49 -56.68 3.14
N ALA F 68 -42.52 -56.75 2.30
CA ALA F 68 -42.51 -57.58 1.12
C ALA F 68 -43.17 -56.85 -0.04
N GLU F 69 -42.51 -56.90 -1.19
CA GLU F 69 -42.90 -56.08 -2.33
C GLU F 69 -43.89 -56.81 -3.24
N VAL F 70 -44.75 -56.03 -3.86
CA VAL F 70 -45.73 -56.51 -4.84
C VAL F 70 -45.16 -56.51 -6.25
N VAL F 71 -45.75 -57.32 -7.14
CA VAL F 71 -45.30 -57.40 -8.54
C VAL F 71 -45.83 -56.20 -9.35
N SER F 72 -47.13 -55.94 -9.23
CA SER F 72 -47.78 -55.00 -10.11
C SER F 72 -47.52 -53.54 -9.73
N LEU F 73 -47.61 -52.67 -10.73
CA LEU F 73 -47.39 -51.24 -10.58
C LEU F 73 -48.66 -50.40 -10.84
N ASP F 74 -49.70 -51.00 -11.40
CA ASP F 74 -51.00 -50.34 -11.47
C ASP F 74 -51.70 -50.43 -10.12
N TYR F 75 -52.51 -49.42 -9.85
CA TYR F 75 -53.23 -49.32 -8.61
C TYR F 75 -54.02 -50.60 -8.26
N GLU F 76 -54.83 -51.06 -9.20
CA GLU F 76 -55.71 -52.23 -8.98
C GLU F 76 -54.91 -53.48 -8.62
N GLY F 77 -53.88 -53.74 -9.42
CA GLY F 77 -53.01 -54.89 -9.22
C GLY F 77 -52.26 -54.80 -7.90
N MET F 78 -51.75 -53.62 -7.56
CA MET F 78 -51.04 -53.45 -6.29
C MET F 78 -51.93 -53.82 -5.10
N VAL F 79 -53.16 -53.30 -5.14
CA VAL F 79 -54.14 -53.51 -4.07
C VAL F 79 -54.53 -54.99 -4.01
N ARG F 80 -54.82 -55.55 -5.17
CA ARG F 80 -55.12 -56.98 -5.29
C ARG F 80 -54.04 -57.84 -4.62
N GLU F 81 -52.79 -57.62 -5.00
CA GLU F 81 -51.66 -58.41 -4.53
C GLU F 81 -51.32 -58.15 -3.07
N ALA F 82 -51.46 -56.91 -2.63
CA ALA F 82 -51.28 -56.52 -1.23
C ALA F 82 -52.21 -57.31 -0.30
N ARG F 83 -53.48 -57.40 -0.69
CA ARG F 83 -54.46 -58.14 0.08
C ARG F 83 -54.08 -59.61 0.20
N GLU F 84 -53.56 -60.18 -0.88
CA GLU F 84 -53.12 -61.57 -0.90
C GLU F 84 -51.88 -61.79 0.01
N LEU F 85 -50.88 -60.92 -0.10
CA LEU F 85 -49.69 -61.00 0.76
C LEU F 85 -50.04 -60.78 2.23
N ALA F 86 -50.95 -59.86 2.50
CA ALA F 86 -51.35 -59.56 3.88
C ALA F 86 -51.91 -60.80 4.57
N GLN F 87 -52.59 -61.65 3.82
CA GLN F 87 -53.14 -62.91 4.37
C GLN F 87 -52.08 -63.87 4.91
N ILE F 88 -50.83 -63.74 4.48
CA ILE F 88 -49.77 -64.66 4.88
C ILE F 88 -49.56 -64.60 6.38
N SER F 89 -49.57 -63.39 6.92
CA SER F 89 -49.22 -63.18 8.31
C SER F 89 -49.62 -61.79 8.76
N GLU F 90 -49.95 -61.65 10.03
CA GLU F 90 -50.23 -60.36 10.63
C GLU F 90 -49.01 -59.45 10.63
N TYR F 91 -47.82 -60.05 10.52
CA TYR F 91 -46.55 -59.32 10.48
C TYR F 91 -46.15 -58.70 9.14
N VAL F 92 -46.81 -59.12 8.08
CA VAL F 92 -46.48 -58.69 6.73
C VAL F 92 -46.81 -57.21 6.54
N VAL F 93 -45.83 -56.48 5.99
CA VAL F 93 -45.96 -55.10 5.60
C VAL F 93 -45.73 -55.01 4.07
N ILE F 94 -46.60 -54.30 3.36
CA ILE F 94 -46.56 -54.30 1.91
C ILE F 94 -45.67 -53.16 1.45
N LYS F 95 -44.61 -53.47 0.70
CA LYS F 95 -43.75 -52.48 0.10
C LYS F 95 -44.44 -51.90 -1.16
N ILE F 96 -44.61 -50.57 -1.17
CA ILE F 96 -45.23 -49.88 -2.30
C ILE F 96 -44.25 -48.85 -2.81
N PRO F 97 -43.98 -48.83 -4.11
CA PRO F 97 -43.07 -47.85 -4.66
C PRO F 97 -43.71 -46.46 -4.62
N MET F 98 -42.90 -45.44 -4.42
CA MET F 98 -43.40 -44.07 -4.40
C MET F 98 -43.88 -43.64 -5.80
N THR F 99 -45.15 -43.85 -6.08
CA THR F 99 -45.75 -43.36 -7.31
C THR F 99 -47.14 -42.87 -7.00
N PRO F 100 -47.74 -42.14 -7.92
CA PRO F 100 -49.15 -41.76 -7.80
C PRO F 100 -50.11 -42.95 -7.48
N ASP F 101 -50.02 -44.00 -8.29
CA ASP F 101 -50.79 -45.21 -8.09
C ASP F 101 -50.43 -45.90 -6.78
N GLY F 102 -49.15 -45.94 -6.44
CA GLY F 102 -48.73 -46.47 -5.14
C GLY F 102 -49.34 -45.72 -3.96
N ILE F 103 -49.43 -44.40 -4.08
CA ILE F 103 -50.02 -43.54 -3.03
C ILE F 103 -51.53 -43.73 -2.93
N LYS F 104 -52.16 -43.90 -4.08
CA LYS F 104 -53.58 -44.24 -4.15
C LYS F 104 -53.80 -45.61 -3.46
N ALA F 105 -52.91 -46.58 -3.72
CA ALA F 105 -53.01 -47.89 -3.09
C ALA F 105 -52.76 -47.83 -1.58
N VAL F 106 -51.88 -46.97 -1.11
CA VAL F 106 -51.69 -46.75 0.33
C VAL F 106 -52.96 -46.22 0.98
N LYS F 107 -53.62 -45.25 0.35
CA LYS F 107 -54.86 -44.71 0.92
C LYS F 107 -55.90 -45.83 1.12
N THR F 108 -56.06 -46.65 0.09
CA THR F 108 -57.00 -47.76 0.08
C THR F 108 -56.62 -48.83 1.09
N LEU F 109 -55.35 -49.23 1.11
CA LEU F 109 -54.90 -50.29 1.99
C LEU F 109 -54.92 -49.91 3.46
N SER F 110 -54.51 -48.67 3.77
CA SER F 110 -54.57 -48.13 5.14
C SER F 110 -55.97 -48.18 5.69
N ALA F 111 -56.94 -47.78 4.88
CA ALA F 111 -58.36 -47.86 5.24
C ALA F 111 -58.85 -49.30 5.52
N GLU F 112 -58.19 -50.31 4.95
CA GLU F 112 -58.48 -51.72 5.24
C GLU F 112 -57.60 -52.35 6.32
N GLY F 113 -56.78 -51.56 7.01
CA GLY F 113 -55.92 -52.10 8.07
C GLY F 113 -54.73 -52.87 7.55
N ILE F 114 -54.36 -52.66 6.29
CA ILE F 114 -53.19 -53.33 5.73
C ILE F 114 -51.98 -52.40 5.81
N LYS F 115 -50.91 -52.90 6.42
CA LYS F 115 -49.72 -52.12 6.71
C LYS F 115 -48.92 -51.92 5.43
N THR F 116 -48.35 -50.71 5.26
CA THR F 116 -47.62 -50.34 4.06
C THR F 116 -46.30 -49.72 4.42
N ASN F 117 -45.35 -49.89 3.49
CA ASN F 117 -44.01 -49.33 3.54
C ASN F 117 -43.74 -48.72 2.18
N VAL F 118 -43.77 -47.40 2.14
CA VAL F 118 -43.50 -46.70 0.89
C VAL F 118 -41.99 -46.61 0.69
N THR F 119 -41.58 -47.15 -0.45
CA THR F 119 -40.19 -47.29 -0.74
C THR F 119 -39.80 -46.44 -1.95
N LEU F 120 -38.50 -46.43 -2.25
CA LEU F 120 -37.90 -45.61 -3.32
C LEU F 120 -38.23 -44.12 -3.13
N VAL F 121 -37.95 -43.67 -1.91
CA VAL F 121 -38.14 -42.29 -1.51
C VAL F 121 -36.79 -41.58 -1.49
N PHE F 122 -36.68 -40.53 -2.30
CA PHE F 122 -35.42 -39.78 -2.42
C PHE F 122 -35.58 -38.28 -2.17
N SER F 123 -36.78 -37.85 -1.77
CA SER F 123 -36.99 -36.45 -1.43
C SER F 123 -37.92 -36.28 -0.22
N PRO F 124 -37.80 -35.18 0.48
CA PRO F 124 -38.74 -34.90 1.57
C PRO F 124 -40.17 -34.69 1.07
N ALA F 125 -40.32 -34.19 -0.14
CA ALA F 125 -41.64 -34.00 -0.74
C ALA F 125 -42.35 -35.31 -0.86
N GLN F 126 -41.64 -36.32 -1.37
CA GLN F 126 -42.19 -37.68 -1.48
C GLN F 126 -42.55 -38.21 -0.12
N ALA F 127 -41.69 -37.98 0.85
CA ALA F 127 -41.99 -38.44 2.21
C ALA F 127 -43.25 -37.85 2.82
N ILE F 128 -43.56 -36.58 2.53
CA ILE F 128 -44.76 -35.97 3.09
C ILE F 128 -46.02 -36.55 2.46
N LEU F 129 -45.98 -36.80 1.15
CA LEU F 129 -47.13 -37.45 0.51
C LEU F 129 -47.34 -38.85 1.07
N ALA F 130 -46.25 -39.60 1.26
CA ALA F 130 -46.35 -40.94 1.85
C ALA F 130 -47.05 -40.91 3.20
N ALA F 131 -46.62 -40.03 4.11
CA ALA F 131 -47.25 -39.90 5.41
C ALA F 131 -48.70 -39.44 5.29
N LYS F 132 -48.98 -38.47 4.43
CA LYS F 132 -50.37 -37.96 4.32
C LYS F 132 -51.33 -39.03 3.79
N ALA F 133 -50.83 -39.89 2.90
CA ALA F 133 -51.61 -40.97 2.36
C ALA F 133 -51.92 -42.05 3.39
N GLY F 134 -51.14 -42.10 4.47
CA GLY F 134 -51.40 -43.01 5.56
C GLY F 134 -50.41 -44.18 5.65
N ALA F 135 -49.21 -44.02 5.07
CA ALA F 135 -48.20 -45.09 5.09
C ALA F 135 -47.84 -45.48 6.54
N THR F 136 -47.64 -46.78 6.77
CA THR F 136 -47.20 -47.22 8.09
C THR F 136 -45.73 -46.82 8.26
N TYR F 137 -44.95 -47.06 7.19
CA TYR F 137 -43.52 -46.72 7.12
C TYR F 137 -43.22 -45.99 5.83
N VAL F 138 -42.13 -45.25 5.86
CA VAL F 138 -41.51 -44.72 4.65
C VAL F 138 -40.05 -45.09 4.70
N SER F 139 -39.49 -45.40 3.54
CA SER F 139 -38.09 -45.84 3.43
C SER F 139 -37.29 -44.93 2.47
N PRO F 140 -36.67 -43.88 3.00
CA PRO F 140 -35.74 -43.07 2.25
C PRO F 140 -34.44 -43.81 1.98
N PHE F 141 -33.95 -43.69 0.74
CA PHE F 141 -32.74 -44.38 0.31
C PHE F 141 -31.52 -43.49 0.42
N VAL F 142 -30.84 -43.62 1.56
CA VAL F 142 -29.72 -42.84 1.98
C VAL F 142 -28.51 -43.08 1.09
N GLY F 143 -28.03 -44.33 1.07
CA GLY F 143 -26.82 -44.73 0.37
C GLY F 143 -26.83 -44.39 -1.10
N ARG F 144 -28.00 -44.53 -1.73
CA ARG F 144 -28.11 -44.23 -3.17
C ARG F 144 -27.99 -42.76 -3.46
N MET F 145 -28.52 -41.96 -2.56
CA MET F 145 -28.36 -40.49 -2.66
C MET F 145 -26.95 -40.04 -2.38
N ASP F 146 -26.34 -40.64 -1.35
CA ASP F 146 -24.95 -40.42 -1.02
C ASP F 146 -24.05 -40.58 -2.25
N ASP F 147 -24.31 -41.59 -3.06
CA ASP F 147 -23.46 -41.92 -4.21
C ASP F 147 -23.58 -40.93 -5.36
N LEU F 148 -24.71 -40.20 -5.37
CA LEU F 148 -24.93 -39.09 -6.30
C LEU F 148 -24.20 -37.84 -5.81
N SER F 149 -23.62 -37.93 -4.62
CA SER F 149 -22.98 -36.83 -3.95
C SER F 149 -23.96 -35.71 -3.57
N ASN F 150 -25.25 -36.05 -3.48
CA ASN F 150 -26.28 -35.08 -3.07
C ASN F 150 -26.66 -35.22 -1.59
N ASP F 151 -25.91 -36.02 -0.84
CA ASP F 151 -26.06 -36.19 0.62
C ASP F 151 -27.35 -36.83 1.12
N GLY F 152 -27.39 -38.16 1.16
CA GLY F 152 -28.55 -38.90 1.61
C GLY F 152 -28.90 -38.72 3.08
N MET F 153 -27.88 -38.52 3.92
CA MET F 153 -28.10 -38.29 5.33
C MET F 153 -28.79 -36.94 5.61
N ARG F 154 -28.52 -35.95 4.76
CA ARG F 154 -29.17 -34.66 4.88
C ARG F 154 -30.63 -34.77 4.49
N MET F 155 -30.91 -35.53 3.42
CA MET F 155 -32.29 -35.72 2.98
C MET F 155 -33.09 -36.50 4.02
N LEU F 156 -32.48 -37.50 4.63
CA LEU F 156 -33.08 -38.20 5.77
C LEU F 156 -33.38 -37.25 6.94
N GLY F 157 -32.43 -36.40 7.26
CA GLY F 157 -32.58 -35.44 8.34
C GLY F 157 -33.70 -34.46 8.11
N GLU F 158 -33.94 -34.11 6.86
CA GLU F 158 -35.02 -33.21 6.51
C GLU F 158 -36.37 -33.92 6.78
N ILE F 159 -36.45 -35.19 6.40
CA ILE F 159 -37.65 -36.02 6.58
C ILE F 159 -37.94 -36.26 8.09
N VAL F 160 -36.91 -36.57 8.87
CA VAL F 160 -37.05 -36.64 10.34
C VAL F 160 -37.60 -35.33 10.93
N GLU F 161 -37.02 -34.23 10.53
CA GLU F 161 -37.45 -32.91 10.97
C GLU F 161 -38.92 -32.64 10.60
N ILE F 162 -39.30 -32.89 9.37
CA ILE F 162 -40.66 -32.65 8.97
C ILE F 162 -41.61 -33.52 9.76
N TYR F 163 -41.27 -34.79 9.95
CA TYR F 163 -42.16 -35.74 10.66
C TYR F 163 -42.23 -35.39 12.12
N ASN F 164 -41.16 -34.86 12.67
CA ASN F 164 -41.24 -34.34 14.05
C ASN F 164 -42.14 -33.14 14.10
N ASN F 165 -42.08 -32.29 13.09
CA ASN F 165 -42.92 -31.10 13.11
C ASN F 165 -44.44 -31.44 13.23
N TYR F 166 -44.88 -32.48 12.52
CA TYR F 166 -46.29 -32.76 12.36
C TYR F 166 -46.78 -33.99 13.09
N GLY F 167 -45.87 -34.75 13.67
CA GLY F 167 -46.25 -36.00 14.36
C GLY F 167 -47.01 -36.98 13.48
N PHE F 168 -46.64 -37.08 12.20
CA PHE F 168 -47.23 -38.10 11.32
C PHE F 168 -47.00 -39.46 12.02
N GLU F 169 -48.00 -40.32 11.99
CA GLU F 169 -47.91 -41.63 12.58
C GLU F 169 -46.89 -42.47 11.81
N THR F 170 -46.70 -42.19 10.53
CA THR F 170 -45.73 -42.90 9.69
C THR F 170 -44.34 -42.97 10.35
N GLU F 171 -43.73 -44.15 10.30
CA GLU F 171 -42.39 -44.33 10.85
C GLU F 171 -41.35 -44.36 9.75
N ILE F 172 -40.19 -43.79 10.03
CA ILE F 172 -39.13 -43.68 9.05
C ILE F 172 -38.20 -44.82 9.23
N ILE F 173 -38.05 -45.57 8.15
CA ILE F 173 -37.03 -46.57 8.00
C ILE F 173 -35.86 -46.02 7.16
N ALA F 174 -34.76 -45.64 7.78
CA ALA F 174 -33.56 -45.35 7.06
C ALA F 174 -33.09 -46.57 6.27
N ALA F 175 -33.14 -46.48 4.94
CA ALA F 175 -32.85 -47.58 4.07
C ALA F 175 -31.64 -47.27 3.19
N SER F 176 -31.23 -48.23 2.37
CA SER F 176 -30.03 -48.12 1.59
C SER F 176 -28.84 -47.78 2.50
N ILE F 177 -28.77 -48.51 3.62
CA ILE F 177 -27.71 -48.37 4.61
C ILE F 177 -26.55 -49.28 4.22
N ARG F 178 -25.36 -48.67 4.16
CA ARG F 178 -24.16 -49.31 3.59
C ARG F 178 -23.04 -49.52 4.61
N HIS F 179 -23.03 -48.76 5.71
CA HIS F 179 -21.92 -48.82 6.64
C HIS F 179 -22.33 -48.33 8.00
N PRO F 180 -21.53 -48.63 9.03
CA PRO F 180 -21.80 -48.19 10.42
C PRO F 180 -22.11 -46.70 10.69
N MET F 181 -21.44 -45.78 9.98
CA MET F 181 -21.67 -44.36 10.20
C MET F 181 -23.07 -43.94 9.75
N HIS F 182 -23.62 -44.63 8.74
CA HIS F 182 -25.03 -44.41 8.36
C HIS F 182 -25.93 -44.66 9.57
N VAL F 183 -25.65 -45.75 10.29
CA VAL F 183 -26.48 -46.18 11.41
C VAL F 183 -26.31 -45.22 12.59
N VAL F 184 -25.08 -44.83 12.88
CA VAL F 184 -24.82 -43.89 13.95
C VAL F 184 -25.40 -42.50 13.67
N GLU F 185 -25.23 -41.99 12.46
CA GLU F 185 -25.78 -40.68 12.10
C GLU F 185 -27.30 -40.68 12.13
N ALA F 186 -27.90 -41.76 11.64
CA ALA F 186 -29.36 -41.97 11.68
C ALA F 186 -29.88 -41.99 13.11
N ALA F 187 -29.15 -42.68 14.00
CA ALA F 187 -29.50 -42.74 15.41
C ALA F 187 -29.33 -41.36 16.08
N LEU F 188 -28.30 -40.61 15.72
CA LEU F 188 -28.08 -39.27 16.29
C LEU F 188 -29.18 -38.30 15.91
N MET F 189 -29.82 -38.46 14.74
CA MET F 189 -30.96 -37.63 14.38
C MET F 189 -32.31 -38.23 14.85
N GLY F 190 -32.27 -39.44 15.39
CA GLY F 190 -33.45 -40.06 16.00
C GLY F 190 -34.43 -40.66 15.00
N VAL F 191 -33.93 -41.27 13.94
CA VAL F 191 -34.74 -42.02 12.99
C VAL F 191 -35.41 -43.18 13.75
N ASP F 192 -36.62 -43.55 13.34
CA ASP F 192 -37.37 -44.55 14.06
C ASP F 192 -36.71 -45.92 13.93
N ILE F 193 -36.36 -46.24 12.69
CA ILE F 193 -35.89 -47.57 12.34
C ILE F 193 -34.77 -47.38 11.33
N VAL F 194 -33.79 -48.24 11.44
CA VAL F 194 -32.76 -48.39 10.43
C VAL F 194 -32.77 -49.84 9.96
N THR F 195 -32.88 -50.04 8.65
CA THR F 195 -32.81 -51.37 8.04
C THR F 195 -31.45 -51.52 7.33
N MET F 196 -30.76 -52.60 7.65
CA MET F 196 -29.36 -52.73 7.24
C MET F 196 -29.05 -54.17 6.85
N PRO F 197 -28.03 -54.38 6.01
CA PRO F 197 -27.54 -55.72 5.75
C PRO F 197 -26.92 -56.32 7.00
N PHE F 198 -26.94 -57.65 7.07
CA PHE F 198 -26.41 -58.35 8.21
C PHE F 198 -24.92 -58.02 8.37
N ALA F 199 -24.18 -57.94 7.25
CA ALA F 199 -22.77 -57.60 7.29
C ALA F 199 -22.52 -56.28 8.06
N VAL F 200 -23.41 -55.32 7.88
CA VAL F 200 -23.32 -54.04 8.59
C VAL F 200 -23.58 -54.19 10.09
N LEU F 201 -24.59 -55.00 10.41
CA LEU F 201 -24.89 -55.32 11.79
C LEU F 201 -23.70 -55.91 12.49
N GLU F 202 -23.08 -56.91 11.86
CA GLU F 202 -21.89 -57.54 12.44
C GLU F 202 -20.81 -56.52 12.80
N LYS F 203 -20.58 -55.55 11.91
CA LYS F 203 -19.58 -54.49 12.15
C LYS F 203 -19.88 -53.65 13.39
N LEU F 204 -21.16 -53.45 13.69
CA LEU F 204 -21.58 -52.66 14.86
C LEU F 204 -21.12 -53.20 16.19
N PHE F 205 -20.92 -54.51 16.28
CA PHE F 205 -20.40 -55.14 17.51
C PHE F 205 -18.93 -54.78 17.79
N LYS F 206 -18.19 -54.48 16.73
CA LYS F 206 -16.74 -54.56 16.74
C LYS F 206 -15.99 -53.27 17.10
N HIS F 207 -14.93 -53.44 17.86
CA HIS F 207 -13.97 -52.40 18.08
C HIS F 207 -12.64 -53.01 18.52
N PRO F 208 -11.53 -52.51 17.97
CA PRO F 208 -10.22 -53.02 18.33
C PRO F 208 -9.85 -52.82 19.80
N MET F 209 -10.40 -51.79 20.40
CA MET F 209 -10.18 -51.53 21.83
C MET F 209 -10.94 -52.50 22.75
N THR F 210 -12.10 -52.96 22.30
CA THR F 210 -12.82 -54.05 22.94
C THR F 210 -11.96 -55.32 22.95
N ASP F 211 -11.38 -55.67 21.80
CA ASP F 211 -10.57 -56.91 21.70
C ASP F 211 -9.33 -56.84 22.58
N LEU F 212 -8.71 -55.69 22.62
CA LEU F 212 -7.57 -55.49 23.49
C LEU F 212 -7.94 -55.54 24.95
N GLY F 213 -9.06 -54.95 25.28
CA GLY F 213 -9.59 -55.02 26.64
C GLY F 213 -9.89 -56.44 27.09
N ILE F 214 -10.42 -57.26 26.18
CA ILE F 214 -10.64 -58.68 26.45
C ILE F 214 -9.33 -59.46 26.63
N GLU F 215 -8.32 -59.23 25.79
CA GLU F 215 -7.02 -59.85 25.98
C GLU F 215 -6.43 -59.47 27.33
N ARG F 216 -6.56 -58.20 27.68
CA ARG F 216 -5.99 -57.70 28.94
C ARG F 216 -6.73 -58.22 30.16
N PHE F 217 -8.05 -58.28 30.11
CA PHE F 217 -8.79 -58.79 31.25
C PHE F 217 -8.44 -60.26 31.53
N MET F 218 -8.18 -61.02 30.47
CA MET F 218 -7.80 -62.42 30.57
C MET F 218 -6.40 -62.60 31.08
N GLU F 219 -5.44 -61.92 30.47
CA GLU F 219 -4.05 -61.96 30.89
C GLU F 219 -3.98 -61.74 32.41
N ASP F 220 -4.68 -60.70 32.84
CA ASP F 220 -4.70 -60.24 34.24
C ASP F 220 -5.37 -61.24 35.18
N TRP F 221 -6.62 -61.59 34.87
CA TRP F 221 -7.32 -62.64 35.62
C TRP F 221 -6.48 -63.93 35.78
N LYS F 222 -5.89 -64.38 34.67
CA LYS F 222 -5.08 -65.57 34.61
C LYS F 222 -3.82 -65.43 35.47
N LYS F 223 -3.42 -64.20 35.75
CA LYS F 223 -2.29 -63.93 36.65
C LYS F 223 -2.77 -63.80 38.08
N TYR F 224 -4.01 -63.40 38.23
CA TYR F 224 -4.70 -63.41 39.51
C TYR F 224 -4.94 -64.84 39.94
N LEU F 225 -5.40 -65.69 39.02
CA LEU F 225 -5.56 -67.14 39.30
C LEU F 225 -4.23 -67.81 39.53
N GLU F 226 -3.23 -67.49 38.70
CA GLU F 226 -1.86 -68.00 38.89
C GLU F 226 -1.30 -67.69 40.28
N ASN F 227 -1.88 -66.69 40.94
CA ASN F 227 -1.62 -66.41 42.35
C ASN F 227 -2.57 -67.24 43.24
N LEU F 228 -2.00 -68.04 44.13
CA LEU F 228 -2.73 -69.04 44.94
C LEU F 228 -1.86 -69.56 46.09
N HIS G 11 -50.82 -32.04 14.77
CA HIS G 11 -50.92 -31.37 13.43
C HIS G 11 -51.56 -32.29 12.40
N HIS G 12 -50.69 -33.04 11.73
CA HIS G 12 -50.64 -33.29 10.27
C HIS G 12 -50.56 -32.01 9.47
N MET G 13 -49.58 -31.94 8.57
CA MET G 13 -49.49 -30.86 7.62
C MET G 13 -50.60 -31.06 6.57
N LYS G 14 -51.33 -29.99 6.28
CA LYS G 14 -52.41 -30.03 5.35
C LYS G 14 -51.91 -29.53 4.00
N ILE G 15 -52.49 -30.07 2.93
CA ILE G 15 -52.25 -29.58 1.58
C ILE G 15 -53.59 -29.20 0.96
N PHE G 16 -53.73 -27.94 0.57
CA PHE G 16 -54.87 -27.48 -0.19
C PHE G 16 -54.44 -27.32 -1.66
N LEU G 17 -55.39 -27.42 -2.59
CA LEU G 17 -55.11 -27.14 -3.99
C LEU G 17 -55.62 -25.76 -4.41
N ASP G 18 -54.78 -25.00 -5.12
CA ASP G 18 -55.19 -23.77 -5.76
C ASP G 18 -55.81 -24.13 -7.11
N THR G 19 -57.10 -24.39 -7.12
CA THR G 19 -57.76 -24.89 -8.32
C THR G 19 -59.27 -24.71 -8.21
N ALA G 20 -59.92 -24.77 -9.34
CA ALA G 20 -61.34 -25.00 -9.39
C ALA G 20 -61.65 -26.24 -10.26
N ASN G 21 -60.62 -26.94 -10.74
CA ASN G 21 -60.83 -28.12 -11.60
C ASN G 21 -61.15 -29.34 -10.74
N LEU G 22 -62.29 -29.96 -11.04
CA LEU G 22 -62.81 -31.07 -10.25
C LEU G 22 -62.06 -32.39 -10.46
N GLU G 23 -61.51 -32.61 -11.67
CA GLU G 23 -60.72 -33.82 -11.93
C GLU G 23 -59.43 -33.81 -11.09
N GLU G 24 -58.75 -32.67 -11.06
CA GLU G 24 -57.57 -32.51 -10.22
C GLU G 24 -57.85 -32.72 -8.75
N ILE G 25 -58.96 -32.17 -8.27
CA ILE G 25 -59.39 -32.36 -6.87
C ILE G 25 -59.80 -33.84 -6.61
N LYS G 26 -60.47 -34.46 -7.58
CA LYS G 26 -60.77 -35.89 -7.44
C LYS G 26 -59.49 -36.76 -7.31
N LYS G 27 -58.53 -36.60 -8.19
CA LYS G 27 -57.21 -37.20 -8.00
C LYS G 27 -56.63 -36.86 -6.61
N GLY G 28 -56.63 -35.59 -6.25
CA GLY G 28 -56.12 -35.18 -4.96
C GLY G 28 -56.71 -35.97 -3.81
N VAL G 29 -58.02 -36.18 -3.83
CA VAL G 29 -58.65 -36.95 -2.73
C VAL G 29 -58.48 -38.47 -2.93
N GLU G 30 -58.42 -38.94 -4.18
CA GLU G 30 -58.04 -40.33 -4.46
C GLU G 30 -56.66 -40.70 -3.91
N TRP G 31 -55.72 -39.76 -3.95
CA TRP G 31 -54.42 -39.98 -3.36
C TRP G 31 -54.45 -39.87 -1.83
N GLY G 32 -55.52 -39.28 -1.30
CA GLY G 32 -55.67 -39.10 0.14
C GLY G 32 -54.74 -38.04 0.68
N ILE G 33 -54.43 -37.06 -0.14
CA ILE G 33 -53.37 -36.10 0.15
C ILE G 33 -53.82 -34.64 0.16
N VAL G 34 -54.98 -34.36 -0.45
CA VAL G 34 -55.57 -33.03 -0.47
C VAL G 34 -56.68 -32.87 0.58
N ASP G 35 -56.49 -31.90 1.46
CA ASP G 35 -57.36 -31.63 2.58
C ASP G 35 -58.42 -30.58 2.33
N GLY G 36 -58.19 -29.73 1.33
CA GLY G 36 -59.07 -28.61 1.05
C GLY G 36 -58.71 -27.93 -0.25
N VAL G 37 -59.42 -26.87 -0.59
CA VAL G 37 -59.22 -26.16 -1.85
C VAL G 37 -59.28 -24.65 -1.65
N THR G 38 -58.38 -23.90 -2.27
CA THR G 38 -58.46 -22.46 -2.29
C THR G 38 -58.84 -22.07 -3.71
N THR G 39 -59.77 -21.14 -3.81
CA THR G 39 -60.38 -20.84 -5.09
C THR G 39 -60.37 -19.33 -5.39
N ASN G 40 -60.62 -18.98 -6.66
CA ASN G 40 -60.84 -17.59 -7.10
C ASN G 40 -61.73 -17.56 -8.37
N PRO G 41 -62.39 -16.43 -8.63
CA PRO G 41 -63.39 -16.35 -9.72
C PRO G 41 -62.83 -16.70 -11.10
N THR G 42 -61.58 -16.32 -11.33
CA THR G 42 -60.82 -16.63 -12.52
C THR G 42 -60.78 -18.15 -12.80
N LEU G 43 -60.34 -18.89 -11.76
CA LEU G 43 -60.19 -20.34 -11.78
C LEU G 43 -61.47 -21.05 -12.16
N ILE G 44 -62.54 -20.66 -11.46
CA ILE G 44 -63.91 -21.19 -11.67
C ILE G 44 -64.41 -20.82 -13.02
N SER G 45 -64.28 -19.52 -13.31
CA SER G 45 -64.65 -18.94 -14.60
C SER G 45 -64.01 -19.74 -15.75
N LYS G 46 -62.78 -20.22 -15.52
CA LYS G 46 -62.02 -20.89 -16.58
C LYS G 46 -62.54 -22.31 -16.89
N GLU G 47 -63.43 -22.80 -16.02
CA GLU G 47 -63.92 -24.19 -16.04
C GLU G 47 -65.32 -24.27 -16.61
N GLY G 48 -65.88 -23.13 -17.02
CA GLY G 48 -67.23 -23.09 -17.60
C GLY G 48 -68.31 -23.27 -16.54
N ALA G 49 -67.91 -23.08 -15.27
CA ALA G 49 -68.79 -23.25 -14.11
C ALA G 49 -69.24 -21.89 -13.56
N GLU G 50 -70.50 -21.86 -13.08
CA GLU G 50 -71.05 -20.74 -12.27
C GLU G 50 -70.42 -20.78 -10.85
N PHE G 51 -70.28 -19.62 -10.20
CA PHE G 51 -69.52 -19.50 -8.94
C PHE G 51 -69.99 -20.39 -7.78
N LYS G 52 -71.23 -20.20 -7.35
CA LYS G 52 -71.85 -20.97 -6.28
C LYS G 52 -71.97 -22.49 -6.52
N GLN G 53 -72.40 -22.91 -7.70
CA GLN G 53 -72.44 -24.36 -7.96
C GLN G 53 -71.05 -24.93 -7.80
N ARG G 54 -70.05 -24.23 -8.35
CA ARG G 54 -68.72 -24.78 -8.39
C ARG G 54 -68.09 -24.79 -7.01
N VAL G 55 -68.32 -23.74 -6.20
CA VAL G 55 -67.94 -23.81 -4.80
C VAL G 55 -68.65 -24.97 -4.11
N LYS G 56 -69.93 -25.12 -4.37
CA LYS G 56 -70.68 -26.25 -3.82
C LYS G 56 -70.13 -27.58 -4.34
N GLU G 57 -69.89 -27.69 -5.65
CA GLU G 57 -69.38 -28.93 -6.29
C GLU G 57 -68.04 -29.28 -5.60
N ILE G 58 -67.21 -28.29 -5.39
CA ILE G 58 -65.90 -28.49 -4.79
C ILE G 58 -65.99 -28.96 -3.33
N CYS G 59 -66.89 -28.34 -2.55
CA CYS G 59 -67.13 -28.75 -1.15
C CYS G 59 -67.54 -30.21 -1.03
N ASP G 60 -68.48 -30.60 -1.88
CA ASP G 60 -68.97 -31.98 -1.91
C ASP G 60 -67.85 -32.94 -2.26
N LEU G 61 -66.91 -32.51 -3.09
CA LEU G 61 -65.83 -33.39 -3.55
C LEU G 61 -64.72 -33.51 -2.51
N VAL G 62 -64.22 -32.38 -2.02
CA VAL G 62 -63.07 -32.42 -1.12
C VAL G 62 -63.50 -32.68 0.32
N LYS G 63 -64.73 -32.30 0.67
CA LYS G 63 -65.21 -32.41 2.06
C LYS G 63 -64.16 -31.92 3.02
N GLY G 64 -63.72 -30.70 2.78
CA GLY G 64 -62.72 -30.06 3.62
C GLY G 64 -62.77 -28.59 3.28
N PRO G 65 -61.99 -27.75 3.97
CA PRO G 65 -62.09 -26.29 3.80
C PRO G 65 -61.97 -25.86 2.35
N VAL G 66 -62.93 -25.07 1.87
CA VAL G 66 -62.85 -24.50 0.51
C VAL G 66 -63.00 -22.99 0.60
N SER G 67 -61.87 -22.30 0.43
CA SER G 67 -61.79 -20.85 0.57
C SER G 67 -62.36 -20.19 -0.68
N ALA G 68 -63.28 -19.25 -0.49
CA ALA G 68 -63.91 -18.54 -1.58
C ALA G 68 -63.97 -17.03 -1.29
N GLU G 69 -63.66 -16.23 -2.30
CA GLU G 69 -63.58 -14.77 -2.15
C GLU G 69 -64.93 -14.09 -2.32
N VAL G 70 -65.09 -12.98 -1.59
CA VAL G 70 -66.25 -12.11 -1.77
C VAL G 70 -65.95 -10.98 -2.78
N VAL G 71 -67.00 -10.39 -3.32
CA VAL G 71 -66.85 -9.29 -4.27
C VAL G 71 -66.52 -7.96 -3.55
N SER G 72 -67.29 -7.62 -2.53
CA SER G 72 -67.21 -6.30 -1.92
C SER G 72 -65.93 -6.07 -1.14
N LEU G 73 -65.56 -4.81 -0.99
CA LEU G 73 -64.41 -4.42 -0.17
C LEU G 73 -64.79 -3.59 1.05
N ASP G 74 -66.01 -3.11 1.10
CA ASP G 74 -66.48 -2.40 2.27
C ASP G 74 -66.94 -3.40 3.29
N TYR G 75 -66.85 -3.02 4.55
CA TYR G 75 -67.20 -3.90 5.67
C TYR G 75 -68.61 -4.49 5.60
N GLU G 76 -69.59 -3.66 5.38
CA GLU G 76 -70.98 -4.12 5.31
C GLU G 76 -71.19 -5.16 4.19
N GLY G 77 -70.70 -4.85 2.99
CA GLY G 77 -70.83 -5.71 1.84
C GLY G 77 -70.08 -7.01 1.98
N MET G 78 -68.87 -6.97 2.53
CA MET G 78 -68.12 -8.19 2.80
C MET G 78 -68.91 -9.12 3.75
N VAL G 79 -69.42 -8.57 4.82
CA VAL G 79 -70.13 -9.36 5.81
C VAL G 79 -71.41 -9.96 5.20
N ARG G 80 -72.18 -9.12 4.51
CA ARG G 80 -73.39 -9.58 3.83
C ARG G 80 -73.10 -10.76 2.92
N GLU G 81 -72.08 -10.63 2.07
CA GLU G 81 -71.79 -11.68 1.08
C GLU G 81 -71.19 -12.93 1.72
N ALA G 82 -70.36 -12.74 2.77
CA ALA G 82 -69.82 -13.84 3.53
C ALA G 82 -70.93 -14.72 4.09
N ARG G 83 -71.96 -14.10 4.65
CA ARG G 83 -73.10 -14.86 5.18
C ARG G 83 -73.79 -15.64 4.09
N GLU G 84 -73.88 -15.05 2.90
CA GLU G 84 -74.52 -15.72 1.76
C GLU G 84 -73.68 -16.93 1.29
N LEU G 85 -72.37 -16.73 1.12
CA LEU G 85 -71.49 -17.83 0.74
C LEU G 85 -71.42 -18.94 1.80
N ALA G 86 -71.41 -18.56 3.09
CA ALA G 86 -71.32 -19.54 4.17
C ALA G 86 -72.53 -20.51 4.08
N GLN G 87 -73.68 -20.02 3.67
CA GLN G 87 -74.84 -20.88 3.56
C GLN G 87 -74.67 -22.02 2.56
N ILE G 88 -73.72 -21.93 1.61
CA ILE G 88 -73.57 -22.97 0.58
C ILE G 88 -73.17 -24.33 1.19
N SER G 89 -72.31 -24.30 2.19
CA SER G 89 -71.79 -25.54 2.74
C SER G 89 -70.99 -25.24 4.01
N GLU G 90 -70.99 -26.17 4.95
CA GLU G 90 -70.21 -26.04 6.21
C GLU G 90 -68.71 -25.89 5.93
N TYR G 91 -68.27 -26.39 4.80
CA TYR G 91 -66.85 -26.36 4.46
C TYR G 91 -66.33 -25.05 3.89
N VAL G 92 -67.23 -24.16 3.52
CA VAL G 92 -66.88 -22.88 2.91
C VAL G 92 -66.18 -21.98 3.90
N VAL G 93 -65.02 -21.45 3.48
CA VAL G 93 -64.18 -20.50 4.25
C VAL G 93 -64.15 -19.20 3.43
N ILE G 94 -64.42 -18.07 4.08
CA ILE G 94 -64.51 -16.82 3.34
C ILE G 94 -63.14 -16.11 3.26
N LYS G 95 -62.70 -15.88 2.03
CA LYS G 95 -61.46 -15.13 1.76
C LYS G 95 -61.71 -13.65 1.95
N ILE G 96 -60.96 -13.07 2.89
CA ILE G 96 -61.06 -11.65 3.21
C ILE G 96 -59.67 -11.03 2.95
N PRO G 97 -59.60 -9.97 2.16
CA PRO G 97 -58.33 -9.28 1.96
C PRO G 97 -57.88 -8.57 3.24
N MET G 98 -56.57 -8.50 3.43
CA MET G 98 -56.01 -7.85 4.62
C MET G 98 -56.17 -6.31 4.51
N THR G 99 -57.29 -5.83 5.02
CA THR G 99 -57.56 -4.41 5.12
C THR G 99 -58.23 -4.14 6.45
N PRO G 100 -58.23 -2.87 6.88
CA PRO G 100 -58.97 -2.48 8.08
C PRO G 100 -60.43 -2.99 8.11
N ASP G 101 -61.15 -2.77 7.02
CA ASP G 101 -62.51 -3.22 6.84
C ASP G 101 -62.60 -4.73 6.82
N GLY G 102 -61.64 -5.37 6.16
CA GLY G 102 -61.56 -6.83 6.19
C GLY G 102 -61.31 -7.40 7.59
N ILE G 103 -60.53 -6.69 8.39
CA ILE G 103 -60.28 -7.12 9.77
C ILE G 103 -61.52 -6.94 10.61
N LYS G 104 -62.20 -5.83 10.39
CA LYS G 104 -63.47 -5.57 11.04
C LYS G 104 -64.42 -6.73 10.73
N ALA G 105 -64.51 -7.06 9.43
CA ALA G 105 -65.35 -8.16 8.96
C ALA G 105 -65.03 -9.48 9.61
N VAL G 106 -63.75 -9.76 9.83
CA VAL G 106 -63.30 -10.97 10.52
C VAL G 106 -63.75 -11.00 11.98
N LYS G 107 -63.67 -9.88 12.65
CA LYS G 107 -64.15 -9.79 14.03
C LYS G 107 -65.62 -10.18 14.08
N THR G 108 -66.41 -9.59 13.19
CA THR G 108 -67.85 -9.87 13.09
C THR G 108 -68.19 -11.31 12.72
N LEU G 109 -67.53 -11.80 11.67
CA LEU G 109 -67.82 -13.14 11.16
C LEU G 109 -67.38 -14.25 12.11
N SER G 110 -66.26 -14.04 12.77
CA SER G 110 -65.75 -15.01 13.75
C SER G 110 -66.77 -15.16 14.85
N ALA G 111 -67.33 -14.05 15.33
CA ALA G 111 -68.38 -14.09 16.39
C ALA G 111 -69.61 -14.84 15.96
N GLU G 112 -69.90 -14.90 14.67
CA GLU G 112 -71.05 -15.64 14.15
C GLU G 112 -70.74 -17.05 13.71
N GLY G 113 -69.53 -17.52 13.97
CA GLY G 113 -69.18 -18.89 13.58
C GLY G 113 -68.85 -19.06 12.11
N ILE G 114 -68.59 -17.98 11.41
CA ILE G 114 -68.25 -18.05 9.97
C ILE G 114 -66.71 -18.02 9.80
N LYS G 115 -66.16 -19.05 9.13
CA LYS G 115 -64.73 -19.18 9.03
C LYS G 115 -64.18 -18.21 8.01
N THR G 116 -62.97 -17.74 8.31
CA THR G 116 -62.33 -16.75 7.43
C THR G 116 -60.90 -17.07 7.12
N ASN G 117 -60.48 -16.61 5.98
CA ASN G 117 -59.13 -16.77 5.51
C ASN G 117 -58.62 -15.40 5.09
N VAL G 118 -57.77 -14.83 5.93
CA VAL G 118 -57.24 -13.54 5.58
C VAL G 118 -56.10 -13.67 4.55
N THR G 119 -56.27 -12.99 3.44
CA THR G 119 -55.45 -13.18 2.31
C THR G 119 -54.71 -11.85 2.00
N LEU G 120 -53.79 -11.88 1.02
CA LEU G 120 -52.94 -10.74 0.68
C LEU G 120 -52.11 -10.26 1.88
N VAL G 121 -51.48 -11.22 2.54
CA VAL G 121 -50.63 -10.91 3.69
C VAL G 121 -49.18 -11.00 3.22
N PHE G 122 -48.47 -9.89 3.41
CA PHE G 122 -47.09 -9.73 3.00
C PHE G 122 -46.15 -9.35 4.13
N SER G 123 -46.65 -9.24 5.37
CA SER G 123 -45.80 -8.92 6.50
C SER G 123 -46.26 -9.66 7.75
N PRO G 124 -45.35 -9.87 8.69
CA PRO G 124 -45.71 -10.45 9.97
C PRO G 124 -46.67 -9.59 10.79
N ALA G 125 -46.59 -8.26 10.63
CA ALA G 125 -47.48 -7.35 11.33
C ALA G 125 -48.93 -7.58 10.90
N GLN G 126 -49.16 -7.68 9.61
CA GLN G 126 -50.47 -7.99 9.06
C GLN G 126 -50.98 -9.30 9.64
N ALA G 127 -50.09 -10.29 9.71
CA ALA G 127 -50.43 -11.60 10.24
C ALA G 127 -50.82 -11.59 11.72
N ILE G 128 -50.22 -10.73 12.53
CA ILE G 128 -50.60 -10.60 13.93
C ILE G 128 -52.01 -10.04 14.03
N LEU G 129 -52.30 -9.00 13.28
CA LEU G 129 -53.66 -8.43 13.29
C LEU G 129 -54.69 -9.44 12.84
N ALA G 130 -54.41 -10.23 11.80
CA ALA G 130 -55.36 -11.27 11.34
C ALA G 130 -55.70 -12.27 12.42
N ALA G 131 -54.70 -12.74 13.15
CA ALA G 131 -54.92 -13.67 14.26
C ALA G 131 -55.69 -13.01 15.38
N LYS G 132 -55.30 -11.79 15.73
CA LYS G 132 -55.95 -11.14 16.87
C LYS G 132 -57.41 -10.90 16.56
N ALA G 133 -57.75 -10.64 15.32
CA ALA G 133 -59.15 -10.41 14.93
C ALA G 133 -59.95 -11.70 14.96
N GLY G 134 -59.23 -12.82 14.99
CA GLY G 134 -59.85 -14.12 15.08
C GLY G 134 -59.99 -14.87 13.77
N ALA G 135 -59.16 -14.58 12.78
CA ALA G 135 -59.22 -15.28 11.49
C ALA G 135 -58.99 -16.81 11.67
N THR G 136 -59.69 -17.60 10.88
CA THR G 136 -59.52 -19.03 10.96
C THR G 136 -58.18 -19.37 10.34
N TYR G 137 -57.90 -18.71 9.22
CA TYR G 137 -56.64 -18.88 8.52
C TYR G 137 -56.07 -17.55 8.11
N VAL G 138 -54.76 -17.55 7.90
CA VAL G 138 -54.04 -16.43 7.29
C VAL G 138 -53.24 -17.00 6.12
N SER G 139 -53.13 -16.24 5.04
CA SER G 139 -52.47 -16.71 3.84
C SER G 139 -51.39 -15.72 3.40
N PRO G 140 -50.17 -15.86 3.98
CA PRO G 140 -48.98 -15.15 3.48
C PRO G 140 -48.56 -15.56 2.07
N PHE G 141 -48.27 -14.57 1.24
CA PHE G 141 -47.97 -14.81 -0.17
C PHE G 141 -46.47 -14.82 -0.37
N VAL G 142 -45.93 -16.04 -0.32
CA VAL G 142 -44.51 -16.31 -0.35
C VAL G 142 -43.86 -16.00 -1.72
N GLY G 143 -44.39 -16.62 -2.78
CA GLY G 143 -43.86 -16.44 -4.15
C GLY G 143 -43.78 -15.01 -4.59
N ARG G 144 -44.82 -14.25 -4.27
CA ARG G 144 -44.85 -12.85 -4.66
C ARG G 144 -43.79 -12.02 -3.98
N MET G 145 -43.53 -12.33 -2.71
CA MET G 145 -42.45 -11.64 -1.99
C MET G 145 -41.10 -12.05 -2.48
N ASP G 146 -40.96 -13.33 -2.80
CA ASP G 146 -39.73 -13.86 -3.35
C ASP G 146 -39.33 -13.06 -4.58
N ASP G 147 -40.30 -12.80 -5.45
CA ASP G 147 -40.04 -12.11 -6.73
C ASP G 147 -39.63 -10.70 -6.57
N LEU G 148 -39.94 -10.11 -5.43
CA LEU G 148 -39.41 -8.79 -5.04
C LEU G 148 -37.99 -8.88 -4.49
N SER G 149 -37.45 -10.10 -4.39
CA SER G 149 -36.13 -10.36 -3.78
C SER G 149 -36.10 -9.96 -2.30
N ASN G 150 -37.26 -9.91 -1.68
CA ASN G 150 -37.35 -9.60 -0.27
C ASN G 150 -37.64 -10.85 0.60
N ASP G 151 -37.56 -12.03 -0.02
CA ASP G 151 -37.51 -13.32 0.71
C ASP G 151 -38.83 -13.69 1.38
N GLY G 152 -39.71 -14.32 0.63
CA GLY G 152 -41.02 -14.67 1.14
C GLY G 152 -40.96 -15.77 2.18
N MET G 153 -39.98 -16.65 2.08
CA MET G 153 -39.88 -17.77 2.99
C MET G 153 -39.48 -17.26 4.36
N ARG G 154 -38.63 -16.24 4.37
CA ARG G 154 -38.22 -15.62 5.60
C ARG G 154 -39.43 -14.95 6.29
N MET G 155 -40.29 -14.28 5.52
CA MET G 155 -41.42 -13.63 6.14
C MET G 155 -42.39 -14.68 6.68
N LEU G 156 -42.56 -15.78 5.93
CA LEU G 156 -43.35 -16.91 6.39
C LEU G 156 -42.76 -17.48 7.69
N GLY G 157 -41.45 -17.64 7.75
CA GLY G 157 -40.81 -18.14 8.97
C GLY G 157 -41.03 -17.25 10.18
N GLU G 158 -41.11 -15.94 9.98
CA GLU G 158 -41.36 -15.01 11.06
C GLU G 158 -42.77 -15.11 11.55
N ILE G 159 -43.72 -15.37 10.65
CA ILE G 159 -45.11 -15.51 11.05
C ILE G 159 -45.32 -16.80 11.80
N VAL G 160 -44.73 -17.90 11.32
CA VAL G 160 -44.75 -19.18 12.04
C VAL G 160 -44.15 -19.01 13.45
N GLU G 161 -43.03 -18.34 13.54
CA GLU G 161 -42.36 -18.13 14.83
C GLU G 161 -43.24 -17.32 15.80
N ILE G 162 -43.90 -16.26 15.29
CA ILE G 162 -44.77 -15.43 16.12
C ILE G 162 -46.00 -16.27 16.56
N TYR G 163 -46.60 -17.00 15.62
CA TYR G 163 -47.78 -17.78 15.96
C TYR G 163 -47.43 -18.95 16.91
N ASN G 164 -46.24 -19.50 16.81
CA ASN G 164 -45.79 -20.45 17.83
C ASN G 164 -45.63 -19.79 19.18
N ASN G 165 -45.17 -18.53 19.23
CA ASN G 165 -44.93 -17.88 20.54
C ASN G 165 -46.23 -17.67 21.35
N TYR G 166 -47.33 -17.41 20.66
CA TYR G 166 -48.58 -17.00 21.26
C TYR G 166 -49.68 -18.04 21.14
N GLY G 167 -49.47 -19.08 20.38
CA GLY G 167 -50.49 -20.10 20.14
C GLY G 167 -51.82 -19.55 19.63
N PHE G 168 -51.75 -18.58 18.72
CA PHE G 168 -52.94 -18.09 18.07
C PHE G 168 -53.67 -19.32 17.47
N GLU G 169 -54.98 -19.33 17.54
CA GLU G 169 -55.75 -20.46 16.97
C GLU G 169 -55.74 -20.41 15.48
N THR G 170 -55.52 -19.22 14.93
CA THR G 170 -55.40 -19.01 13.47
C THR G 170 -54.33 -19.95 12.86
N GLU G 171 -54.67 -20.57 11.75
CA GLU G 171 -53.76 -21.49 11.07
C GLU G 171 -53.15 -20.85 9.84
N ILE G 172 -51.88 -21.15 9.61
CA ILE G 172 -51.12 -20.49 8.56
C ILE G 172 -51.18 -21.33 7.31
N ILE G 173 -51.74 -20.76 6.23
CA ILE G 173 -51.68 -21.31 4.88
C ILE G 173 -50.56 -20.62 4.05
N ALA G 174 -49.43 -21.31 3.86
CA ALA G 174 -48.45 -20.88 2.89
C ALA G 174 -49.08 -20.77 1.51
N ALA G 175 -49.13 -19.56 1.00
CA ALA G 175 -49.78 -19.29 -0.25
C ALA G 175 -48.78 -18.67 -1.26
N SER G 176 -49.26 -18.49 -2.49
CA SER G 176 -48.35 -18.12 -3.58
C SER G 176 -47.14 -19.09 -3.67
N ILE G 177 -47.46 -20.39 -3.63
CA ILE G 177 -46.47 -21.45 -3.73
C ILE G 177 -46.28 -21.78 -5.22
N ARG G 178 -45.02 -21.82 -5.65
CA ARG G 178 -44.70 -21.90 -7.05
C ARG G 178 -43.99 -23.20 -7.44
N HIS G 179 -43.34 -23.86 -6.48
CA HIS G 179 -42.43 -24.93 -6.76
C HIS G 179 -42.18 -25.75 -5.48
N PRO G 180 -41.69 -26.97 -5.65
CA PRO G 180 -41.49 -27.91 -4.58
C PRO G 180 -40.62 -27.46 -3.38
N MET G 181 -39.59 -26.66 -3.59
CA MET G 181 -38.78 -26.18 -2.47
C MET G 181 -39.56 -25.28 -1.55
N HIS G 182 -40.56 -24.58 -2.10
CA HIS G 182 -41.47 -23.79 -1.28
C HIS G 182 -42.18 -24.70 -0.31
N VAL G 183 -42.61 -25.84 -0.81
CA VAL G 183 -43.34 -26.80 0.03
C VAL G 183 -42.43 -27.44 1.08
N VAL G 184 -41.21 -27.78 0.69
CA VAL G 184 -40.28 -28.45 1.58
C VAL G 184 -39.82 -27.49 2.68
N GLU G 185 -39.51 -26.25 2.30
CA GLU G 185 -39.09 -25.24 3.26
C GLU G 185 -40.22 -24.89 4.19
N ALA G 186 -41.42 -24.84 3.66
CA ALA G 186 -42.59 -24.57 4.52
C ALA G 186 -42.81 -25.70 5.55
N ALA G 187 -42.67 -26.96 5.09
CA ALA G 187 -42.76 -28.10 5.99
C ALA G 187 -41.63 -28.12 7.05
N LEU G 188 -40.43 -27.74 6.64
CA LEU G 188 -39.32 -27.74 7.54
C LEU G 188 -39.48 -26.71 8.68
N MET G 189 -40.19 -25.63 8.42
CA MET G 189 -40.49 -24.66 9.46
C MET G 189 -41.76 -25.05 10.25
N GLY G 190 -42.53 -26.00 9.73
CA GLY G 190 -43.76 -26.45 10.38
C GLY G 190 -45.02 -25.65 10.13
N VAL G 191 -45.17 -25.07 8.95
CA VAL G 191 -46.38 -24.31 8.61
C VAL G 191 -47.57 -25.26 8.68
N ASP G 192 -48.73 -24.73 9.00
CA ASP G 192 -49.91 -25.54 9.25
C ASP G 192 -50.43 -26.16 7.94
N ILE G 193 -50.48 -25.35 6.90
CA ILE G 193 -51.12 -25.73 5.59
C ILE G 193 -50.31 -25.10 4.49
N VAL G 194 -50.05 -25.86 3.42
CA VAL G 194 -49.59 -25.24 2.20
C VAL G 194 -50.63 -25.44 1.12
N THR G 195 -50.95 -24.35 0.44
CA THR G 195 -51.83 -24.40 -0.71
C THR G 195 -51.02 -24.19 -1.99
N MET G 196 -51.24 -25.06 -2.96
CA MET G 196 -50.38 -25.12 -4.12
C MET G 196 -51.14 -25.47 -5.37
N PRO G 197 -50.67 -25.04 -6.53
CA PRO G 197 -51.23 -25.54 -7.80
C PRO G 197 -51.03 -27.06 -7.97
N PHE G 198 -51.94 -27.67 -8.71
CA PHE G 198 -51.90 -29.08 -8.96
C PHE G 198 -50.58 -29.47 -9.61
N ALA G 199 -50.13 -28.65 -10.55
CA ALA G 199 -48.83 -28.89 -11.20
C ALA G 199 -47.70 -29.04 -10.20
N VAL G 200 -47.71 -28.26 -9.11
CA VAL G 200 -46.71 -28.41 -8.08
C VAL G 200 -46.86 -29.73 -7.34
N LEU G 201 -48.09 -30.06 -6.98
CA LEU G 201 -48.39 -31.32 -6.31
C LEU G 201 -47.87 -32.53 -7.12
N GLU G 202 -48.15 -32.55 -8.42
CA GLU G 202 -47.63 -33.60 -9.31
C GLU G 202 -46.12 -33.73 -9.22
N LYS G 203 -45.40 -32.61 -9.20
CA LYS G 203 -43.94 -32.61 -9.08
C LYS G 203 -43.43 -33.32 -7.83
N LEU G 204 -44.14 -33.17 -6.74
CA LEU G 204 -43.77 -33.74 -5.43
C LEU G 204 -43.64 -35.28 -5.42
N PHE G 205 -44.40 -35.93 -6.27
CA PHE G 205 -44.33 -37.39 -6.39
C PHE G 205 -43.03 -37.88 -7.00
N LYS G 206 -42.37 -37.01 -7.76
CA LYS G 206 -41.41 -37.43 -8.74
C LYS G 206 -39.96 -37.37 -8.25
N HIS G 207 -39.19 -38.38 -8.66
CA HIS G 207 -37.76 -38.37 -8.53
C HIS G 207 -37.14 -39.35 -9.55
N PRO G 208 -36.07 -38.94 -10.20
CA PRO G 208 -35.38 -39.79 -11.15
C PRO G 208 -34.90 -41.13 -10.60
N MET G 209 -34.51 -41.14 -9.34
CA MET G 209 -34.00 -42.35 -8.70
C MET G 209 -35.12 -43.33 -8.36
N THR G 210 -36.29 -42.79 -8.08
CA THR G 210 -37.49 -43.61 -7.97
C THR G 210 -37.76 -44.34 -9.29
N ASP G 211 -37.66 -43.61 -10.41
CA ASP G 211 -37.86 -44.24 -11.76
C ASP G 211 -36.85 -45.31 -12.04
N LEU G 212 -35.58 -45.04 -11.72
CA LEU G 212 -34.53 -46.02 -11.96
C LEU G 212 -34.66 -47.23 -11.04
N GLY G 213 -35.11 -47.00 -9.81
CA GLY G 213 -35.43 -48.06 -8.85
C GLY G 213 -36.51 -49.00 -9.31
N ILE G 214 -37.55 -48.44 -9.91
CA ILE G 214 -38.63 -49.19 -10.51
C ILE G 214 -38.20 -49.98 -11.77
N GLU G 215 -37.36 -49.40 -12.62
CA GLU G 215 -36.82 -50.14 -13.76
C GLU G 215 -36.02 -51.32 -13.22
N ARG G 216 -35.24 -51.09 -12.17
CA ARG G 216 -34.39 -52.11 -11.55
C ARG G 216 -35.15 -53.23 -10.84
N PHE G 217 -36.18 -52.88 -10.06
CA PHE G 217 -37.00 -53.90 -9.33
C PHE G 217 -37.88 -54.69 -10.32
N MET G 218 -38.09 -54.17 -11.52
CA MET G 218 -38.75 -54.96 -12.57
C MET G 218 -37.83 -55.99 -13.21
N GLU G 219 -36.57 -55.64 -13.49
CA GLU G 219 -35.59 -56.62 -14.02
C GLU G 219 -35.21 -57.66 -12.96
N ASP G 220 -35.12 -57.23 -11.71
CA ASP G 220 -34.92 -58.14 -10.57
C ASP G 220 -36.02 -59.21 -10.50
N TRP G 221 -37.27 -58.78 -10.69
CA TRP G 221 -38.39 -59.71 -10.73
C TRP G 221 -38.44 -60.63 -11.94
N LYS G 222 -38.03 -60.14 -13.10
CA LYS G 222 -38.06 -60.95 -14.31
C LYS G 222 -36.93 -61.97 -14.24
N LYS G 223 -35.85 -61.60 -13.54
CA LYS G 223 -34.72 -62.52 -13.30
C LYS G 223 -35.17 -63.67 -12.35
N TYR G 224 -35.76 -63.31 -11.21
CA TYR G 224 -36.33 -64.20 -10.20
C TYR G 224 -37.37 -65.24 -10.72
N LEU G 225 -38.44 -64.76 -11.39
CA LEU G 225 -39.34 -65.73 -12.07
C LEU G 225 -38.51 -66.90 -12.63
N GLU G 226 -37.36 -66.56 -13.20
CA GLU G 226 -36.41 -67.61 -13.52
C GLU G 226 -35.85 -68.10 -12.10
N HIS H 12 -52.23 -15.56 23.70
CA HIS H 12 -52.40 -14.44 22.71
C HIS H 12 -51.55 -13.21 23.06
N MET H 13 -50.88 -12.64 22.05
CA MET H 13 -50.20 -11.36 22.23
C MET H 13 -51.25 -10.30 22.41
N LYS H 14 -51.06 -9.44 23.40
CA LYS H 14 -51.96 -8.32 23.60
C LYS H 14 -51.44 -7.07 22.93
N ILE H 15 -52.35 -6.24 22.43
CA ILE H 15 -51.99 -4.91 21.98
C ILE H 15 -52.78 -3.93 22.82
N PHE H 16 -52.07 -3.02 23.47
CA PHE H 16 -52.63 -1.86 24.12
C PHE H 16 -52.37 -0.61 23.28
N LEU H 17 -53.22 0.40 23.39
CA LEU H 17 -52.98 1.69 22.74
C LEU H 17 -52.41 2.69 23.77
N ASP H 18 -51.39 3.44 23.35
CA ASP H 18 -50.96 4.66 24.04
C ASP H 18 -51.81 5.79 23.57
N THR H 19 -52.89 6.08 24.28
CA THR H 19 -53.81 7.09 23.83
C THR H 19 -54.79 7.43 24.92
N ALA H 20 -55.44 8.58 24.79
CA ALA H 20 -56.63 8.90 25.53
C ALA H 20 -57.77 9.26 24.56
N ASN H 21 -57.52 9.09 23.27
CA ASN H 21 -58.50 9.43 22.26
C ASN H 21 -59.52 8.30 22.08
N LEU H 22 -60.80 8.61 22.27
CA LEU H 22 -61.85 7.61 22.30
C LEU H 22 -62.20 7.06 20.92
N GLU H 23 -62.05 7.87 19.89
CA GLU H 23 -62.36 7.42 18.51
C GLU H 23 -61.32 6.38 18.08
N GLU H 24 -60.06 6.64 18.40
CA GLU H 24 -58.98 5.70 18.18
C GLU H 24 -59.19 4.37 18.89
N ILE H 25 -59.61 4.45 20.14
CA ILE H 25 -59.89 3.26 20.93
C ILE H 25 -61.11 2.50 20.39
N LYS H 26 -62.15 3.24 19.98
CA LYS H 26 -63.34 2.63 19.36
C LYS H 26 -62.94 1.85 18.10
N LYS H 27 -62.15 2.49 17.24
CA LYS H 27 -61.64 1.80 16.04
C LYS H 27 -60.83 0.55 16.40
N GLY H 28 -59.97 0.68 17.39
CA GLY H 28 -59.21 -0.46 17.88
C GLY H 28 -60.07 -1.64 18.27
N VAL H 29 -61.16 -1.35 19.00
CA VAL H 29 -62.07 -2.36 19.50
C VAL H 29 -62.97 -2.90 18.38
N GLU H 30 -63.41 -2.03 17.48
CA GLU H 30 -64.12 -2.48 16.26
C GLU H 30 -63.29 -3.49 15.42
N TRP H 31 -61.98 -3.28 15.38
CA TRP H 31 -61.04 -4.20 14.72
C TRP H 31 -60.79 -5.48 15.50
N GLY H 32 -61.12 -5.44 16.79
CA GLY H 32 -60.96 -6.60 17.67
C GLY H 32 -59.52 -6.90 17.94
N ILE H 33 -58.69 -5.86 17.90
CA ILE H 33 -57.22 -6.01 18.03
C ILE H 33 -56.66 -5.25 19.23
N VAL H 34 -57.43 -4.40 19.89
CA VAL H 34 -56.97 -3.65 21.03
C VAL H 34 -57.57 -4.21 22.30
N ASP H 35 -56.70 -4.57 23.25
CA ASP H 35 -57.06 -5.27 24.48
C ASP H 35 -57.04 -4.40 25.70
N GLY H 36 -56.44 -3.23 25.57
CA GLY H 36 -56.32 -2.33 26.70
C GLY H 36 -55.77 -1.03 26.24
N VAL H 37 -55.48 -0.14 27.20
CA VAL H 37 -54.99 1.19 26.92
C VAL H 37 -54.00 1.59 28.01
N THR H 38 -52.90 2.27 27.63
CA THR H 38 -52.02 2.91 28.60
C THR H 38 -52.14 4.39 28.37
N THR H 39 -52.21 5.14 29.45
CA THR H 39 -52.63 6.52 29.41
C THR H 39 -51.63 7.42 30.21
N ASN H 40 -51.76 8.74 30.04
CA ASN H 40 -51.03 9.75 30.84
C ASN H 40 -51.76 11.09 30.74
N PRO H 41 -51.40 12.09 31.55
CA PRO H 41 -52.20 13.34 31.56
C PRO H 41 -52.12 14.16 30.24
N THR H 42 -50.91 14.23 29.68
CA THR H 42 -50.65 14.83 28.36
C THR H 42 -51.60 14.33 27.24
N LEU H 43 -51.67 13.01 27.12
CA LEU H 43 -52.61 12.38 26.23
C LEU H 43 -54.07 12.78 26.58
N ILE H 44 -54.39 12.73 27.87
CA ILE H 44 -55.71 13.16 28.33
C ILE H 44 -55.98 14.65 28.01
N SER H 45 -55.06 15.54 28.39
CA SER H 45 -55.21 16.98 28.03
C SER H 45 -55.51 17.16 26.54
N LYS H 46 -54.71 16.50 25.69
CA LYS H 46 -54.94 16.48 24.26
C LYS H 46 -56.31 15.88 23.98
N PHE H 51 -59.49 13.64 33.72
CA PHE H 51 -58.59 12.57 34.11
C PHE H 51 -59.31 11.32 34.67
N LYS H 52 -59.89 11.43 35.87
CA LYS H 52 -60.65 10.32 36.48
C LYS H 52 -61.78 9.94 35.52
N GLN H 53 -62.37 10.97 34.91
CA GLN H 53 -63.52 10.79 34.04
C GLN H 53 -63.06 10.12 32.76
N ARG H 54 -62.02 10.68 32.16
CA ARG H 54 -61.46 10.14 30.93
C ARG H 54 -61.04 8.68 31.07
N VAL H 55 -60.51 8.33 32.24
CA VAL H 55 -60.16 6.96 32.57
C VAL H 55 -61.40 6.07 32.65
N LYS H 56 -62.48 6.57 33.26
CA LYS H 56 -63.74 5.84 33.32
C LYS H 56 -64.28 5.59 31.91
N GLU H 57 -64.28 6.62 31.07
CA GLU H 57 -64.76 6.52 29.70
C GLU H 57 -63.97 5.48 28.88
N ILE H 58 -62.67 5.50 29.04
CA ILE H 58 -61.81 4.54 28.39
C ILE H 58 -62.09 3.13 28.84
N CYS H 59 -62.23 2.93 30.15
CA CYS H 59 -62.50 1.61 30.73
C CYS H 59 -63.77 1.03 30.15
N ASP H 60 -64.80 1.85 30.07
CA ASP H 60 -66.11 1.44 29.51
C ASP H 60 -66.01 1.06 28.06
N LEU H 61 -65.11 1.70 27.35
CA LEU H 61 -64.93 1.47 25.94
C LEU H 61 -64.08 0.25 25.63
N VAL H 62 -62.89 0.14 26.23
CA VAL H 62 -62.02 -1.03 25.90
C VAL H 62 -62.43 -2.26 26.63
N LYS H 63 -62.99 -2.11 27.83
CA LYS H 63 -63.29 -3.27 28.68
C LYS H 63 -62.08 -4.17 28.75
N GLY H 64 -60.95 -3.58 29.11
CA GLY H 64 -59.69 -4.28 29.31
C GLY H 64 -58.79 -3.39 30.15
N PRO H 65 -57.58 -3.86 30.47
CA PRO H 65 -56.68 -3.10 31.35
C PRO H 65 -56.41 -1.68 30.84
N VAL H 66 -56.63 -0.70 31.71
CA VAL H 66 -56.36 0.69 31.42
C VAL H 66 -55.41 1.21 32.49
N SER H 67 -54.18 1.46 32.08
CA SER H 67 -53.14 1.96 32.95
C SER H 67 -53.25 3.45 33.15
N ALA H 68 -53.23 3.90 34.41
CA ALA H 68 -53.32 5.31 34.74
C ALA H 68 -52.34 5.65 35.84
N GLU H 69 -51.65 6.77 35.70
CA GLU H 69 -50.58 7.15 36.62
C GLU H 69 -51.13 7.89 37.81
N VAL H 70 -50.41 7.76 38.92
CA VAL H 70 -50.65 8.51 40.14
C VAL H 70 -49.83 9.81 40.11
N VAL H 71 -50.23 10.78 40.92
CA VAL H 71 -49.52 12.04 41.04
C VAL H 71 -48.31 11.91 42.00
N SER H 72 -48.55 11.38 43.20
CA SER H 72 -47.55 11.37 44.27
C SER H 72 -46.39 10.42 43.97
N LEU H 73 -45.25 10.72 44.56
CA LEU H 73 -44.05 9.88 44.44
C LEU H 73 -43.63 9.29 45.79
N ASP H 74 -44.17 9.78 46.91
CA ASP H 74 -43.92 9.12 48.19
C ASP H 74 -44.86 7.91 48.33
N TYR H 75 -44.39 6.92 49.10
CA TYR H 75 -45.09 5.64 49.28
C TYR H 75 -46.54 5.85 49.76
N GLU H 76 -46.72 6.66 50.77
CA GLU H 76 -48.02 6.90 51.36
C GLU H 76 -49.02 7.52 50.37
N GLY H 77 -48.57 8.57 49.67
CA GLY H 77 -49.38 9.22 48.67
C GLY H 77 -49.71 8.33 47.48
N MET H 78 -48.73 7.55 47.01
CA MET H 78 -48.97 6.64 45.89
C MET H 78 -50.04 5.57 46.18
N VAL H 79 -49.97 5.01 47.40
CA VAL H 79 -50.93 4.00 47.85
C VAL H 79 -52.31 4.64 48.03
N ARG H 80 -52.36 5.79 48.69
CA ARG H 80 -53.60 6.54 48.85
C ARG H 80 -54.30 6.77 47.51
N GLU H 81 -53.58 7.33 46.55
CA GLU H 81 -54.15 7.66 45.24
C GLU H 81 -54.47 6.42 44.40
N ALA H 82 -53.66 5.38 44.52
CA ALA H 82 -53.95 4.11 43.83
C ALA H 82 -55.27 3.55 44.21
N ARG H 83 -55.58 3.57 45.51
CA ARG H 83 -56.83 3.04 46.03
C ARG H 83 -58.02 3.84 45.52
N GLU H 84 -57.83 5.15 45.38
CA GLU H 84 -58.84 6.03 44.82
C GLU H 84 -59.06 5.74 43.31
N LEU H 85 -57.98 5.64 42.55
CA LEU H 85 -58.10 5.35 41.14
C LEU H 85 -58.71 3.97 40.90
N ALA H 86 -58.31 3.00 41.71
CA ALA H 86 -58.82 1.64 41.52
C ALA H 86 -60.37 1.60 41.68
N GLN H 87 -60.93 2.46 42.51
CA GLN H 87 -62.39 2.52 42.68
C GLN H 87 -63.16 2.88 41.41
N ILE H 88 -62.49 3.50 40.44
CA ILE H 88 -63.14 3.97 39.21
C ILE H 88 -63.68 2.80 38.40
N SER H 89 -62.92 1.73 38.32
CA SER H 89 -63.36 0.58 37.53
C SER H 89 -62.46 -0.61 37.81
N GLU H 90 -63.03 -1.80 37.67
CA GLU H 90 -62.28 -3.06 37.84
C GLU H 90 -61.13 -3.18 36.83
N TYR H 91 -61.21 -2.41 35.73
CA TYR H 91 -60.20 -2.42 34.64
C TYR H 91 -58.99 -1.54 34.86
N VAL H 92 -59.06 -0.62 35.81
CA VAL H 92 -57.97 0.32 36.08
C VAL H 92 -56.75 -0.39 36.60
N VAL H 93 -55.59 -0.09 36.00
CA VAL H 93 -54.30 -0.58 36.47
C VAL H 93 -53.48 0.64 36.86
N ILE H 94 -52.82 0.60 38.02
CA ILE H 94 -52.12 1.78 38.53
C ILE H 94 -50.69 1.79 38.05
N LYS H 95 -50.31 2.85 37.33
CA LYS H 95 -48.93 3.04 36.87
C LYS H 95 -48.08 3.55 38.02
N ILE H 96 -47.01 2.82 38.31
CA ILE H 96 -46.10 3.16 39.39
C ILE H 96 -44.70 3.28 38.79
N PRO H 97 -44.03 4.39 39.04
CA PRO H 97 -42.66 4.56 38.56
C PRO H 97 -41.70 3.60 39.30
N MET H 98 -40.66 3.13 38.59
CA MET H 98 -39.68 2.24 39.19
C MET H 98 -38.80 2.98 40.18
N THR H 99 -39.21 2.96 41.44
CA THR H 99 -38.44 3.54 42.54
C THR H 99 -38.60 2.66 43.76
N PRO H 100 -37.74 2.82 44.76
CA PRO H 100 -37.92 2.08 46.02
C PRO H 100 -39.34 2.22 46.60
N ASP H 101 -39.81 3.46 46.74
CA ASP H 101 -41.17 3.68 47.26
C ASP H 101 -42.22 3.09 46.33
N GLY H 102 -41.99 3.19 45.04
CA GLY H 102 -42.88 2.57 44.02
C GLY H 102 -43.00 1.07 44.22
N ILE H 103 -41.87 0.45 44.49
CA ILE H 103 -41.80 -0.98 44.73
C ILE H 103 -42.44 -1.35 46.08
N LYS H 104 -42.25 -0.50 47.08
CA LYS H 104 -42.95 -0.63 48.35
C LYS H 104 -44.46 -0.57 48.11
N ALA H 105 -44.88 0.39 47.28
CA ALA H 105 -46.30 0.56 46.97
C ALA H 105 -46.85 -0.67 46.30
N VAL H 106 -46.12 -1.25 45.35
CA VAL H 106 -46.57 -2.46 44.64
C VAL H 106 -46.78 -3.63 45.62
N LYS H 107 -45.85 -3.82 46.55
CA LYS H 107 -45.99 -4.86 47.56
C LYS H 107 -47.31 -4.71 48.28
N THR H 108 -47.61 -3.49 48.71
CA THR H 108 -48.83 -3.19 49.43
C THR H 108 -50.08 -3.33 48.56
N LEU H 109 -50.04 -2.72 47.39
CA LEU H 109 -51.21 -2.73 46.51
C LEU H 109 -51.55 -4.12 46.00
N SER H 110 -50.54 -4.91 45.67
CA SER H 110 -50.75 -6.32 45.25
C SER H 110 -51.45 -7.12 46.35
N ALA H 111 -51.05 -6.91 47.61
CA ALA H 111 -51.68 -7.57 48.75
C ALA H 111 -53.16 -7.22 48.90
N GLU H 112 -53.55 -6.03 48.43
CA GLU H 112 -54.94 -5.56 48.45
C GLU H 112 -55.68 -5.86 47.16
N GLY H 113 -55.10 -6.62 46.22
CA GLY H 113 -55.78 -6.93 44.96
C GLY H 113 -55.90 -5.77 43.99
N ILE H 114 -55.05 -4.76 44.15
CA ILE H 114 -55.00 -3.61 43.21
C ILE H 114 -53.88 -3.86 42.24
N LYS H 115 -54.22 -3.80 40.95
CA LYS H 115 -53.31 -4.13 39.85
C LYS H 115 -52.36 -2.99 39.59
N THR H 116 -51.12 -3.35 39.25
CA THR H 116 -50.07 -2.37 39.09
C THR H 116 -49.27 -2.57 37.80
N ASN H 117 -48.77 -1.45 37.30
CA ASN H 117 -47.93 -1.42 36.16
C ASN H 117 -46.71 -0.61 36.49
N VAL H 118 -45.58 -1.29 36.65
CA VAL H 118 -44.36 -0.59 36.94
C VAL H 118 -43.74 -0.08 35.65
N THR H 119 -43.51 1.22 35.66
CA THR H 119 -43.15 1.94 34.46
C THR H 119 -41.76 2.58 34.67
N LEU H 120 -41.21 3.15 33.59
CA LEU H 120 -39.86 3.73 33.54
C LEU H 120 -38.80 2.71 33.93
N VAL H 121 -38.91 1.56 33.29
CA VAL H 121 -37.98 0.46 33.46
C VAL H 121 -37.01 0.48 32.25
N PHE H 122 -35.73 0.56 32.59
CA PHE H 122 -34.66 0.65 31.59
C PHE H 122 -33.59 -0.40 31.78
N SER H 123 -33.76 -1.30 32.73
CA SER H 123 -32.77 -2.33 32.95
C SER H 123 -33.43 -3.61 33.46
N PRO H 124 -32.83 -4.75 33.11
CA PRO H 124 -33.35 -6.07 33.56
C PRO H 124 -33.37 -6.20 35.10
N ALA H 125 -32.44 -5.56 35.77
CA ALA H 125 -32.38 -5.57 37.23
C ALA H 125 -33.63 -4.94 37.79
N GLN H 126 -34.03 -3.82 37.24
CA GLN H 126 -35.28 -3.18 37.64
C GLN H 126 -36.51 -4.11 37.43
N ALA H 127 -36.54 -4.76 36.27
CA ALA H 127 -37.61 -5.68 35.94
C ALA H 127 -37.75 -6.83 36.95
N ILE H 128 -36.62 -7.34 37.44
CA ILE H 128 -36.62 -8.40 38.43
C ILE H 128 -37.31 -7.91 39.70
N LEU H 129 -36.88 -6.74 40.20
CA LEU H 129 -37.51 -6.19 41.41
C LEU H 129 -39.01 -5.96 41.24
N ALA H 130 -39.42 -5.47 40.07
CA ALA H 130 -40.85 -5.24 39.83
C ALA H 130 -41.62 -6.55 40.00
N ALA H 131 -41.15 -7.59 39.31
CA ALA H 131 -41.77 -8.90 39.38
C ALA H 131 -41.79 -9.44 40.80
N LYS H 132 -40.66 -9.36 41.48
CA LYS H 132 -40.60 -9.91 42.84
C LYS H 132 -41.50 -9.18 43.81
N ALA H 133 -41.69 -7.87 43.63
CA ALA H 133 -42.62 -7.09 44.47
C ALA H 133 -44.09 -7.41 44.18
N GLY H 134 -44.35 -8.08 43.05
CA GLY H 134 -45.70 -8.51 42.70
C GLY H 134 -46.43 -7.64 41.69
N ALA H 135 -45.71 -6.88 40.87
CA ALA H 135 -46.31 -6.03 39.83
C ALA H 135 -47.18 -6.88 38.90
N THR H 136 -48.33 -6.36 38.47
CA THR H 136 -49.15 -7.12 37.50
C THR H 136 -48.49 -7.03 36.13
N TYR H 137 -47.95 -5.86 35.84
CA TYR H 137 -47.20 -5.59 34.62
C TYR H 137 -45.88 -4.84 34.88
N VAL H 138 -44.95 -4.98 33.96
CA VAL H 138 -43.75 -4.16 33.88
C VAL H 138 -43.69 -3.59 32.47
N SER H 139 -43.27 -2.33 32.36
CA SER H 139 -43.21 -1.63 31.07
C SER H 139 -41.80 -1.08 30.78
N PRO H 140 -40.96 -1.90 30.14
CA PRO H 140 -39.63 -1.46 29.74
C PRO H 140 -39.74 -0.48 28.57
N PHE H 141 -38.95 0.60 28.65
CA PHE H 141 -39.01 1.64 27.62
C PHE H 141 -37.96 1.40 26.49
N VAL H 142 -38.42 0.72 25.45
CA VAL H 142 -37.59 0.29 24.32
C VAL H 142 -37.02 1.45 23.48
N GLY H 143 -37.91 2.25 22.87
CA GLY H 143 -37.49 3.36 21.99
C GLY H 143 -36.55 4.38 22.66
N ARG H 144 -36.77 4.68 23.94
CA ARG H 144 -35.90 5.65 24.61
C ARG H 144 -34.51 5.11 24.78
N MET H 145 -34.38 3.80 25.05
CA MET H 145 -33.04 3.17 25.14
C MET H 145 -32.39 3.10 23.76
N ASP H 146 -33.20 2.80 22.75
CA ASP H 146 -32.72 2.81 21.38
C ASP H 146 -32.02 4.09 21.02
N ASP H 147 -32.60 5.20 21.45
CA ASP H 147 -32.11 6.55 21.12
C ASP H 147 -30.88 6.92 21.83
N LEU H 148 -30.55 6.20 22.89
CA LEU H 148 -29.23 6.28 23.55
C LEU H 148 -28.20 5.41 22.84
N SER H 149 -28.68 4.70 21.83
CA SER H 149 -27.91 3.69 21.06
C SER H 149 -27.31 2.58 21.95
N ASN H 150 -28.00 2.31 23.08
CA ASN H 150 -27.71 1.21 24.01
C ASN H 150 -28.67 0.03 23.77
N ASP H 151 -29.46 0.08 22.67
CA ASP H 151 -30.29 -1.06 22.23
C ASP H 151 -31.44 -1.48 23.19
N GLY H 152 -32.62 -0.89 22.98
CA GLY H 152 -33.76 -1.17 23.82
C GLY H 152 -34.37 -2.55 23.63
N MET H 153 -34.24 -3.08 22.42
CA MET H 153 -34.80 -4.35 22.07
C MET H 153 -34.01 -5.50 22.72
N ARG H 154 -32.72 -5.28 22.85
CA ARG H 154 -31.83 -6.20 23.53
C ARG H 154 -32.19 -6.20 25.05
N MET H 155 -32.45 -5.03 25.63
CA MET H 155 -32.82 -5.01 27.06
C MET H 155 -34.20 -5.63 27.28
N LEU H 156 -35.12 -5.43 26.34
CA LEU H 156 -36.39 -6.13 26.41
C LEU H 156 -36.22 -7.64 26.32
N GLY H 157 -35.40 -8.09 25.38
CA GLY H 157 -35.10 -9.52 25.24
C GLY H 157 -34.53 -10.12 26.50
N GLU H 158 -33.71 -9.40 27.24
CA GLU H 158 -33.16 -9.94 28.47
C GLU H 158 -34.19 -10.06 29.58
N ILE H 159 -35.15 -9.17 29.58
CA ILE H 159 -36.26 -9.21 30.53
C ILE H 159 -37.20 -10.38 30.23
N VAL H 160 -37.53 -10.54 28.95
CA VAL H 160 -38.30 -11.68 28.49
C VAL H 160 -37.67 -12.99 28.91
N GLU H 161 -36.36 -13.06 28.67
CA GLU H 161 -35.54 -14.23 28.98
C GLU H 161 -35.56 -14.53 30.45
N ILE H 162 -35.36 -13.51 31.27
CA ILE H 162 -35.40 -13.71 32.76
C ILE H 162 -36.80 -14.11 33.23
N TYR H 163 -37.82 -13.47 32.66
CA TYR H 163 -39.18 -13.78 33.05
C TYR H 163 -39.53 -15.23 32.67
N ASN H 164 -39.08 -15.68 31.52
CA ASN H 164 -39.30 -17.05 31.13
C ASN H 164 -38.61 -18.00 32.08
N ASN H 165 -37.39 -17.66 32.49
CA ASN H 165 -36.61 -18.51 33.38
C ASN H 165 -37.31 -18.80 34.72
N TYR H 166 -38.01 -17.81 35.27
CA TYR H 166 -38.59 -17.90 36.61
C TYR H 166 -40.12 -17.94 36.65
N GLY H 167 -40.77 -17.78 35.48
CA GLY H 167 -42.22 -17.77 35.37
C GLY H 167 -42.90 -16.82 36.34
N PHE H 168 -42.33 -15.62 36.47
CA PHE H 168 -42.98 -14.56 37.21
C PHE H 168 -44.37 -14.35 36.60
N GLU H 169 -45.35 -14.09 37.47
CA GLU H 169 -46.72 -13.84 36.99
C GLU H 169 -46.81 -12.48 36.28
N THR H 170 -45.91 -11.56 36.64
CA THR H 170 -45.82 -10.27 35.98
C THR H 170 -45.75 -10.40 34.44
N GLU H 171 -46.57 -9.61 33.74
CA GLU H 171 -46.59 -9.59 32.29
C GLU H 171 -45.80 -8.40 31.81
N ILE H 172 -45.10 -8.62 30.71
CA ILE H 172 -44.24 -7.60 30.14
C ILE H 172 -45.00 -6.84 29.07
N ILE H 173 -45.09 -5.52 29.27
CA ILE H 173 -45.59 -4.58 28.25
C ILE H 173 -44.41 -3.86 27.60
N ALA H 174 -44.07 -4.25 26.38
CA ALA H 174 -43.11 -3.49 25.59
C ALA H 174 -43.66 -2.11 25.37
N ALA H 175 -42.98 -1.10 25.93
CA ALA H 175 -43.44 0.30 25.91
C ALA H 175 -42.44 1.21 25.19
N SER H 176 -42.80 2.46 24.99
CA SER H 176 -41.97 3.36 24.20
C SER H 176 -41.74 2.78 22.79
N ILE H 177 -42.81 2.29 22.19
CA ILE H 177 -42.83 1.70 20.84
C ILE H 177 -43.09 2.76 19.82
N ARG H 178 -42.19 2.85 18.84
CA ARG H 178 -42.10 3.95 17.92
C ARG H 178 -42.40 3.59 16.45
N HIS H 179 -42.28 2.31 16.10
CA HIS H 179 -42.44 1.92 14.69
C HIS H 179 -42.76 0.43 14.58
N PRO H 180 -43.22 -0.01 13.41
CA PRO H 180 -43.56 -1.41 13.17
C PRO H 180 -42.57 -2.51 13.52
N MET H 181 -41.27 -2.27 13.32
CA MET H 181 -40.24 -3.28 13.63
C MET H 181 -40.07 -3.48 15.14
N HIS H 182 -40.32 -2.45 15.94
CA HIS H 182 -40.39 -2.64 17.38
C HIS H 182 -41.46 -3.69 17.72
N VAL H 183 -42.63 -3.58 17.06
CA VAL H 183 -43.74 -4.50 17.32
C VAL H 183 -43.35 -5.96 16.88
N VAL H 184 -42.78 -6.09 15.68
CA VAL H 184 -42.47 -7.40 15.09
C VAL H 184 -41.34 -8.06 15.87
N GLU H 185 -40.33 -7.31 16.24
CA GLU H 185 -39.25 -7.85 17.06
C GLU H 185 -39.74 -8.26 18.44
N ALA H 186 -40.62 -7.46 19.02
CA ALA H 186 -41.21 -7.81 20.34
C ALA H 186 -41.98 -9.11 20.25
N ALA H 187 -42.73 -9.25 19.16
CA ALA H 187 -43.54 -10.41 18.90
C ALA H 187 -42.71 -11.66 18.67
N LEU H 188 -41.62 -11.52 17.91
CA LEU H 188 -40.70 -12.59 17.67
C LEU H 188 -40.02 -13.10 18.95
N MET H 189 -39.75 -12.22 19.90
CA MET H 189 -39.21 -12.68 21.21
C MET H 189 -40.30 -13.11 22.19
N GLY H 190 -41.58 -12.92 21.82
CA GLY H 190 -42.71 -13.41 22.61
C GLY H 190 -42.98 -12.57 23.84
N VAL H 191 -42.89 -11.24 23.74
CA VAL H 191 -43.42 -10.39 24.80
C VAL H 191 -44.92 -10.58 24.95
N ASP H 192 -45.40 -10.32 26.17
CA ASP H 192 -46.78 -10.58 26.51
C ASP H 192 -47.65 -9.55 25.84
N ILE H 193 -47.22 -8.30 25.92
CA ILE H 193 -48.07 -7.18 25.52
C ILE H 193 -47.21 -6.16 24.85
N VAL H 194 -47.72 -5.55 23.80
CA VAL H 194 -47.10 -4.37 23.20
C VAL H 194 -48.08 -3.22 23.28
N THR H 195 -47.64 -2.11 23.83
CA THR H 195 -48.45 -0.90 23.83
C THR H 195 -47.83 0.10 22.89
N MET H 196 -48.66 0.68 22.03
CA MET H 196 -48.17 1.49 20.94
C MET H 196 -49.14 2.59 20.56
N PRO H 197 -48.63 3.68 19.98
CA PRO H 197 -49.51 4.74 19.46
C PRO H 197 -50.37 4.22 18.30
N PHE H 198 -51.53 4.84 18.16
CA PHE H 198 -52.47 4.47 17.13
C PHE H 198 -51.83 4.55 15.76
N ALA H 199 -51.04 5.59 15.53
CA ALA H 199 -50.32 5.76 14.27
C ALA H 199 -49.52 4.52 13.92
N VAL H 200 -48.88 3.90 14.90
CA VAL H 200 -48.12 2.69 14.64
C VAL H 200 -49.00 1.50 14.33
N LEU H 201 -50.11 1.38 15.05
CA LEU H 201 -51.12 0.36 14.74
C LEU H 201 -51.64 0.47 13.31
N GLU H 202 -51.99 1.67 12.89
CA GLU H 202 -52.45 1.89 11.51
C GLU H 202 -51.43 1.38 10.51
N LYS H 203 -50.15 1.64 10.76
CA LYS H 203 -49.06 1.16 9.89
C LYS H 203 -49.04 -0.36 9.74
N LEU H 204 -49.32 -1.08 10.80
CA LEU H 204 -49.28 -2.55 10.75
C LEU H 204 -50.23 -3.18 9.73
N PHE H 205 -51.31 -2.50 9.42
CA PHE H 205 -52.27 -3.00 8.43
C PHE H 205 -51.67 -3.01 7.03
N LYS H 206 -50.71 -2.12 6.78
CA LYS H 206 -50.38 -1.71 5.44
C LYS H 206 -49.26 -2.48 4.74
N HIS H 207 -49.45 -2.70 3.45
CA HIS H 207 -48.38 -3.19 2.59
C HIS H 207 -48.70 -2.81 1.16
N PRO H 208 -47.70 -2.32 0.39
CA PRO H 208 -47.90 -2.01 -1.03
C PRO H 208 -48.38 -3.16 -1.83
N MET H 209 -47.93 -4.35 -1.46
CA MET H 209 -48.31 -5.54 -2.21
C MET H 209 -49.75 -5.92 -1.95
N THR H 210 -50.24 -5.62 -0.75
CA THR H 210 -51.67 -5.79 -0.49
C THR H 210 -52.51 -4.85 -1.38
N ASP H 211 -52.07 -3.59 -1.52
CA ASP H 211 -52.80 -2.61 -2.34
C ASP H 211 -52.79 -2.97 -3.82
N LEU H 212 -51.67 -3.48 -4.32
CA LEU H 212 -51.56 -3.98 -5.67
C LEU H 212 -52.44 -5.19 -5.87
N GLY H 213 -52.41 -6.12 -4.92
CA GLY H 213 -53.28 -7.31 -5.00
C GLY H 213 -54.75 -6.92 -5.16
N ILE H 214 -55.15 -5.93 -4.38
CA ILE H 214 -56.51 -5.44 -4.38
C ILE H 214 -56.88 -4.79 -5.73
N GLU H 215 -55.97 -4.05 -6.32
CA GLU H 215 -56.21 -3.49 -7.63
C GLU H 215 -56.27 -4.59 -8.70
N ARG H 216 -55.47 -5.66 -8.56
CA ARG H 216 -55.51 -6.80 -9.51
C ARG H 216 -56.89 -7.44 -9.51
N PHE H 217 -57.88 -6.58 -9.27
CA PHE H 217 -59.21 -6.99 -8.89
C PHE H 217 -60.23 -5.90 -9.23
N MET H 218 -60.01 -4.71 -8.65
CA MET H 218 -60.72 -3.45 -9.05
C MET H 218 -60.56 -3.09 -10.54
N GLU H 219 -59.30 -3.05 -11.00
CA GLU H 219 -58.96 -2.73 -12.39
C GLU H 219 -59.65 -3.61 -13.44
N ASP H 220 -60.10 -4.80 -13.03
CA ASP H 220 -60.77 -5.75 -13.94
C ASP H 220 -62.20 -5.28 -14.33
N HIS I 11 -41.69 -20.81 41.09
CA HIS I 11 -40.18 -20.89 41.05
C HIS I 11 -39.48 -19.52 40.77
N HIS I 12 -39.99 -18.48 41.44
CA HIS I 12 -39.37 -17.14 41.53
C HIS I 12 -37.91 -17.19 41.86
N MET I 13 -37.16 -16.23 41.32
CA MET I 13 -35.79 -16.02 41.75
C MET I 13 -35.81 -15.42 43.17
N LYS I 14 -34.98 -15.96 44.05
CA LYS I 14 -34.91 -15.46 45.42
C LYS I 14 -33.73 -14.50 45.56
N ILE I 15 -33.93 -13.47 46.35
CA ILE I 15 -32.83 -12.60 46.72
C ILE I 15 -32.68 -12.70 48.22
N PHE I 16 -31.46 -13.04 48.65
CA PHE I 16 -31.05 -12.97 50.06
C PHE I 16 -30.14 -11.77 50.27
N LEU I 17 -30.03 -11.32 51.51
CA LEU I 17 -29.11 -10.25 51.86
C LEU I 17 -27.88 -10.73 52.64
N ASP I 18 -26.70 -10.31 52.19
CA ASP I 18 -25.45 -10.48 52.94
C ASP I 18 -25.37 -9.40 54.01
N THR I 19 -25.95 -9.67 55.17
CA THR I 19 -26.03 -8.63 56.18
C THR I 19 -26.35 -9.23 57.51
N ALA I 20 -26.07 -8.47 58.56
CA ALA I 20 -26.69 -8.66 59.86
C ALA I 20 -27.44 -7.40 60.30
N ASN I 21 -27.50 -6.38 59.42
CA ASN I 21 -28.16 -5.13 59.79
C ASN I 21 -29.66 -5.24 59.66
N LEU I 22 -30.38 -4.98 60.76
CA LEU I 22 -31.84 -5.20 60.78
C LEU I 22 -32.65 -4.12 60.04
N GLU I 23 -32.11 -2.92 59.97
CA GLU I 23 -32.75 -1.83 59.25
C GLU I 23 -32.77 -2.18 57.75
N GLU I 24 -31.63 -2.60 57.22
CA GLU I 24 -31.54 -3.02 55.84
C GLU I 24 -32.48 -4.16 55.53
N ILE I 25 -32.54 -5.14 56.45
CA ILE I 25 -33.45 -6.26 56.28
C ILE I 25 -34.91 -5.80 56.30
N LYS I 26 -35.23 -4.88 57.20
CA LYS I 26 -36.59 -4.35 57.27
C LYS I 26 -36.95 -3.68 55.95
N LYS I 27 -36.05 -2.85 55.43
CA LYS I 27 -36.32 -2.17 54.15
C LYS I 27 -36.51 -3.20 53.06
N GLY I 28 -35.68 -4.24 53.06
CA GLY I 28 -35.80 -5.37 52.12
C GLY I 28 -37.13 -6.11 52.17
N VAL I 29 -37.66 -6.33 53.38
CA VAL I 29 -38.98 -6.99 53.50
C VAL I 29 -40.13 -6.02 53.23
N GLU I 30 -39.96 -4.74 53.60
CA GLU I 30 -40.89 -3.67 53.18
C GLU I 30 -41.06 -3.57 51.65
N TRP I 31 -39.97 -3.75 50.93
CA TRP I 31 -40.02 -3.79 49.46
C TRP I 31 -40.61 -5.09 48.91
N GLY I 32 -40.65 -6.12 49.75
CA GLY I 32 -41.16 -7.43 49.34
C GLY I 32 -40.24 -8.13 48.36
N ILE I 33 -38.94 -7.85 48.49
CA ILE I 33 -37.91 -8.39 47.58
C ILE I 33 -36.96 -9.36 48.27
N VAL I 34 -36.79 -9.24 49.57
CA VAL I 34 -35.79 -10.02 50.25
C VAL I 34 -36.45 -11.26 50.86
N ASP I 35 -35.97 -12.45 50.44
CA ASP I 35 -36.56 -13.72 50.82
C ASP I 35 -35.80 -14.42 51.95
N GLY I 36 -34.59 -13.97 52.25
CA GLY I 36 -33.78 -14.55 53.34
C GLY I 36 -32.51 -13.74 53.60
N VAL I 37 -31.61 -14.29 54.37
CA VAL I 37 -30.39 -13.57 54.77
C VAL I 37 -29.24 -14.55 54.95
N THR I 38 -28.07 -14.18 54.45
CA THR I 38 -26.87 -14.96 54.75
C THR I 38 -26.00 -14.13 55.66
N THR I 39 -25.50 -14.76 56.71
CA THR I 39 -24.81 -14.03 57.80
C THR I 39 -23.41 -14.58 58.03
N ASN I 40 -22.63 -13.84 58.82
CA ASN I 40 -21.35 -14.30 59.34
C ASN I 40 -21.03 -13.46 60.61
N PRO I 41 -20.18 -13.93 61.53
CA PRO I 41 -19.93 -13.18 62.77
C PRO I 41 -19.49 -11.72 62.56
N THR I 42 -18.76 -11.45 61.47
CA THR I 42 -18.30 -10.09 61.16
C THR I 42 -19.46 -9.11 61.20
N LEU I 43 -20.43 -9.40 60.29
CA LEU I 43 -21.63 -8.59 60.01
C LEU I 43 -22.48 -8.51 61.25
N ILE I 44 -22.48 -9.59 62.00
CA ILE I 44 -23.06 -9.56 63.34
C ILE I 44 -22.57 -8.44 64.30
N SER I 45 -21.52 -7.64 63.97
CA SER I 45 -21.18 -6.44 64.81
C SER I 45 -20.51 -5.26 64.00
N PHE I 51 -24.33 -13.67 68.37
CA PHE I 51 -24.35 -14.83 67.48
C PHE I 51 -25.74 -15.46 67.45
N LYS I 52 -26.16 -15.99 68.61
CA LYS I 52 -27.45 -16.66 68.75
C LYS I 52 -28.62 -15.69 68.56
N GLN I 53 -28.63 -14.63 69.36
CA GLN I 53 -29.85 -13.81 69.52
C GLN I 53 -30.15 -12.99 68.27
N ARG I 54 -29.08 -12.49 67.64
CA ARG I 54 -29.24 -11.74 66.43
C ARG I 54 -29.78 -12.64 65.34
N VAL I 55 -29.18 -13.83 65.19
CA VAL I 55 -29.70 -14.81 64.24
C VAL I 55 -31.20 -14.96 64.47
N LYS I 56 -31.60 -15.00 65.75
CA LYS I 56 -33.01 -15.07 66.10
C LYS I 56 -33.77 -13.80 65.64
N GLU I 57 -33.19 -12.61 65.88
CA GLU I 57 -33.84 -11.36 65.47
C GLU I 57 -33.99 -11.28 63.96
N ILE I 58 -32.98 -11.75 63.23
CA ILE I 58 -33.07 -11.78 61.79
C ILE I 58 -34.16 -12.75 61.29
N CYS I 59 -34.22 -13.94 61.89
CA CYS I 59 -35.22 -14.94 61.53
C CYS I 59 -36.62 -14.39 61.69
N ASP I 60 -36.87 -13.76 62.83
CA ASP I 60 -38.17 -13.13 63.12
C ASP I 60 -38.50 -12.02 62.12
N LEU I 61 -37.48 -11.31 61.65
CA LEU I 61 -37.70 -10.19 60.74
C LEU I 61 -37.95 -10.64 59.28
N VAL I 62 -37.07 -11.48 58.75
CA VAL I 62 -37.18 -11.91 57.35
C VAL I 62 -38.19 -13.01 57.17
N LYS I 63 -38.38 -13.84 58.19
CA LYS I 63 -39.26 -15.02 58.09
C LYS I 63 -38.99 -15.80 56.79
N GLY I 64 -37.72 -16.13 56.60
CA GLY I 64 -37.25 -16.90 55.48
C GLY I 64 -35.89 -17.43 55.87
N PRO I 65 -35.25 -18.16 54.97
CA PRO I 65 -33.97 -18.82 55.26
C PRO I 65 -32.91 -17.84 55.76
N VAL I 66 -32.31 -18.15 56.91
CA VAL I 66 -31.22 -17.35 57.47
C VAL I 66 -30.00 -18.25 57.68
N SER I 67 -29.00 -18.10 56.82
CA SER I 67 -27.81 -18.95 56.89
C SER I 67 -26.89 -18.43 57.98
N ALA I 68 -26.38 -19.35 58.79
CA ALA I 68 -25.50 -19.02 59.91
C ALA I 68 -24.41 -20.09 60.10
N GLU I 69 -23.16 -19.64 60.27
CA GLU I 69 -22.03 -20.57 60.22
C GLU I 69 -21.69 -21.08 61.61
N VAL I 70 -21.15 -22.30 61.62
CA VAL I 70 -20.67 -22.94 62.85
C VAL I 70 -19.22 -22.62 63.05
N VAL I 71 -18.77 -22.77 64.29
CA VAL I 71 -17.38 -22.52 64.65
C VAL I 71 -16.48 -23.70 64.24
N SER I 72 -16.88 -24.92 64.59
CA SER I 72 -16.00 -26.07 64.46
C SER I 72 -15.81 -26.53 63.03
N LEU I 73 -14.68 -27.19 62.79
CA LEU I 73 -14.36 -27.72 61.45
C LEU I 73 -14.31 -29.26 61.39
N ASP I 74 -14.25 -29.90 62.55
CA ASP I 74 -14.35 -31.34 62.59
C ASP I 74 -15.81 -31.73 62.48
N TYR I 75 -16.03 -32.93 61.97
CA TYR I 75 -17.37 -33.43 61.74
C TYR I 75 -18.22 -33.45 63.03
N GLU I 76 -17.69 -34.01 64.12
CA GLU I 76 -18.46 -34.10 65.40
C GLU I 76 -18.89 -32.73 65.91
N GLY I 77 -17.94 -31.80 65.96
CA GLY I 77 -18.24 -30.43 66.39
C GLY I 77 -19.19 -29.67 65.47
N MET I 78 -19.06 -29.86 64.17
CA MET I 78 -19.95 -29.20 63.23
C MET I 78 -21.39 -29.64 63.48
N VAL I 79 -21.58 -30.95 63.61
CA VAL I 79 -22.90 -31.55 63.78
C VAL I 79 -23.50 -31.12 65.15
N ARG I 80 -22.70 -31.21 66.21
CA ARG I 80 -23.10 -30.73 67.53
C ARG I 80 -23.60 -29.27 67.49
N GLU I 81 -22.85 -28.39 66.85
CA GLU I 81 -23.19 -26.97 66.81
C GLU I 81 -24.36 -26.67 65.89
N ALA I 82 -24.45 -27.41 64.79
CA ALA I 82 -25.56 -27.29 63.84
C ALA I 82 -26.89 -27.59 64.53
N ARG I 83 -26.93 -28.64 65.34
CA ARG I 83 -28.15 -28.98 66.06
C ARG I 83 -28.54 -27.88 67.08
N GLU I 84 -27.54 -27.25 67.68
CA GLU I 84 -27.79 -26.15 68.59
C GLU I 84 -28.35 -24.93 67.86
N LEU I 85 -27.72 -24.57 66.75
CA LEU I 85 -28.19 -23.44 65.99
C LEU I 85 -29.59 -23.68 65.46
N ALA I 86 -29.83 -24.89 64.96
CA ALA I 86 -31.11 -25.23 64.35
C ALA I 86 -32.26 -25.02 65.37
N GLN I 87 -32.00 -25.21 66.66
CA GLN I 87 -33.08 -24.99 67.64
C GLN I 87 -33.48 -23.52 67.82
N ILE I 88 -32.70 -22.58 67.31
CA ILE I 88 -33.03 -21.17 67.43
C ILE I 88 -34.33 -20.84 66.68
N SER I 89 -34.50 -21.41 65.49
CA SER I 89 -35.66 -21.13 64.65
C SER I 89 -35.75 -22.11 63.49
N GLU I 90 -36.98 -22.33 63.03
CA GLU I 90 -37.19 -23.18 61.82
C GLU I 90 -36.53 -22.59 60.57
N TYR I 91 -36.26 -21.29 60.60
CA TYR I 91 -35.67 -20.60 59.46
C TYR I 91 -34.17 -20.71 59.33
N VAL I 92 -33.49 -21.13 60.40
CA VAL I 92 -32.04 -21.19 60.40
C VAL I 92 -31.54 -22.29 59.48
N VAL I 93 -30.56 -21.92 58.65
CA VAL I 93 -29.89 -22.85 57.75
C VAL I 93 -28.43 -22.85 58.15
N ILE I 94 -27.82 -24.02 58.26
CA ILE I 94 -26.46 -24.11 58.77
C ILE I 94 -25.45 -24.04 57.65
N LYS I 95 -24.55 -23.04 57.72
CA LYS I 95 -23.43 -22.88 56.78
C LYS I 95 -22.34 -23.88 57.06
N ILE I 96 -22.01 -24.69 56.07
CA ILE I 96 -20.99 -25.73 56.21
C ILE I 96 -19.96 -25.52 55.10
N PRO I 97 -18.68 -25.41 55.46
CA PRO I 97 -17.65 -25.22 54.46
C PRO I 97 -17.49 -26.47 53.65
N MET I 98 -17.13 -26.30 52.40
CA MET I 98 -17.00 -27.43 51.48
C MET I 98 -15.71 -28.21 51.80
N THR I 99 -15.82 -29.19 52.70
CA THR I 99 -14.72 -30.10 53.04
C THR I 99 -15.29 -31.52 53.18
N PRO I 100 -14.42 -32.53 53.14
CA PRO I 100 -14.82 -33.92 53.49
C PRO I 100 -15.65 -34.08 54.78
N ASP I 101 -15.19 -33.52 55.90
CA ASP I 101 -15.98 -33.52 57.12
C ASP I 101 -17.27 -32.72 56.98
N GLY I 102 -17.21 -31.60 56.27
CA GLY I 102 -18.40 -30.78 56.03
C GLY I 102 -19.46 -31.54 55.28
N ILE I 103 -19.02 -32.35 54.34
CA ILE I 103 -19.94 -33.14 53.49
C ILE I 103 -20.49 -34.33 54.28
N LYS I 104 -19.66 -34.88 55.16
CA LYS I 104 -20.08 -35.91 56.10
C LYS I 104 -21.18 -35.34 56.99
N ALA I 105 -20.99 -34.10 57.45
CA ALA I 105 -21.96 -33.40 58.31
C ALA I 105 -23.27 -33.18 57.57
N VAL I 106 -23.18 -32.81 56.31
CA VAL I 106 -24.39 -32.59 55.54
C VAL I 106 -25.22 -33.87 55.47
N LYS I 107 -24.58 -35.00 55.20
CA LYS I 107 -25.28 -36.28 55.13
C LYS I 107 -26.03 -36.52 56.44
N THR I 108 -25.34 -36.35 57.56
CA THR I 108 -25.91 -36.53 58.87
C THR I 108 -27.07 -35.58 59.09
N LEU I 109 -26.84 -34.30 58.87
CA LEU I 109 -27.84 -33.26 59.17
C LEU I 109 -29.06 -33.34 58.25
N SER I 110 -28.85 -33.64 56.98
CA SER I 110 -29.96 -33.84 56.04
C SER I 110 -30.91 -34.91 56.52
N ALA I 111 -30.34 -36.00 57.00
CA ALA I 111 -31.10 -37.11 57.57
C ALA I 111 -31.92 -36.73 58.81
N GLU I 112 -31.49 -35.72 59.55
CA GLU I 112 -32.23 -35.23 60.72
C GLU I 112 -33.10 -34.04 60.41
N GLY I 113 -33.28 -33.70 59.13
CA GLY I 113 -34.13 -32.57 58.76
C GLY I 113 -33.56 -31.18 59.08
N ILE I 114 -32.26 -31.12 59.30
CA ILE I 114 -31.59 -29.84 59.53
C ILE I 114 -31.07 -29.33 58.19
N LYS I 115 -31.44 -28.09 57.83
CA LYS I 115 -31.14 -27.51 56.51
C LYS I 115 -29.69 -27.01 56.48
N THR I 116 -29.04 -27.20 55.32
CA THR I 116 -27.63 -26.89 55.17
C THR I 116 -27.37 -26.05 53.94
N ASN I 117 -26.31 -25.24 54.08
CA ASN I 117 -25.82 -24.37 53.00
C ASN I 117 -24.30 -24.60 52.89
N VAL I 118 -23.91 -25.32 51.84
CA VAL I 118 -22.50 -25.60 51.61
C VAL I 118 -21.85 -24.39 50.96
N THR I 119 -20.85 -23.88 51.62
CA THR I 119 -20.23 -22.63 51.27
C THR I 119 -18.75 -22.88 50.90
N LEU I 120 -18.06 -21.84 50.43
CA LEU I 120 -16.70 -21.91 49.88
C LEU I 120 -16.61 -22.86 48.69
N VAL I 121 -17.59 -22.80 47.78
CA VAL I 121 -17.59 -23.66 46.58
C VAL I 121 -16.96 -22.85 45.47
N PHE I 122 -15.97 -23.42 44.79
CA PHE I 122 -15.24 -22.74 43.71
C PHE I 122 -15.15 -23.57 42.44
N SER I 123 -15.72 -24.76 42.44
CA SER I 123 -15.72 -25.61 41.26
C SER I 123 -17.03 -26.36 41.18
N PRO I 124 -17.43 -26.71 39.97
CA PRO I 124 -18.58 -27.58 39.75
C PRO I 124 -18.45 -29.00 40.34
N ALA I 125 -17.22 -29.51 40.50
CA ALA I 125 -17.01 -30.81 41.11
C ALA I 125 -17.50 -30.73 42.54
N GLN I 126 -17.07 -29.69 43.25
CA GLN I 126 -17.46 -29.47 44.64
C GLN I 126 -19.00 -29.40 44.68
N ALA I 127 -19.57 -28.69 43.76
CA ALA I 127 -21.04 -28.49 43.74
C ALA I 127 -21.83 -29.78 43.58
N ILE I 128 -21.30 -30.71 42.81
CA ILE I 128 -21.92 -32.03 42.69
C ILE I 128 -21.89 -32.79 44.03
N LEU I 129 -20.72 -32.83 44.68
CA LEU I 129 -20.62 -33.51 45.98
C LEU I 129 -21.60 -32.92 46.99
N ALA I 130 -21.72 -31.60 47.02
CA ALA I 130 -22.66 -30.95 47.93
C ALA I 130 -24.09 -31.41 47.64
N ALA I 131 -24.52 -31.41 46.39
CA ALA I 131 -25.86 -31.86 46.10
C ALA I 131 -26.05 -33.38 46.41
N LYS I 132 -25.05 -34.19 46.08
CA LYS I 132 -25.17 -35.61 46.35
C LYS I 132 -25.29 -35.91 47.84
N ALA I 133 -24.60 -35.11 48.65
CA ALA I 133 -24.62 -35.26 50.11
C ALA I 133 -25.96 -34.86 50.70
N GLY I 134 -26.75 -34.13 49.92
CA GLY I 134 -28.09 -33.70 50.29
C GLY I 134 -28.13 -32.30 50.88
N ALA I 135 -27.22 -31.42 50.45
CA ALA I 135 -27.24 -29.99 50.90
C ALA I 135 -28.54 -29.32 50.49
N THR I 136 -29.08 -28.45 51.34
CA THR I 136 -30.28 -27.69 50.96
C THR I 136 -29.92 -26.66 49.89
N TYR I 137 -28.78 -26.00 50.13
CA TYR I 137 -28.21 -24.99 49.26
C TYR I 137 -26.73 -25.25 49.07
N VAL I 138 -26.24 -24.72 47.96
CA VAL I 138 -24.82 -24.59 47.66
C VAL I 138 -24.58 -23.14 47.30
N SER I 139 -23.45 -22.59 47.76
CA SER I 139 -23.07 -21.18 47.52
C SER I 139 -21.71 -21.12 46.83
N PRO I 140 -21.73 -21.09 45.49
CA PRO I 140 -20.52 -20.82 44.73
C PRO I 140 -20.11 -19.34 44.84
N PHE I 141 -18.81 -19.09 44.99
CA PHE I 141 -18.25 -17.75 45.19
C PHE I 141 -17.78 -17.15 43.88
N VAL I 142 -18.69 -16.42 43.25
CA VAL I 142 -18.51 -15.87 41.92
C VAL I 142 -17.44 -14.78 41.88
N GLY I 143 -17.60 -13.73 42.69
CA GLY I 143 -16.68 -12.60 42.69
C GLY I 143 -15.24 -12.97 43.00
N ARG I 144 -15.05 -13.87 43.94
CA ARG I 144 -13.69 -14.27 44.32
C ARG I 144 -12.97 -14.98 43.21
N MET I 145 -13.71 -15.77 42.40
CA MET I 145 -13.15 -16.41 41.21
C MET I 145 -12.92 -15.41 40.10
N ASP I 146 -13.85 -14.47 39.94
CA ASP I 146 -13.71 -13.40 38.98
C ASP I 146 -12.36 -12.67 39.19
N ASP I 147 -12.01 -12.42 40.44
CA ASP I 147 -10.79 -11.69 40.77
C ASP I 147 -9.50 -12.46 40.55
N LEU I 148 -9.60 -13.77 40.46
CA LEU I 148 -8.49 -14.60 39.97
C LEU I 148 -8.40 -14.60 38.41
N SER I 149 -9.34 -13.91 37.75
CA SER I 149 -9.48 -13.90 36.29
C SER I 149 -9.77 -15.28 35.72
N ASN I 150 -10.31 -16.18 36.55
CA ASN I 150 -10.72 -17.51 36.08
C ASN I 150 -12.25 -17.59 35.83
N ASP I 151 -12.93 -16.44 35.85
CA ASP I 151 -14.33 -16.32 35.47
C ASP I 151 -15.33 -17.07 36.36
N GLY I 152 -15.80 -16.39 37.41
CA GLY I 152 -16.75 -16.98 38.36
C GLY I 152 -18.13 -17.19 37.76
N MET I 153 -18.53 -16.36 36.82
CA MET I 153 -19.85 -16.50 36.21
C MET I 153 -19.93 -17.74 35.35
N ARG I 154 -18.81 -18.10 34.75
CA ARG I 154 -18.72 -19.32 33.95
C ARG I 154 -18.83 -20.52 34.87
N MET I 155 -18.15 -20.50 36.02
CA MET I 155 -18.23 -21.65 36.94
C MET I 155 -19.65 -21.78 37.47
N LEU I 156 -20.29 -20.67 37.75
CA LEU I 156 -21.68 -20.71 38.18
C LEU I 156 -22.58 -21.29 37.10
N GLY I 157 -22.36 -20.87 35.87
CA GLY I 157 -23.12 -21.41 34.76
C GLY I 157 -22.97 -22.90 34.60
N GLU I 158 -21.79 -23.42 34.88
CA GLU I 158 -21.52 -24.82 34.77
C GLU I 158 -22.32 -25.59 35.84
N ILE I 159 -22.34 -25.07 37.05
CA ILE I 159 -23.06 -25.67 38.15
C ILE I 159 -24.57 -25.67 37.91
N VAL I 160 -25.09 -24.55 37.43
CA VAL I 160 -26.48 -24.43 37.05
C VAL I 160 -26.88 -25.42 35.91
N GLU I 161 -26.00 -25.58 34.91
CA GLU I 161 -26.26 -26.57 33.85
C GLU I 161 -26.27 -27.99 34.43
N ILE I 162 -25.31 -28.31 35.30
CA ILE I 162 -25.24 -29.63 35.89
C ILE I 162 -26.49 -29.93 36.75
N TYR I 163 -26.87 -28.97 37.59
CA TYR I 163 -28.01 -29.14 38.49
C TYR I 163 -29.31 -29.20 37.64
N ASN I 164 -29.35 -28.54 36.50
CA ASN I 164 -30.51 -28.76 35.60
C ASN I 164 -30.52 -30.14 34.98
N ASN I 165 -29.33 -30.68 34.69
CA ASN I 165 -29.26 -32.01 34.08
C ASN I 165 -29.87 -33.08 34.96
N TYR I 166 -29.67 -32.95 36.27
CA TYR I 166 -29.98 -34.04 37.18
C TYR I 166 -31.13 -33.71 38.12
N GLY I 167 -31.60 -32.46 38.12
CA GLY I 167 -32.65 -32.06 39.06
C GLY I 167 -32.30 -32.32 40.53
N PHE I 168 -31.05 -32.10 40.92
CA PHE I 168 -30.73 -32.09 42.35
C PHE I 168 -31.69 -31.15 43.08
N GLU I 169 -32.18 -31.57 44.23
CA GLU I 169 -33.08 -30.75 45.02
C GLU I 169 -32.33 -29.54 45.58
N THR I 170 -31.02 -29.67 45.79
CA THR I 170 -30.17 -28.55 46.23
C THR I 170 -30.37 -27.29 45.39
N GLU I 171 -30.53 -26.15 46.04
CA GLU I 171 -30.71 -24.89 45.34
C GLU I 171 -29.41 -24.12 45.34
N ILE I 172 -29.21 -23.38 44.24
CA ILE I 172 -27.97 -22.64 44.03
C ILE I 172 -28.13 -21.22 44.49
N ILE I 173 -27.27 -20.83 45.44
CA ILE I 173 -27.14 -19.44 45.87
C ILE I 173 -25.88 -18.83 45.25
N ALA I 174 -26.06 -17.98 44.24
CA ALA I 174 -24.93 -17.21 43.71
C ALA I 174 -24.44 -16.25 44.80
N ALA I 175 -23.22 -16.49 45.25
CA ALA I 175 -22.66 -15.75 46.36
C ALA I 175 -21.42 -15.02 45.90
N SER I 176 -20.81 -14.29 46.83
CA SER I 176 -19.70 -13.36 46.52
C SER I 176 -20.09 -12.48 45.30
N ILE I 177 -21.33 -11.94 45.40
CA ILE I 177 -21.91 -11.03 44.40
C ILE I 177 -21.50 -9.57 44.75
N ARG I 178 -20.92 -8.85 43.79
CA ARG I 178 -20.22 -7.57 44.04
C ARG I 178 -20.88 -6.41 43.32
N HIS I 179 -21.69 -6.69 42.30
CA HIS I 179 -22.22 -5.61 41.49
C HIS I 179 -23.46 -6.11 40.70
N PRO I 180 -24.22 -5.15 40.15
CA PRO I 180 -25.43 -5.46 39.38
C PRO I 180 -25.31 -6.46 38.25
N MET I 181 -24.22 -6.44 37.49
CA MET I 181 -24.14 -7.37 36.35
C MET I 181 -24.02 -8.80 36.77
N HIS I 182 -23.44 -9.04 37.96
CA HIS I 182 -23.45 -10.34 38.56
C HIS I 182 -24.88 -10.83 38.74
N VAL I 183 -25.74 -9.96 39.25
CA VAL I 183 -27.16 -10.31 39.50
C VAL I 183 -27.89 -10.60 38.19
N VAL I 184 -27.66 -9.76 37.21
CA VAL I 184 -28.34 -9.89 35.95
C VAL I 184 -27.90 -11.15 35.20
N GLU I 185 -26.61 -11.42 35.21
CA GLU I 185 -26.11 -12.58 34.52
C GLU I 185 -26.51 -13.87 35.24
N ALA I 186 -26.58 -13.82 36.56
CA ALA I 186 -27.06 -14.95 37.33
C ALA I 186 -28.55 -15.19 37.05
N ALA I 187 -29.34 -14.12 36.93
CA ALA I 187 -30.73 -14.27 36.54
C ALA I 187 -30.88 -14.83 35.13
N LEU I 188 -30.02 -14.41 34.23
CA LEU I 188 -30.12 -14.81 32.82
C LEU I 188 -29.81 -16.28 32.63
N MET I 189 -28.96 -16.82 33.50
CA MET I 189 -28.72 -18.26 33.51
C MET I 189 -29.70 -19.05 34.42
N GLY I 190 -30.53 -18.34 35.20
CA GLY I 190 -31.62 -18.98 35.95
C GLY I 190 -31.17 -19.58 37.26
N VAL I 191 -30.22 -18.97 37.93
CA VAL I 191 -29.82 -19.40 39.25
C VAL I 191 -31.02 -19.25 40.19
N ASP I 192 -31.07 -20.09 41.22
CA ASP I 192 -32.22 -20.18 42.08
C ASP I 192 -32.31 -18.93 42.94
N ILE I 193 -31.17 -18.59 43.51
CA ILE I 193 -31.09 -17.56 44.52
C ILE I 193 -29.80 -16.79 44.28
N VAL I 194 -29.86 -15.48 44.52
CA VAL I 194 -28.69 -14.64 44.51
C VAL I 194 -28.63 -13.94 45.86
N THR I 195 -27.53 -14.09 46.59
CA THR I 195 -27.33 -13.38 47.86
C THR I 195 -26.32 -12.24 47.62
N MET I 196 -26.68 -11.05 48.08
CA MET I 196 -25.94 -9.83 47.74
C MET I 196 -25.91 -8.88 48.92
N PRO I 197 -24.93 -7.99 48.95
CA PRO I 197 -24.96 -6.88 49.88
C PRO I 197 -26.12 -5.94 49.59
N PHE I 198 -26.55 -5.23 50.61
CA PHE I 198 -27.60 -4.24 50.50
C PHE I 198 -27.26 -3.21 49.46
N ALA I 199 -26.02 -2.71 49.54
CA ALA I 199 -25.51 -1.70 48.61
C ALA I 199 -25.77 -2.07 47.14
N VAL I 200 -25.62 -3.34 46.81
CA VAL I 200 -25.83 -3.80 45.47
C VAL I 200 -27.33 -3.85 45.20
N LEU I 201 -28.11 -4.26 46.19
CA LEU I 201 -29.56 -4.26 46.07
C LEU I 201 -30.08 -2.85 45.74
N GLU I 202 -29.59 -1.85 46.48
CA GLU I 202 -29.92 -0.44 46.27
C GLU I 202 -29.67 -0.03 44.82
N LYS I 203 -28.52 -0.40 44.29
CA LYS I 203 -28.16 -0.09 42.90
C LYS I 203 -29.19 -0.62 41.89
N LEU I 204 -29.71 -1.83 42.11
CA LEU I 204 -30.64 -2.46 41.15
C LEU I 204 -31.88 -1.62 40.87
N PHE I 205 -32.32 -0.81 41.84
CA PHE I 205 -33.48 0.08 41.64
C PHE I 205 -33.21 1.15 40.60
N LYS I 206 -31.94 1.55 40.50
CA LYS I 206 -31.58 2.85 39.93
C LYS I 206 -31.33 2.83 38.42
N HIS I 207 -31.76 3.89 37.74
CA HIS I 207 -31.36 4.13 36.36
C HIS I 207 -31.59 5.61 36.07
N PRO I 208 -30.63 6.27 35.40
CA PRO I 208 -30.76 7.71 35.09
C PRO I 208 -31.92 8.09 34.16
N MET I 209 -32.36 7.15 33.33
CA MET I 209 -33.53 7.34 32.48
C MET I 209 -34.86 7.27 33.25
N THR I 210 -34.87 6.54 34.36
CA THR I 210 -35.99 6.57 35.30
C THR I 210 -36.12 7.96 35.90
N ASP I 211 -35.00 8.51 36.36
CA ASP I 211 -34.97 9.80 37.05
C ASP I 211 -35.42 10.92 36.16
N LEU I 212 -34.97 10.88 34.91
CA LEU I 212 -35.37 11.84 33.90
C LEU I 212 -36.83 11.68 33.51
N GLY I 213 -37.31 10.43 33.45
CA GLY I 213 -38.73 10.15 33.20
C GLY I 213 -39.64 10.69 34.27
N ILE I 214 -39.20 10.60 35.53
CA ILE I 214 -39.94 11.18 36.65
C ILE I 214 -39.90 12.70 36.60
N GLU I 215 -38.76 13.32 36.29
CA GLU I 215 -38.72 14.79 36.13
C GLU I 215 -39.75 15.23 35.08
N ARG I 216 -39.79 14.47 34.00
CA ARG I 216 -40.66 14.76 32.87
C ARG I 216 -42.13 14.51 33.16
N PHE I 217 -42.44 13.39 33.83
CA PHE I 217 -43.82 13.07 34.20
C PHE I 217 -44.43 14.18 35.08
N MET I 218 -43.64 14.67 36.04
CA MET I 218 -43.98 15.86 36.82
C MET I 218 -44.33 17.04 35.93
N GLU I 219 -43.42 17.33 34.99
CA GLU I 219 -43.56 18.48 34.09
C GLU I 219 -44.88 18.39 33.32
N ASP I 220 -45.29 17.16 33.00
CA ASP I 220 -46.51 16.90 32.24
C ASP I 220 -47.78 17.08 33.08
N TRP I 221 -47.70 16.69 34.36
CA TRP I 221 -48.78 16.96 35.33
C TRP I 221 -49.03 18.45 35.45
N LYS I 222 -47.97 19.20 35.74
CA LYS I 222 -48.11 20.66 35.88
C LYS I 222 -48.54 21.36 34.56
N LYS I 223 -48.34 20.70 33.43
CA LYS I 223 -48.89 21.15 32.14
C LYS I 223 -50.36 20.74 32.00
N TYR I 224 -50.68 19.51 32.38
CA TYR I 224 -52.06 19.01 32.40
C TYR I 224 -52.92 20.02 33.18
N LEU I 225 -52.40 20.43 34.34
CA LEU I 225 -53.11 21.39 35.21
C LEU I 225 -53.27 22.79 34.60
N GLU I 226 -53.01 22.92 33.30
CA GLU I 226 -53.43 24.08 32.51
C GLU I 226 -54.94 24.04 32.23
N HIS J 11 -33.24 -39.21 39.50
CA HIS J 11 -32.66 -38.33 38.41
C HIS J 11 -31.26 -37.80 38.75
N HIS J 12 -30.88 -37.83 40.03
CA HIS J 12 -29.53 -37.55 40.53
C HIS J 12 -28.43 -38.27 39.74
N MET J 13 -27.31 -37.59 39.57
CA MET J 13 -26.13 -38.22 39.02
C MET J 13 -25.59 -39.18 40.07
N LYS J 14 -25.27 -40.40 39.62
CA LYS J 14 -24.69 -41.40 40.48
C LYS J 14 -23.15 -41.41 40.32
N ILE J 15 -22.46 -41.62 41.44
CA ILE J 15 -21.02 -41.85 41.47
C ILE J 15 -20.77 -43.26 41.93
N PHE J 16 -20.13 -44.08 41.10
CA PHE J 16 -19.60 -45.36 41.54
C PHE J 16 -18.09 -45.24 41.78
N LEU J 17 -17.53 -46.15 42.55
CA LEU J 17 -16.09 -46.23 42.72
C LEU J 17 -15.54 -47.39 41.93
N ASP J 18 -14.43 -47.16 41.24
CA ASP J 18 -13.63 -48.20 40.62
C ASP J 18 -12.60 -48.72 41.65
N THR J 19 -12.99 -49.67 42.49
CA THR J 19 -12.14 -50.17 43.58
C THR J 19 -12.68 -51.51 44.09
N ALA J 20 -11.83 -52.19 44.87
CA ALA J 20 -12.24 -53.27 45.77
C ALA J 20 -11.82 -52.97 47.22
N ASN J 21 -11.31 -51.77 47.46
CA ASN J 21 -10.85 -51.39 48.77
C ASN J 21 -11.99 -50.91 49.67
N LEU J 22 -12.18 -51.58 50.78
CA LEU J 22 -13.37 -51.40 51.62
C LEU J 22 -13.31 -50.11 52.47
N GLU J 23 -12.10 -49.67 52.79
CA GLU J 23 -11.93 -48.43 53.55
C GLU J 23 -12.34 -47.29 52.67
N GLU J 24 -11.88 -47.28 51.42
CA GLU J 24 -12.29 -46.20 50.49
C GLU J 24 -13.78 -46.23 50.18
N ILE J 25 -14.39 -47.41 50.14
CA ILE J 25 -15.83 -47.50 49.97
C ILE J 25 -16.59 -47.03 51.24
N LYS J 26 -16.05 -47.33 52.41
CA LYS J 26 -16.64 -46.81 53.67
C LYS J 26 -16.61 -45.28 53.68
N LYS J 27 -15.45 -44.74 53.30
CA LYS J 27 -15.26 -43.29 53.19
C LYS J 27 -16.29 -42.68 52.19
N GLY J 28 -16.47 -43.36 51.07
CA GLY J 28 -17.43 -42.93 50.08
C GLY J 28 -18.85 -42.86 50.59
N VAL J 29 -19.25 -43.88 51.38
CA VAL J 29 -20.61 -43.98 51.93
C VAL J 29 -20.79 -43.05 53.16
N GLU J 30 -19.74 -42.93 54.00
CA GLU J 30 -19.64 -41.89 55.06
C GLU J 30 -20.03 -40.51 54.52
N TRP J 31 -19.46 -40.19 53.35
CA TRP J 31 -19.67 -38.91 52.67
C TRP J 31 -21.06 -38.83 52.00
N GLY J 32 -21.70 -39.99 51.81
CA GLY J 32 -23.04 -40.03 51.23
C GLY J 32 -23.02 -39.63 49.79
N ILE J 33 -21.92 -40.00 49.13
CA ILE J 33 -21.61 -39.61 47.75
C ILE J 33 -21.45 -40.79 46.78
N VAL J 34 -21.17 -41.97 47.32
CA VAL J 34 -20.94 -43.15 46.53
C VAL J 34 -22.17 -44.09 46.52
N ASP J 35 -22.69 -44.35 45.32
CA ASP J 35 -23.92 -45.09 45.14
C ASP J 35 -23.72 -46.54 44.75
N GLY J 36 -22.50 -46.89 44.36
CA GLY J 36 -22.18 -48.25 43.95
C GLY J 36 -20.70 -48.41 43.70
N VAL J 37 -20.29 -49.60 43.26
CA VAL J 37 -18.88 -49.93 43.00
C VAL J 37 -18.80 -50.70 41.68
N THR J 38 -17.76 -50.42 40.89
CA THR J 38 -17.41 -51.32 39.78
C THR J 38 -16.07 -51.92 40.10
N THR J 39 -15.96 -53.20 39.79
CA THR J 39 -14.94 -54.06 40.36
C THR J 39 -14.27 -54.79 39.23
N ASN J 40 -13.16 -55.40 39.41
CA ASN J 40 -12.61 -56.07 38.25
C ASN J 40 -11.54 -57.10 38.51
N PRO J 41 -11.32 -57.79 37.39
CA PRO J 41 -10.28 -58.76 37.23
C PRO J 41 -9.01 -58.03 37.65
N THR J 42 -8.75 -56.94 36.93
CA THR J 42 -7.60 -56.08 37.15
C THR J 42 -7.59 -55.48 38.58
N LEU J 43 -8.75 -55.03 38.97
CA LEU J 43 -8.95 -54.38 40.29
C LEU J 43 -8.94 -55.37 41.46
N ILE J 44 -9.36 -56.61 41.20
CA ILE J 44 -9.27 -57.70 42.17
C ILE J 44 -7.91 -58.35 42.00
N SER J 45 -7.28 -58.13 40.85
CA SER J 45 -5.86 -58.48 40.64
C SER J 45 -5.01 -57.54 41.49
N LYS J 46 -5.41 -56.27 41.58
CA LYS J 46 -4.70 -55.34 42.48
C LYS J 46 -4.74 -55.79 43.96
N GLU J 47 -5.82 -56.44 44.39
CA GLU J 47 -6.15 -56.57 45.81
C GLU J 47 -5.83 -57.92 46.30
N GLY J 48 -6.19 -58.93 45.51
CA GLY J 48 -5.77 -60.31 45.77
C GLY J 48 -6.52 -61.11 46.85
N ALA J 49 -7.80 -60.78 47.07
CA ALA J 49 -8.68 -61.49 48.01
C ALA J 49 -9.67 -62.38 47.25
N GLU J 50 -10.78 -62.81 47.96
CA GLU J 50 -11.64 -63.83 47.38
C GLU J 50 -12.59 -63.12 46.45
N PHE J 51 -12.69 -63.59 45.20
CA PHE J 51 -13.56 -62.93 44.23
C PHE J 51 -15.01 -62.76 44.72
N LYS J 52 -15.62 -63.88 45.12
CA LYS J 52 -17.02 -63.90 45.54
C LYS J 52 -17.16 -63.25 46.90
N GLN J 53 -16.30 -63.66 47.81
CA GLN J 53 -16.20 -63.00 49.11
C GLN J 53 -16.15 -61.44 48.96
N ARG J 54 -15.16 -60.99 48.13
CA ARG J 54 -14.92 -59.54 48.07
C ARG J 54 -16.14 -58.78 47.57
N VAL J 55 -16.85 -59.43 46.66
CA VAL J 55 -18.08 -58.89 46.10
C VAL J 55 -19.20 -58.83 47.14
N LYS J 56 -19.35 -59.88 47.95
CA LYS J 56 -20.34 -59.91 49.03
C LYS J 56 -20.07 -58.78 50.03
N GLU J 57 -18.81 -58.65 50.46
CA GLU J 57 -18.37 -57.57 51.40
C GLU J 57 -18.68 -56.19 50.90
N ILE J 58 -18.41 -55.99 49.62
CA ILE J 58 -18.66 -54.73 48.96
C ILE J 58 -20.17 -54.44 48.87
N CYS J 59 -20.95 -55.45 48.50
CA CYS J 59 -22.40 -55.29 48.43
C CYS J 59 -22.97 -54.87 49.77
N ASP J 60 -22.54 -55.53 50.83
CA ASP J 60 -22.98 -55.21 52.20
C ASP J 60 -22.63 -53.79 52.60
N LEU J 61 -21.50 -53.29 52.10
CA LEU J 61 -21.00 -51.97 52.44
C LEU J 61 -21.70 -50.84 51.68
N VAL J 62 -21.72 -50.94 50.36
CA VAL J 62 -22.29 -49.85 49.57
C VAL J 62 -23.79 -49.94 49.48
N LYS J 63 -24.36 -51.14 49.58
CA LYS J 63 -25.79 -51.32 49.44
C LYS J 63 -26.28 -50.55 48.24
N GLY J 64 -25.66 -50.82 47.10
CA GLY J 64 -26.02 -50.27 45.83
C GLY J 64 -25.32 -51.12 44.80
N PRO J 65 -25.56 -50.83 43.50
CA PRO J 65 -25.02 -51.64 42.40
C PRO J 65 -23.51 -51.94 42.50
N VAL J 66 -23.15 -53.22 42.51
CA VAL J 66 -21.76 -53.63 42.49
C VAL J 66 -21.55 -54.47 41.22
N SER J 67 -20.81 -53.94 40.25
CA SER J 67 -20.56 -54.68 39.01
C SER J 67 -19.39 -55.64 39.18
N ALA J 68 -19.56 -56.88 38.75
CA ALA J 68 -18.53 -57.88 38.85
C ALA J 68 -18.48 -58.67 37.56
N GLU J 69 -17.27 -58.95 37.09
CA GLU J 69 -17.06 -59.58 35.80
C GLU J 69 -17.07 -61.09 35.91
N VAL J 70 -17.50 -61.72 34.81
CA VAL J 70 -17.50 -63.16 34.64
C VAL J 70 -16.17 -63.60 34.00
N VAL J 71 -15.79 -64.85 34.20
CA VAL J 71 -14.58 -65.42 33.62
C VAL J 71 -14.78 -65.75 32.14
N SER J 72 -15.86 -66.47 31.84
CA SER J 72 -16.04 -67.07 30.52
C SER J 72 -16.37 -66.04 29.47
N LEU J 73 -16.06 -66.37 28.23
CA LEU J 73 -16.33 -65.55 27.08
C LEU J 73 -17.33 -66.18 26.09
N ASP J 74 -17.63 -67.46 26.26
CA ASP J 74 -18.68 -68.09 25.46
C ASP J 74 -20.01 -67.83 26.14
N TYR J 75 -21.05 -67.73 25.32
CA TYR J 75 -22.40 -67.45 25.78
C TYR J 75 -22.85 -68.32 26.98
N GLU J 76 -22.72 -69.63 26.81
CA GLU J 76 -23.19 -70.60 27.78
C GLU J 76 -22.49 -70.39 29.11
N GLY J 77 -21.16 -70.27 29.07
CA GLY J 77 -20.37 -70.02 30.27
C GLY J 77 -20.63 -68.69 30.95
N MET J 78 -20.83 -67.65 30.16
CA MET J 78 -21.17 -66.35 30.70
C MET J 78 -22.48 -66.37 31.48
N VAL J 79 -23.47 -67.01 30.88
CA VAL J 79 -24.81 -67.10 31.47
C VAL J 79 -24.78 -67.94 32.76
N ARG J 80 -24.13 -69.10 32.67
CA ARG J 80 -23.89 -69.96 33.81
C ARG J 80 -23.29 -69.18 34.98
N GLU J 81 -22.18 -68.51 34.74
CA GLU J 81 -21.47 -67.78 35.80
C GLU J 81 -22.22 -66.58 36.33
N ALA J 82 -22.93 -65.88 35.43
CA ALA J 82 -23.76 -64.77 35.79
C ALA J 82 -24.78 -65.17 36.82
N ARG J 83 -25.44 -66.29 36.60
CA ARG J 83 -26.46 -66.79 37.51
C ARG J 83 -25.88 -67.08 38.88
N GLU J 84 -24.67 -67.61 38.88
CA GLU J 84 -23.92 -67.87 40.10
C GLU J 84 -23.61 -66.60 40.87
N LEU J 85 -23.02 -65.63 40.17
CA LEU J 85 -22.66 -64.37 40.81
C LEU J 85 -23.88 -63.60 41.29
N ALA J 86 -24.98 -63.68 40.53
CA ALA J 86 -26.22 -63.00 40.90
C ALA J 86 -26.74 -63.50 42.25
N GLN J 87 -26.53 -64.78 42.55
CA GLN J 87 -27.04 -65.30 43.82
C GLN J 87 -26.29 -64.78 45.05
N ILE J 88 -25.15 -64.11 44.86
CA ILE J 88 -24.41 -63.52 46.01
C ILE J 88 -25.22 -62.42 46.71
N SER J 89 -25.87 -61.58 45.92
CA SER J 89 -26.55 -60.42 46.48
C SER J 89 -27.43 -59.79 45.42
N GLU J 90 -28.56 -59.21 45.86
CA GLU J 90 -29.48 -58.48 44.98
C GLU J 90 -28.82 -57.26 44.31
N TYR J 91 -27.70 -56.80 44.87
CA TYR J 91 -26.94 -55.67 44.36
C TYR J 91 -25.97 -55.98 43.25
N VAL J 92 -25.66 -57.25 43.08
CA VAL J 92 -24.67 -57.66 42.08
C VAL J 92 -25.19 -57.37 40.66
N VAL J 93 -24.34 -56.70 39.87
CA VAL J 93 -24.59 -56.45 38.46
C VAL J 93 -23.50 -57.16 37.68
N ILE J 94 -23.87 -57.87 36.63
CA ILE J 94 -22.90 -58.70 35.92
C ILE J 94 -22.26 -57.91 34.77
N LYS J 95 -20.93 -57.76 34.83
CA LYS J 95 -20.15 -57.13 33.76
C LYS J 95 -20.01 -58.12 32.59
N ILE J 96 -20.46 -57.69 31.43
CA ILE J 96 -20.40 -58.49 30.23
C ILE J 96 -19.61 -57.69 29.21
N PRO J 97 -18.61 -58.27 28.59
CA PRO J 97 -17.88 -57.59 27.52
C PRO J 97 -18.76 -57.43 26.27
N MET J 98 -18.56 -56.31 25.57
CA MET J 98 -19.25 -56.06 24.33
C MET J 98 -18.81 -57.02 23.22
N THR J 99 -19.51 -58.14 23.10
CA THR J 99 -19.29 -59.08 22.00
C THR J 99 -20.65 -59.64 21.60
N PRO J 100 -20.70 -60.30 20.45
CA PRO J 100 -21.92 -60.96 20.02
C PRO J 100 -22.47 -61.96 21.05
N ASP J 101 -21.62 -62.82 21.59
CA ASP J 101 -22.01 -63.73 22.67
C ASP J 101 -22.41 -62.99 23.95
N GLY J 102 -21.71 -61.91 24.27
CA GLY J 102 -22.08 -61.11 25.41
C GLY J 102 -23.44 -60.47 25.25
N ILE J 103 -23.76 -60.03 24.03
CA ILE J 103 -25.07 -59.45 23.76
C ILE J 103 -26.17 -60.51 23.86
N LYS J 104 -25.88 -61.71 23.36
CA LYS J 104 -26.79 -62.87 23.49
C LYS J 104 -27.05 -63.15 24.96
N ALA J 105 -25.99 -63.10 25.76
CA ALA J 105 -26.07 -63.30 27.21
C ALA J 105 -26.92 -62.26 27.90
N VAL J 106 -26.78 -61.00 27.49
CA VAL J 106 -27.60 -59.92 28.06
C VAL J 106 -29.09 -60.16 27.75
N LYS J 107 -29.41 -60.59 26.54
CA LYS J 107 -30.78 -60.90 26.17
C LYS J 107 -31.35 -61.93 27.14
N THR J 108 -30.62 -63.02 27.33
CA THR J 108 -31.03 -64.11 28.22
C THR J 108 -31.14 -63.64 29.65
N LEU J 109 -30.09 -63.00 30.16
CA LEU J 109 -30.03 -62.59 31.56
C LEU J 109 -31.06 -61.51 31.94
N SER J 110 -31.27 -60.54 31.05
CA SER J 110 -32.33 -59.52 31.26
C SER J 110 -33.73 -60.18 31.40
N ALA J 111 -34.00 -61.17 30.55
CA ALA J 111 -35.25 -61.95 30.63
C ALA J 111 -35.42 -62.71 31.95
N GLU J 112 -34.33 -63.04 32.63
CA GLU J 112 -34.44 -63.65 33.98
C GLU J 112 -34.21 -62.68 35.14
N GLY J 113 -34.28 -61.38 34.88
CA GLY J 113 -34.16 -60.37 35.94
C GLY J 113 -32.77 -60.17 36.51
N ILE J 114 -31.75 -60.62 35.78
CA ILE J 114 -30.36 -60.48 36.23
C ILE J 114 -29.79 -59.24 35.55
N LYS J 115 -29.30 -58.31 36.37
CA LYS J 115 -28.82 -57.02 35.90
C LYS J 115 -27.45 -57.15 35.25
N THR J 116 -27.25 -56.37 34.19
CA THR J 116 -26.04 -56.46 33.43
C THR J 116 -25.43 -55.09 33.18
N ASN J 117 -24.10 -55.10 33.03
CA ASN J 117 -23.34 -53.91 32.74
C ASN J 117 -22.46 -54.26 31.53
N VAL J 118 -22.80 -53.75 30.36
CA VAL J 118 -21.99 -54.05 29.20
C VAL J 118 -20.77 -53.12 29.19
N THR J 119 -19.59 -53.72 29.13
CA THR J 119 -18.35 -52.99 29.29
C THR J 119 -17.53 -53.14 28.01
N LEU J 120 -16.40 -52.42 27.97
CA LEU J 120 -15.52 -52.34 26.82
C LEU J 120 -16.25 -51.82 25.59
N VAL J 121 -16.98 -50.73 25.81
CA VAL J 121 -17.72 -50.01 24.75
C VAL J 121 -16.89 -48.80 24.33
N PHE J 122 -16.58 -48.76 23.03
CA PHE J 122 -15.77 -47.69 22.46
C PHE J 122 -16.44 -46.96 21.31
N SER J 123 -17.69 -47.29 21.02
CA SER J 123 -18.40 -46.62 19.92
C SER J 123 -19.86 -46.54 20.26
N PRO J 124 -20.53 -45.53 19.69
CA PRO J 124 -21.98 -45.40 19.83
C PRO J 124 -22.77 -46.58 19.23
N ALA J 125 -22.25 -47.20 18.18
CA ALA J 125 -22.90 -48.36 17.57
C ALA J 125 -23.01 -49.50 18.58
N GLN J 126 -21.89 -49.79 19.23
CA GLN J 126 -21.88 -50.80 20.29
C GLN J 126 -22.90 -50.45 21.38
N ALA J 127 -22.94 -49.18 21.81
CA ALA J 127 -23.88 -48.73 22.84
C ALA J 127 -25.33 -49.00 22.45
N ILE J 128 -25.68 -48.81 21.20
CA ILE J 128 -27.04 -49.04 20.74
C ILE J 128 -27.42 -50.50 20.96
N LEU J 129 -26.52 -51.37 20.53
CA LEU J 129 -26.75 -52.79 20.64
C LEU J 129 -26.95 -53.19 22.09
N ALA J 130 -26.11 -52.64 22.97
CA ALA J 130 -26.20 -52.98 24.39
C ALA J 130 -27.55 -52.61 24.96
N ALA J 131 -28.03 -51.41 24.61
CA ALA J 131 -29.36 -50.97 25.05
C ALA J 131 -30.46 -51.82 24.46
N LYS J 132 -30.39 -52.11 23.17
CA LYS J 132 -31.45 -52.91 22.51
C LYS J 132 -31.50 -54.35 23.03
N ALA J 133 -30.36 -54.88 23.46
CA ALA J 133 -30.34 -56.22 24.04
C ALA J 133 -30.90 -56.26 25.44
N GLY J 134 -31.03 -55.08 26.06
CA GLY J 134 -31.67 -54.97 27.35
C GLY J 134 -30.71 -54.77 28.51
N ALA J 135 -29.50 -54.28 28.26
CA ALA J 135 -28.51 -54.09 29.31
C ALA J 135 -29.03 -53.10 30.36
N THR J 136 -28.68 -53.34 31.63
CA THR J 136 -29.06 -52.43 32.70
C THR J 136 -28.21 -51.19 32.62
N TYR J 137 -26.92 -51.38 32.33
CA TYR J 137 -25.94 -50.32 32.18
C TYR J 137 -25.11 -50.54 30.96
N VAL J 138 -24.52 -49.46 30.42
CA VAL J 138 -23.41 -49.52 29.44
C VAL J 138 -22.26 -48.72 30.00
N SER J 139 -21.04 -49.18 29.77
CA SER J 139 -19.84 -48.51 30.25
C SER J 139 -18.90 -48.17 29.09
N PRO J 140 -19.06 -46.97 28.55
CA PRO J 140 -18.12 -46.46 27.54
C PRO J 140 -16.81 -46.02 28.18
N PHE J 141 -15.69 -46.40 27.55
CA PHE J 141 -14.35 -46.15 28.10
C PHE J 141 -13.74 -44.90 27.54
N VAL J 142 -13.96 -43.82 28.27
CA VAL J 142 -13.61 -42.46 27.91
C VAL J 142 -12.09 -42.25 27.83
N GLY J 143 -11.39 -42.49 28.94
CA GLY J 143 -9.96 -42.27 29.07
C GLY J 143 -9.11 -43.03 28.07
N ARG J 144 -9.50 -44.26 27.77
CA ARG J 144 -8.78 -45.06 26.79
C ARG J 144 -8.92 -44.56 25.35
N MET J 145 -10.09 -44.02 25.02
CA MET J 145 -10.29 -43.34 23.73
C MET J 145 -9.55 -42.01 23.64
N ASP J 146 -9.56 -41.25 24.73
CA ASP J 146 -8.85 -39.99 24.80
C ASP J 146 -7.37 -40.22 24.51
N ASP J 147 -6.82 -41.33 24.98
CA ASP J 147 -5.39 -41.61 24.81
C ASP J 147 -5.00 -42.08 23.39
N LEU J 148 -5.99 -42.47 22.59
CA LEU J 148 -5.83 -42.67 21.16
C LEU J 148 -5.92 -41.37 20.41
N SER J 149 -6.21 -40.28 21.12
CA SER J 149 -6.46 -38.97 20.54
C SER J 149 -7.70 -38.93 19.63
N ASN J 150 -8.62 -39.87 19.82
CA ASN J 150 -9.87 -39.90 19.07
C ASN J 150 -11.07 -39.39 19.90
N ASP J 151 -10.80 -38.77 21.06
CA ASP J 151 -11.79 -38.02 21.87
C ASP J 151 -12.89 -38.88 22.50
N GLY J 152 -12.62 -39.41 23.67
CA GLY J 152 -13.56 -40.26 24.36
C GLY J 152 -14.78 -39.53 24.92
N MET J 153 -14.60 -38.25 25.27
CA MET J 153 -15.72 -37.45 25.75
C MET J 153 -16.73 -37.17 24.66
N ARG J 154 -16.25 -37.05 23.43
CA ARG J 154 -17.14 -36.87 22.28
C ARG J 154 -17.92 -38.14 22.04
N MET J 155 -17.28 -39.30 22.13
CA MET J 155 -18.03 -40.55 21.90
C MET J 155 -19.05 -40.76 23.02
N LEU J 156 -18.69 -40.36 24.23
CA LEU J 156 -19.64 -40.41 25.34
C LEU J 156 -20.83 -39.51 25.05
N GLY J 157 -20.57 -38.31 24.55
CA GLY J 157 -21.61 -37.35 24.22
C GLY J 157 -22.55 -37.86 23.12
N GLU J 158 -22.02 -38.63 22.19
CA GLU J 158 -22.85 -39.21 21.14
C GLU J 158 -23.77 -40.31 21.67
N ILE J 159 -23.26 -41.07 22.64
CA ILE J 159 -24.04 -42.13 23.27
C ILE J 159 -25.18 -41.57 24.13
N VAL J 160 -24.88 -40.52 24.90
CA VAL J 160 -25.89 -39.77 25.67
C VAL J 160 -26.98 -39.23 24.69
N GLU J 161 -26.55 -38.60 23.64
CA GLU J 161 -27.48 -38.04 22.70
C GLU J 161 -28.44 -39.10 22.15
N ILE J 162 -27.88 -40.23 21.77
CA ILE J 162 -28.65 -41.33 21.23
C ILE J 162 -29.61 -41.90 22.26
N TYR J 163 -29.12 -42.11 23.46
CA TYR J 163 -29.95 -42.66 24.53
C TYR J 163 -31.06 -41.69 24.89
N ASN J 164 -30.79 -40.37 24.86
CA ASN J 164 -31.83 -39.35 25.08
C ASN J 164 -32.85 -39.40 23.97
N ASN J 165 -32.40 -39.60 22.73
CA ASN J 165 -33.36 -39.65 21.61
C ASN J 165 -34.39 -40.75 21.72
N TYR J 166 -33.99 -41.88 22.30
CA TYR J 166 -34.82 -43.08 22.28
C TYR J 166 -35.31 -43.53 23.66
N GLY J 167 -34.89 -42.85 24.73
CA GLY J 167 -35.25 -43.23 26.10
C GLY J 167 -35.00 -44.71 26.40
N PHE J 168 -33.91 -45.23 25.91
CA PHE J 168 -33.50 -46.56 26.30
C PHE J 168 -33.41 -46.57 27.86
N GLU J 169 -33.89 -47.67 28.48
CA GLU J 169 -33.87 -47.82 29.92
C GLU J 169 -32.47 -48.00 30.43
N THR J 170 -31.58 -48.49 29.56
CA THR J 170 -30.17 -48.63 29.90
C THR J 170 -29.59 -47.32 30.42
N GLU J 171 -28.80 -47.41 31.50
CA GLU J 171 -28.14 -46.27 32.06
C GLU J 171 -26.65 -46.25 31.66
N ILE J 172 -26.12 -45.06 31.40
CA ILE J 172 -24.76 -44.91 30.97
C ILE J 172 -23.85 -44.67 32.17
N ILE J 173 -22.84 -45.52 32.29
CA ILE J 173 -21.75 -45.35 33.24
C ILE J 173 -20.51 -44.86 32.52
N ALA J 174 -20.22 -43.56 32.62
CA ALA J 174 -18.94 -43.03 32.10
C ALA J 174 -17.77 -43.73 32.84
N ALA J 175 -17.01 -44.51 32.09
CA ALA J 175 -15.94 -45.32 32.67
C ALA J 175 -14.58 -44.92 32.12
N SER J 176 -13.54 -45.55 32.60
CA SER J 176 -12.17 -45.15 32.26
C SER J 176 -12.01 -43.64 32.50
N ILE J 177 -12.47 -43.21 33.66
CA ILE J 177 -12.42 -41.84 34.14
C ILE J 177 -11.10 -41.65 34.86
N ARG J 178 -10.35 -40.64 34.44
CA ARG J 178 -8.95 -40.46 34.87
C ARG J 178 -8.71 -39.20 35.72
N HIS J 179 -9.56 -38.21 35.59
CA HIS J 179 -9.29 -36.90 36.17
C HIS J 179 -10.60 -36.12 36.31
N PRO J 180 -10.60 -35.08 37.15
CA PRO J 180 -11.81 -34.31 37.44
C PRO J 180 -12.52 -33.75 36.27
N MET J 181 -11.82 -33.30 35.24
CA MET J 181 -12.52 -32.74 34.08
C MET J 181 -13.37 -33.75 33.34
N HIS J 182 -12.95 -35.02 33.37
CA HIS J 182 -13.78 -36.09 32.84
C HIS J 182 -15.14 -36.07 33.55
N VAL J 183 -15.09 -35.93 34.88
CA VAL J 183 -16.31 -35.97 35.69
C VAL J 183 -17.24 -34.78 35.36
N VAL J 184 -16.64 -33.60 35.30
CA VAL J 184 -17.36 -32.36 35.11
C VAL J 184 -17.99 -32.33 33.72
N GLU J 185 -17.22 -32.74 32.71
CA GLU J 185 -17.78 -32.79 31.33
C GLU J 185 -18.83 -33.87 31.22
N ALA J 186 -18.66 -34.99 31.91
CA ALA J 186 -19.73 -36.01 31.93
C ALA J 186 -20.99 -35.46 32.57
N ALA J 187 -20.82 -34.79 33.71
CA ALA J 187 -21.97 -34.16 34.39
C ALA J 187 -22.63 -33.07 33.55
N LEU J 188 -21.85 -32.27 32.84
CA LEU J 188 -22.40 -31.23 31.95
C LEU J 188 -23.22 -31.80 30.79
N MET J 189 -22.85 -32.96 30.25
CA MET J 189 -23.68 -33.62 29.22
C MET J 189 -24.80 -34.49 29.84
N GLY J 190 -24.79 -34.68 31.15
CA GLY J 190 -25.88 -35.36 31.81
C GLY J 190 -25.85 -36.88 31.77
N VAL J 191 -24.65 -37.43 31.88
CA VAL J 191 -24.46 -38.87 32.01
C VAL J 191 -25.14 -39.33 33.25
N ASP J 192 -25.67 -40.55 33.23
CA ASP J 192 -26.42 -41.07 34.37
C ASP J 192 -25.50 -41.33 35.52
N ILE J 193 -24.37 -41.99 35.25
CA ILE J 193 -23.45 -42.44 36.29
C ILE J 193 -22.02 -42.17 35.85
N VAL J 194 -21.17 -41.80 36.82
CA VAL J 194 -19.72 -41.73 36.57
C VAL J 194 -19.03 -42.67 37.53
N THR J 195 -18.23 -43.59 36.99
CA THR J 195 -17.47 -44.47 37.86
C THR J 195 -16.02 -44.04 37.80
N MET J 196 -15.40 -43.89 38.95
CA MET J 196 -14.10 -43.27 39.02
C MET J 196 -13.25 -43.86 40.15
N PRO J 197 -11.93 -43.77 40.03
CA PRO J 197 -11.04 -44.16 41.09
C PRO J 197 -11.17 -43.24 42.32
N PHE J 198 -10.91 -43.78 43.49
CA PHE J 198 -11.02 -43.03 44.71
C PHE J 198 -10.19 -41.76 44.65
N ALA J 199 -8.97 -41.89 44.11
CA ALA J 199 -8.03 -40.78 43.99
C ALA J 199 -8.67 -39.60 43.22
N VAL J 200 -9.47 -39.91 42.20
CA VAL J 200 -10.18 -38.87 41.46
C VAL J 200 -11.26 -38.23 42.35
N LEU J 201 -12.00 -39.06 43.07
CA LEU J 201 -13.01 -38.59 44.02
C LEU J 201 -12.46 -37.62 45.02
N GLU J 202 -11.33 -37.99 45.64
CA GLU J 202 -10.63 -37.15 46.60
C GLU J 202 -10.38 -35.77 46.00
N LYS J 203 -9.91 -35.73 44.76
CA LYS J 203 -9.61 -34.45 44.09
C LYS J 203 -10.83 -33.53 43.99
N LEU J 204 -12.00 -34.11 43.73
CA LEU J 204 -13.24 -33.34 43.55
C LEU J 204 -13.62 -32.48 44.74
N PHE J 205 -13.20 -32.85 45.92
CA PHE J 205 -13.45 -32.04 47.10
C PHE J 205 -12.65 -30.75 47.12
N LYS J 206 -11.49 -30.76 46.44
CA LYS J 206 -10.42 -29.81 46.75
C LYS J 206 -10.44 -28.56 45.87
N HIS J 207 -10.07 -27.44 46.48
CA HIS J 207 -9.82 -26.22 45.77
C HIS J 207 -9.00 -25.29 46.64
N PRO J 208 -7.96 -24.64 46.06
CA PRO J 208 -7.05 -23.79 46.84
C PRO J 208 -7.75 -22.57 47.44
N MET J 209 -8.82 -22.11 46.78
CA MET J 209 -9.63 -20.99 47.30
C MET J 209 -10.47 -21.39 48.51
N THR J 210 -10.89 -22.65 48.54
CA THR J 210 -11.58 -23.21 49.71
C THR J 210 -10.65 -23.17 50.90
N ASP J 211 -9.41 -23.61 50.70
CA ASP J 211 -8.42 -23.67 51.75
C ASP J 211 -8.01 -22.28 52.26
N LEU J 212 -7.94 -21.29 51.38
CA LEU J 212 -7.68 -19.91 51.78
C LEU J 212 -8.84 -19.33 52.56
N GLY J 213 -10.05 -19.64 52.10
CA GLY J 213 -11.29 -19.22 52.78
C GLY J 213 -11.33 -19.73 54.21
N ILE J 214 -10.96 -20.99 54.36
CA ILE J 214 -10.93 -21.59 55.67
C ILE J 214 -9.86 -20.95 56.56
N GLU J 215 -8.68 -20.61 56.03
CA GLU J 215 -7.66 -19.90 56.84
C GLU J 215 -8.17 -18.49 57.21
N ARG J 216 -8.88 -17.83 56.29
CA ARG J 216 -9.43 -16.49 56.57
C ARG J 216 -10.46 -16.56 57.71
N PHE J 217 -10.88 -17.78 58.05
CA PHE J 217 -11.51 -18.13 59.36
C PHE J 217 -10.48 -18.36 60.50
N MET J 218 -9.59 -19.35 60.33
CA MET J 218 -8.71 -19.86 61.41
C MET J 218 -7.63 -18.91 61.94
N GLU J 219 -7.11 -18.06 61.05
CA GLU J 219 -6.20 -16.98 61.46
C GLU J 219 -6.87 -16.13 62.53
N ASP J 220 -8.12 -15.76 62.30
CA ASP J 220 -8.91 -14.85 63.15
C ASP J 220 -8.98 -15.26 64.63
N TRP J 221 -9.31 -16.52 64.88
CA TRP J 221 -9.57 -16.98 66.24
C TRP J 221 -8.29 -17.16 67.06
N LYS J 222 -7.12 -17.23 66.40
CA LYS J 222 -5.87 -17.09 67.14
C LYS J 222 -5.86 -15.71 67.79
N LYS J 223 -6.18 -14.66 67.01
CA LYS J 223 -6.42 -13.33 67.58
C LYS J 223 -7.82 -13.23 68.23
N HIS K 12 -4.56 23.19 -13.69
CA HIS K 12 -4.67 23.74 -15.06
C HIS K 12 -4.08 25.15 -15.18
N MET K 13 -3.39 25.40 -16.28
CA MET K 13 -2.98 26.74 -16.62
C MET K 13 -4.22 27.52 -17.02
N LYS K 14 -4.36 28.72 -16.48
CA LYS K 14 -5.45 29.61 -16.84
C LYS K 14 -5.01 30.60 -17.92
N ILE K 15 -5.95 30.93 -18.80
CA ILE K 15 -5.76 32.00 -19.76
C ILE K 15 -6.79 33.07 -19.49
N PHE K 16 -6.34 34.30 -19.22
CA PHE K 16 -7.21 35.46 -19.23
C PHE K 16 -7.03 36.28 -20.53
N LEU K 17 -8.07 37.02 -20.89
CA LEU K 17 -7.97 37.96 -21.99
C LEU K 17 -7.79 39.38 -21.50
N ASP K 18 -6.83 40.10 -22.09
CA ASP K 18 -6.70 41.55 -21.93
C ASP K 18 -7.61 42.24 -22.91
N THR K 19 -8.83 42.48 -22.49
CA THR K 19 -9.81 42.97 -23.42
C THR K 19 -11.01 43.48 -22.67
N ALA K 20 -11.80 44.31 -23.35
CA ALA K 20 -13.16 44.63 -22.93
C ALA K 20 -14.17 44.26 -24.02
N ASN K 21 -13.68 43.69 -25.11
CA ASN K 21 -14.54 43.36 -26.23
C ASN K 21 -15.29 42.06 -25.96
N LEU K 22 -16.60 42.10 -26.00
CA LEU K 22 -17.44 40.98 -25.63
C LEU K 22 -17.48 39.86 -26.69
N GLU K 23 -17.29 40.21 -27.96
CA GLU K 23 -17.25 39.22 -29.03
C GLU K 23 -16.04 38.34 -28.84
N GLU K 24 -14.88 38.96 -28.61
CA GLU K 24 -13.66 38.16 -28.40
C GLU K 24 -13.75 37.28 -27.15
N ILE K 25 -14.36 37.80 -26.09
CA ILE K 25 -14.59 37.02 -24.88
C ILE K 25 -15.58 35.86 -25.13
N LYS K 26 -16.62 36.09 -25.93
CA LYS K 26 -17.55 35.03 -26.33
C LYS K 26 -16.82 33.92 -27.09
N LYS K 27 -15.96 34.25 -28.05
CA LYS K 27 -15.21 33.22 -28.79
C LYS K 27 -14.27 32.51 -27.79
N GLY K 28 -13.67 33.27 -26.91
CA GLY K 28 -12.83 32.68 -25.89
C GLY K 28 -13.53 31.62 -25.08
N VAL K 29 -14.78 31.89 -24.67
CA VAL K 29 -15.57 30.90 -23.88
C VAL K 29 -16.13 29.80 -24.77
N GLU K 30 -16.55 30.13 -25.99
CA GLU K 30 -16.94 29.14 -27.00
C GLU K 30 -15.84 28.09 -27.21
N TRP K 31 -14.59 28.54 -27.25
CA TRP K 31 -13.46 27.63 -27.39
C TRP K 31 -13.15 26.87 -26.09
N GLY K 32 -13.66 27.35 -24.96
CA GLY K 32 -13.47 26.74 -23.66
C GLY K 32 -12.05 26.90 -23.17
N ILE K 33 -11.46 28.02 -23.56
CA ILE K 33 -10.07 28.33 -23.35
C ILE K 33 -9.85 29.49 -22.43
N VAL K 34 -10.82 30.39 -22.36
CA VAL K 34 -10.65 31.62 -21.60
C VAL K 34 -11.34 31.49 -20.25
N ASP K 35 -10.55 31.71 -19.18
CA ASP K 35 -11.00 31.51 -17.81
C ASP K 35 -11.39 32.80 -17.10
N GLY K 36 -10.97 33.93 -17.67
CA GLY K 36 -11.18 35.22 -17.03
C GLY K 36 -10.76 36.35 -17.94
N VAL K 37 -10.89 37.56 -17.44
CA VAL K 37 -10.59 38.78 -18.20
C VAL K 37 -9.87 39.79 -17.34
N THR K 38 -8.87 40.45 -17.91
CA THR K 38 -8.27 41.61 -17.26
C THR K 38 -8.66 42.82 -18.09
N THR K 39 -9.05 43.89 -17.39
CA THR K 39 -9.57 45.09 -18.06
C THR K 39 -8.85 46.35 -17.61
N ASN K 40 -9.14 47.43 -18.35
CA ASN K 40 -8.78 48.81 -17.99
C ASN K 40 -9.73 49.79 -18.69
N PRO K 41 -9.84 51.02 -18.20
CA PRO K 41 -10.77 51.97 -18.84
C PRO K 41 -10.52 52.21 -20.33
N THR K 42 -9.24 52.21 -20.72
CA THR K 42 -8.83 52.36 -22.12
C THR K 42 -9.62 51.39 -23.01
N LEU K 43 -9.48 50.08 -22.70
CA LEU K 43 -10.10 48.98 -23.47
C LEU K 43 -11.64 49.10 -23.56
N ILE K 44 -12.24 49.46 -22.43
CA ILE K 44 -13.67 49.66 -22.34
C ILE K 44 -14.10 50.85 -23.21
N SER K 45 -13.32 51.94 -23.15
CA SER K 45 -13.61 53.12 -23.97
C SER K 45 -13.48 52.81 -25.45
N LYS K 46 -12.54 51.95 -25.82
CA LYS K 46 -12.43 51.48 -27.22
C LYS K 46 -13.76 50.88 -27.70
N GLU K 47 -14.46 50.19 -26.79
CA GLU K 47 -15.71 49.48 -27.08
C GLU K 47 -16.93 50.41 -27.10
N GLY K 48 -16.79 51.55 -26.43
CA GLY K 48 -17.84 52.57 -26.37
C GLY K 48 -18.78 52.26 -25.22
N ALA K 49 -18.18 52.11 -24.03
CA ALA K 49 -18.89 51.48 -22.92
C ALA K 49 -18.60 52.14 -21.59
N GLU K 50 -19.52 51.96 -20.64
CA GLU K 50 -19.38 52.42 -19.26
C GLU K 50 -18.59 51.37 -18.44
N PHE K 51 -17.76 51.85 -17.51
CA PHE K 51 -16.90 51.00 -16.68
C PHE K 51 -17.68 50.02 -15.81
N LYS K 52 -18.58 50.54 -14.97
CA LYS K 52 -19.42 49.70 -14.13
C LYS K 52 -20.19 48.67 -14.97
N GLN K 53 -20.89 49.16 -15.99
CA GLN K 53 -21.78 48.33 -16.82
C GLN K 53 -21.05 47.32 -17.69
N ARG K 54 -19.85 47.66 -18.17
CA ARG K 54 -19.06 46.71 -18.93
C ARG K 54 -18.55 45.57 -18.06
N VAL K 55 -18.00 45.93 -16.90
CA VAL K 55 -17.44 44.95 -16.00
C VAL K 55 -18.50 43.92 -15.66
N LYS K 56 -19.73 44.38 -15.43
CA LYS K 56 -20.84 43.46 -15.18
C LYS K 56 -21.11 42.55 -16.40
N GLU K 57 -21.18 43.13 -17.58
CA GLU K 57 -21.41 42.34 -18.80
C GLU K 57 -20.33 41.27 -18.97
N ILE K 58 -19.07 41.65 -18.73
CA ILE K 58 -17.95 40.74 -18.88
C ILE K 58 -18.00 39.62 -17.84
N CYS K 59 -18.34 39.94 -16.60
CA CYS K 59 -18.48 38.91 -15.57
C CYS K 59 -19.55 37.89 -15.95
N ASP K 60 -20.69 38.38 -16.43
CA ASP K 60 -21.79 37.51 -16.85
C ASP K 60 -21.41 36.59 -18.01
N LEU K 61 -20.51 37.07 -18.88
CA LEU K 61 -20.09 36.32 -20.03
C LEU K 61 -19.04 35.27 -19.67
N VAL K 62 -17.96 35.71 -19.03
CA VAL K 62 -16.81 34.84 -18.76
C VAL K 62 -17.04 33.95 -17.54
N LYS K 63 -17.86 34.41 -16.60
CA LYS K 63 -18.13 33.65 -15.39
C LYS K 63 -16.81 33.11 -14.82
N GLY K 64 -15.89 34.04 -14.63
CA GLY K 64 -14.60 33.76 -14.05
C GLY K 64 -13.99 35.10 -13.69
N PRO K 65 -12.78 35.09 -13.14
CA PRO K 65 -12.18 36.31 -12.58
C PRO K 65 -12.11 37.46 -13.59
N VAL K 66 -12.63 38.63 -13.21
CA VAL K 66 -12.57 39.82 -14.06
C VAL K 66 -11.86 40.94 -13.28
N SER K 67 -10.62 41.22 -13.64
CA SER K 67 -9.84 42.24 -12.92
C SER K 67 -10.22 43.64 -13.40
N ALA K 68 -10.51 44.53 -12.46
CA ALA K 68 -10.91 45.89 -12.81
C ALA K 68 -10.21 46.88 -11.89
N GLU K 69 -9.71 47.98 -12.46
CA GLU K 69 -8.89 48.95 -11.70
C GLU K 69 -9.73 49.98 -10.99
N VAL K 70 -9.20 50.47 -9.88
CA VAL K 70 -9.80 51.59 -9.14
C VAL K 70 -9.20 52.91 -9.62
N VAL K 71 -9.87 54.00 -9.35
CA VAL K 71 -9.37 55.32 -9.75
C VAL K 71 -8.35 55.86 -8.72
N SER K 72 -8.67 55.76 -7.44
CA SER K 72 -7.87 56.44 -6.41
C SER K 72 -6.57 55.73 -6.15
N LEU K 73 -5.59 56.49 -5.65
CA LEU K 73 -4.27 55.96 -5.31
C LEU K 73 -3.97 56.04 -3.82
N ASP K 74 -4.78 56.77 -3.07
CA ASP K 74 -4.69 56.80 -1.63
C ASP K 74 -5.38 55.56 -1.07
N TYR K 75 -4.87 55.10 0.07
CA TYR K 75 -5.38 53.90 0.72
C TYR K 75 -6.88 53.93 0.94
N GLU K 76 -7.36 55.01 1.56
CA GLU K 76 -8.76 55.15 1.92
C GLU K 76 -9.67 55.12 0.68
N GLY K 77 -9.31 55.87 -0.35
CA GLY K 77 -10.04 55.88 -1.61
C GLY K 77 -10.00 54.54 -2.34
N MET K 78 -8.85 53.89 -2.35
CA MET K 78 -8.73 52.58 -3.00
C MET K 78 -9.64 51.55 -2.37
N VAL K 79 -9.70 51.55 -1.04
CA VAL K 79 -10.54 50.62 -0.28
C VAL K 79 -12.04 50.92 -0.50
N ARG K 80 -12.40 52.19 -0.39
CA ARG K 80 -13.76 52.65 -0.68
C ARG K 80 -14.22 52.14 -2.06
N GLU K 81 -13.44 52.40 -3.09
CA GLU K 81 -13.85 52.07 -4.44
C GLU K 81 -13.84 50.56 -4.71
N ALA K 82 -12.89 49.87 -4.11
CA ALA K 82 -12.82 48.43 -4.19
C ALA K 82 -14.10 47.78 -3.68
N ARG K 83 -14.59 48.25 -2.54
CA ARG K 83 -15.82 47.73 -1.96
C ARG K 83 -17.02 47.98 -2.87
N GLU K 84 -17.01 49.12 -3.56
CA GLU K 84 -18.05 49.47 -4.55
C GLU K 84 -17.98 48.52 -5.75
N LEU K 85 -16.79 48.35 -6.32
CA LEU K 85 -16.61 47.47 -7.47
C LEU K 85 -16.95 46.02 -7.14
N ALA K 86 -16.56 45.57 -5.95
CA ALA K 86 -16.78 44.18 -5.55
C ALA K 86 -18.26 43.84 -5.52
N GLN K 87 -19.08 44.82 -5.21
CA GLN K 87 -20.54 44.60 -5.18
C GLN K 87 -21.14 44.29 -6.55
N ILE K 88 -20.44 44.59 -7.64
CA ILE K 88 -20.96 44.35 -9.00
C ILE K 88 -21.19 42.87 -9.25
N SER K 89 -20.24 42.04 -8.81
CA SER K 89 -20.30 40.62 -9.07
C SER K 89 -19.28 39.87 -8.22
N GLU K 90 -19.61 38.61 -7.93
CA GLU K 90 -18.70 37.71 -7.21
C GLU K 90 -17.37 37.52 -7.95
N TYR K 91 -17.39 37.69 -9.27
CA TYR K 91 -16.23 37.45 -10.12
C TYR K 91 -15.24 38.60 -10.19
N VAL K 92 -15.64 39.78 -9.74
CA VAL K 92 -14.80 40.96 -9.82
C VAL K 92 -13.56 40.82 -8.93
N VAL K 93 -12.41 41.13 -9.51
CA VAL K 93 -11.13 41.15 -8.80
C VAL K 93 -10.58 42.58 -8.91
N ILE K 94 -10.15 43.16 -7.79
CA ILE K 94 -9.76 44.58 -7.82
C ILE K 94 -8.29 44.69 -8.16
N LYS K 95 -7.99 45.42 -9.23
CA LYS K 95 -6.60 45.73 -9.58
C LYS K 95 -6.05 46.81 -8.67
N ILE K 96 -4.93 46.53 -8.01
CA ILE K 96 -4.29 47.52 -7.13
C ILE K 96 -2.86 47.69 -7.60
N PRO K 97 -2.41 48.93 -7.78
CA PRO K 97 -1.00 49.16 -8.15
C PRO K 97 -0.06 48.82 -7.00
N MET K 98 1.12 48.33 -7.34
CA MET K 98 2.11 47.96 -6.36
C MET K 98 2.72 49.22 -5.72
N THR K 99 2.10 49.64 -4.62
CA THR K 99 2.60 50.76 -3.81
C THR K 99 2.36 50.45 -2.34
N PRO K 100 3.01 51.17 -1.45
CA PRO K 100 2.75 51.04 -0.02
C PRO K 100 1.26 51.11 0.35
N ASP K 101 0.57 52.16 -0.10
CA ASP K 101 -0.88 52.27 0.10
C ASP K 101 -1.68 51.12 -0.53
N GLY K 102 -1.26 50.72 -1.73
CA GLY K 102 -1.88 49.58 -2.41
C GLY K 102 -1.74 48.31 -1.61
N ILE K 103 -0.58 48.11 -0.99
CA ILE K 103 -0.33 46.92 -0.17
C ILE K 103 -1.13 46.99 1.14
N LYS K 104 -1.22 48.18 1.71
CA LYS K 104 -2.08 48.42 2.87
C LYS K 104 -3.53 48.08 2.49
N ALA K 105 -3.96 48.51 1.32
CA ALA K 105 -5.31 48.21 0.82
C ALA K 105 -5.53 46.69 0.64
N VAL K 106 -4.52 45.98 0.15
CA VAL K 106 -4.61 44.52 0.00
C VAL K 106 -4.82 43.81 1.34
N LYS K 107 -4.08 44.26 2.36
CA LYS K 107 -4.22 43.70 3.70
C LYS K 107 -5.67 43.84 4.19
N THR K 108 -6.23 45.05 4.03
CA THR K 108 -7.61 45.32 4.41
C THR K 108 -8.63 44.53 3.60
N LEU K 109 -8.49 44.57 2.29
CA LEU K 109 -9.47 43.96 1.41
C LEU K 109 -9.47 42.44 1.52
N SER K 110 -8.29 41.84 1.65
CA SER K 110 -8.19 40.38 1.83
C SER K 110 -8.90 39.93 3.11
N ALA K 111 -8.77 40.71 4.19
CA ALA K 111 -9.49 40.43 5.44
C ALA K 111 -11.01 40.50 5.29
N GLU K 112 -11.50 41.30 4.34
CA GLU K 112 -12.93 41.41 4.04
C GLU K 112 -13.42 40.47 2.96
N GLY K 113 -12.56 39.57 2.47
CA GLY K 113 -12.94 38.62 1.42
C GLY K 113 -13.05 39.22 0.05
N ILE K 114 -12.44 40.38 -0.15
CA ILE K 114 -12.43 41.04 -1.46
C ILE K 114 -11.14 40.67 -2.19
N LYS K 115 -11.31 40.11 -3.38
CA LYS K 115 -10.19 39.58 -4.16
C LYS K 115 -9.40 40.70 -4.84
N THR K 116 -8.09 40.52 -4.89
CA THR K 116 -7.18 41.58 -5.32
C THR K 116 -6.15 41.07 -6.30
N ASN K 117 -5.75 41.94 -7.20
CA ASN K 117 -4.76 41.64 -8.19
C ASN K 117 -3.77 42.79 -8.16
N VAL K 118 -2.58 42.51 -7.61
CA VAL K 118 -1.53 43.53 -7.53
C VAL K 118 -0.79 43.62 -8.87
N THR K 119 -0.83 44.81 -9.44
CA THR K 119 -0.38 45.02 -10.79
C THR K 119 0.82 45.97 -10.76
N LEU K 120 1.41 46.21 -11.92
CA LEU K 120 2.61 47.03 -12.02
C LEU K 120 3.77 46.48 -11.16
N VAL K 121 3.95 45.16 -11.27
CA VAL K 121 5.03 44.47 -10.60
C VAL K 121 6.19 44.21 -11.59
N PHE K 122 7.38 44.69 -11.22
CA PHE K 122 8.54 44.61 -12.08
C PHE K 122 9.74 44.00 -11.39
N SER K 123 9.57 43.52 -10.16
CA SER K 123 10.65 42.87 -9.43
C SER K 123 10.13 41.74 -8.55
N PRO K 124 10.96 40.74 -8.28
CA PRO K 124 10.58 39.69 -7.34
C PRO K 124 10.39 40.19 -5.91
N ALA K 125 11.08 41.27 -5.51
CA ALA K 125 10.87 41.86 -4.19
C ALA K 125 9.44 42.37 -4.05
N GLN K 126 8.94 43.08 -5.06
CA GLN K 126 7.55 43.53 -5.07
C GLN K 126 6.61 42.35 -4.93
N ALA K 127 6.84 41.30 -5.69
CA ALA K 127 5.97 40.12 -5.68
C ALA K 127 5.88 39.44 -4.32
N ILE K 128 6.98 39.46 -3.58
CA ILE K 128 7.00 38.91 -2.24
C ILE K 128 6.02 39.69 -1.34
N LEU K 129 6.15 41.02 -1.34
CA LEU K 129 5.27 41.84 -0.51
C LEU K 129 3.81 41.66 -0.90
N ALA K 130 3.52 41.55 -2.19
CA ALA K 130 2.15 41.33 -2.67
C ALA K 130 1.57 40.08 -2.07
N ALA K 131 2.32 38.98 -2.12
CA ALA K 131 1.87 37.71 -1.57
C ALA K 131 1.71 37.79 -0.05
N LYS K 132 2.71 38.40 0.60
CA LYS K 132 2.66 38.51 2.06
C LYS K 132 1.48 39.32 2.56
N ALA K 133 1.07 40.35 1.80
CA ALA K 133 -0.08 41.18 2.17
C ALA K 133 -1.39 40.45 1.93
N GLY K 134 -1.33 39.36 1.16
CA GLY K 134 -2.50 38.51 0.94
C GLY K 134 -3.19 38.71 -0.39
N ALA K 135 -2.48 39.20 -1.40
CA ALA K 135 -3.06 39.39 -2.74
C ALA K 135 -3.59 38.07 -3.31
N THR K 136 -4.68 38.14 -4.05
CA THR K 136 -5.23 36.95 -4.67
C THR K 136 -4.37 36.59 -5.88
N TYR K 137 -3.98 37.64 -6.60
CA TYR K 137 -3.11 37.57 -7.76
C TYR K 137 -2.03 38.61 -7.69
N VAL K 138 -0.95 38.31 -8.40
CA VAL K 138 0.07 39.30 -8.75
C VAL K 138 0.30 39.25 -10.25
N SER K 139 0.54 40.42 -10.85
CA SER K 139 0.72 40.55 -12.29
C SER K 139 2.08 41.20 -12.59
N PRO K 140 3.12 40.38 -12.78
CA PRO K 140 4.39 40.88 -13.25
C PRO K 140 4.36 41.22 -14.74
N PHE K 141 4.93 42.37 -15.11
CA PHE K 141 4.84 42.89 -16.48
C PHE K 141 6.04 42.45 -17.28
N VAL K 142 5.89 41.34 -17.97
CA VAL K 142 6.97 40.69 -18.70
C VAL K 142 7.47 41.51 -19.90
N GLY K 143 6.56 41.87 -20.81
CA GLY K 143 6.91 42.57 -22.05
C GLY K 143 7.57 43.91 -21.83
N ARG K 144 7.09 44.64 -20.83
CA ARG K 144 7.63 45.97 -20.54
C ARG K 144 9.07 45.88 -20.03
N MET K 145 9.38 44.84 -19.28
CA MET K 145 10.74 44.59 -18.82
C MET K 145 11.64 44.11 -19.93
N ASP K 146 11.09 43.27 -20.79
CA ASP K 146 11.78 42.81 -21.99
C ASP K 146 12.27 43.97 -22.87
N ASP K 147 11.43 44.99 -23.02
CA ASP K 147 11.77 46.16 -23.86
C ASP K 147 12.86 47.05 -23.26
N LEU K 148 13.09 46.93 -21.95
CA LEU K 148 14.25 47.52 -21.28
C LEU K 148 15.51 46.68 -21.44
N SER K 149 15.37 45.55 -22.10
CA SER K 149 16.47 44.59 -22.27
C SER K 149 16.98 44.03 -20.96
N ASN K 150 16.15 44.06 -19.93
CA ASN K 150 16.48 43.49 -18.62
C ASN K 150 15.85 42.12 -18.39
N ASP K 151 15.22 41.57 -19.44
CA ASP K 151 14.68 40.20 -19.46
C ASP K 151 13.50 39.99 -18.50
N GLY K 152 12.29 40.24 -18.99
CA GLY K 152 11.08 40.06 -18.20
C GLY K 152 10.72 38.63 -17.87
N MET K 153 11.10 37.70 -18.74
CA MET K 153 10.84 36.28 -18.50
C MET K 153 11.70 35.74 -17.37
N ARG K 154 12.89 36.29 -17.22
CA ARG K 154 13.77 35.94 -16.11
C ARG K 154 13.14 36.41 -14.81
N MET K 155 12.62 37.64 -14.78
CA MET K 155 12.06 38.15 -13.54
C MET K 155 10.82 37.35 -13.17
N LEU K 156 10.03 36.96 -14.18
CA LEU K 156 8.88 36.11 -13.98
C LEU K 156 9.27 34.79 -13.41
N GLY K 157 10.33 34.21 -13.95
CA GLY K 157 10.85 32.95 -13.48
C GLY K 157 11.31 33.00 -12.04
N GLU K 158 11.86 34.13 -11.60
CA GLU K 158 12.32 34.30 -10.23
C GLU K 158 11.12 34.34 -9.29
N ILE K 159 10.05 34.98 -9.72
CA ILE K 159 8.83 35.07 -8.94
C ILE K 159 8.16 33.71 -8.78
N VAL K 160 8.08 32.97 -9.87
CA VAL K 160 7.57 31.61 -9.81
C VAL K 160 8.39 30.75 -8.84
N GLU K 161 9.68 30.81 -8.96
CA GLU K 161 10.53 30.03 -8.09
C GLU K 161 10.31 30.40 -6.60
N ILE K 162 10.23 31.70 -6.31
CA ILE K 162 9.99 32.10 -4.92
C ILE K 162 8.63 31.62 -4.44
N TYR K 163 7.62 31.80 -5.28
CA TYR K 163 6.27 31.41 -4.92
C TYR K 163 6.20 29.90 -4.72
N ASN K 164 6.90 29.14 -5.55
CA ASN K 164 6.98 27.70 -5.32
C ASN K 164 7.70 27.39 -4.00
N ASN K 165 8.74 28.13 -3.63
CA ASN K 165 9.46 27.85 -2.39
C ASN K 165 8.57 27.96 -1.16
N TYR K 166 7.64 28.89 -1.18
CA TYR K 166 6.89 29.23 0.05
C TYR K 166 5.41 28.88 -0.02
N GLY K 167 4.95 28.45 -1.20
CA GLY K 167 3.55 28.12 -1.37
C GLY K 167 2.63 29.26 -0.94
N PHE K 168 2.98 30.47 -1.32
CA PHE K 168 2.05 31.57 -1.19
C PHE K 168 0.76 31.19 -1.93
N GLU K 169 -0.39 31.54 -1.35
CA GLU K 169 -1.68 31.24 -1.98
C GLU K 169 -1.92 32.16 -3.18
N THR K 170 -1.25 33.30 -3.20
CA THR K 170 -1.28 34.20 -4.34
C THR K 170 -0.90 33.47 -5.65
N GLU K 171 -1.68 33.74 -6.70
CA GLU K 171 -1.47 33.17 -8.02
C GLU K 171 -0.82 34.20 -8.93
N ILE K 172 0.07 33.73 -9.81
CA ILE K 172 0.80 34.63 -10.69
C ILE K 172 0.13 34.69 -12.04
N ILE K 173 -0.19 35.91 -12.44
CA ILE K 173 -0.67 36.24 -13.78
C ILE K 173 0.46 36.87 -14.57
N ALA K 174 1.04 36.11 -15.49
CA ALA K 174 1.97 36.66 -16.44
C ALA K 174 1.27 37.72 -17.27
N ALA K 175 1.69 38.96 -17.10
CA ALA K 175 1.06 40.08 -17.76
C ALA K 175 2.02 40.79 -18.71
N SER K 176 1.53 41.76 -19.44
CA SER K 176 2.28 42.43 -20.48
C SER K 176 2.82 41.40 -21.49
N ILE K 177 1.96 40.46 -21.88
CA ILE K 177 2.28 39.39 -22.82
C ILE K 177 2.02 39.91 -24.22
N ARG K 178 3.01 39.70 -25.11
CA ARG K 178 3.05 40.32 -26.42
C ARG K 178 3.01 39.34 -27.57
N HIS K 179 3.42 38.12 -27.35
CA HIS K 179 3.59 37.22 -28.47
C HIS K 179 3.60 35.80 -27.95
N PRO K 180 3.38 34.85 -28.85
CA PRO K 180 3.33 33.41 -28.51
C PRO K 180 4.44 32.81 -27.63
N MET K 181 5.69 33.22 -27.83
CA MET K 181 6.80 32.67 -27.04
C MET K 181 6.75 33.10 -25.57
N HIS K 182 6.16 34.27 -25.30
CA HIS K 182 5.90 34.67 -23.91
C HIS K 182 4.99 33.62 -23.24
N VAL K 183 3.96 33.17 -23.96
CA VAL K 183 3.00 32.21 -23.44
C VAL K 183 3.61 30.82 -23.22
N VAL K 184 4.39 30.36 -24.19
CA VAL K 184 5.07 29.06 -24.11
C VAL K 184 6.11 29.07 -23.03
N GLU K 185 6.91 30.12 -22.95
CA GLU K 185 7.93 30.20 -21.89
C GLU K 185 7.29 30.29 -20.51
N ALA K 186 6.22 31.04 -20.39
CA ALA K 186 5.51 31.08 -19.11
C ALA K 186 4.89 29.73 -18.73
N ALA K 187 4.38 29.01 -19.72
CA ALA K 187 3.86 27.65 -19.45
C ALA K 187 4.97 26.67 -19.07
N LEU K 188 6.11 26.77 -19.71
CA LEU K 188 7.22 25.88 -19.40
C LEU K 188 7.74 26.08 -17.95
N MET K 189 7.67 27.31 -17.44
CA MET K 189 8.06 27.56 -16.07
C MET K 189 6.91 27.27 -15.10
N GLY K 190 5.72 27.05 -15.65
CA GLY K 190 4.57 26.71 -14.85
C GLY K 190 3.88 27.87 -14.15
N VAL K 191 3.84 29.03 -14.76
CA VAL K 191 3.07 30.13 -14.20
C VAL K 191 1.58 29.75 -14.10
N ASP K 192 0.87 30.31 -13.12
CA ASP K 192 -0.47 29.90 -12.80
C ASP K 192 -1.41 30.36 -13.93
N ILE K 193 -1.21 31.61 -14.36
CA ILE K 193 -2.12 32.29 -15.29
C ILE K 193 -1.33 33.11 -16.26
N VAL K 194 -1.75 33.11 -17.52
CA VAL K 194 -1.22 34.05 -18.50
C VAL K 194 -2.39 34.88 -18.95
N THR K 195 -2.23 36.21 -18.91
CA THR K 195 -3.21 37.13 -19.49
C THR K 195 -2.66 37.68 -20.81
N MET K 196 -3.45 37.62 -21.87
CA MET K 196 -2.99 38.00 -23.19
C MET K 196 -4.02 38.73 -24.01
N PRO K 197 -3.59 39.50 -24.98
CA PRO K 197 -4.52 40.07 -25.93
C PRO K 197 -5.10 38.97 -26.81
N PHE K 198 -6.28 39.21 -27.34
CA PHE K 198 -6.95 38.24 -28.19
C PHE K 198 -6.14 37.91 -29.40
N ALA K 199 -5.50 38.92 -29.97
CA ALA K 199 -4.67 38.72 -31.16
C ALA K 199 -3.53 37.72 -30.92
N VAL K 200 -3.01 37.66 -29.71
CA VAL K 200 -2.01 36.67 -29.31
C VAL K 200 -2.64 35.27 -29.19
N LEU K 201 -3.80 35.18 -28.58
CA LEU K 201 -4.58 33.93 -28.51
C LEU K 201 -4.82 33.33 -29.90
N GLU K 202 -5.31 34.16 -30.80
CA GLU K 202 -5.56 33.73 -32.18
C GLU K 202 -4.32 33.06 -32.77
N LYS K 203 -3.14 33.65 -32.53
CA LYS K 203 -1.86 33.10 -33.01
C LYS K 203 -1.58 31.69 -32.53
N LEU K 204 -1.96 31.42 -31.29
CA LEU K 204 -1.67 30.14 -30.64
C LEU K 204 -2.29 28.94 -31.36
N PHE K 205 -3.40 29.18 -32.04
CA PHE K 205 -4.06 28.15 -32.83
C PHE K 205 -3.27 27.69 -34.02
N LYS K 206 -2.46 28.60 -34.55
CA LYS K 206 -1.99 28.52 -35.95
C LYS K 206 -0.64 27.82 -36.09
N HIS K 207 -0.53 27.02 -37.14
CA HIS K 207 0.74 26.50 -37.62
C HIS K 207 0.63 26.13 -39.11
N PRO K 208 1.59 26.52 -39.92
CA PRO K 208 1.56 26.22 -41.33
C PRO K 208 1.50 24.74 -41.68
N MET K 209 2.04 23.90 -40.79
CA MET K 209 2.03 22.46 -41.01
C MET K 209 0.69 21.87 -40.75
N THR K 210 -0.05 22.48 -39.81
CA THR K 210 -1.45 22.13 -39.61
C THR K 210 -2.24 22.38 -40.90
N ASP K 211 -2.04 23.54 -41.52
CA ASP K 211 -2.80 23.93 -42.71
C ASP K 211 -2.48 23.01 -43.88
N LEU K 212 -1.22 22.62 -44.00
CA LEU K 212 -0.81 21.68 -45.04
C LEU K 212 -1.37 20.29 -44.78
N GLY K 213 -1.38 19.87 -43.51
CA GLY K 213 -1.98 18.59 -43.12
C GLY K 213 -3.47 18.52 -43.47
N ILE K 214 -4.17 19.63 -43.23
CA ILE K 214 -5.58 19.74 -43.59
C ILE K 214 -5.78 19.63 -45.09
N GLU K 215 -4.97 20.32 -45.86
CA GLU K 215 -5.07 20.23 -47.31
C GLU K 215 -4.84 18.79 -47.76
N ARG K 216 -3.86 18.14 -47.15
CA ARG K 216 -3.51 16.76 -47.49
C ARG K 216 -4.59 15.75 -47.08
N PHE K 217 -5.17 15.90 -45.91
CA PHE K 217 -6.18 14.98 -45.45
C PHE K 217 -7.42 15.15 -46.30
N MET K 218 -7.69 16.38 -46.72
CA MET K 218 -8.80 16.62 -47.65
C MET K 218 -8.65 15.93 -48.98
N GLU K 219 -7.42 15.80 -49.46
CA GLU K 219 -7.24 15.26 -50.80
C GLU K 219 -7.10 13.75 -50.74
N ASP K 220 -6.62 13.23 -49.60
CA ASP K 220 -6.72 11.79 -49.30
C ASP K 220 -8.18 11.35 -49.41
N TRP K 221 -9.05 12.09 -48.74
CA TRP K 221 -10.48 11.78 -48.74
C TRP K 221 -11.17 11.86 -50.11
N LYS K 222 -10.94 12.94 -50.85
CA LYS K 222 -11.56 13.12 -52.16
C LYS K 222 -11.28 11.87 -52.97
N LYS K 223 -10.01 11.42 -52.93
CA LYS K 223 -9.53 10.24 -53.65
C LYS K 223 -9.98 8.90 -53.01
N TYR K 224 -10.07 8.86 -51.69
CA TYR K 224 -10.71 7.73 -51.00
C TYR K 224 -12.14 7.53 -51.49
N LEU K 225 -12.91 8.61 -51.53
CA LEU K 225 -14.30 8.59 -51.98
C LEU K 225 -14.36 8.16 -53.42
N GLU K 226 -13.39 8.59 -54.22
CA GLU K 226 -13.34 8.23 -55.63
C GLU K 226 -13.22 6.73 -55.84
N ASN K 227 -12.56 6.03 -54.91
CA ASN K 227 -12.50 4.55 -54.93
C ASN K 227 -13.42 3.87 -53.89
N HIS L 11 5.33 26.82 4.78
CA HIS L 11 4.67 28.12 5.10
C HIS L 11 5.32 29.28 4.36
N HIS L 12 4.67 30.43 4.44
CA HIS L 12 5.13 31.74 4.02
C HIS L 12 6.51 32.14 4.53
N MET L 13 7.20 32.93 3.70
CA MET L 13 8.42 33.57 4.13
C MET L 13 8.06 34.64 5.14
N LYS L 14 8.81 34.69 6.24
CA LYS L 14 8.61 35.73 7.24
C LYS L 14 9.60 36.88 7.02
N ILE L 15 9.14 38.08 7.33
CA ILE L 15 10.01 39.26 7.38
C ILE L 15 9.94 39.81 8.78
N PHE L 16 11.10 39.87 9.43
CA PHE L 16 11.27 40.59 10.69
C PHE L 16 11.94 41.93 10.42
N LEU L 17 11.74 42.89 11.32
CA LEU L 17 12.42 44.18 11.25
C LEU L 17 13.54 44.28 12.28
N ASP L 18 14.72 44.71 11.81
CA ASP L 18 15.85 45.10 12.69
C ASP L 18 15.61 46.48 13.17
N THR L 19 14.94 46.63 14.32
CA THR L 19 14.53 47.94 14.77
C THR L 19 14.06 47.89 16.21
N ALA L 20 14.04 49.07 16.84
CA ALA L 20 13.25 49.28 18.04
C ALA L 20 12.28 50.45 17.86
N ASN L 21 12.18 50.96 16.63
CA ASN L 21 11.30 52.11 16.34
C ASN L 21 9.86 51.66 16.15
N LEU L 22 8.95 52.17 16.98
CA LEU L 22 7.55 51.69 17.01
C LEU L 22 6.69 52.22 15.84
N GLU L 23 7.05 53.36 15.27
CA GLU L 23 6.38 53.90 14.09
C GLU L 23 6.69 53.00 12.89
N GLU L 24 7.95 52.64 12.69
CA GLU L 24 8.29 51.76 11.57
C GLU L 24 7.69 50.36 11.72
N ILE L 25 7.60 49.86 12.96
CA ILE L 25 6.92 48.57 13.21
C ILE L 25 5.42 48.70 12.90
N LYS L 26 4.81 49.82 13.33
CA LYS L 26 3.39 50.08 13.05
C LYS L 26 3.16 50.03 11.53
N LYS L 27 4.03 50.66 10.76
CA LYS L 27 3.88 50.74 9.31
C LYS L 27 3.97 49.33 8.75
N GLY L 28 4.97 48.60 9.26
CA GLY L 28 5.18 47.21 8.90
C GLY L 28 3.96 46.35 9.11
N VAL L 29 3.27 46.51 10.24
CA VAL L 29 2.08 45.71 10.52
C VAL L 29 0.87 46.23 9.73
N GLU L 30 0.77 47.55 9.57
CA GLU L 30 -0.25 48.16 8.70
C GLU L 30 -0.21 47.57 7.29
N TRP L 31 1.00 47.35 6.78
CA TRP L 31 1.18 46.75 5.46
C TRP L 31 0.93 45.25 5.49
N GLY L 32 0.95 44.64 6.67
CA GLY L 32 0.67 43.22 6.83
C GLY L 32 1.80 42.36 6.34
N ILE L 33 3.00 42.90 6.48
CA ILE L 33 4.18 42.34 5.88
C ILE L 33 5.25 41.99 6.92
N VAL L 34 5.15 42.56 8.10
CA VAL L 34 6.12 42.33 9.16
C VAL L 34 5.56 41.37 10.23
N ASP L 35 6.28 40.28 10.41
CA ASP L 35 5.84 39.14 11.21
C ASP L 35 6.52 39.11 12.58
N GLY L 36 7.59 39.88 12.74
CA GLY L 36 8.35 39.90 13.99
C GLY L 36 9.38 41.01 13.99
N VAL L 37 10.18 41.04 15.05
CA VAL L 37 11.18 42.08 15.26
C VAL L 37 12.43 41.47 15.86
N THR L 38 13.59 41.90 15.41
CA THR L 38 14.83 41.57 16.10
C THR L 38 15.43 42.86 16.60
N THR L 39 15.88 42.84 17.85
CA THR L 39 16.25 44.04 18.58
C THR L 39 17.66 43.96 19.17
N ASN L 40 18.16 45.10 19.62
CA ASN L 40 19.39 45.15 20.39
C ASN L 40 19.41 46.44 21.25
N PRO L 41 20.18 46.44 22.36
CA PRO L 41 20.25 47.60 23.29
C PRO L 41 20.65 48.94 22.66
N THR L 42 21.44 48.90 21.59
CA THR L 42 21.77 50.10 20.81
C THR L 42 20.50 50.75 20.27
N LEU L 43 19.73 50.01 19.45
CA LEU L 43 18.42 50.43 18.91
C LEU L 43 17.46 50.95 20.00
N ILE L 44 17.86 50.85 21.27
CA ILE L 44 17.19 51.48 22.42
C ILE L 44 18.18 52.37 23.18
N PHE L 51 14.17 49.53 28.02
CA PHE L 51 14.44 48.22 27.43
C PHE L 51 13.27 47.26 27.64
N LYS L 52 13.20 46.63 28.80
CA LYS L 52 12.12 45.70 29.09
C LYS L 52 10.79 46.28 28.60
N GLN L 53 10.45 47.47 29.08
CA GLN L 53 9.20 48.13 28.69
C GLN L 53 9.12 48.24 27.16
N ARG L 54 10.24 48.54 26.50
CA ARG L 54 10.26 48.64 25.03
C ARG L 54 10.09 47.30 24.33
N VAL L 55 10.79 46.28 24.83
CA VAL L 55 10.55 44.92 24.36
C VAL L 55 9.06 44.60 24.52
N LYS L 56 8.47 44.98 25.65
CA LYS L 56 7.04 44.78 25.86
C LYS L 56 6.21 45.55 24.85
N GLU L 57 6.54 46.83 24.64
CA GLU L 57 5.79 47.68 23.70
C GLU L 57 5.86 47.09 22.27
N ILE L 58 7.04 46.59 21.89
CA ILE L 58 7.21 45.97 20.57
C ILE L 58 6.39 44.68 20.43
N CYS L 59 6.42 43.86 21.48
CA CYS L 59 5.59 42.63 21.51
C CYS L 59 4.12 42.91 21.29
N ASP L 60 3.60 43.90 22.02
CA ASP L 60 2.20 44.33 21.91
C ASP L 60 1.89 44.77 20.48
N LEU L 61 2.85 45.41 19.84
CA LEU L 61 2.63 46.01 18.53
C LEU L 61 2.67 44.96 17.43
N VAL L 62 3.75 44.18 17.38
CA VAL L 62 3.93 43.24 16.29
C VAL L 62 3.18 41.93 16.52
N LYS L 63 2.92 41.57 17.78
CA LYS L 63 2.23 40.33 18.13
C LYS L 63 2.81 39.16 17.30
N GLY L 64 4.13 39.03 17.38
CA GLY L 64 4.86 37.97 16.74
C GLY L 64 6.23 37.96 17.38
N PRO L 65 7.13 37.10 16.91
CA PRO L 65 8.43 36.88 17.59
C PRO L 65 9.28 38.15 17.69
N VAL L 66 9.68 38.49 18.91
CA VAL L 66 10.55 39.63 19.18
C VAL L 66 11.82 39.13 19.86
N SER L 67 12.93 39.13 19.14
CA SER L 67 14.18 38.61 19.68
C SER L 67 14.88 39.72 20.48
N ALA L 68 15.33 39.35 21.68
CA ALA L 68 15.98 40.30 22.60
C ALA L 68 17.20 39.65 23.24
N GLU L 69 18.28 40.40 23.36
CA GLU L 69 19.55 39.86 23.83
C GLU L 69 19.64 39.89 25.34
N VAL L 70 20.39 38.94 25.88
CA VAL L 70 20.74 38.95 27.30
C VAL L 70 22.10 39.63 27.49
N VAL L 71 22.36 40.07 28.72
CA VAL L 71 23.63 40.73 29.06
C VAL L 71 24.76 39.73 29.26
N SER L 72 24.50 38.72 30.07
CA SER L 72 25.56 37.81 30.53
C SER L 72 26.01 36.85 29.41
N LEU L 73 27.24 36.37 29.56
CA LEU L 73 27.84 35.43 28.63
C LEU L 73 28.11 34.05 29.26
N ASP L 74 28.08 33.97 30.58
CA ASP L 74 28.22 32.69 31.26
C ASP L 74 26.87 31.97 31.18
N TYR L 75 26.93 30.63 31.17
CA TYR L 75 25.73 29.80 31.05
C TYR L 75 24.69 30.12 32.14
N GLU L 76 25.12 30.20 33.39
CA GLU L 76 24.21 30.45 34.53
C GLU L 76 23.48 31.80 34.37
N GLY L 77 24.24 32.86 34.10
CA GLY L 77 23.70 34.21 33.91
C GLY L 77 22.81 34.33 32.68
N MET L 78 23.17 33.66 31.60
CA MET L 78 22.34 33.66 30.39
C MET L 78 20.95 33.07 30.65
N VAL L 79 20.94 31.93 31.36
CA VAL L 79 19.71 31.20 31.68
C VAL L 79 18.85 32.03 32.63
N ARG L 80 19.48 32.53 33.68
CA ARG L 80 18.84 33.42 34.66
C ARG L 80 18.09 34.57 33.98
N GLU L 81 18.80 35.27 33.09
CA GLU L 81 18.27 36.45 32.43
C GLU L 81 17.21 36.10 31.38
N ALA L 82 17.43 34.99 30.67
CA ALA L 82 16.49 34.49 29.67
C ALA L 82 15.12 34.25 30.31
N ARG L 83 15.13 33.63 31.48
CA ARG L 83 13.91 33.33 32.18
C ARG L 83 13.18 34.63 32.55
N GLU L 84 13.94 35.66 32.96
CA GLU L 84 13.37 36.98 33.29
C GLU L 84 12.78 37.65 32.04
N LEU L 85 13.53 37.66 30.93
CA LEU L 85 13.03 38.26 29.69
C LEU L 85 11.81 37.53 29.13
N ALA L 86 11.82 36.21 29.28
CA ALA L 86 10.71 35.39 28.80
C ALA L 86 9.40 35.74 29.49
N GLN L 87 9.46 36.13 30.76
CA GLN L 87 8.22 36.52 31.50
C GLN L 87 7.56 37.82 30.99
N ILE L 88 8.26 38.62 30.18
CA ILE L 88 7.67 39.85 29.63
C ILE L 88 6.50 39.56 28.70
N SER L 89 6.64 38.56 27.85
CA SER L 89 5.63 38.27 26.85
C SER L 89 5.84 36.90 26.23
N GLU L 90 4.74 36.26 25.85
CA GLU L 90 4.82 34.98 25.13
C GLU L 90 5.56 35.11 23.81
N TYR L 91 5.65 36.32 23.27
CA TYR L 91 6.31 36.54 21.96
C TYR L 91 7.83 36.73 22.04
N VAL L 92 8.37 36.95 23.24
CA VAL L 92 9.78 37.21 23.41
C VAL L 92 10.60 35.95 23.10
N VAL L 93 11.63 36.16 22.27
CA VAL L 93 12.58 35.14 21.88
C VAL L 93 13.96 35.61 22.38
N ILE L 94 14.70 34.72 23.03
CA ILE L 94 15.96 35.12 23.64
C ILE L 94 17.12 34.93 22.64
N LYS L 95 17.82 36.03 22.36
CA LYS L 95 19.04 36.02 21.55
C LYS L 95 20.19 35.45 22.39
N ILE L 96 20.80 34.40 21.85
CA ILE L 96 21.92 33.74 22.49
C ILE L 96 23.08 33.75 21.47
N PRO L 97 24.25 34.23 21.88
CA PRO L 97 25.41 34.21 21.01
C PRO L 97 25.90 32.77 20.84
N MET L 98 26.41 32.49 19.65
CA MET L 98 26.92 31.17 19.32
C MET L 98 28.24 30.87 20.06
N THR L 99 28.12 30.27 21.24
CA THR L 99 29.26 29.85 22.04
C THR L 99 28.92 28.56 22.76
N PRO L 100 29.91 27.81 23.25
CA PRO L 100 29.64 26.64 24.08
C PRO L 100 28.61 26.89 25.18
N ASP L 101 28.85 27.89 26.02
CA ASP L 101 27.90 28.25 27.08
C ASP L 101 26.52 28.62 26.52
N GLY L 102 26.50 29.33 25.39
CA GLY L 102 25.27 29.71 24.71
C GLY L 102 24.47 28.50 24.25
N ILE L 103 25.17 27.49 23.73
CA ILE L 103 24.57 26.24 23.29
C ILE L 103 24.05 25.42 24.48
N LYS L 104 24.81 25.43 25.58
CA LYS L 104 24.40 24.81 26.83
C LYS L 104 23.09 25.47 27.32
N ALA L 105 23.04 26.80 27.24
CA ALA L 105 21.83 27.56 27.62
C ALA L 105 20.63 27.21 26.73
N VAL L 106 20.86 27.06 25.42
CA VAL L 106 19.78 26.69 24.50
C VAL L 106 19.20 25.32 24.87
N LYS L 107 20.04 24.36 25.22
CA LYS L 107 19.58 23.04 25.64
C LYS L 107 18.63 23.16 26.85
N THR L 108 19.07 23.93 27.85
CA THR L 108 18.29 24.12 29.07
C THR L 108 17.02 24.90 28.80
N LEU L 109 17.12 26.00 28.08
CA LEU L 109 15.97 26.85 27.82
C LEU L 109 14.92 26.18 26.92
N SER L 110 15.37 25.44 25.92
CA SER L 110 14.45 24.66 25.07
C SER L 110 13.61 23.68 25.91
N ALA L 111 14.27 22.97 26.82
CA ALA L 111 13.57 22.04 27.70
C ALA L 111 12.53 22.73 28.60
N GLU L 112 12.70 24.03 28.86
CA GLU L 112 11.75 24.83 29.63
C GLU L 112 10.71 25.56 28.78
N GLY L 113 10.68 25.31 27.47
CA GLY L 113 9.74 26.00 26.59
C GLY L 113 10.04 27.48 26.34
N ILE L 114 11.29 27.88 26.58
CA ILE L 114 11.70 29.25 26.29
C ILE L 114 12.37 29.28 24.90
N LYS L 115 11.84 30.14 24.04
CA LYS L 115 12.26 30.23 22.65
C LYS L 115 13.61 30.93 22.58
N THR L 116 14.47 30.46 21.67
CA THR L 116 15.83 30.94 21.53
C THR L 116 16.16 31.27 20.07
N ASN L 117 17.05 32.25 19.92
CA ASN L 117 17.58 32.66 18.63
C ASN L 117 19.09 32.72 18.73
N VAL L 118 19.77 31.74 18.16
CA VAL L 118 21.22 31.71 18.19
C VAL L 118 21.79 32.65 17.12
N THR L 119 22.57 33.60 17.59
CA THR L 119 23.03 34.71 16.78
C THR L 119 24.58 34.61 16.65
N LEU L 120 25.14 35.50 15.85
CA LEU L 120 26.58 35.51 15.53
C LEU L 120 27.04 34.17 14.94
N VAL L 121 26.25 33.68 13.98
CA VAL L 121 26.56 32.47 13.23
C VAL L 121 27.22 32.83 11.89
N PHE L 122 28.41 32.29 11.66
CA PHE L 122 29.17 32.59 10.43
C PHE L 122 29.60 31.35 9.66
N SER L 123 29.20 30.17 10.14
CA SER L 123 29.53 28.93 9.49
C SER L 123 28.39 27.92 9.58
N PRO L 124 28.25 27.07 8.56
CA PRO L 124 27.33 25.94 8.64
C PRO L 124 27.56 24.99 9.82
N ALA L 125 28.80 24.84 10.27
CA ALA L 125 29.08 23.99 11.41
C ALA L 125 28.40 24.55 12.65
N GLN L 126 28.54 25.85 12.87
CA GLN L 126 27.87 26.49 14.00
C GLN L 126 26.36 26.28 13.93
N ALA L 127 25.80 26.45 12.73
CA ALA L 127 24.38 26.29 12.49
C ALA L 127 23.86 24.89 12.82
N ILE L 128 24.67 23.87 12.57
CA ILE L 128 24.29 22.50 12.91
C ILE L 128 24.16 22.35 14.42
N LEU L 129 25.16 22.86 15.14
CA LEU L 129 25.15 22.77 16.60
C LEU L 129 23.94 23.49 17.18
N ALA L 130 23.64 24.66 16.65
CA ALA L 130 22.49 25.45 17.12
C ALA L 130 21.16 24.69 16.93
N ALA L 131 20.97 24.08 15.77
CA ALA L 131 19.79 23.25 15.57
C ALA L 131 19.77 22.02 16.50
N LYS L 132 20.91 21.34 16.65
CA LYS L 132 20.95 20.13 17.46
C LYS L 132 20.72 20.39 18.96
N ALA L 133 21.10 21.57 19.42
CA ALA L 133 20.86 22.01 20.79
C ALA L 133 19.40 22.38 21.01
N GLY L 134 18.66 22.59 19.92
CA GLY L 134 17.23 22.84 19.95
C GLY L 134 16.86 24.30 19.85
N ALA L 135 17.68 25.10 19.20
CA ALA L 135 17.38 26.51 19.00
C ALA L 135 16.06 26.67 18.23
N THR L 136 15.28 27.70 18.57
CA THR L 136 14.05 27.99 17.82
C THR L 136 14.42 28.59 16.46
N TYR L 137 15.40 29.49 16.50
CA TYR L 137 15.93 30.16 15.33
C TYR L 137 17.46 30.16 15.36
N VAL L 138 18.05 30.26 14.17
CA VAL L 138 19.45 30.60 14.00
C VAL L 138 19.53 31.83 13.11
N SER L 139 20.49 32.70 13.37
CA SER L 139 20.68 33.92 12.60
C SER L 139 22.09 34.00 11.98
N PRO L 140 22.27 33.45 10.78
CA PRO L 140 23.53 33.61 10.04
C PRO L 140 23.72 35.04 9.52
N PHE L 141 24.93 35.58 9.72
CA PHE L 141 25.22 36.97 9.40
C PHE L 141 25.83 37.14 8.01
N VAL L 142 24.93 37.32 7.04
CA VAL L 142 25.27 37.35 5.61
C VAL L 142 26.15 38.53 5.23
N GLY L 143 25.68 39.74 5.50
CA GLY L 143 26.39 40.94 5.10
C GLY L 143 27.78 41.12 5.70
N ARG L 144 27.98 40.68 6.93
CA ARG L 144 29.32 40.75 7.51
C ARG L 144 30.28 39.80 6.87
N MET L 145 29.79 38.63 6.43
CA MET L 145 30.60 37.67 5.69
C MET L 145 30.90 38.12 4.25
N ASP L 146 29.89 38.72 3.63
CA ASP L 146 30.03 39.37 2.34
C ASP L 146 31.21 40.35 2.32
N ASP L 147 31.31 41.14 3.39
CA ASP L 147 32.31 42.20 3.47
C ASP L 147 33.73 41.70 3.76
N LEU L 148 33.85 40.44 4.16
CA LEU L 148 35.14 39.74 4.17
C LEU L 148 35.48 39.16 2.77
N SER L 149 34.56 39.31 1.81
CA SER L 149 34.66 38.70 0.49
C SER L 149 34.65 37.18 0.51
N ASN L 150 34.11 36.59 1.57
CA ASN L 150 33.99 35.12 1.72
C ASN L 150 32.59 34.61 1.35
N ASP L 151 31.73 35.52 0.86
CA ASP L 151 30.37 35.21 0.35
C ASP L 151 29.38 34.70 1.41
N GLY L 152 28.67 35.63 2.04
CA GLY L 152 27.68 35.30 3.05
C GLY L 152 26.45 34.58 2.50
N MET L 153 26.10 34.87 1.27
CA MET L 153 24.96 34.27 0.64
C MET L 153 25.20 32.79 0.38
N ARG L 154 26.46 32.44 0.11
CA ARG L 154 26.87 31.05 -0.10
C ARG L 154 26.83 30.29 1.21
N MET L 155 27.26 30.92 2.31
CA MET L 155 27.21 30.25 3.61
C MET L 155 25.76 30.04 4.05
N LEU L 156 24.89 31.01 3.75
CA LEU L 156 23.48 30.88 4.08
C LEU L 156 22.86 29.74 3.28
N GLY L 157 23.25 29.64 2.01
CA GLY L 157 22.78 28.56 1.14
C GLY L 157 23.15 27.21 1.67
N GLU L 158 24.31 27.12 2.28
CA GLU L 158 24.80 25.84 2.85
C GLU L 158 23.99 25.44 4.07
N ILE L 159 23.63 26.44 4.86
CA ILE L 159 22.81 26.20 6.06
C ILE L 159 21.39 25.78 5.67
N VAL L 160 20.82 26.47 4.70
CA VAL L 160 19.50 26.11 4.16
C VAL L 160 19.51 24.68 3.63
N GLU L 161 20.53 24.32 2.88
CA GLU L 161 20.67 22.98 2.34
C GLU L 161 20.74 21.92 3.44
N ILE L 162 21.54 22.17 4.47
CA ILE L 162 21.73 21.20 5.53
C ILE L 162 20.43 21.05 6.33
N TYR L 163 19.76 22.17 6.57
CA TYR L 163 18.52 22.19 7.31
C TYR L 163 17.43 21.47 6.54
N ASN L 164 17.41 21.61 5.22
CA ASN L 164 16.49 20.83 4.40
C ASN L 164 16.82 19.36 4.43
N ASN L 165 18.10 19.01 4.46
CA ASN L 165 18.47 17.59 4.51
C ASN L 165 17.94 16.83 5.73
N TYR L 166 17.87 17.52 6.87
CA TYR L 166 17.58 16.88 8.13
C TYR L 166 16.30 17.34 8.79
N GLY L 167 15.61 18.29 8.18
CA GLY L 167 14.38 18.81 8.74
C GLY L 167 14.50 19.20 10.21
N PHE L 168 15.59 19.88 10.56
CA PHE L 168 15.68 20.50 11.87
C PHE L 168 14.47 21.42 12.05
N GLU L 169 13.89 21.40 13.24
CA GLU L 169 12.76 22.28 13.55
C GLU L 169 13.21 23.74 13.58
N THR L 170 14.49 23.98 13.88
CA THR L 170 15.06 25.32 13.89
C THR L 170 14.78 26.07 12.59
N GLU L 171 14.39 27.33 12.71
CA GLU L 171 14.13 28.16 11.55
C GLU L 171 15.27 29.14 11.33
N ILE L 172 15.58 29.37 10.05
CA ILE L 172 16.70 30.22 9.71
C ILE L 172 16.21 31.62 9.51
N ILE L 173 16.83 32.54 10.25
CA ILE L 173 16.67 33.97 10.03
C ILE L 173 17.90 34.54 9.29
N ALA L 174 17.80 34.80 8.00
CA ALA L 174 18.83 35.54 7.28
C ALA L 174 19.03 36.91 7.92
N ALA L 175 20.19 37.10 8.52
CA ALA L 175 20.50 38.30 9.30
C ALA L 175 21.66 39.07 8.65
N SER L 176 21.99 40.23 9.21
CA SER L 176 22.96 41.14 8.60
C SER L 176 22.61 41.39 7.09
N ILE L 177 21.34 41.68 6.85
CA ILE L 177 20.80 41.98 5.54
C ILE L 177 20.97 43.48 5.29
N ARG L 178 21.55 43.82 4.14
CA ARG L 178 21.96 45.22 3.84
C ARG L 178 21.19 45.83 2.69
N HIS L 179 20.68 45.01 1.79
CA HIS L 179 20.12 45.56 0.56
C HIS L 179 19.15 44.55 -0.07
N PRO L 180 18.33 45.03 -1.00
CA PRO L 180 17.31 44.19 -1.63
C PRO L 180 17.75 42.83 -2.22
N MET L 181 18.92 42.78 -2.83
CA MET L 181 19.37 41.52 -3.42
C MET L 181 19.63 40.42 -2.39
N HIS L 182 20.03 40.82 -1.19
CA HIS L 182 20.11 39.89 -0.08
C HIS L 182 18.76 39.21 0.15
N VAL L 183 17.70 40.01 0.12
CA VAL L 183 16.36 39.53 0.39
C VAL L 183 15.88 38.61 -0.73
N VAL L 184 16.11 39.03 -1.97
CA VAL L 184 15.68 38.24 -3.14
C VAL L 184 16.45 36.94 -3.29
N GLU L 185 17.76 36.97 -3.07
CA GLU L 185 18.58 35.75 -3.09
C GLU L 185 18.20 34.81 -1.93
N ALA L 186 17.95 35.36 -0.74
CA ALA L 186 17.50 34.54 0.39
C ALA L 186 16.14 33.87 0.11
N ALA L 187 15.24 34.60 -0.53
CA ALA L 187 13.93 34.06 -0.95
C ALA L 187 14.08 32.99 -2.04
N LEU L 188 15.00 33.21 -2.97
CA LEU L 188 15.22 32.22 -4.03
C LEU L 188 15.72 30.90 -3.48
N MET L 189 16.50 30.94 -2.40
CA MET L 189 16.98 29.71 -1.74
C MET L 189 15.99 29.14 -0.71
N GLY L 190 14.96 29.92 -0.39
CA GLY L 190 13.88 29.46 0.47
C GLY L 190 14.18 29.55 1.96
N VAL L 191 14.91 30.57 2.38
CA VAL L 191 15.17 30.79 3.79
C VAL L 191 13.83 31.06 4.48
N ASP L 192 13.73 30.66 5.73
CA ASP L 192 12.49 30.72 6.46
C ASP L 192 12.09 32.18 6.72
N ILE L 193 13.07 32.95 7.13
CA ILE L 193 12.85 34.30 7.64
C ILE L 193 14.00 35.18 7.16
N VAL L 194 13.68 36.42 6.78
CA VAL L 194 14.72 37.43 6.59
C VAL L 194 14.42 38.58 7.53
N THR L 195 15.41 38.96 8.32
CA THR L 195 15.30 40.13 9.17
C THR L 195 16.13 41.25 8.54
N MET L 196 15.53 42.43 8.43
CA MET L 196 16.12 43.51 7.66
C MET L 196 15.82 44.86 8.29
N PRO L 197 16.63 45.87 8.00
CA PRO L 197 16.32 47.24 8.42
C PRO L 197 15.11 47.78 7.67
N PHE L 198 14.39 48.71 8.31
CA PHE L 198 13.20 49.31 7.72
C PHE L 198 13.53 49.95 6.37
N ALA L 199 14.71 50.59 6.30
CA ALA L 199 15.18 51.24 5.06
C ALA L 199 15.26 50.26 3.89
N VAL L 200 15.66 49.02 4.16
CA VAL L 200 15.69 47.97 3.13
C VAL L 200 14.26 47.58 2.74
N LEU L 201 13.37 47.44 3.72
CA LEU L 201 11.96 47.11 3.45
C LEU L 201 11.31 48.12 2.52
N GLU L 202 11.52 49.40 2.83
CA GLU L 202 11.03 50.49 2.00
C GLU L 202 11.46 50.33 0.54
N LYS L 203 12.72 49.98 0.34
CA LYS L 203 13.25 49.79 -1.01
C LYS L 203 12.52 48.72 -1.79
N LEU L 204 12.12 47.64 -1.11
CA LEU L 204 11.45 46.50 -1.77
C LEU L 204 10.13 46.86 -2.46
N PHE L 205 9.48 47.91 -2.00
CA PHE L 205 8.24 48.39 -2.64
C PHE L 205 8.53 49.00 -4.00
N LYS L 206 9.73 49.53 -4.19
CA LYS L 206 10.01 50.51 -5.24
C LYS L 206 10.45 49.92 -6.58
N HIS L 207 9.99 50.56 -7.65
CA HIS L 207 10.51 50.32 -8.98
C HIS L 207 10.13 51.51 -9.89
N PRO L 208 11.10 51.98 -10.68
CA PRO L 208 10.86 53.11 -11.59
C PRO L 208 9.76 52.85 -12.62
N MET L 209 9.61 51.59 -13.03
CA MET L 209 8.57 51.23 -14.00
C MET L 209 7.16 51.22 -13.37
N THR L 210 7.10 50.94 -12.06
CA THR L 210 5.87 51.10 -11.33
C THR L 210 5.46 52.58 -11.29
N ASP L 211 6.41 53.47 -11.04
CA ASP L 211 6.14 54.91 -11.02
C ASP L 211 5.62 55.40 -12.36
N LEU L 212 6.28 54.97 -13.43
CA LEU L 212 5.92 55.36 -14.79
C LEU L 212 4.54 54.86 -15.14
N GLY L 213 4.25 53.61 -14.77
CA GLY L 213 2.93 53.02 -15.00
C GLY L 213 1.83 53.81 -14.30
N ILE L 214 2.11 54.24 -13.08
CA ILE L 214 1.18 55.05 -12.33
C ILE L 214 0.93 56.40 -12.99
N GLU L 215 1.98 57.03 -13.51
CA GLU L 215 1.82 58.30 -14.27
C GLU L 215 1.00 58.08 -15.55
N ARG L 216 1.23 56.94 -16.23
CA ARG L 216 0.48 56.61 -17.45
C ARG L 216 -0.98 56.34 -17.15
N PHE L 217 -1.24 55.96 -15.90
CA PHE L 217 -2.58 55.75 -15.39
C PHE L 217 -3.08 56.98 -14.65
N MET L 218 -2.72 58.17 -15.13
CA MET L 218 -3.25 59.44 -14.58
C MET L 218 -3.15 60.68 -15.50
N GLU L 219 -2.27 60.65 -16.50
CA GLU L 219 -2.46 61.51 -17.67
C GLU L 219 -3.70 60.94 -18.39
N ASP L 220 -3.61 59.65 -18.72
CA ASP L 220 -4.75 58.87 -19.24
C ASP L 220 -5.73 58.62 -18.09
N HIS M 12 16.84 14.39 12.11
CA HIS M 12 18.03 15.11 12.68
C HIS M 12 19.36 14.38 12.38
N MET M 13 20.37 15.18 12.01
CA MET M 13 21.71 14.65 11.89
C MET M 13 22.19 14.31 13.31
N LYS M 14 22.81 13.13 13.46
CA LYS M 14 23.38 12.74 14.73
C LYS M 14 24.87 13.02 14.74
N ILE M 15 25.37 13.36 15.92
CA ILE M 15 26.78 13.47 16.18
C ILE M 15 27.18 12.47 17.28
N PHE M 16 28.07 11.56 16.94
CA PHE M 16 28.72 10.68 17.90
C PHE M 16 30.13 11.19 18.17
N LEU M 17 30.65 10.88 19.36
CA LEU M 17 32.04 11.18 19.69
C LEU M 17 32.91 9.93 19.53
N ASP M 18 34.07 10.11 18.87
CA ASP M 18 35.16 9.12 18.88
C ASP M 18 36.02 9.30 20.15
N THR M 19 35.62 8.64 21.23
CA THR M 19 36.29 8.86 22.51
C THR M 19 35.90 7.77 23.50
N ALA M 20 36.69 7.68 24.56
CA ALA M 20 36.31 6.98 25.76
C ALA M 20 36.38 7.91 26.99
N ASN M 21 36.66 9.20 26.77
CA ASN M 21 36.79 10.15 27.89
C ASN M 21 35.42 10.63 28.34
N LEU M 22 35.13 10.44 29.63
CA LEU M 22 33.80 10.72 30.18
C LEU M 22 33.51 12.21 30.40
N GLU M 23 34.56 13.00 30.63
CA GLU M 23 34.41 14.46 30.74
C GLU M 23 33.97 15.05 29.39
N GLU M 24 34.68 14.66 28.33
CA GLU M 24 34.35 15.06 26.96
C GLU M 24 32.89 14.69 26.58
N ILE M 25 32.50 13.48 26.95
CA ILE M 25 31.13 13.00 26.75
C ILE M 25 30.10 13.78 27.59
N LYS M 26 30.45 14.09 28.84
CA LYS M 26 29.57 14.91 29.69
C LYS M 26 29.36 16.31 29.07
N LYS M 27 30.46 16.96 28.67
CA LYS M 27 30.39 18.24 27.92
C LYS M 27 29.41 18.10 26.73
N GLY M 28 29.65 17.07 25.91
CA GLY M 28 28.84 16.80 24.72
C GLY M 28 27.36 16.69 25.01
N VAL M 29 27.02 16.02 26.12
CA VAL M 29 25.61 15.87 26.53
C VAL M 29 25.06 17.16 27.19
N GLU M 30 25.92 17.83 27.97
CA GLU M 30 25.61 19.17 28.50
C GLU M 30 25.19 20.14 27.38
N TRP M 31 25.89 20.09 26.23
CA TRP M 31 25.58 20.92 25.07
C TRP M 31 24.35 20.42 24.32
N GLY M 32 23.97 19.16 24.55
CA GLY M 32 22.81 18.58 23.93
C GLY M 32 23.03 18.33 22.48
N ILE M 33 24.30 18.05 22.14
CA ILE M 33 24.70 17.87 20.74
C ILE M 33 25.28 16.49 20.45
N VAL M 34 25.62 15.71 21.48
CA VAL M 34 26.17 14.37 21.26
C VAL M 34 25.09 13.32 21.53
N ASP M 35 24.87 12.49 20.52
CA ASP M 35 23.82 11.49 20.53
C ASP M 35 24.32 10.09 20.80
N GLY M 36 25.62 9.88 20.72
CA GLY M 36 26.20 8.56 20.97
C GLY M 36 27.70 8.63 20.98
N VAL M 37 28.33 7.46 21.09
CA VAL M 37 29.77 7.36 21.23
C VAL M 37 30.30 6.15 20.46
N THR M 38 31.40 6.33 19.75
CA THR M 38 32.06 5.24 19.08
C THR M 38 33.40 5.06 19.77
N THR M 39 33.75 3.81 20.04
CA THR M 39 34.80 3.47 20.96
C THR M 39 35.79 2.44 20.38
N ASN M 40 36.96 2.33 21.04
CA ASN M 40 37.96 1.29 20.79
C ASN M 40 38.76 1.07 22.11
N PRO M 41 39.32 -0.11 22.38
CA PRO M 41 40.02 -0.32 23.66
C PRO M 41 41.27 0.55 23.77
N THR M 42 41.82 0.92 22.61
CA THR M 42 42.89 1.92 22.49
C THR M 42 42.53 3.16 23.31
N LEU M 43 41.39 3.76 22.96
CA LEU M 43 40.86 4.94 23.65
C LEU M 43 40.41 4.56 25.06
N ILE M 44 39.64 3.47 25.15
CA ILE M 44 39.13 2.93 26.41
C ILE M 44 40.24 2.93 27.44
N SER M 45 41.36 2.27 27.11
CA SER M 45 42.51 2.22 27.99
C SER M 45 43.13 3.61 28.16
N LYS M 46 43.26 4.33 27.05
CA LYS M 46 43.85 5.69 27.02
C LYS M 46 43.44 6.55 28.22
N ARG M 54 34.45 0.50 31.00
CA ARG M 54 34.26 1.82 30.37
C ARG M 54 32.97 1.91 29.56
N VAL M 55 32.61 0.85 28.82
CA VAL M 55 31.44 0.85 27.94
C VAL M 55 30.12 1.06 28.70
N LYS M 56 30.01 0.43 29.88
CA LYS M 56 28.84 0.65 30.76
C LYS M 56 28.75 2.11 31.18
N GLU M 57 29.86 2.65 31.65
CA GLU M 57 29.90 4.02 32.15
C GLU M 57 29.51 5.01 31.04
N ILE M 58 30.00 4.76 29.82
CA ILE M 58 29.68 5.61 28.64
C ILE M 58 28.20 5.49 28.28
N CYS M 59 27.65 4.28 28.31
CA CYS M 59 26.23 4.07 28.05
C CYS M 59 25.34 4.88 28.98
N ASP M 60 25.65 4.79 30.27
CA ASP M 60 24.90 5.51 31.29
C ASP M 60 24.97 7.02 31.05
N LEU M 61 26.11 7.50 30.58
CA LEU M 61 26.31 8.93 30.42
C LEU M 61 25.65 9.48 29.14
N VAL M 62 25.87 8.83 28.01
CA VAL M 62 25.33 9.33 26.75
C VAL M 62 23.88 8.91 26.54
N LYS M 63 23.49 7.78 27.11
CA LYS M 63 22.14 7.26 26.93
C LYS M 63 21.75 7.32 25.45
N GLY M 64 22.62 6.77 24.62
CA GLY M 64 22.44 6.70 23.19
C GLY M 64 23.42 5.65 22.70
N PRO M 65 23.39 5.34 21.40
CA PRO M 65 24.20 4.27 20.84
C PRO M 65 25.70 4.38 21.17
N VAL M 66 26.25 3.32 21.76
CA VAL M 66 27.67 3.24 22.08
C VAL M 66 28.27 2.03 21.37
N SER M 67 29.06 2.28 20.33
CA SER M 67 29.65 1.22 19.50
C SER M 67 30.91 0.70 20.15
N ALA M 68 30.99 -0.62 20.31
CA ALA M 68 32.14 -1.25 20.96
C ALA M 68 32.53 -2.48 20.15
N GLU M 69 33.86 -2.66 19.99
CA GLU M 69 34.40 -3.70 19.13
C GLU M 69 34.60 -5.02 19.86
N VAL M 70 34.47 -6.11 19.09
CA VAL M 70 34.74 -7.47 19.55
C VAL M 70 36.20 -7.82 19.32
N VAL M 71 36.71 -8.79 20.05
CA VAL M 71 38.10 -9.23 19.88
C VAL M 71 38.23 -10.22 18.70
N SER M 72 37.36 -11.23 18.66
CA SER M 72 37.49 -12.32 17.68
C SER M 72 37.17 -11.85 16.26
N LEU M 73 37.72 -12.57 15.28
CA LEU M 73 37.48 -12.32 13.87
C LEU M 73 36.78 -13.47 13.16
N ASP M 74 36.69 -14.64 13.81
CA ASP M 74 35.93 -15.75 13.27
C ASP M 74 34.47 -15.55 13.62
N TYR M 75 33.61 -16.08 12.78
CA TYR M 75 32.16 -15.90 12.90
C TYR M 75 31.62 -16.32 14.26
N GLU M 76 32.00 -17.51 14.72
CA GLU M 76 31.50 -18.06 16.00
C GLU M 76 31.93 -17.19 17.18
N GLY M 77 33.20 -16.82 17.23
CA GLY M 77 33.72 -15.97 18.30
C GLY M 77 33.14 -14.57 18.32
N MET M 78 32.94 -13.99 17.13
CA MET M 78 32.34 -12.67 17.01
C MET M 78 30.91 -12.64 17.55
N VAL M 79 30.10 -13.65 17.20
CA VAL M 79 28.71 -13.71 17.65
C VAL M 79 28.65 -13.99 19.15
N ARG M 80 29.47 -14.92 19.63
CA ARG M 80 29.59 -15.23 21.05
C ARG M 80 29.89 -13.95 21.86
N GLU M 81 30.90 -13.21 21.44
CA GLU M 81 31.35 -11.98 22.12
C GLU M 81 30.36 -10.83 22.01
N ALA M 82 29.70 -10.73 20.85
CA ALA M 82 28.67 -9.75 20.63
C ALA M 82 27.53 -9.92 21.61
N ARG M 83 27.11 -11.17 21.83
CA ARG M 83 26.05 -11.48 22.77
C ARG M 83 26.41 -11.05 24.17
N GLU M 84 27.67 -11.29 24.56
CA GLU M 84 28.17 -10.88 25.86
C GLU M 84 28.16 -9.36 26.02
N LEU M 85 28.69 -8.66 25.03
CA LEU M 85 28.72 -7.18 25.06
C LEU M 85 27.32 -6.57 25.08
N ALA M 86 26.41 -7.17 24.32
CA ALA M 86 25.05 -6.65 24.24
C ALA M 86 24.34 -6.70 25.60
N GLN M 87 24.71 -7.67 26.44
CA GLN M 87 24.14 -7.77 27.78
C GLN M 87 24.49 -6.58 28.68
N ILE M 88 25.53 -5.81 28.35
CA ILE M 88 25.95 -4.68 29.19
C ILE M 88 24.89 -3.59 29.26
N SER M 89 24.26 -3.30 28.14
CA SER M 89 23.30 -2.23 28.07
C SER M 89 22.53 -2.30 26.77
N GLU M 90 21.31 -1.78 26.80
CA GLU M 90 20.48 -1.68 25.62
C GLU M 90 21.07 -0.74 24.59
N TYR M 91 21.97 0.15 25.04
CA TYR M 91 22.61 1.14 24.15
C TYR M 91 23.79 0.62 23.36
N VAL M 92 24.31 -0.53 23.76
CA VAL M 92 25.52 -1.08 23.16
C VAL M 92 25.22 -1.49 21.72
N VAL M 93 26.10 -1.08 20.80
CA VAL M 93 26.04 -1.53 19.40
C VAL M 93 27.38 -2.17 19.10
N ILE M 94 27.36 -3.33 18.45
CA ILE M 94 28.58 -4.13 18.27
C ILE M 94 29.27 -3.73 16.94
N LYS M 95 30.54 -3.32 17.05
CA LYS M 95 31.36 -3.03 15.87
C LYS M 95 31.84 -4.35 15.27
N ILE M 96 31.55 -4.54 13.99
CA ILE M 96 31.92 -5.72 13.24
C ILE M 96 32.77 -5.26 12.03
N PRO M 97 33.96 -5.83 11.86
CA PRO M 97 34.74 -5.47 10.68
C PRO M 97 34.06 -5.97 9.41
N MET M 98 34.23 -5.23 8.33
CA MET M 98 33.71 -5.68 7.05
C MET M 98 34.51 -6.88 6.51
N THR M 99 34.04 -8.09 6.83
CA THR M 99 34.59 -9.31 6.25
C THR M 99 33.42 -10.26 6.01
N PRO M 100 33.64 -11.33 5.22
CA PRO M 100 32.61 -12.34 5.02
C PRO M 100 32.06 -12.89 6.34
N ASP M 101 32.93 -13.29 7.26
CA ASP M 101 32.52 -13.73 8.59
C ASP M 101 31.74 -12.65 9.34
N GLY M 102 32.22 -11.41 9.25
CA GLY M 102 31.59 -10.27 9.89
C GLY M 102 30.18 -10.04 9.38
N ILE M 103 29.99 -10.27 8.09
CA ILE M 103 28.67 -10.16 7.47
C ILE M 103 27.74 -11.30 7.87
N LYS M 104 28.30 -12.50 7.96
CA LYS M 104 27.57 -13.66 8.46
C LYS M 104 27.10 -13.40 9.91
N ALA M 105 27.98 -12.80 10.72
CA ALA M 105 27.67 -12.42 12.10
C ALA M 105 26.53 -11.39 12.15
N VAL M 106 26.57 -10.42 11.26
CA VAL M 106 25.52 -9.40 11.22
C VAL M 106 24.18 -10.03 10.92
N LYS M 107 24.15 -10.95 9.96
CA LYS M 107 22.91 -11.64 9.61
C LYS M 107 22.32 -12.35 10.85
N THR M 108 23.18 -13.06 11.57
CA THR M 108 22.76 -13.78 12.79
C THR M 108 22.38 -12.80 13.92
N LEU M 109 23.20 -11.78 14.16
CA LEU M 109 22.96 -10.84 15.27
C LEU M 109 21.72 -10.01 15.07
N SER M 110 21.50 -9.57 13.83
CA SER M 110 20.30 -8.82 13.49
C SER M 110 19.05 -9.63 13.82
N ALA M 111 19.05 -10.90 13.45
CA ALA M 111 17.94 -11.80 13.72
C ALA M 111 17.66 -11.96 15.22
N GLU M 112 18.68 -11.74 16.05
CA GLU M 112 18.53 -11.77 17.52
C GLU M 112 18.27 -10.39 18.16
N GLY M 113 18.06 -9.37 17.35
CA GLY M 113 17.84 -8.04 17.88
C GLY M 113 19.06 -7.35 18.44
N ILE M 114 20.24 -7.82 18.08
CA ILE M 114 21.47 -7.20 18.55
C ILE M 114 21.96 -6.24 17.48
N LYS M 115 22.15 -4.99 17.90
CA LYS M 115 22.51 -3.90 16.99
C LYS M 115 23.98 -3.97 16.56
N THR M 116 24.23 -3.68 15.28
CA THR M 116 25.55 -3.84 14.69
C THR M 116 26.00 -2.60 13.95
N ASN M 117 27.32 -2.39 13.92
CA ASN M 117 27.96 -1.27 13.25
C ASN M 117 29.09 -1.85 12.43
N VAL M 118 28.88 -1.95 11.11
CA VAL M 118 29.92 -2.52 10.26
C VAL M 118 30.95 -1.45 9.95
N THR M 119 32.20 -1.76 10.29
CA THR M 119 33.29 -0.83 10.32
C THR M 119 34.31 -1.27 9.27
N LEU M 120 35.31 -0.40 9.03
CA LEU M 120 36.35 -0.61 8.02
C LEU M 120 35.74 -0.78 6.62
N VAL M 121 34.83 0.14 6.29
CA VAL M 121 34.19 0.18 4.98
C VAL M 121 34.85 1.27 4.13
N PHE M 122 35.37 0.87 2.96
CA PHE M 122 36.13 1.78 2.07
C PHE M 122 35.60 1.84 0.67
N SER M 123 34.51 1.13 0.43
CA SER M 123 33.93 1.09 -0.90
C SER M 123 32.42 1.00 -0.76
N PRO M 124 31.70 1.49 -1.78
CA PRO M 124 30.25 1.38 -1.86
C PRO M 124 29.74 -0.05 -1.96
N ALA M 125 30.52 -0.92 -2.62
CA ALA M 125 30.20 -2.32 -2.73
C ALA M 125 30.09 -2.94 -1.35
N GLN M 126 31.08 -2.67 -0.50
CA GLN M 126 31.05 -3.16 0.88
C GLN M 126 29.81 -2.64 1.63
N ALA M 127 29.50 -1.36 1.47
CA ALA M 127 28.33 -0.77 2.12
C ALA M 127 27.01 -1.37 1.71
N ILE M 128 26.91 -1.84 0.47
CA ILE M 128 25.70 -2.54 0.04
C ILE M 128 25.53 -3.84 0.81
N LEU M 129 26.59 -4.63 0.85
CA LEU M 129 26.55 -5.92 1.56
C LEU M 129 26.21 -5.74 3.05
N ALA M 130 26.79 -4.72 3.67
CA ALA M 130 26.50 -4.38 5.06
C ALA M 130 25.01 -4.18 5.26
N ALA M 131 24.41 -3.32 4.43
CA ALA M 131 22.97 -3.02 4.51
C ALA M 131 22.11 -4.25 4.24
N LYS M 132 22.46 -5.01 3.22
CA LYS M 132 21.72 -6.21 2.86
C LYS M 132 21.76 -7.29 3.97
N ALA M 133 22.88 -7.39 4.70
CA ALA M 133 22.98 -8.35 5.80
C ALA M 133 22.18 -7.89 7.02
N GLY M 134 21.79 -6.62 7.03
CA GLY M 134 20.94 -6.08 8.08
C GLY M 134 21.67 -5.26 9.13
N ALA M 135 22.84 -4.71 8.82
CA ALA M 135 23.58 -3.89 9.79
C ALA M 135 22.73 -2.70 10.26
N THR M 136 22.87 -2.35 11.54
CA THR M 136 22.15 -1.20 12.08
C THR M 136 22.83 0.08 11.56
N TYR M 137 24.17 0.03 11.54
CA TYR M 137 24.99 1.13 11.07
C TYR M 137 26.09 0.61 10.17
N VAL M 138 26.57 1.48 9.28
CA VAL M 138 27.75 1.25 8.49
C VAL M 138 28.65 2.47 8.71
N SER M 139 29.96 2.26 8.78
CA SER M 139 30.94 3.31 9.07
C SER M 139 32.00 3.38 7.97
N PRO M 140 31.76 4.18 6.92
CA PRO M 140 32.80 4.43 5.91
C PRO M 140 33.92 5.32 6.45
N PHE M 141 35.16 4.95 6.15
CA PHE M 141 36.34 5.67 6.66
C PHE M 141 36.82 6.74 5.67
N VAL M 142 36.27 7.94 5.83
CA VAL M 142 36.48 9.07 4.93
C VAL M 142 37.92 9.57 4.95
N GLY M 143 38.42 9.93 6.12
CA GLY M 143 39.78 10.47 6.25
C GLY M 143 40.89 9.59 5.73
N ARG M 144 40.75 8.29 5.94
CA ARG M 144 41.77 7.32 5.50
C ARG M 144 41.83 7.21 3.99
N MET M 145 40.67 7.28 3.36
CA MET M 145 40.57 7.31 1.91
C MET M 145 41.11 8.62 1.33
N ASP M 146 40.79 9.72 1.99
CA ASP M 146 41.31 11.03 1.63
C ASP M 146 42.83 11.02 1.54
N ASP M 147 43.46 10.38 2.50
CA ASP M 147 44.89 10.36 2.59
C ASP M 147 45.57 9.46 1.56
N LEU M 148 44.80 8.57 0.93
CA LEU M 148 45.21 7.86 -0.30
C LEU M 148 45.07 8.72 -1.56
N SER M 149 44.50 9.91 -1.40
CA SER M 149 44.14 10.81 -2.49
C SER M 149 43.13 10.16 -3.44
N ASN M 150 42.35 9.21 -2.94
CA ASN M 150 41.26 8.59 -3.70
C ASN M 150 39.86 9.17 -3.33
N ASP M 151 39.85 10.25 -2.55
CA ASP M 151 38.64 11.01 -2.22
C ASP M 151 37.63 10.23 -1.40
N GLY M 152 37.75 10.33 -0.08
CA GLY M 152 36.83 9.68 0.86
C GLY M 152 35.44 10.26 0.88
N MET M 153 35.35 11.58 0.65
CA MET M 153 34.04 12.26 0.60
C MET M 153 33.22 11.82 -0.60
N ARG M 154 33.88 11.53 -1.70
CA ARG M 154 33.19 11.04 -2.89
C ARG M 154 32.68 9.63 -2.64
N MET M 155 33.45 8.79 -1.97
CA MET M 155 32.95 7.43 -1.72
C MET M 155 31.78 7.46 -0.74
N LEU M 156 31.83 8.36 0.24
CA LEU M 156 30.73 8.50 1.18
C LEU M 156 29.49 8.98 0.43
N GLY M 157 29.67 9.91 -0.50
CA GLY M 157 28.58 10.39 -1.31
C GLY M 157 27.93 9.31 -2.13
N GLU M 158 28.72 8.33 -2.56
CA GLU M 158 28.19 7.24 -3.36
C GLU M 158 27.36 6.32 -2.53
N ILE M 159 27.77 6.12 -1.30
CA ILE M 159 27.05 5.27 -0.37
C ILE M 159 25.73 5.92 0.03
N VAL M 160 25.75 7.21 0.35
CA VAL M 160 24.52 7.97 0.61
C VAL M 160 23.55 7.85 -0.55
N GLU M 161 24.04 8.05 -1.74
CA GLU M 161 23.23 7.96 -2.94
C GLU M 161 22.55 6.59 -3.09
N ILE M 162 23.32 5.53 -2.86
CA ILE M 162 22.80 4.17 -3.02
C ILE M 162 21.79 3.86 -1.91
N TYR M 163 22.10 4.28 -0.69
CA TYR M 163 21.21 4.06 0.45
C TYR M 163 19.91 4.86 0.25
N ASN M 164 19.99 6.06 -0.33
CA ASN M 164 18.75 6.78 -0.65
C ASN M 164 17.98 6.03 -1.70
N ASN M 165 18.67 5.47 -2.69
CA ASN M 165 17.97 4.77 -3.79
C ASN M 165 17.10 3.64 -3.31
N TYR M 166 17.53 2.96 -2.27
CA TYR M 166 16.93 1.72 -1.84
C TYR M 166 16.31 1.76 -0.44
N GLY M 167 16.45 2.88 0.26
CA GLY M 167 15.87 3.01 1.60
C GLY M 167 16.26 1.86 2.51
N PHE M 168 17.52 1.46 2.45
CA PHE M 168 18.06 0.53 3.41
C PHE M 168 17.88 1.16 4.80
N GLU M 169 17.48 0.33 5.75
CA GLU M 169 17.25 0.75 7.13
C GLU M 169 18.56 1.15 7.79
N THR M 170 19.66 0.55 7.33
CA THR M 170 21.00 0.84 7.83
C THR M 170 21.28 2.32 7.77
N GLU M 171 21.85 2.84 8.86
CA GLU M 171 22.21 4.26 8.95
C GLU M 171 23.71 4.39 8.70
N ILE M 172 24.09 5.48 8.05
CA ILE M 172 25.46 5.74 7.68
C ILE M 172 26.10 6.64 8.71
N ILE M 173 27.16 6.14 9.34
CA ILE M 173 28.03 6.93 10.19
C ILE M 173 29.27 7.33 9.39
N ALA M 174 29.38 8.59 8.97
CA ALA M 174 30.64 9.09 8.42
C ALA M 174 31.72 9.01 9.50
N ALA M 175 32.71 8.17 9.27
CA ALA M 175 33.78 7.92 10.24
C ALA M 175 35.14 8.35 9.68
N SER M 176 36.18 8.20 10.47
CA SER M 176 37.49 8.72 10.14
C SER M 176 37.39 10.21 9.80
N ILE M 177 36.69 10.95 10.64
CA ILE M 177 36.51 12.39 10.45
C ILE M 177 37.67 13.10 11.14
N ARG M 178 38.30 14.02 10.42
CA ARG M 178 39.53 14.61 10.88
C ARG M 178 39.41 16.15 11.06
N HIS M 179 38.41 16.77 10.44
CA HIS M 179 38.32 18.23 10.45
C HIS M 179 36.93 18.71 10.14
N PRO M 180 36.65 19.99 10.43
CA PRO M 180 35.32 20.57 10.22
C PRO M 180 34.71 20.45 8.81
N MET M 181 35.50 20.55 7.76
CA MET M 181 34.92 20.42 6.39
C MET M 181 34.39 19.03 6.10
N HIS M 182 34.97 18.01 6.72
CA HIS M 182 34.42 16.67 6.62
C HIS M 182 32.99 16.69 7.15
N VAL M 183 32.78 17.36 8.29
CA VAL M 183 31.49 17.42 8.95
C VAL M 183 30.47 18.17 8.09
N VAL M 184 30.89 19.30 7.56
CA VAL M 184 30.03 20.16 6.75
C VAL M 184 29.70 19.50 5.42
N GLU M 185 30.68 18.88 4.77
CA GLU M 185 30.40 18.19 3.51
C GLU M 185 29.47 16.99 3.73
N ALA M 186 29.67 16.28 4.85
CA ALA M 186 28.83 15.14 5.18
C ALA M 186 27.38 15.58 5.44
N ALA M 187 27.24 16.72 6.11
CA ALA M 187 25.93 17.30 6.37
C ALA M 187 25.25 17.76 5.08
N LEU M 188 26.04 18.33 4.18
CA LEU M 188 25.51 18.80 2.90
C LEU M 188 24.99 17.66 2.02
N MET M 189 25.63 16.50 2.11
CA MET M 189 25.12 15.34 1.39
C MET M 189 24.05 14.57 2.18
N GLY M 190 23.82 14.92 3.45
CA GLY M 190 22.75 14.34 4.22
C GLY M 190 23.07 13.00 4.84
N VAL M 191 24.31 12.79 5.28
CA VAL M 191 24.68 11.59 6.02
C VAL M 191 23.82 11.51 7.30
N ASP M 192 23.49 10.31 7.73
CA ASP M 192 22.66 10.11 8.91
C ASP M 192 23.38 10.56 10.19
N ILE M 193 24.64 10.15 10.30
CA ILE M 193 25.43 10.35 11.52
C ILE M 193 26.85 10.71 11.15
N VAL M 194 27.46 11.59 11.93
CA VAL M 194 28.88 11.86 11.83
C VAL M 194 29.49 11.56 13.16
N THR M 195 30.51 10.70 13.18
CA THR M 195 31.24 10.45 14.41
C THR M 195 32.59 11.14 14.31
N MET M 196 32.97 11.88 15.35
CA MET M 196 34.15 12.74 15.30
C MET M 196 34.90 12.78 16.65
N PRO M 197 36.19 13.10 16.61
CA PRO M 197 36.91 13.40 17.85
C PRO M 197 36.35 14.65 18.52
N PHE M 198 36.53 14.74 19.80
CA PHE M 198 36.10 15.89 20.57
C PHE M 198 36.73 17.17 20.06
N ALA M 199 38.02 17.08 19.72
CA ALA M 199 38.78 18.22 19.21
C ALA M 199 38.17 18.83 17.97
N VAL M 200 37.57 18.00 17.11
CA VAL M 200 36.84 18.51 15.93
C VAL M 200 35.54 19.17 16.38
N LEU M 201 34.83 18.56 17.33
CA LEU M 201 33.59 19.15 17.83
C LEU M 201 33.83 20.55 18.36
N GLU M 202 34.87 20.69 19.17
CA GLU M 202 35.25 21.99 19.73
C GLU M 202 35.42 23.04 18.64
N LYS M 203 36.08 22.67 17.56
CA LYS M 203 36.30 23.58 16.43
C LYS M 203 34.99 24.07 15.82
N LEU M 204 33.98 23.22 15.80
CA LEU M 204 32.69 23.54 15.17
C LEU M 204 32.03 24.76 15.75
N PHE M 205 32.26 25.00 17.03
CA PHE M 205 31.67 26.16 17.72
C PHE M 205 32.22 27.46 17.22
N LYS M 206 33.48 27.42 16.76
CA LYS M 206 34.32 28.61 16.71
C LYS M 206 34.23 29.35 15.39
N HIS M 207 34.27 30.68 15.51
CA HIS M 207 34.48 31.56 14.38
C HIS M 207 35.02 32.90 14.86
N PRO M 208 36.00 33.45 14.15
CA PRO M 208 36.62 34.71 14.54
C PRO M 208 35.64 35.88 14.54
N MET M 209 34.65 35.84 13.65
CA MET M 209 33.65 36.90 13.55
C MET M 209 32.63 36.84 14.67
N THR M 210 32.39 35.62 15.18
CA THR M 210 31.63 35.45 16.41
C THR M 210 32.34 36.12 17.59
N ASP M 211 33.65 35.91 17.70
CA ASP M 211 34.45 36.53 18.78
C ASP M 211 34.44 38.06 18.69
N LEU M 212 34.57 38.59 17.47
CA LEU M 212 34.56 40.04 17.26
C LEU M 212 33.17 40.62 17.54
N GLY M 213 32.13 39.87 17.15
CA GLY M 213 30.75 40.25 17.45
C GLY M 213 30.52 40.37 18.95
N ILE M 214 31.04 39.42 19.71
CA ILE M 214 30.94 39.42 21.17
C ILE M 214 31.66 40.61 21.81
N GLU M 215 32.87 40.91 21.34
CA GLU M 215 33.60 42.08 21.83
C GLU M 215 32.80 43.36 21.51
N ARG M 216 32.21 43.42 20.32
CA ARG M 216 31.41 44.57 19.89
C ARG M 216 30.09 44.67 20.67
N HIS N 12 15.01 -1.94 -1.41
CA HIS N 12 15.85 -3.11 -1.22
C HIS N 12 16.44 -3.58 -2.58
N MET N 13 17.74 -3.34 -2.83
CA MET N 13 18.37 -3.89 -4.02
C MET N 13 18.52 -5.38 -3.80
N LYS N 14 18.17 -6.17 -4.81
CA LYS N 14 18.34 -7.61 -4.72
C LYS N 14 19.61 -8.02 -5.44
N ILE N 15 20.25 -9.05 -4.91
CA ILE N 15 21.36 -9.73 -5.58
C ILE N 15 20.93 -11.16 -5.88
N PHE N 16 21.00 -11.53 -7.15
CA PHE N 16 20.87 -12.90 -7.59
C PHE N 16 22.25 -13.42 -7.95
N LEU N 17 22.44 -14.73 -7.87
CA LEU N 17 23.68 -15.35 -8.36
C LEU N 17 23.47 -16.04 -9.70
N ASP N 18 24.39 -15.81 -10.63
CA ASP N 18 24.48 -16.62 -11.86
C ASP N 18 25.27 -17.89 -11.56
N THR N 19 24.56 -18.94 -11.17
CA THR N 19 25.21 -20.16 -10.75
C THR N 19 24.21 -21.30 -10.73
N ALA N 20 24.74 -22.51 -10.71
CA ALA N 20 24.01 -23.71 -10.32
C ALA N 20 24.74 -24.40 -9.16
N ASN N 21 25.82 -23.79 -8.66
CA ASN N 21 26.60 -24.42 -7.57
C ASN N 21 25.92 -24.16 -6.22
N LEU N 22 25.58 -25.23 -5.52
CA LEU N 22 24.79 -25.16 -4.29
C LEU N 22 25.60 -24.68 -3.06
N GLU N 23 26.91 -24.95 -3.07
CA GLU N 23 27.79 -24.45 -2.02
C GLU N 23 27.85 -22.91 -2.09
N GLU N 24 28.09 -22.36 -3.28
CA GLU N 24 28.15 -20.91 -3.39
C GLU N 24 26.79 -20.24 -3.07
N ILE N 25 25.68 -20.90 -3.41
CA ILE N 25 24.36 -20.43 -3.01
C ILE N 25 24.18 -20.49 -1.49
N LYS N 26 24.66 -21.57 -0.87
CA LYS N 26 24.61 -21.71 0.59
C LYS N 26 25.37 -20.57 1.28
N LYS N 27 26.60 -20.30 0.84
CA LYS N 27 27.37 -19.15 1.35
C LYS N 27 26.62 -17.83 1.14
N GLY N 28 26.04 -17.68 -0.05
CA GLY N 28 25.23 -16.51 -0.36
C GLY N 28 24.12 -16.29 0.64
N VAL N 29 23.39 -17.35 0.96
CA VAL N 29 22.29 -17.27 1.91
C VAL N 29 22.78 -17.15 3.36
N GLU N 30 23.87 -17.85 3.69
CA GLU N 30 24.52 -17.70 4.99
C GLU N 30 24.90 -16.22 5.26
N TRP N 31 25.34 -15.52 4.21
CA TRP N 31 25.66 -14.09 4.35
C TRP N 31 24.42 -13.22 4.43
N GLY N 32 23.27 -13.77 3.99
CA GLY N 32 22.01 -13.03 3.98
C GLY N 32 21.97 -11.96 2.92
N ILE N 33 22.66 -12.24 1.82
CA ILE N 33 22.92 -11.28 0.76
C ILE N 33 22.37 -11.71 -0.61
N VAL N 34 22.10 -13.00 -0.78
CA VAL N 34 21.59 -13.53 -2.05
C VAL N 34 20.10 -13.81 -1.92
N ASP N 35 19.34 -13.20 -2.83
CA ASP N 35 17.89 -13.21 -2.80
C ASP N 35 17.27 -14.17 -3.81
N GLY N 36 18.08 -14.64 -4.77
CA GLY N 36 17.62 -15.55 -5.79
C GLY N 36 18.77 -15.99 -6.69
N VAL N 37 18.42 -16.73 -7.74
CA VAL N 37 19.41 -17.36 -8.58
C VAL N 37 18.94 -17.31 -10.01
N THR N 38 19.87 -17.04 -10.93
CA THR N 38 19.57 -17.19 -12.36
C THR N 38 20.47 -18.30 -12.90
N THR N 39 19.88 -19.18 -13.70
CA THR N 39 20.50 -20.45 -14.08
C THR N 39 20.49 -20.65 -15.58
N ASN N 40 21.27 -21.64 -16.04
CA ASN N 40 21.26 -22.16 -17.43
C ASN N 40 21.83 -23.59 -17.42
N PRO N 41 21.54 -24.44 -18.40
CA PRO N 41 22.13 -25.80 -18.43
C PRO N 41 23.68 -25.88 -18.45
N THR N 42 24.33 -24.81 -18.88
CA THR N 42 25.79 -24.71 -18.83
C THR N 42 26.25 -24.83 -17.38
N LEU N 43 25.67 -24.02 -16.51
CA LEU N 43 25.99 -24.02 -15.08
C LEU N 43 25.54 -25.33 -14.47
N ILE N 44 24.24 -25.59 -14.66
CA ILE N 44 23.63 -26.85 -14.26
C ILE N 44 24.65 -27.97 -14.46
N SER N 45 25.12 -28.12 -15.70
CA SER N 45 25.99 -29.26 -16.03
C SER N 45 27.41 -29.12 -15.50
N LYS N 46 27.85 -27.88 -15.23
CA LYS N 46 29.09 -27.66 -14.48
C LYS N 46 29.17 -28.56 -13.23
N GLU N 47 28.04 -28.71 -12.54
CA GLU N 47 27.96 -29.40 -11.23
C GLU N 47 28.15 -30.92 -11.33
N PHE N 51 18.53 -31.79 -15.17
CA PHE N 51 17.37 -30.55 -15.64
C PHE N 51 16.89 -30.09 -14.18
N LYS N 52 15.42 -30.14 -14.21
CA LYS N 52 14.70 -29.59 -13.05
C LYS N 52 15.18 -30.01 -11.65
N GLN N 53 15.97 -31.27 -11.71
CA GLN N 53 16.52 -31.93 -10.51
C GLN N 53 17.45 -30.90 -9.55
N ARG N 54 18.25 -30.13 -10.66
CA ARG N 54 19.03 -28.99 -10.01
C ARG N 54 18.08 -27.95 -9.45
N VAL N 55 17.16 -27.47 -10.37
CA VAL N 55 16.32 -26.25 -10.17
C VAL N 55 15.53 -26.37 -8.87
N LYS N 56 15.01 -27.58 -8.59
CA LYS N 56 14.31 -27.85 -7.34
C LYS N 56 15.22 -27.67 -6.13
N GLU N 57 16.43 -28.22 -6.21
CA GLU N 57 17.41 -28.10 -5.14
C GLU N 57 17.75 -26.63 -4.86
N ILE N 58 17.93 -25.86 -5.92
CA ILE N 58 18.26 -24.42 -5.79
C ILE N 58 17.09 -23.62 -5.18
N CYS N 59 15.87 -23.90 -5.61
CA CYS N 59 14.69 -23.26 -5.03
C CYS N 59 14.62 -23.48 -3.53
N ASP N 60 14.77 -24.75 -3.11
CA ASP N 60 14.71 -25.08 -1.70
C ASP N 60 15.84 -24.44 -0.89
N LEU N 61 16.98 -24.17 -1.54
CA LEU N 61 18.11 -23.51 -0.84
C LEU N 61 17.96 -21.99 -0.77
N VAL N 62 17.67 -21.32 -1.90
CA VAL N 62 17.57 -19.84 -1.84
C VAL N 62 16.25 -19.37 -1.31
N LYS N 63 15.19 -20.17 -1.50
CA LYS N 63 13.83 -19.74 -1.16
C LYS N 63 13.58 -18.32 -1.67
N GLY N 64 13.80 -18.14 -2.96
CA GLY N 64 13.57 -16.88 -3.65
C GLY N 64 13.60 -17.16 -5.13
N PRO N 65 13.43 -16.12 -5.96
CA PRO N 65 13.28 -16.32 -7.42
C PRO N 65 14.44 -17.08 -8.06
N VAL N 66 14.09 -18.15 -8.77
CA VAL N 66 15.05 -18.97 -9.49
C VAL N 66 14.68 -19.00 -10.97
N SER N 67 15.44 -18.30 -11.79
CA SER N 67 15.14 -18.21 -13.22
C SER N 67 15.70 -19.42 -13.96
N ALA N 68 14.86 -20.06 -14.77
CA ALA N 68 15.27 -21.25 -15.49
C ALA N 68 14.72 -21.18 -16.90
N GLU N 69 15.56 -21.57 -17.86
CA GLU N 69 15.26 -21.41 -19.29
C GLU N 69 14.50 -22.61 -19.84
N VAL N 70 13.65 -22.34 -20.83
CA VAL N 70 12.93 -23.36 -21.59
C VAL N 70 13.74 -23.78 -22.81
N VAL N 71 13.42 -24.96 -23.35
CA VAL N 71 14.09 -25.50 -24.52
C VAL N 71 13.55 -24.86 -25.80
N SER N 72 12.23 -24.88 -25.95
CA SER N 72 11.58 -24.50 -27.21
C SER N 72 11.65 -22.99 -27.48
N LEU N 73 11.55 -22.64 -28.76
CA LEU N 73 11.54 -21.24 -29.17
C LEU N 73 10.21 -20.86 -29.87
N ASP N 74 9.37 -21.83 -30.20
CA ASP N 74 8.01 -21.54 -30.68
C ASP N 74 7.11 -21.23 -29.49
N TYR N 75 6.11 -20.42 -29.74
CA TYR N 75 5.15 -19.99 -28.75
C TYR N 75 4.53 -21.14 -27.98
N GLU N 76 3.99 -22.11 -28.71
CA GLU N 76 3.28 -23.26 -28.09
C GLU N 76 4.20 -24.08 -27.21
N GLY N 77 5.39 -24.41 -27.72
CA GLY N 77 6.39 -25.14 -26.98
C GLY N 77 6.88 -24.41 -25.74
N MET N 78 7.12 -23.10 -25.87
CA MET N 78 7.57 -22.32 -24.71
C MET N 78 6.54 -22.31 -23.58
N VAL N 79 5.28 -22.15 -23.94
CA VAL N 79 4.19 -22.11 -22.97
C VAL N 79 4.00 -23.46 -22.28
N ARG N 80 3.98 -24.50 -23.10
CA ARG N 80 3.92 -25.90 -22.67
C ARG N 80 4.98 -26.20 -21.59
N GLU N 81 6.23 -25.86 -21.92
CA GLU N 81 7.40 -26.12 -21.05
C GLU N 81 7.41 -25.25 -19.80
N ALA N 82 7.02 -23.99 -19.97
CA ALA N 82 6.91 -23.05 -18.86
C ALA N 82 5.97 -23.58 -17.79
N ARG N 83 4.83 -24.11 -18.22
CA ARG N 83 3.85 -24.67 -17.32
C ARG N 83 4.44 -25.82 -16.55
N GLU N 84 5.22 -26.65 -17.23
CA GLU N 84 5.88 -27.81 -16.61
C GLU N 84 6.92 -27.36 -15.59
N LEU N 85 7.78 -26.42 -15.97
CA LEU N 85 8.80 -25.90 -15.06
C LEU N 85 8.20 -25.19 -13.85
N ALA N 86 7.10 -24.49 -14.08
CA ALA N 86 6.42 -23.76 -13.00
C ALA N 86 5.93 -24.68 -11.89
N GLN N 87 5.55 -25.89 -12.27
CA GLN N 87 5.08 -26.89 -11.31
C GLN N 87 6.16 -27.40 -10.34
N ILE N 88 7.44 -27.16 -10.63
CA ILE N 88 8.53 -27.61 -9.77
C ILE N 88 8.53 -26.85 -8.43
N SER N 89 8.25 -25.55 -8.44
CA SER N 89 8.27 -24.77 -7.21
C SER N 89 7.62 -23.41 -7.43
N GLU N 90 7.07 -22.84 -6.38
CA GLU N 90 6.52 -21.50 -6.42
C GLU N 90 7.57 -20.42 -6.74
N TYR N 91 8.84 -20.73 -6.48
CA TYR N 91 9.95 -19.79 -6.68
C TYR N 91 10.50 -19.78 -8.12
N VAL N 92 10.12 -20.75 -8.95
CA VAL N 92 10.62 -20.80 -10.32
C VAL N 92 10.09 -19.64 -11.14
N VAL N 93 11.00 -19.01 -11.88
CA VAL N 93 10.68 -17.97 -12.83
C VAL N 93 11.18 -18.46 -14.18
N ILE N 94 10.35 -18.30 -15.22
CA ILE N 94 10.69 -18.87 -16.52
C ILE N 94 11.41 -17.83 -17.39
N LYS N 95 12.61 -18.19 -17.82
CA LYS N 95 13.42 -17.38 -18.71
C LYS N 95 12.87 -17.48 -20.13
N ILE N 96 12.52 -16.34 -20.71
CA ILE N 96 11.96 -16.28 -22.05
C ILE N 96 12.85 -15.37 -22.88
N PRO N 97 13.26 -15.79 -24.07
CA PRO N 97 14.15 -14.96 -24.89
C PRO N 97 13.30 -13.83 -25.46
N MET N 98 13.92 -12.67 -25.68
CA MET N 98 13.21 -11.53 -26.29
C MET N 98 12.93 -11.77 -27.78
N THR N 99 11.80 -12.38 -28.09
CA THR N 99 11.36 -12.50 -29.48
C THR N 99 9.87 -12.29 -29.53
N PRO N 100 9.30 -12.12 -30.73
CA PRO N 100 7.84 -12.04 -30.88
C PRO N 100 7.07 -13.15 -30.16
N ASP N 101 7.43 -14.42 -30.45
CA ASP N 101 6.84 -15.59 -29.81
C ASP N 101 7.05 -15.58 -28.28
N GLY N 102 8.25 -15.19 -27.85
CA GLY N 102 8.58 -15.02 -26.43
C GLY N 102 7.68 -14.03 -25.73
N ILE N 103 7.36 -12.93 -26.42
CA ILE N 103 6.47 -11.89 -25.89
C ILE N 103 5.04 -12.38 -25.84
N LYS N 104 4.64 -13.11 -26.87
CA LYS N 104 3.34 -13.74 -26.91
C LYS N 104 3.20 -14.69 -25.74
N ALA N 105 4.25 -15.46 -25.48
CA ALA N 105 4.29 -16.40 -24.37
C ALA N 105 4.16 -15.70 -23.02
N VAL N 106 4.83 -14.58 -22.88
CA VAL N 106 4.74 -13.77 -21.65
C VAL N 106 3.30 -13.32 -21.42
N LYS N 107 2.62 -12.85 -22.47
CA LYS N 107 1.22 -12.42 -22.27
C LYS N 107 0.42 -13.57 -21.71
N THR N 108 0.55 -14.75 -22.32
CA THR N 108 -0.19 -15.92 -21.88
C THR N 108 0.16 -16.37 -20.47
N LEU N 109 1.46 -16.48 -20.20
CA LEU N 109 1.91 -16.97 -18.91
C LEU N 109 1.61 -15.99 -17.76
N SER N 110 1.74 -14.69 -18.00
CA SER N 110 1.35 -13.68 -17.02
C SER N 110 -0.10 -13.85 -16.61
N ALA N 111 -0.97 -14.02 -17.60
CA ALA N 111 -2.40 -14.24 -17.36
C ALA N 111 -2.68 -15.49 -16.50
N GLU N 112 -1.80 -16.48 -16.54
CA GLU N 112 -1.92 -17.70 -15.73
C GLU N 112 -1.13 -17.66 -14.41
N GLY N 113 -0.59 -16.50 -14.05
CA GLY N 113 0.15 -16.35 -12.81
C GLY N 113 1.51 -17.01 -12.81
N ILE N 114 2.04 -17.29 -14.00
CA ILE N 114 3.37 -17.87 -14.14
C ILE N 114 4.37 -16.73 -14.35
N LYS N 115 5.38 -16.66 -13.49
CA LYS N 115 6.36 -15.57 -13.49
C LYS N 115 7.36 -15.76 -14.61
N THR N 116 7.77 -14.64 -15.23
CA THR N 116 8.64 -14.65 -16.40
C THR N 116 9.81 -13.66 -16.30
N ASN N 117 10.91 -14.05 -16.92
CA ASN N 117 12.10 -13.20 -16.97
C ASN N 117 12.54 -13.12 -18.42
N VAL N 118 12.29 -11.97 -19.05
CA VAL N 118 12.65 -11.81 -20.44
C VAL N 118 14.14 -11.50 -20.53
N THR N 119 14.86 -12.33 -21.28
CA THR N 119 16.31 -12.25 -21.37
C THR N 119 16.75 -11.92 -22.79
N LEU N 120 18.05 -11.77 -22.95
CA LEU N 120 18.63 -11.34 -24.22
C LEU N 120 18.09 -9.97 -24.68
N VAL N 121 18.04 -9.03 -23.74
CA VAL N 121 17.60 -7.71 -24.02
C VAL N 121 18.81 -6.80 -24.17
N PHE N 122 18.88 -6.13 -25.32
CA PHE N 122 20.00 -5.29 -25.68
C PHE N 122 19.60 -3.86 -26.05
N SER N 123 18.32 -3.55 -25.93
CA SER N 123 17.85 -2.19 -26.24
C SER N 123 16.69 -1.81 -25.34
N PRO N 124 16.54 -0.51 -25.06
CA PRO N 124 15.37 -0.02 -24.33
C PRO N 124 14.03 -0.28 -25.02
N ALA N 125 14.02 -0.36 -26.35
CA ALA N 125 12.80 -0.69 -27.07
C ALA N 125 12.31 -2.11 -26.71
N GLN N 126 13.23 -3.06 -26.72
CA GLN N 126 12.93 -4.40 -26.28
C GLN N 126 12.38 -4.41 -24.84
N ALA N 127 13.03 -3.67 -23.95
CA ALA N 127 12.60 -3.61 -22.53
C ALA N 127 11.19 -3.06 -22.33
N ILE N 128 10.77 -2.15 -23.20
CA ILE N 128 9.41 -1.60 -23.16
C ILE N 128 8.39 -2.69 -23.52
N LEU N 129 8.65 -3.42 -24.59
CA LEU N 129 7.78 -4.49 -24.98
C LEU N 129 7.65 -5.58 -23.93
N ALA N 130 8.77 -5.91 -23.30
CA ALA N 130 8.79 -6.90 -22.25
C ALA N 130 7.86 -6.47 -21.11
N ALA N 131 7.98 -5.23 -20.67
CA ALA N 131 7.14 -4.72 -19.59
C ALA N 131 5.68 -4.69 -19.97
N LYS N 132 5.41 -4.23 -21.20
CA LYS N 132 4.04 -4.12 -21.69
C LYS N 132 3.35 -5.50 -21.80
N ALA N 133 4.12 -6.53 -22.14
CA ALA N 133 3.57 -7.87 -22.23
C ALA N 133 3.29 -8.47 -20.86
N GLY N 134 3.86 -7.86 -19.82
CA GLY N 134 3.60 -8.25 -18.44
C GLY N 134 4.70 -9.07 -17.81
N ALA N 135 5.93 -8.97 -18.31
CA ALA N 135 7.03 -9.74 -17.76
C ALA N 135 7.22 -9.41 -16.28
N THR N 136 7.61 -10.42 -15.49
CA THR N 136 7.91 -10.21 -14.06
C THR N 136 9.23 -9.47 -13.95
N TYR N 137 10.19 -9.91 -14.77
CA TYR N 137 11.51 -9.37 -14.81
C TYR N 137 11.98 -9.19 -16.25
N VAL N 138 12.89 -8.24 -16.45
CA VAL N 138 13.67 -8.11 -17.70
C VAL N 138 15.12 -8.18 -17.34
N SER N 139 15.91 -8.78 -18.22
CA SER N 139 17.34 -8.92 -18.02
C SER N 139 18.13 -8.30 -19.19
N PRO N 140 18.46 -7.00 -19.09
CA PRO N 140 19.39 -6.36 -20.02
C PRO N 140 20.84 -6.86 -19.85
N PHE N 141 21.49 -7.16 -20.98
CA PHE N 141 22.83 -7.73 -21.00
C PHE N 141 23.89 -6.66 -21.09
N VAL N 142 24.35 -6.19 -19.94
CA VAL N 142 25.29 -5.07 -19.82
C VAL N 142 26.66 -5.38 -20.40
N GLY N 143 27.31 -6.42 -19.85
CA GLY N 143 28.69 -6.79 -20.23
C GLY N 143 28.85 -7.07 -21.71
N ARG N 144 27.87 -7.72 -22.31
CA ARG N 144 27.94 -8.05 -23.73
C ARG N 144 27.88 -6.78 -24.60
N MET N 145 27.07 -5.83 -24.20
CA MET N 145 27.00 -4.54 -24.90
C MET N 145 28.25 -3.71 -24.68
N ASP N 146 28.81 -3.75 -23.47
CA ASP N 146 30.06 -3.10 -23.17
C ASP N 146 31.17 -3.54 -24.10
N ASP N 147 31.20 -4.83 -24.41
CA ASP N 147 32.25 -5.41 -25.23
C ASP N 147 32.14 -5.06 -26.70
N LEU N 148 30.95 -4.62 -27.11
CA LEU N 148 30.75 -3.99 -28.42
C LEU N 148 31.21 -2.52 -28.44
N SER N 149 31.62 -2.03 -27.27
CA SER N 149 31.96 -0.63 -27.02
C SER N 149 30.76 0.31 -27.33
N ASN N 150 29.54 -0.22 -27.20
CA ASN N 150 28.30 0.56 -27.34
C ASN N 150 27.69 0.96 -25.98
N ASP N 151 28.43 0.68 -24.88
CA ASP N 151 28.09 1.12 -23.52
C ASP N 151 26.82 0.47 -22.98
N GLY N 152 26.97 -0.71 -22.37
CA GLY N 152 25.84 -1.41 -21.79
C GLY N 152 25.28 -0.75 -20.54
N MET N 153 26.08 -0.02 -19.78
CA MET N 153 25.55 0.67 -18.59
C MET N 153 24.67 1.89 -18.97
N ARG N 154 24.95 2.49 -20.11
CA ARG N 154 24.12 3.53 -20.65
C ARG N 154 22.73 2.97 -21.03
N MET N 155 22.74 1.82 -21.68
CA MET N 155 21.57 1.14 -22.14
C MET N 155 20.71 0.73 -20.96
N LEU N 156 21.35 0.26 -19.90
CA LEU N 156 20.67 -0.06 -18.65
C LEU N 156 20.05 1.16 -17.99
N GLY N 157 20.80 2.27 -18.00
CA GLY N 157 20.32 3.52 -17.46
C GLY N 157 19.11 4.02 -18.18
N GLU N 158 19.02 3.79 -19.49
CA GLU N 158 17.86 4.22 -20.28
C GLU N 158 16.62 3.42 -19.91
N ILE N 159 16.80 2.12 -19.70
CA ILE N 159 15.70 1.25 -19.32
C ILE N 159 15.18 1.60 -17.90
N VAL N 160 16.10 1.81 -16.97
CA VAL N 160 15.76 2.26 -15.64
C VAL N 160 14.97 3.56 -15.68
N GLU N 161 15.43 4.50 -16.50
CA GLU N 161 14.74 5.78 -16.65
C GLU N 161 13.31 5.59 -17.16
N ILE N 162 13.16 4.77 -18.19
CA ILE N 162 11.87 4.52 -18.80
C ILE N 162 10.94 3.84 -17.84
N TYR N 163 11.44 2.83 -17.15
CA TYR N 163 10.61 2.10 -16.18
C TYR N 163 10.22 3.00 -15.00
N ASN N 164 11.08 3.95 -14.60
CA ASN N 164 10.68 4.94 -13.60
C ASN N 164 9.60 5.84 -14.12
N ASN N 165 9.65 6.21 -15.39
CA ASN N 165 8.66 7.14 -15.96
C ASN N 165 7.25 6.56 -15.94
N TYR N 166 7.14 5.26 -16.12
CA TYR N 166 5.84 4.63 -16.28
C TYR N 166 5.44 3.68 -15.16
N GLY N 167 6.36 3.42 -14.23
CA GLY N 167 6.10 2.49 -13.12
C GLY N 167 5.62 1.13 -13.57
N PHE N 168 6.20 0.61 -14.65
CA PHE N 168 5.93 -0.79 -15.04
C PHE N 168 6.22 -1.65 -13.83
N GLU N 169 5.37 -2.63 -13.58
CA GLU N 169 5.56 -3.57 -12.46
C GLU N 169 6.82 -4.46 -12.67
N THR N 170 7.17 -4.69 -13.93
CA THR N 170 8.38 -5.43 -14.30
C THR N 170 9.60 -4.88 -13.56
N GLU N 171 10.41 -5.80 -13.03
CA GLU N 171 11.63 -5.44 -12.32
C GLU N 171 12.83 -5.73 -13.18
N ILE N 172 13.82 -4.85 -13.10
CA ILE N 172 14.99 -4.97 -13.94
C ILE N 172 16.04 -5.77 -13.22
N ILE N 173 16.52 -6.81 -13.89
CA ILE N 173 17.74 -7.51 -13.49
C ILE N 173 18.90 -7.10 -14.39
N ALA N 174 19.82 -6.30 -13.86
CA ALA N 174 21.08 -6.05 -14.52
C ALA N 174 21.82 -7.38 -14.70
N ALA N 175 21.97 -7.83 -15.94
CA ALA N 175 22.59 -9.13 -16.26
C ALA N 175 23.86 -8.94 -17.05
N SER N 176 24.54 -10.06 -17.34
CA SER N 176 25.84 -10.06 -17.96
C SER N 176 26.78 -9.12 -17.20
N ILE N 177 26.80 -9.30 -15.86
CA ILE N 177 27.62 -8.50 -14.93
C ILE N 177 28.96 -9.20 -14.77
N ARG N 178 30.04 -8.45 -14.96
CA ARG N 178 31.38 -9.04 -15.08
C ARG N 178 32.32 -8.60 -13.97
N HIS N 179 32.04 -7.49 -13.29
CA HIS N 179 32.99 -6.93 -12.33
C HIS N 179 32.28 -5.97 -11.36
N PRO N 180 32.95 -5.61 -10.26
CA PRO N 180 32.36 -4.77 -9.23
C PRO N 180 31.83 -3.41 -9.64
N MET N 181 32.45 -2.73 -10.61
CA MET N 181 31.92 -1.41 -11.04
C MET N 181 30.54 -1.50 -11.73
N HIS N 182 30.29 -2.60 -12.45
CA HIS N 182 28.96 -2.88 -13.02
C HIS N 182 27.93 -2.84 -11.90
N VAL N 183 28.24 -3.48 -10.78
CA VAL N 183 27.32 -3.55 -9.64
C VAL N 183 27.10 -2.18 -9.00
N VAL N 184 28.20 -1.46 -8.78
CA VAL N 184 28.15 -0.12 -8.16
C VAL N 184 27.41 0.89 -9.06
N GLU N 185 27.72 0.89 -10.36
CA GLU N 185 27.00 1.77 -11.27
C GLU N 185 25.53 1.40 -11.36
N ALA N 186 25.22 0.11 -11.37
CA ALA N 186 23.82 -0.35 -11.38
C ALA N 186 23.09 0.11 -10.11
N ALA N 187 23.77 0.01 -8.98
CA ALA N 187 23.19 0.47 -7.72
C ALA N 187 22.98 1.97 -7.72
N LEU N 188 23.93 2.72 -8.28
CA LEU N 188 23.86 4.18 -8.28
C LEU N 188 22.71 4.68 -9.11
N MET N 189 22.34 3.93 -10.15
CA MET N 189 21.16 4.28 -10.97
C MET N 189 19.87 3.68 -10.41
N GLY N 190 20.00 2.79 -9.42
CA GLY N 190 18.84 2.22 -8.72
C GLY N 190 18.17 1.06 -9.44
N VAL N 191 18.95 0.19 -10.08
CA VAL N 191 18.36 -1.01 -10.70
C VAL N 191 17.78 -1.88 -9.60
N ASP N 192 16.72 -2.61 -9.93
CA ASP N 192 16.02 -3.39 -8.92
C ASP N 192 16.89 -4.52 -8.41
N ILE N 193 17.51 -5.21 -9.35
CA ILE N 193 18.22 -6.43 -9.06
C ILE N 193 19.46 -6.46 -9.92
N VAL N 194 20.54 -6.97 -9.34
CA VAL N 194 21.74 -7.30 -10.09
C VAL N 194 21.98 -8.78 -9.93
N THR N 195 22.13 -9.47 -11.06
CA THR N 195 22.49 -10.87 -11.06
C THR N 195 23.98 -10.96 -11.46
N MET N 196 24.78 -11.68 -10.67
CA MET N 196 26.22 -11.73 -10.87
C MET N 196 26.80 -13.09 -10.60
N PRO N 197 27.94 -13.40 -11.21
CA PRO N 197 28.73 -14.56 -10.78
C PRO N 197 29.19 -14.48 -9.32
N PHE N 198 29.36 -15.63 -8.69
CA PHE N 198 29.80 -15.71 -7.31
C PHE N 198 31.16 -15.02 -7.13
N ALA N 199 32.05 -15.24 -8.11
CA ALA N 199 33.37 -14.62 -8.15
C ALA N 199 33.28 -13.09 -7.99
N VAL N 200 32.29 -12.46 -8.65
CA VAL N 200 32.09 -11.02 -8.53
C VAL N 200 31.63 -10.69 -7.12
N LEU N 201 30.69 -11.46 -6.59
CA LEU N 201 30.19 -11.24 -5.23
C LEU N 201 31.31 -11.23 -4.22
N GLU N 202 32.18 -12.23 -4.32
CA GLU N 202 33.33 -12.32 -3.43
C GLU N 202 34.17 -11.06 -3.46
N LYS N 203 34.38 -10.50 -4.66
CA LYS N 203 35.15 -9.27 -4.82
C LYS N 203 34.57 -8.11 -4.03
N LEU N 204 33.24 -8.03 -3.98
CA LEU N 204 32.54 -6.91 -3.32
C LEU N 204 32.86 -6.79 -1.81
N PHE N 205 33.20 -7.91 -1.18
CA PHE N 205 33.60 -7.89 0.24
C PHE N 205 34.92 -7.16 0.49
N LYS N 206 35.78 -7.18 -0.53
CA LYS N 206 37.21 -6.97 -0.34
C LYS N 206 37.66 -5.52 -0.51
N HIS N 207 38.57 -5.10 0.36
CA HIS N 207 39.29 -3.84 0.22
C HIS N 207 40.63 -3.91 0.98
N PRO N 208 41.71 -3.43 0.36
CA PRO N 208 43.02 -3.47 0.98
C PRO N 208 43.10 -2.70 2.30
N MET N 209 42.32 -1.63 2.41
CA MET N 209 42.30 -0.83 3.62
C MET N 209 41.56 -1.53 4.76
N THR N 210 40.57 -2.35 4.41
CA THR N 210 39.89 -3.19 5.38
C THR N 210 40.90 -4.15 5.99
N ASP N 211 41.70 -4.77 5.15
CA ASP N 211 42.72 -5.72 5.61
C ASP N 211 43.78 -5.10 6.50
N LEU N 212 44.21 -3.88 6.14
CA LEU N 212 45.18 -3.13 6.94
C LEU N 212 44.56 -2.72 8.27
N GLY N 213 43.30 -2.30 8.25
CA GLY N 213 42.58 -1.93 9.48
C GLY N 213 42.53 -3.09 10.43
N ILE N 214 42.25 -4.28 9.88
CA ILE N 214 42.19 -5.50 10.67
C ILE N 214 43.54 -5.86 11.30
N GLU N 215 44.61 -5.72 10.52
CA GLU N 215 45.95 -5.92 11.06
C GLU N 215 46.25 -4.92 12.18
N ARG N 216 45.84 -3.66 12.00
CA ARG N 216 46.09 -2.64 13.02
C ARG N 216 45.32 -2.93 14.32
N PHE N 217 44.44 -3.93 14.32
CA PHE N 217 43.94 -4.56 15.57
C PHE N 217 45.11 -5.08 16.40
N MET N 218 45.72 -6.18 15.96
CA MET N 218 46.82 -6.87 16.69
C MET N 218 47.85 -5.91 17.30
N HIS O 11 -0.93 4.72 -16.62
CA HIS O 11 0.43 4.64 -15.98
C HIS O 11 1.45 4.07 -16.98
N HIS O 12 1.29 2.78 -17.33
CA HIS O 12 1.92 2.17 -18.50
C HIS O 12 1.93 3.04 -19.77
N MET O 13 3.05 3.00 -20.47
CA MET O 13 3.14 3.59 -21.76
C MET O 13 2.24 2.80 -22.70
N LYS O 14 1.40 3.49 -23.47
CA LYS O 14 0.52 2.81 -24.40
C LYS O 14 1.17 2.90 -25.78
N ILE O 15 0.96 1.84 -26.58
CA ILE O 15 1.34 1.83 -27.99
C ILE O 15 0.06 1.68 -28.80
N PHE O 16 -0.17 2.62 -29.73
CA PHE O 16 -1.19 2.46 -30.76
C PHE O 16 -0.54 2.16 -32.11
N LEU O 17 -1.31 1.56 -33.01
CA LEU O 17 -0.84 1.32 -34.36
C LEU O 17 -1.47 2.31 -35.30
N ASP O 18 -0.66 2.89 -36.19
CA ASP O 18 -1.11 3.66 -37.35
C ASP O 18 -1.41 2.72 -38.49
N THR O 19 -2.64 2.25 -38.59
CA THR O 19 -2.96 1.18 -39.51
C THR O 19 -4.48 1.05 -39.66
N ALA O 20 -4.92 0.43 -40.75
CA ALA O 20 -6.27 -0.12 -40.86
C ALA O 20 -6.21 -1.59 -41.21
N ASN O 21 -5.03 -2.19 -41.15
CA ASN O 21 -4.85 -3.59 -41.48
C ASN O 21 -5.08 -4.53 -40.28
N LEU O 22 -6.07 -5.41 -40.42
CA LEU O 22 -6.57 -6.18 -39.29
C LEU O 22 -5.64 -7.31 -38.88
N GLU O 23 -4.84 -7.79 -39.82
CA GLU O 23 -3.85 -8.84 -39.54
C GLU O 23 -2.77 -8.27 -38.64
N GLU O 24 -2.27 -7.08 -38.99
CA GLU O 24 -1.26 -6.44 -38.16
C GLU O 24 -1.78 -6.02 -36.78
N ILE O 25 -3.05 -5.68 -36.71
CA ILE O 25 -3.68 -5.37 -35.43
C ILE O 25 -3.84 -6.65 -34.60
N LYS O 26 -4.21 -7.75 -35.24
CA LYS O 26 -4.34 -9.04 -34.57
C LYS O 26 -2.99 -9.46 -33.99
N LYS O 27 -1.95 -9.22 -34.78
CA LYS O 27 -0.58 -9.56 -34.41
C LYS O 27 -0.13 -8.71 -33.24
N GLY O 28 -0.53 -7.44 -33.24
CA GLY O 28 -0.34 -6.54 -32.12
C GLY O 28 -1.01 -6.92 -30.83
N VAL O 29 -2.26 -7.38 -30.91
CA VAL O 29 -2.99 -7.81 -29.71
C VAL O 29 -2.52 -9.19 -29.21
N GLU O 30 -2.19 -10.10 -30.13
CA GLU O 30 -1.56 -11.41 -29.81
C GLU O 30 -0.33 -11.19 -28.92
N TRP O 31 0.46 -10.17 -29.29
CA TRP O 31 1.68 -9.84 -28.55
C TRP O 31 1.38 -9.15 -27.21
N GLY O 32 0.17 -8.61 -27.07
CA GLY O 32 -0.25 -7.96 -25.82
C GLY O 32 0.39 -6.61 -25.65
N ILE O 33 0.69 -6.00 -26.79
CA ILE O 33 1.52 -4.82 -26.89
C ILE O 33 0.78 -3.60 -27.41
N VAL O 34 -0.28 -3.82 -28.18
CA VAL O 34 -1.03 -2.74 -28.83
C VAL O 34 -2.29 -2.44 -28.03
N ASP O 35 -2.46 -1.18 -27.67
CA ASP O 35 -3.59 -0.76 -26.84
C ASP O 35 -4.68 -0.07 -27.61
N GLY O 36 -4.37 0.38 -28.81
CA GLY O 36 -5.32 1.14 -29.61
C GLY O 36 -4.85 1.23 -31.05
N VAL O 37 -5.61 1.95 -31.86
CA VAL O 37 -5.26 2.18 -33.26
C VAL O 37 -5.57 3.62 -33.58
N THR O 38 -4.75 4.24 -34.43
CA THR O 38 -5.11 5.50 -35.08
C THR O 38 -5.24 5.22 -36.55
N THR O 39 -6.25 5.84 -37.16
CA THR O 39 -6.70 5.52 -38.51
C THR O 39 -6.83 6.78 -39.40
N ASN O 40 -6.92 6.56 -40.74
CA ASN O 40 -7.31 7.57 -41.76
C ASN O 40 -7.93 6.82 -43.01
N PRO O 41 -8.72 7.47 -43.86
CA PRO O 41 -9.24 6.80 -45.10
C PRO O 41 -8.20 6.24 -46.09
N THR O 42 -7.00 6.81 -46.14
CA THR O 42 -5.94 6.34 -47.07
C THR O 42 -5.58 4.89 -46.81
N LEU O 43 -5.63 4.53 -45.52
CA LEU O 43 -5.36 3.20 -45.02
C LEU O 43 -6.61 2.30 -45.15
N ILE O 44 -7.76 2.88 -44.76
CA ILE O 44 -9.07 2.25 -44.87
C ILE O 44 -9.34 1.83 -46.30
N SER O 45 -8.88 2.63 -47.26
CA SER O 45 -8.93 2.27 -48.68
C SER O 45 -7.63 1.62 -49.11
N LYS O 46 -6.55 1.89 -48.38
CA LYS O 46 -5.28 1.16 -48.56
C LYS O 46 -5.56 -0.35 -48.62
N GLU O 47 -6.46 -0.83 -47.75
CA GLU O 47 -6.78 -2.25 -47.66
C GLU O 47 -8.15 -2.57 -48.35
N GLY O 48 -8.84 -1.53 -48.82
CA GLY O 48 -9.97 -1.71 -49.75
C GLY O 48 -11.32 -1.75 -49.07
N ALA O 49 -11.55 -0.83 -48.11
CA ALA O 49 -12.69 -0.92 -47.17
C ALA O 49 -13.48 0.38 -46.96
N GLU O 50 -14.80 0.24 -46.75
CA GLU O 50 -15.66 1.37 -46.33
C GLU O 50 -15.28 1.93 -44.89
N PHE O 51 -15.60 3.20 -44.66
CA PHE O 51 -14.99 3.90 -43.51
C PHE O 51 -15.51 3.40 -42.16
N LYS O 52 -16.84 3.52 -41.98
CA LYS O 52 -17.51 3.18 -40.71
C LYS O 52 -17.41 1.68 -40.46
N GLN O 53 -17.60 0.87 -41.51
CA GLN O 53 -17.45 -0.59 -41.44
C GLN O 53 -16.06 -1.05 -40.99
N ARG O 54 -15.04 -0.32 -41.37
CA ARG O 54 -13.66 -0.66 -41.04
C ARG O 54 -13.34 -0.31 -39.59
N VAL O 55 -13.82 0.85 -39.17
CA VAL O 55 -13.64 1.34 -37.82
C VAL O 55 -14.27 0.40 -36.79
N LYS O 56 -15.46 -0.12 -37.10
CA LYS O 56 -16.16 -1.11 -36.30
C LYS O 56 -15.31 -2.34 -36.11
N GLU O 57 -14.81 -2.88 -37.20
CA GLU O 57 -14.01 -4.11 -37.20
C GLU O 57 -12.74 -3.95 -36.37
N ILE O 58 -12.12 -2.79 -36.47
CA ILE O 58 -10.93 -2.46 -35.69
C ILE O 58 -11.23 -2.33 -34.19
N CYS O 59 -12.35 -1.70 -33.83
CA CYS O 59 -12.76 -1.59 -32.44
C CYS O 59 -12.92 -2.94 -31.80
N ASP O 60 -13.63 -3.81 -32.50
CA ASP O 60 -13.91 -5.17 -32.07
C ASP O 60 -12.61 -5.94 -31.82
N LEU O 61 -11.61 -5.67 -32.63
CA LEU O 61 -10.35 -6.37 -32.57
C LEU O 61 -9.40 -5.84 -31.50
N VAL O 62 -9.18 -4.52 -31.45
CA VAL O 62 -8.27 -3.96 -30.41
C VAL O 62 -8.90 -3.80 -29.06
N LYS O 63 -10.21 -3.58 -29.03
CA LYS O 63 -10.91 -3.29 -27.78
C LYS O 63 -10.13 -2.25 -26.97
N GLY O 64 -9.84 -1.16 -27.64
CA GLY O 64 -9.13 -0.04 -27.06
C GLY O 64 -9.38 1.13 -27.97
N PRO O 65 -8.92 2.31 -27.55
CA PRO O 65 -9.13 3.54 -28.33
C PRO O 65 -8.79 3.41 -29.83
N VAL O 66 -9.76 3.75 -30.67
CA VAL O 66 -9.58 3.76 -32.11
C VAL O 66 -9.93 5.16 -32.67
N SER O 67 -8.89 5.92 -33.05
CA SER O 67 -9.05 7.30 -33.56
C SER O 67 -9.50 7.30 -35.00
N ALA O 68 -10.57 8.02 -35.30
CA ALA O 68 -11.11 8.07 -36.63
C ALA O 68 -11.51 9.52 -36.97
N GLU O 69 -11.14 9.96 -38.16
CA GLU O 69 -11.27 11.38 -38.55
C GLU O 69 -12.64 11.65 -39.17
N VAL O 70 -13.09 12.88 -39.00
CA VAL O 70 -14.32 13.40 -39.57
C VAL O 70 -14.04 14.08 -40.92
N VAL O 71 -15.05 14.16 -41.77
CA VAL O 71 -14.89 14.78 -43.08
C VAL O 71 -14.89 16.30 -42.98
N SER O 72 -15.91 16.84 -42.31
CA SER O 72 -16.14 18.29 -42.30
C SER O 72 -15.08 19.06 -41.54
N LEU O 73 -14.94 20.33 -41.89
CA LEU O 73 -14.03 21.25 -41.21
C LEU O 73 -14.74 22.40 -40.48
N ASP O 74 -16.03 22.59 -40.75
CA ASP O 74 -16.80 23.56 -40.03
C ASP O 74 -17.26 22.93 -38.73
N TYR O 75 -17.43 23.76 -37.72
CA TYR O 75 -17.82 23.31 -36.39
C TYR O 75 -19.05 22.42 -36.39
N GLU O 76 -20.13 22.89 -37.02
CA GLU O 76 -21.42 22.19 -37.01
C GLU O 76 -21.30 20.80 -37.65
N GLY O 77 -20.66 20.74 -38.81
CA GLY O 77 -20.47 19.48 -39.49
C GLY O 77 -19.54 18.55 -38.75
N MET O 78 -18.48 19.07 -38.13
CA MET O 78 -17.61 18.21 -37.31
C MET O 78 -18.39 17.58 -36.15
N VAL O 79 -19.21 18.36 -35.47
CA VAL O 79 -19.91 17.84 -34.29
C VAL O 79 -20.95 16.84 -34.74
N ARG O 80 -21.69 17.19 -35.79
CA ARG O 80 -22.67 16.26 -36.38
C ARG O 80 -22.07 14.89 -36.72
N GLU O 81 -20.91 14.89 -37.38
CA GLU O 81 -20.25 13.66 -37.82
C GLU O 81 -19.62 12.92 -36.66
N ALA O 82 -19.08 13.65 -35.71
CA ALA O 82 -18.51 13.03 -34.48
C ALA O 82 -19.56 12.23 -33.73
N ARG O 83 -20.76 12.78 -33.59
CA ARG O 83 -21.85 12.07 -32.89
C ARG O 83 -22.23 10.80 -33.62
N GLU O 84 -22.16 10.85 -34.95
CA GLU O 84 -22.46 9.70 -35.79
C GLU O 84 -21.39 8.62 -35.67
N LEU O 85 -20.13 9.01 -35.73
CA LEU O 85 -19.03 8.05 -35.57
C LEU O 85 -19.02 7.47 -34.18
N ALA O 86 -19.30 8.30 -33.18
CA ALA O 86 -19.23 7.87 -31.79
C ALA O 86 -20.24 6.75 -31.50
N GLN O 87 -21.34 6.74 -32.24
CA GLN O 87 -22.32 5.67 -32.08
C GLN O 87 -21.85 4.29 -32.54
N ILE O 88 -20.77 4.22 -33.33
CA ILE O 88 -20.25 2.94 -33.83
C ILE O 88 -19.77 2.05 -32.68
N SER O 89 -19.09 2.64 -31.70
CA SER O 89 -18.49 1.85 -30.64
C SER O 89 -18.02 2.75 -29.50
N GLU O 90 -18.07 2.23 -28.29
CA GLU O 90 -17.56 2.93 -27.10
C GLU O 90 -16.07 3.25 -27.23
N TYR O 91 -15.34 2.53 -28.08
CA TYR O 91 -13.89 2.75 -28.27
C TYR O 91 -13.51 3.85 -29.25
N VAL O 92 -14.44 4.29 -30.05
CA VAL O 92 -14.16 5.30 -31.06
C VAL O 92 -13.75 6.60 -30.42
N VAL O 93 -12.69 7.20 -30.94
CA VAL O 93 -12.21 8.50 -30.54
C VAL O 93 -12.18 9.34 -31.78
N ILE O 94 -12.72 10.55 -31.70
CA ILE O 94 -12.89 11.39 -32.85
C ILE O 94 -11.63 12.26 -33.08
N LYS O 95 -11.01 12.11 -34.25
CA LYS O 95 -9.86 12.95 -34.65
C LYS O 95 -10.40 14.30 -35.12
N ILE O 96 -9.91 15.36 -34.48
CA ILE O 96 -10.28 16.73 -34.84
C ILE O 96 -8.99 17.49 -35.16
N PRO O 97 -8.94 18.17 -36.30
CA PRO O 97 -7.76 18.95 -36.65
C PRO O 97 -7.64 20.15 -35.73
N MET O 98 -6.41 20.55 -35.46
CA MET O 98 -6.17 21.69 -34.60
C MET O 98 -6.53 22.99 -35.33
N THR O 99 -7.78 23.46 -35.15
CA THR O 99 -8.26 24.73 -35.70
C THR O 99 -9.21 25.35 -34.72
N PRO O 100 -9.49 26.63 -34.84
CA PRO O 100 -10.50 27.26 -33.99
C PRO O 100 -11.81 26.46 -33.91
N ASP O 101 -12.41 26.15 -35.04
CA ASP O 101 -13.63 25.36 -35.08
C ASP O 101 -13.45 23.96 -34.48
N GLY O 102 -12.29 23.36 -34.73
CA GLY O 102 -11.97 22.07 -34.14
C GLY O 102 -11.94 22.15 -32.62
N ILE O 103 -11.42 23.25 -32.09
CA ILE O 103 -11.36 23.45 -30.65
C ILE O 103 -12.74 23.74 -30.08
N LYS O 104 -13.55 24.47 -30.83
CA LYS O 104 -14.93 24.69 -30.45
C LYS O 104 -15.67 23.34 -30.37
N ALA O 105 -15.44 22.48 -31.36
CA ALA O 105 -16.04 21.14 -31.42
C ALA O 105 -15.58 20.27 -30.24
N VAL O 106 -14.32 20.40 -29.88
CA VAL O 106 -13.78 19.67 -28.68
C VAL O 106 -14.53 20.08 -27.42
N LYS O 107 -14.71 21.37 -27.20
CA LYS O 107 -15.46 21.84 -26.03
C LYS O 107 -16.84 21.22 -26.00
N THR O 108 -17.54 21.24 -27.12
CA THR O 108 -18.86 20.68 -27.20
C THR O 108 -18.85 19.19 -26.97
N LEU O 109 -18.01 18.49 -27.72
CA LEU O 109 -17.99 17.03 -27.69
C LEU O 109 -17.57 16.50 -26.31
N SER O 110 -16.60 17.16 -25.66
CA SER O 110 -16.21 16.76 -24.28
C SER O 110 -17.37 16.83 -23.32
N ALA O 111 -18.16 17.89 -23.43
CA ALA O 111 -19.35 18.06 -22.59
C ALA O 111 -20.43 16.96 -22.80
N GLU O 112 -20.47 16.33 -23.98
CA GLU O 112 -21.37 15.20 -24.19
C GLU O 112 -20.73 13.82 -24.09
N GLY O 113 -19.57 13.74 -23.43
CA GLY O 113 -18.95 12.45 -23.23
C GLY O 113 -18.38 11.80 -24.52
N ILE O 114 -18.12 12.59 -25.56
CA ILE O 114 -17.50 12.05 -26.77
C ILE O 114 -16.00 12.30 -26.76
N LYS O 115 -15.21 11.24 -26.91
CA LYS O 115 -13.75 11.34 -26.80
C LYS O 115 -13.13 11.95 -28.05
N THR O 116 -12.13 12.81 -27.83
CA THR O 116 -11.49 13.59 -28.90
C THR O 116 -9.99 13.38 -28.94
N ASN O 117 -9.46 13.45 -30.16
CA ASN O 117 -8.03 13.41 -30.40
C ASN O 117 -7.70 14.57 -31.30
N VAL O 118 -7.09 15.60 -30.74
CA VAL O 118 -6.71 16.75 -31.57
C VAL O 118 -5.38 16.48 -32.26
N THR O 119 -5.43 16.57 -33.58
CA THR O 119 -4.36 16.16 -34.42
C THR O 119 -3.81 17.36 -35.18
N LEU O 120 -2.73 17.15 -35.91
CA LEU O 120 -2.03 18.21 -36.66
C LEU O 120 -1.49 19.31 -35.76
N VAL O 121 -0.87 18.86 -34.66
CA VAL O 121 -0.31 19.76 -33.65
C VAL O 121 1.18 19.84 -33.86
N PHE O 122 1.67 21.05 -34.09
CA PHE O 122 3.08 21.29 -34.37
C PHE O 122 3.74 22.28 -33.43
N SER O 123 3.03 22.71 -32.39
CA SER O 123 3.61 23.64 -31.44
C SER O 123 3.04 23.38 -30.07
N PRO O 124 3.77 23.77 -29.04
CA PRO O 124 3.27 23.69 -27.66
C PRO O 124 2.09 24.61 -27.37
N ALA O 125 1.99 25.72 -28.07
CA ALA O 125 0.87 26.64 -27.88
C ALA O 125 -0.42 25.98 -28.32
N GLN O 126 -0.40 25.29 -29.44
CA GLN O 126 -1.55 24.53 -29.89
C GLN O 126 -1.95 23.48 -28.89
N ALA O 127 -0.97 22.74 -28.37
CA ALA O 127 -1.22 21.68 -27.38
C ALA O 127 -1.85 22.17 -26.08
N ILE O 128 -1.52 23.40 -25.68
CA ILE O 128 -2.17 23.98 -24.49
C ILE O 128 -3.64 24.17 -24.77
N LEU O 129 -3.95 24.76 -25.91
CA LEU O 129 -5.32 25.01 -26.26
C LEU O 129 -6.11 23.72 -26.30
N ALA O 130 -5.51 22.69 -26.87
CA ALA O 130 -6.18 21.39 -26.99
C ALA O 130 -6.58 20.87 -25.62
N ALA O 131 -5.64 20.90 -24.68
CA ALA O 131 -5.89 20.45 -23.34
C ALA O 131 -6.93 21.32 -22.66
N LYS O 132 -6.84 22.64 -22.81
CA LYS O 132 -7.79 23.53 -22.14
C LYS O 132 -9.19 23.30 -22.65
N ALA O 133 -9.32 22.97 -23.93
CA ALA O 133 -10.66 22.77 -24.53
C ALA O 133 -11.26 21.43 -24.09
N GLY O 134 -10.42 20.58 -23.52
CA GLY O 134 -10.87 19.30 -22.94
C GLY O 134 -10.61 18.08 -23.81
N ALA O 135 -9.60 18.13 -24.67
CA ALA O 135 -9.31 17.02 -25.56
C ALA O 135 -8.96 15.78 -24.76
N THR O 136 -9.40 14.62 -25.22
CA THR O 136 -9.01 13.40 -24.55
C THR O 136 -7.51 13.16 -24.84
N TYR O 137 -7.13 13.33 -26.11
CA TYR O 137 -5.78 13.14 -26.59
C TYR O 137 -5.35 14.34 -27.41
N VAL O 138 -4.05 14.57 -27.46
CA VAL O 138 -3.41 15.46 -28.42
C VAL O 138 -2.34 14.65 -29.16
N SER O 139 -2.18 14.89 -30.45
CA SER O 139 -1.25 14.18 -31.30
C SER O 139 -0.28 15.18 -31.95
N PRO O 140 0.85 15.50 -31.28
CA PRO O 140 1.96 16.25 -31.90
C PRO O 140 2.69 15.42 -32.97
N PHE O 141 2.97 16.04 -34.12
CA PHE O 141 3.58 15.37 -35.28
C PHE O 141 5.08 15.56 -35.29
N VAL O 142 5.76 14.60 -34.72
CA VAL O 142 7.19 14.62 -34.48
C VAL O 142 8.01 14.52 -35.78
N GLY O 143 7.78 13.47 -36.55
CA GLY O 143 8.53 13.22 -37.78
C GLY O 143 8.40 14.29 -38.84
N ARG O 144 7.23 14.91 -38.94
CA ARG O 144 7.07 16.01 -39.91
C ARG O 144 7.85 17.26 -39.50
N MET O 145 7.91 17.55 -38.21
CA MET O 145 8.74 18.64 -37.69
C MET O 145 10.23 18.36 -37.87
N ASP O 146 10.63 17.12 -37.57
CA ASP O 146 11.99 16.68 -37.78
C ASP O 146 12.45 16.96 -39.20
N ASP O 147 11.55 16.72 -40.16
CA ASP O 147 11.87 16.90 -41.60
C ASP O 147 12.13 18.34 -41.97
N LEU O 148 11.56 19.26 -41.21
CA LEU O 148 11.81 20.67 -41.40
C LEU O 148 13.11 21.09 -40.70
N SER O 149 13.78 20.14 -40.02
CA SER O 149 14.99 20.40 -39.22
C SER O 149 14.73 21.35 -38.06
N ASN O 150 13.46 21.47 -37.65
CA ASN O 150 13.11 22.27 -36.48
C ASN O 150 12.89 21.42 -35.22
N ASP O 151 13.29 20.14 -35.25
CA ASP O 151 13.36 19.26 -34.07
C ASP O 151 11.98 18.91 -33.46
N GLY O 152 11.33 17.87 -33.95
CA GLY O 152 10.02 17.48 -33.45
C GLY O 152 10.09 16.85 -32.06
N MET O 153 11.19 16.20 -31.74
CA MET O 153 11.32 15.59 -30.41
C MET O 153 11.42 16.68 -29.33
N ARG O 154 12.04 17.79 -29.67
CA ARG O 154 12.16 18.92 -28.76
C ARG O 154 10.81 19.54 -28.52
N MET O 155 9.98 19.69 -29.55
CA MET O 155 8.67 20.25 -29.36
C MET O 155 7.75 19.31 -28.59
N LEU O 156 7.90 18.00 -28.78
CA LEU O 156 7.18 17.02 -28.02
C LEU O 156 7.59 17.10 -26.57
N GLY O 157 8.88 17.27 -26.31
CA GLY O 157 9.38 17.44 -24.96
C GLY O 157 8.85 18.66 -24.25
N GLU O 158 8.60 19.72 -25.01
CA GLU O 158 8.05 20.94 -24.45
C GLU O 158 6.62 20.73 -24.04
N ILE O 159 5.88 19.95 -24.83
CA ILE O 159 4.49 19.66 -24.52
C ILE O 159 4.41 18.72 -23.31
N VAL O 160 5.21 17.68 -23.29
CA VAL O 160 5.24 16.80 -22.12
C VAL O 160 5.51 17.61 -20.83
N GLU O 161 6.49 18.49 -20.89
CA GLU O 161 6.85 19.36 -19.79
C GLU O 161 5.69 20.22 -19.29
N ILE O 162 5.00 20.86 -20.22
CA ILE O 162 3.90 21.73 -19.90
C ILE O 162 2.79 20.92 -19.29
N TYR O 163 2.48 19.77 -19.90
CA TYR O 163 1.40 18.94 -19.41
C TYR O 163 1.72 18.40 -18.01
N ASN O 164 3.00 18.10 -17.76
CA ASN O 164 3.42 17.75 -16.41
C ASN O 164 3.21 18.87 -15.41
N ASN O 165 3.51 20.09 -15.84
CA ASN O 165 3.39 21.24 -14.98
C ASN O 165 1.98 21.50 -14.50
N TYR O 166 0.96 21.16 -15.30
CA TYR O 166 -0.41 21.50 -15.00
C TYR O 166 -1.33 20.31 -14.82
N GLY O 167 -0.85 19.11 -15.05
CA GLY O 167 -1.69 17.93 -14.90
C GLY O 167 -2.95 17.94 -15.73
N PHE O 168 -2.87 18.44 -16.97
CA PHE O 168 -4.01 18.37 -17.89
C PHE O 168 -4.42 16.91 -18.04
N GLU O 169 -5.69 16.58 -18.00
CA GLU O 169 -6.09 15.19 -18.14
C GLU O 169 -5.82 14.63 -19.55
N THR O 170 -5.71 15.53 -20.52
CA THR O 170 -5.33 15.19 -21.87
C THR O 170 -4.07 14.35 -21.93
N GLU O 171 -4.14 13.28 -22.73
CA GLU O 171 -3.02 12.37 -22.88
C GLU O 171 -2.33 12.68 -24.21
N ILE O 172 -1.00 12.61 -24.18
CA ILE O 172 -0.19 12.89 -25.37
C ILE O 172 0.04 11.61 -26.18
N ILE O 173 -0.36 11.68 -27.45
CA ILE O 173 0.04 10.69 -28.43
C ILE O 173 1.20 11.24 -29.26
N ALA O 174 2.43 10.77 -29.02
CA ALA O 174 3.50 11.05 -29.99
C ALA O 174 3.14 10.44 -31.35
N ALA O 175 2.90 11.30 -32.33
CA ALA O 175 2.47 10.86 -33.66
C ALA O 175 3.54 11.23 -34.72
N SER O 176 3.30 10.81 -35.96
CA SER O 176 4.28 10.96 -37.04
C SER O 176 5.59 10.31 -36.61
N ILE O 177 5.48 9.09 -36.09
CA ILE O 177 6.62 8.29 -35.61
C ILE O 177 7.15 7.46 -36.78
N ARG O 178 8.45 7.54 -37.01
CA ARG O 178 9.09 7.09 -38.23
C ARG O 178 10.05 5.96 -38.00
N HIS O 179 10.57 5.85 -36.78
CA HIS O 179 11.67 4.90 -36.53
C HIS O 179 11.84 4.66 -35.03
N PRO O 180 12.53 3.58 -34.69
CA PRO O 180 12.72 3.23 -33.27
C PRO O 180 13.21 4.28 -32.29
N MET O 181 14.10 5.17 -32.70
CA MET O 181 14.64 6.15 -31.76
C MET O 181 13.60 7.21 -31.39
N HIS O 182 12.65 7.49 -32.28
CA HIS O 182 11.49 8.27 -31.91
C HIS O 182 10.78 7.66 -30.70
N VAL O 183 10.59 6.33 -30.73
CA VAL O 183 9.85 5.60 -29.68
C VAL O 183 10.63 5.68 -28.38
N VAL O 184 11.92 5.42 -28.45
CA VAL O 184 12.79 5.39 -27.29
C VAL O 184 12.87 6.75 -26.67
N GLU O 185 13.08 7.78 -27.51
CA GLU O 185 13.17 9.14 -27.00
C GLU O 185 11.86 9.64 -26.42
N ALA O 186 10.76 9.25 -27.02
CA ALA O 186 9.44 9.56 -26.44
C ALA O 186 9.26 8.86 -25.10
N ALA O 187 9.70 7.61 -25.01
CA ALA O 187 9.62 6.83 -23.77
C ALA O 187 10.46 7.43 -22.66
N LEU O 188 11.65 7.90 -23.03
CA LEU O 188 12.59 8.52 -22.08
C LEU O 188 12.04 9.82 -21.48
N MET O 189 11.23 10.55 -22.26
CA MET O 189 10.54 11.73 -21.80
C MET O 189 9.29 11.45 -21.04
N GLY O 190 8.76 10.25 -21.23
CA GLY O 190 7.56 9.83 -20.53
C GLY O 190 6.29 10.26 -21.21
N VAL O 191 6.23 10.27 -22.53
CA VAL O 191 4.99 10.50 -23.23
C VAL O 191 3.98 9.42 -22.87
N ASP O 192 2.70 9.76 -22.91
CA ASP O 192 1.64 8.82 -22.49
C ASP O 192 1.51 7.67 -23.47
N ILE O 193 1.50 8.01 -24.74
CA ILE O 193 1.20 7.07 -25.80
C ILE O 193 2.12 7.36 -26.97
N VAL O 194 2.55 6.31 -27.65
CA VAL O 194 3.20 6.46 -28.92
C VAL O 194 2.36 5.70 -29.94
N THR O 195 2.05 6.36 -31.05
CA THR O 195 1.36 5.69 -32.15
C THR O 195 2.31 5.59 -33.33
N MET O 196 2.42 4.39 -33.89
CA MET O 196 3.49 4.07 -34.81
C MET O 196 3.05 3.08 -35.88
N PRO O 197 3.57 3.17 -37.09
CA PRO O 197 3.37 2.10 -38.09
C PRO O 197 3.82 0.72 -37.60
N PHE O 198 3.18 -0.33 -38.12
CA PHE O 198 3.50 -1.71 -37.77
C PHE O 198 4.95 -2.03 -38.07
N ALA O 199 5.45 -1.55 -39.19
CA ALA O 199 6.84 -1.76 -39.57
C ALA O 199 7.82 -1.26 -38.51
N VAL O 200 7.50 -0.16 -37.83
CA VAL O 200 8.31 0.35 -36.72
C VAL O 200 8.23 -0.60 -35.52
N LEU O 201 7.00 -1.05 -35.21
CA LEU O 201 6.81 -1.95 -34.10
C LEU O 201 7.61 -3.25 -34.29
N GLU O 202 7.56 -3.82 -35.49
CA GLU O 202 8.37 -4.99 -35.81
C GLU O 202 9.85 -4.76 -35.49
N LYS O 203 10.39 -3.60 -35.85
CA LYS O 203 11.80 -3.29 -35.58
C LYS O 203 12.12 -3.29 -34.10
N LEU O 204 11.18 -2.85 -33.27
CA LEU O 204 11.39 -2.78 -31.82
C LEU O 204 11.77 -4.09 -31.17
N PHE O 205 11.31 -5.20 -31.75
CA PHE O 205 11.64 -6.55 -31.26
C PHE O 205 13.08 -6.93 -31.47
N LYS O 206 13.71 -6.36 -32.49
CA LYS O 206 14.91 -6.94 -33.09
C LYS O 206 16.21 -6.38 -32.51
N HIS O 207 17.20 -7.27 -32.41
CA HIS O 207 18.57 -6.90 -32.11
C HIS O 207 19.50 -8.03 -32.56
N PRO O 208 20.60 -7.69 -33.23
CA PRO O 208 21.52 -8.68 -33.76
C PRO O 208 22.17 -9.55 -32.66
N MET O 209 22.29 -8.96 -31.46
CA MET O 209 22.82 -9.66 -30.29
C MET O 209 21.84 -10.68 -29.73
N THR O 210 20.56 -10.35 -29.82
CA THR O 210 19.52 -11.32 -29.48
C THR O 210 19.59 -12.55 -30.40
N ASP O 211 19.79 -12.32 -31.69
CA ASP O 211 19.89 -13.41 -32.67
C ASP O 211 21.10 -14.28 -32.43
N LEU O 212 22.22 -13.67 -32.10
CA LEU O 212 23.46 -14.39 -31.82
C LEU O 212 23.31 -15.17 -30.52
N GLY O 213 22.65 -14.55 -29.54
CA GLY O 213 22.38 -15.21 -28.28
C GLY O 213 21.57 -16.47 -28.48
N ILE O 214 20.56 -16.39 -29.35
CA ILE O 214 19.71 -17.56 -29.66
C ILE O 214 20.47 -18.67 -30.41
N GLU O 215 21.33 -18.32 -31.35
CA GLU O 215 22.19 -19.30 -32.01
C GLU O 215 23.11 -19.97 -30.99
N ARG O 216 23.65 -19.19 -30.05
CA ARG O 216 24.55 -19.72 -29.01
C ARG O 216 23.85 -20.59 -28.00
N PHE O 217 22.60 -20.30 -27.65
CA PHE O 217 21.90 -21.15 -26.68
C PHE O 217 21.29 -22.39 -27.36
N MET O 218 21.14 -22.35 -28.68
CA MET O 218 20.77 -23.54 -29.45
C MET O 218 21.88 -24.58 -29.50
N GLU O 219 23.05 -24.17 -29.99
CA GLU O 219 24.18 -25.11 -30.04
C GLU O 219 24.26 -25.92 -28.72
N ASP O 220 23.93 -25.27 -27.60
CA ASP O 220 23.86 -25.94 -26.29
C ASP O 220 22.55 -26.73 -26.12
N HIS P 11 34.72 42.06 -36.70
CA HIS P 11 34.45 41.25 -35.47
C HIS P 11 33.42 41.86 -34.53
N HIS P 12 33.31 43.20 -34.54
CA HIS P 12 32.16 43.92 -34.00
C HIS P 12 30.83 43.36 -34.55
N MET P 13 29.83 43.42 -33.70
CA MET P 13 28.48 43.10 -34.09
C MET P 13 27.99 44.20 -34.98
N LYS P 14 27.39 43.84 -36.10
CA LYS P 14 26.82 44.82 -36.99
C LYS P 14 25.33 44.96 -36.73
N ILE P 15 24.83 46.17 -36.90
CA ILE P 15 23.40 46.47 -36.91
C ILE P 15 23.03 47.01 -38.28
N PHE P 16 22.08 46.36 -38.94
CA PHE P 16 21.46 46.87 -40.16
C PHE P 16 20.07 47.33 -39.79
N LEU P 17 19.52 48.25 -40.60
CA LEU P 17 18.17 48.72 -40.42
C LEU P 17 17.27 48.11 -41.46
N ASP P 18 16.10 47.61 -41.05
CA ASP P 18 14.98 47.22 -41.94
C ASP P 18 14.19 48.40 -42.30
N THR P 19 14.57 49.10 -43.36
CA THR P 19 13.90 50.35 -43.70
C THR P 19 14.23 50.72 -45.14
N ALA P 20 13.44 51.65 -45.66
CA ALA P 20 13.84 52.44 -46.81
C ALA P 20 13.76 53.94 -46.47
N ASN P 21 13.54 54.29 -45.22
CA ASN P 21 13.41 55.70 -44.84
C ASN P 21 14.80 56.29 -44.66
N LEU P 22 15.10 57.36 -45.37
CA LEU P 22 16.44 57.94 -45.37
C LEU P 22 16.74 58.78 -44.10
N GLU P 23 15.70 59.34 -43.47
CA GLU P 23 15.87 60.09 -42.20
C GLU P 23 16.36 59.13 -41.14
N GLU P 24 15.66 58.02 -41.02
CA GLU P 24 16.02 56.98 -40.06
C GLU P 24 17.44 56.45 -40.25
N ILE P 25 17.81 56.22 -41.51
CA ILE P 25 19.15 55.80 -41.85
C ILE P 25 20.20 56.89 -41.53
N LYS P 26 19.86 58.17 -41.81
CA LYS P 26 20.76 59.29 -41.49
C LYS P 26 20.96 59.37 -39.97
N LYS P 27 19.89 59.19 -39.20
CA LYS P 27 20.02 59.14 -37.74
C LYS P 27 20.92 57.98 -37.30
N GLY P 28 20.67 56.82 -37.90
CA GLY P 28 21.47 55.65 -37.65
C GLY P 28 22.94 55.87 -37.90
N VAL P 29 23.29 56.55 -38.99
CA VAL P 29 24.70 56.80 -39.31
C VAL P 29 25.28 57.96 -38.47
N GLU P 30 24.46 58.96 -38.16
CA GLU P 30 24.85 60.01 -37.18
C GLU P 30 25.24 59.44 -35.81
N TRP P 31 24.53 58.39 -35.41
CA TRP P 31 24.80 57.69 -34.16
C TRP P 31 26.01 56.80 -34.27
N GLY P 32 26.39 56.46 -35.51
CA GLY P 32 27.55 55.65 -35.76
C GLY P 32 27.30 54.22 -35.34
N ILE P 33 26.05 53.81 -35.43
CA ILE P 33 25.67 52.46 -35.01
C ILE P 33 25.09 51.60 -36.11
N VAL P 34 24.69 52.22 -37.23
CA VAL P 34 24.11 51.47 -38.34
C VAL P 34 25.15 51.20 -39.42
N ASP P 35 25.33 49.92 -39.73
CA ASP P 35 26.35 49.46 -40.65
C ASP P 35 25.84 49.14 -42.05
N GLY P 36 24.54 49.01 -42.19
CA GLY P 36 23.96 48.65 -43.46
C GLY P 36 22.46 48.70 -43.37
N VAL P 37 21.78 48.29 -44.45
CA VAL P 37 20.32 48.34 -44.55
C VAL P 37 19.83 47.10 -45.24
N THR P 38 18.69 46.58 -44.81
CA THR P 38 17.96 45.56 -45.56
C THR P 38 16.64 46.16 -45.97
N THR P 39 16.26 45.88 -47.20
CA THR P 39 15.23 46.63 -47.90
C THR P 39 14.18 45.67 -48.57
N ASN P 40 13.00 46.21 -48.93
CA ASN P 40 11.98 45.53 -49.75
C ASN P 40 11.09 46.59 -50.43
N PRO P 41 10.29 46.25 -51.46
CA PRO P 41 9.39 47.23 -52.13
C PRO P 41 8.32 47.95 -51.28
N THR P 42 7.68 47.25 -50.34
CA THR P 42 6.69 47.87 -49.42
C THR P 42 7.26 49.16 -48.80
N LEU P 43 8.46 49.02 -48.23
CA LEU P 43 9.19 50.06 -47.51
C LEU P 43 9.58 51.26 -48.38
N ILE P 44 10.05 50.92 -49.59
CA ILE P 44 10.39 51.88 -50.65
C ILE P 44 9.14 52.58 -51.17
N SER P 45 8.06 51.79 -51.32
CA SER P 45 6.77 52.30 -51.77
C SER P 45 6.17 53.20 -50.71
N LYS P 46 6.33 52.79 -49.43
CA LYS P 46 5.73 53.54 -48.32
C LYS P 46 6.29 54.99 -48.20
N GLU P 47 7.53 55.16 -48.65
CA GLU P 47 8.20 56.46 -48.68
C GLU P 47 7.94 57.23 -49.98
N GLY P 48 7.24 56.60 -50.93
CA GLY P 48 6.85 57.24 -52.20
C GLY P 48 7.99 57.29 -53.20
N ALA P 49 8.72 56.17 -53.32
CA ALA P 49 9.96 56.11 -54.11
C ALA P 49 10.05 54.89 -55.05
N GLU P 50 10.69 55.06 -56.22
CA GLU P 50 10.99 53.95 -57.16
C GLU P 50 12.09 53.08 -56.55
N PHE P 51 12.18 51.83 -57.01
CA PHE P 51 12.99 50.80 -56.37
C PHE P 51 14.50 51.13 -56.44
N LYS P 52 15.07 51.00 -57.63
CA LYS P 52 16.44 51.42 -57.86
C LYS P 52 16.34 52.92 -57.93
N GLN P 53 17.19 53.59 -57.16
CA GLN P 53 17.08 55.04 -56.87
C GLN P 53 17.06 55.14 -55.38
N ARG P 54 16.06 54.49 -54.77
CA ARG P 54 16.02 54.38 -53.32
C ARG P 54 17.18 53.52 -52.91
N VAL P 55 17.44 52.46 -53.67
CA VAL P 55 18.57 51.62 -53.36
C VAL P 55 19.87 52.41 -53.54
N LYS P 56 19.98 53.20 -54.61
CA LYS P 56 21.17 54.06 -54.79
C LYS P 56 21.30 55.07 -53.67
N GLU P 57 20.19 55.73 -53.36
CA GLU P 57 20.15 56.75 -52.31
C GLU P 57 20.59 56.21 -50.95
N ILE P 58 20.12 55.00 -50.65
CA ILE P 58 20.45 54.31 -49.39
C ILE P 58 21.93 53.90 -49.32
N CYS P 59 22.44 53.36 -50.42
CA CYS P 59 23.85 53.03 -50.53
C CYS P 59 24.73 54.23 -50.27
N ASP P 60 24.40 55.36 -50.90
CA ASP P 60 25.16 56.61 -50.72
C ASP P 60 25.14 57.11 -49.28
N LEU P 61 24.05 56.83 -48.59
CA LEU P 61 23.85 57.28 -47.23
C LEU P 61 24.55 56.38 -46.20
N VAL P 62 24.29 55.08 -46.27
CA VAL P 62 24.81 54.16 -45.26
C VAL P 62 26.26 53.70 -45.59
N LYS P 63 26.64 53.70 -46.87
CA LYS P 63 27.98 53.33 -47.28
C LYS P 63 28.38 52.03 -46.59
N GLY P 64 27.48 51.08 -46.71
CA GLY P 64 27.64 49.76 -46.13
C GLY P 64 26.66 48.88 -46.85
N PRO P 65 26.63 47.60 -46.52
CA PRO P 65 25.78 46.59 -47.21
C PRO P 65 24.30 46.96 -47.26
N VAL P 66 23.76 47.02 -48.47
CA VAL P 66 22.35 47.32 -48.66
C VAL P 66 21.72 46.14 -49.43
N SER P 67 20.89 45.37 -48.73
CA SER P 67 20.30 44.19 -49.29
C SER P 67 19.03 44.54 -50.08
N ALA P 68 18.93 44.05 -51.31
CA ALA P 68 17.80 44.37 -52.18
C ALA P 68 17.35 43.13 -52.93
N GLU P 69 16.04 42.95 -53.00
CA GLU P 69 15.40 41.78 -53.57
C GLU P 69 15.29 41.82 -55.07
N VAL P 70 15.37 40.66 -55.71
CA VAL P 70 15.03 40.56 -57.16
C VAL P 70 13.56 40.17 -57.33
N VAL P 71 13.03 40.41 -58.51
CA VAL P 71 11.66 40.07 -58.83
C VAL P 71 11.54 38.58 -59.15
N SER P 72 12.39 38.07 -60.02
CA SER P 72 12.21 36.73 -60.57
C SER P 72 12.49 35.64 -59.56
N LEU P 73 11.90 34.47 -59.81
CA LEU P 73 12.13 33.28 -58.99
C LEU P 73 12.81 32.15 -59.75
N ASP P 74 12.88 32.25 -61.06
CA ASP P 74 13.62 31.25 -61.84
C ASP P 74 15.07 31.63 -61.85
N TYR P 75 15.94 30.62 -61.92
CA TYR P 75 17.39 30.81 -61.84
C TYR P 75 17.94 31.86 -62.82
N GLU P 76 17.52 31.75 -64.09
CA GLU P 76 18.02 32.64 -65.14
C GLU P 76 17.60 34.10 -64.90
N GLY P 77 16.34 34.33 -64.56
CA GLY P 77 15.85 35.65 -64.20
C GLY P 77 16.48 36.23 -62.94
N MET P 78 16.67 35.42 -61.90
CA MET P 78 17.32 35.90 -60.68
C MET P 78 18.73 36.40 -60.97
N VAL P 79 19.49 35.64 -61.75
CA VAL P 79 20.89 36.01 -62.06
C VAL P 79 20.93 37.27 -62.95
N ARG P 80 20.12 37.26 -63.99
CA ARG P 80 19.99 38.42 -64.88
C ARG P 80 19.70 39.72 -64.08
N GLU P 81 18.76 39.68 -63.15
CA GLU P 81 18.39 40.85 -62.37
C GLU P 81 19.42 41.20 -61.30
N ALA P 82 20.03 40.18 -60.73
CA ALA P 82 21.10 40.38 -59.73
C ALA P 82 22.26 41.18 -60.33
N ARG P 83 22.64 40.83 -61.56
CA ARG P 83 23.72 41.53 -62.23
C ARG P 83 23.35 42.99 -62.45
N GLU P 84 22.10 43.25 -62.79
CA GLU P 84 21.59 44.60 -63.02
C GLU P 84 21.59 45.39 -61.72
N LEU P 85 21.09 44.81 -60.64
CA LEU P 85 21.08 45.51 -59.37
C LEU P 85 22.49 45.75 -58.85
N ALA P 86 23.39 44.79 -59.05
CA ALA P 86 24.79 44.92 -58.57
C ALA P 86 25.46 46.14 -59.19
N GLN P 87 25.07 46.46 -60.42
CA GLN P 87 25.64 47.62 -61.11
C GLN P 87 25.36 48.95 -60.43
N ILE P 88 24.31 49.02 -59.61
CA ILE P 88 23.92 50.30 -58.96
C ILE P 88 25.00 50.82 -58.01
N SER P 89 25.64 49.91 -57.28
CA SER P 89 26.61 50.31 -56.28
C SER P 89 27.38 49.13 -55.76
N GLU P 90 28.62 49.36 -55.40
CA GLU P 90 29.47 48.38 -54.75
C GLU P 90 28.83 47.79 -53.48
N TYR P 91 27.99 48.57 -52.84
CA TYR P 91 27.34 48.18 -51.56
C TYR P 91 26.14 47.26 -51.69
N VAL P 92 25.58 47.15 -52.88
CA VAL P 92 24.36 46.37 -53.04
C VAL P 92 24.67 44.89 -52.81
N VAL P 93 23.80 44.26 -52.02
CA VAL P 93 23.79 42.84 -51.77
C VAL P 93 22.44 42.35 -52.31
N ILE P 94 22.46 41.22 -53.02
CA ILE P 94 21.27 40.71 -53.67
C ILE P 94 20.54 39.68 -52.77
N LYS P 95 19.29 40.01 -52.42
CA LYS P 95 18.48 39.12 -51.62
C LYS P 95 17.97 37.98 -52.53
N ILE P 96 18.24 36.74 -52.11
CA ILE P 96 17.84 35.53 -52.83
C ILE P 96 16.99 34.67 -51.89
N PRO P 97 15.81 34.23 -52.30
CA PRO P 97 14.99 33.41 -51.42
C PRO P 97 15.64 32.02 -51.35
N MET P 98 15.47 31.35 -50.20
CA MET P 98 16.03 30.03 -50.05
C MET P 98 15.25 29.00 -50.84
N THR P 99 15.66 28.77 -52.07
CA THR P 99 15.07 27.75 -52.95
C THR P 99 16.19 27.08 -53.74
N PRO P 100 15.92 25.93 -54.36
CA PRO P 100 16.93 25.27 -55.20
C PRO P 100 17.50 26.20 -56.29
N ASP P 101 16.63 26.89 -57.02
CA ASP P 101 17.04 27.86 -58.03
C ASP P 101 17.78 29.04 -57.43
N GLY P 102 17.33 29.52 -56.27
CA GLY P 102 18.05 30.55 -55.53
C GLY P 102 19.45 30.13 -55.13
N ILE P 103 19.62 28.87 -54.76
CA ILE P 103 20.93 28.33 -54.37
C ILE P 103 21.84 28.20 -55.59
N LYS P 104 21.26 27.79 -56.69
CA LYS P 104 21.94 27.74 -57.96
C LYS P 104 22.44 29.14 -58.32
N ALA P 105 21.57 30.12 -58.16
CA ALA P 105 21.92 31.51 -58.45
C ALA P 105 23.07 31.99 -57.55
N VAL P 106 23.09 31.58 -56.29
CA VAL P 106 24.14 32.01 -55.37
C VAL P 106 25.48 31.42 -55.81
N LYS P 107 25.48 30.18 -56.27
CA LYS P 107 26.71 29.55 -56.77
C LYS P 107 27.27 30.38 -57.95
N THR P 108 26.39 30.73 -58.87
CA THR P 108 26.77 31.54 -60.01
C THR P 108 27.25 32.93 -59.60
N LEU P 109 26.44 33.63 -58.81
CA LEU P 109 26.73 35.04 -58.47
C LEU P 109 27.98 35.18 -57.60
N SER P 110 28.19 34.25 -56.67
CA SER P 110 29.42 34.23 -55.88
C SER P 110 30.66 34.16 -56.75
N ALA P 111 30.63 33.29 -57.75
CA ALA P 111 31.74 33.13 -58.69
C ALA P 111 32.03 34.40 -59.46
N GLU P 112 31.01 35.24 -59.66
CA GLU P 112 31.18 36.54 -60.35
C GLU P 112 31.46 37.72 -59.41
N GLY P 113 31.65 37.44 -58.11
CA GLY P 113 31.90 38.51 -57.16
C GLY P 113 30.72 39.35 -56.75
N ILE P 114 29.51 38.84 -57.00
CA ILE P 114 28.30 39.53 -56.57
C ILE P 114 27.82 39.00 -55.20
N LYS P 115 27.63 39.93 -54.27
CA LYS P 115 27.28 39.55 -52.90
C LYS P 115 25.80 39.18 -52.80
N THR P 116 25.53 38.16 -51.97
CA THR P 116 24.20 37.58 -51.86
C THR P 116 23.80 37.49 -50.42
N ASN P 117 22.50 37.58 -50.22
CA ASN P 117 21.89 37.42 -48.91
C ASN P 117 20.74 36.43 -49.09
N VAL P 118 20.92 35.20 -48.61
CA VAL P 118 19.88 34.20 -48.70
C VAL P 118 18.89 34.41 -47.55
N THR P 119 17.64 34.56 -47.95
CA THR P 119 16.59 34.99 -47.08
C THR P 119 15.50 33.92 -47.01
N LEU P 120 14.51 34.15 -46.15
CA LEU P 120 13.44 33.16 -45.86
C LEU P 120 14.03 31.81 -45.44
N VAL P 121 14.92 31.89 -44.45
CA VAL P 121 15.59 30.77 -43.84
C VAL P 121 14.97 30.47 -42.47
N PHE P 122 14.42 29.26 -42.34
CA PHE P 122 13.67 28.85 -41.14
C PHE P 122 14.20 27.55 -40.56
N SER P 123 15.27 27.01 -41.13
CA SER P 123 15.88 25.79 -40.58
C SER P 123 17.39 25.82 -40.70
N PRO P 124 18.07 25.22 -39.75
CA PRO P 124 19.53 25.06 -39.83
C PRO P 124 20.03 24.34 -41.12
N ALA P 125 19.24 23.41 -41.63
CA ALA P 125 19.55 22.70 -42.86
C ALA P 125 19.62 23.66 -44.03
N GLN P 126 18.64 24.56 -44.09
CA GLN P 126 18.66 25.57 -45.14
C GLN P 126 19.92 26.43 -45.04
N ALA P 127 20.27 26.82 -43.82
CA ALA P 127 21.47 27.67 -43.56
C ALA P 127 22.77 27.02 -43.98
N ILE P 128 22.82 25.70 -43.83
CA ILE P 128 24.00 24.96 -44.29
C ILE P 128 24.15 25.08 -45.77
N LEU P 129 23.09 24.76 -46.50
CA LEU P 129 23.13 24.85 -47.97
C LEU P 129 23.45 26.29 -48.45
N ALA P 130 22.91 27.31 -47.79
CA ALA P 130 23.24 28.69 -48.14
C ALA P 130 24.74 28.94 -48.03
N ALA P 131 25.33 28.60 -46.89
CA ALA P 131 26.78 28.79 -46.70
C ALA P 131 27.60 27.95 -47.68
N LYS P 132 27.20 26.71 -47.92
CA LYS P 132 27.92 25.87 -48.89
C LYS P 132 27.88 26.41 -50.32
N ALA P 133 26.75 27.00 -50.71
CA ALA P 133 26.62 27.59 -52.06
C ALA P 133 27.49 28.84 -52.20
N GLY P 134 27.91 29.40 -51.06
CA GLY P 134 28.77 30.57 -51.00
C GLY P 134 28.04 31.89 -50.77
N ALA P 135 26.90 31.85 -50.10
CA ALA P 135 26.20 33.06 -49.74
C ALA P 135 27.09 34.01 -48.94
N THR P 136 26.92 35.31 -49.19
CA THR P 136 27.65 36.32 -48.41
C THR P 136 27.05 36.41 -47.02
N TYR P 137 25.73 36.39 -46.98
CA TYR P 137 24.95 36.43 -45.75
C TYR P 137 23.82 35.41 -45.82
N VAL P 138 23.34 34.97 -44.65
CA VAL P 138 22.04 34.26 -44.50
C VAL P 138 21.24 35.03 -43.52
N SER P 139 19.94 35.03 -43.73
CA SER P 139 19.00 35.74 -42.87
C SER P 139 17.92 34.78 -42.35
N PRO P 140 18.16 34.17 -41.19
CA PRO P 140 17.13 33.41 -40.49
C PRO P 140 16.06 34.30 -39.89
N PHE P 141 14.81 33.90 -40.06
CA PHE P 141 13.66 34.67 -39.60
C PHE P 141 13.18 34.26 -38.22
N VAL P 142 13.73 34.93 -37.22
CA VAL P 142 13.54 34.61 -35.80
C VAL P 142 12.11 34.83 -35.33
N GLY P 143 11.61 36.05 -35.49
CA GLY P 143 10.27 36.41 -35.02
C GLY P 143 9.14 35.61 -35.65
N ARG P 144 9.24 35.26 -36.91
CA ARG P 144 8.18 34.47 -37.53
C ARG P 144 8.13 33.08 -37.01
N MET P 145 9.28 32.52 -36.70
CA MET P 145 9.38 31.23 -36.03
C MET P 145 8.85 31.29 -34.60
N ASP P 146 9.24 32.33 -33.86
CA ASP P 146 8.73 32.55 -32.51
C ASP P 146 7.22 32.50 -32.46
N ASP P 147 6.58 33.08 -33.46
CA ASP P 147 5.14 33.20 -33.51
C ASP P 147 4.40 31.93 -33.90
N LEU P 148 5.14 30.95 -34.41
CA LEU P 148 4.67 29.57 -34.53
C LEU P 148 4.87 28.79 -33.24
N SER P 149 5.43 29.43 -32.21
CA SER P 149 5.80 28.81 -30.93
C SER P 149 6.82 27.69 -31.08
N ASN P 150 7.60 27.70 -32.17
CA ASN P 150 8.66 26.74 -32.38
C ASN P 150 10.06 27.27 -32.03
N ASP P 151 10.12 28.46 -31.44
CA ASP P 151 11.35 29.08 -30.92
C ASP P 151 12.38 29.48 -31.99
N GLY P 152 12.27 30.69 -32.49
CA GLY P 152 13.18 31.17 -33.51
C GLY P 152 14.61 31.44 -33.00
N MET P 153 14.72 31.85 -31.75
CA MET P 153 16.00 32.11 -31.15
C MET P 153 16.82 30.84 -31.02
N ARG P 154 16.14 29.72 -30.78
CA ARG P 154 16.75 28.41 -30.72
C ARG P 154 17.28 28.02 -32.07
N MET P 155 16.49 28.24 -33.10
CA MET P 155 16.89 27.90 -34.44
C MET P 155 18.10 28.75 -34.87
N LEU P 156 18.11 30.02 -34.46
CA LEU P 156 19.20 30.90 -34.73
C LEU P 156 20.47 30.44 -34.03
N GLY P 157 20.32 30.01 -32.77
CA GLY P 157 21.45 29.47 -31.99
C GLY P 157 22.04 28.22 -32.61
N GLU P 158 21.22 27.41 -33.27
CA GLU P 158 21.70 26.21 -33.93
C GLU P 158 22.50 26.57 -35.19
N ILE P 159 22.10 27.60 -35.91
CA ILE P 159 22.80 28.04 -37.08
C ILE P 159 24.16 28.68 -36.69
N VAL P 160 24.15 29.52 -35.67
CA VAL P 160 25.38 30.07 -35.12
C VAL P 160 26.36 28.98 -34.70
N GLU P 161 25.88 28.00 -33.96
CA GLU P 161 26.69 26.89 -33.52
C GLU P 161 27.30 26.14 -34.75
N ILE P 162 26.50 25.86 -35.78
CA ILE P 162 26.96 25.15 -36.97
C ILE P 162 27.98 25.97 -37.75
N TYR P 163 27.73 27.26 -37.86
CA TYR P 163 28.65 28.14 -38.58
C TYR P 163 29.95 28.32 -37.79
N ASN P 164 29.88 28.29 -36.47
CA ASN P 164 31.10 28.30 -35.68
C ASN P 164 31.88 27.02 -35.85
N ASN P 165 31.19 25.90 -35.98
CA ASN P 165 31.87 24.59 -36.16
C ASN P 165 32.69 24.47 -37.43
N TYR P 166 32.25 25.14 -38.47
CA TYR P 166 32.84 24.96 -39.78
C TYR P 166 33.54 26.19 -40.34
N GLY P 167 33.40 27.34 -39.66
CA GLY P 167 34.00 28.60 -40.13
C GLY P 167 33.58 28.96 -41.57
N PHE P 168 32.30 28.75 -41.88
CA PHE P 168 31.74 29.25 -43.11
C PHE P 168 32.00 30.77 -43.17
N GLU P 169 32.39 31.26 -44.34
CA GLU P 169 32.62 32.70 -44.51
C GLU P 169 31.30 33.45 -44.45
N THR P 170 30.21 32.78 -44.78
CA THR P 170 28.87 33.37 -44.72
C THR P 170 28.61 33.94 -43.34
N GLU P 171 28.04 35.15 -43.33
CA GLU P 171 27.70 35.83 -42.08
C GLU P 171 26.20 35.74 -41.81
N ILE P 172 25.86 35.60 -40.54
CA ILE P 172 24.47 35.46 -40.13
C ILE P 172 23.87 36.83 -39.82
N ILE P 173 22.79 37.16 -40.51
CA ILE P 173 21.95 38.27 -40.15
C ILE P 173 20.71 37.71 -39.43
N ALA P 174 20.61 37.94 -38.13
CA ALA P 174 19.35 37.69 -37.42
C ALA P 174 18.28 38.61 -37.94
N ALA P 175 17.25 38.04 -38.54
CA ALA P 175 16.24 38.82 -39.21
C ALA P 175 14.93 38.55 -38.56
N SER P 176 13.88 39.20 -39.04
CA SER P 176 12.58 39.10 -38.40
C SER P 176 12.65 39.45 -36.90
N ILE P 177 13.40 40.52 -36.60
CA ILE P 177 13.62 40.99 -35.23
C ILE P 177 12.51 41.96 -34.82
N ARG P 178 11.87 41.68 -33.70
CA ARG P 178 10.65 42.42 -33.32
C ARG P 178 10.81 43.27 -32.06
N HIS P 179 11.82 42.99 -31.23
CA HIS P 179 11.90 43.63 -29.95
C HIS P 179 13.33 43.53 -29.37
N PRO P 180 13.66 44.33 -28.36
CA PRO P 180 15.02 44.37 -27.85
C PRO P 180 15.60 43.06 -27.35
N MET P 181 14.81 42.17 -26.76
CA MET P 181 15.35 40.91 -26.26
C MET P 181 15.83 40.01 -27.40
N HIS P 182 15.22 40.14 -28.57
CA HIS P 182 15.74 39.45 -29.76
C HIS P 182 17.18 39.87 -29.99
N VAL P 183 17.43 41.15 -29.86
CA VAL P 183 18.74 41.73 -30.13
C VAL P 183 19.78 41.30 -29.11
N VAL P 184 19.37 41.38 -27.83
CA VAL P 184 20.21 41.01 -26.73
C VAL P 184 20.56 39.52 -26.74
N GLU P 185 19.57 38.66 -27.00
CA GLU P 185 19.81 37.23 -27.09
C GLU P 185 20.61 36.84 -28.32
N ALA P 186 20.42 37.53 -29.43
CA ALA P 186 21.28 37.32 -30.60
C ALA P 186 22.73 37.71 -30.28
N ALA P 187 22.90 38.83 -29.57
CA ALA P 187 24.22 39.30 -29.17
C ALA P 187 24.93 38.31 -28.24
N LEU P 188 24.16 37.75 -27.31
CA LEU P 188 24.67 36.80 -26.34
C LEU P 188 25.13 35.53 -26.97
N MET P 189 24.54 35.15 -28.09
CA MET P 189 25.00 33.96 -28.81
C MET P 189 26.08 34.30 -29.85
N GLY P 190 26.29 35.61 -30.08
CA GLY P 190 27.35 36.07 -30.97
C GLY P 190 27.01 35.99 -32.46
N VAL P 191 25.77 36.33 -32.83
CA VAL P 191 25.40 36.46 -34.23
C VAL P 191 26.21 37.58 -34.84
N ASP P 192 26.50 37.46 -36.14
CA ASP P 192 27.36 38.43 -36.83
C ASP P 192 26.67 39.78 -36.94
N ILE P 193 25.39 39.74 -37.31
CA ILE P 193 24.63 40.92 -37.67
C ILE P 193 23.22 40.75 -37.18
N VAL P 194 22.62 41.85 -36.73
CA VAL P 194 21.20 41.88 -36.46
C VAL P 194 20.61 42.98 -37.33
N THR P 195 19.57 42.63 -38.06
CA THR P 195 18.81 43.63 -38.77
C THR P 195 17.47 43.86 -38.09
N MET P 196 17.14 45.12 -37.87
CA MET P 196 15.99 45.48 -37.06
C MET P 196 15.25 46.68 -37.54
N PRO P 197 13.98 46.82 -37.16
CA PRO P 197 13.27 48.06 -37.44
C PRO P 197 13.89 49.22 -36.67
N PHE P 198 13.77 50.42 -37.22
CA PHE P 198 14.23 51.60 -36.53
C PHE P 198 13.59 51.71 -35.14
N ALA P 199 12.29 51.42 -35.07
CA ALA P 199 11.54 51.49 -33.81
C ALA P 199 12.19 50.63 -32.71
N VAL P 200 12.73 49.49 -33.10
CA VAL P 200 13.42 48.63 -32.15
C VAL P 200 14.76 49.27 -31.73
N LEU P 201 15.53 49.81 -32.70
CA LEU P 201 16.78 50.48 -32.38
C LEU P 201 16.57 51.62 -31.38
N GLU P 202 15.57 52.46 -31.62
CA GLU P 202 15.22 53.52 -30.68
C GLU P 202 15.06 52.99 -29.25
N LYS P 203 14.36 51.86 -29.10
CA LYS P 203 14.15 51.26 -27.76
C LYS P 203 15.48 50.86 -27.06
N LEU P 204 16.45 50.44 -27.84
CA LEU P 204 17.73 50.00 -27.28
C LEU P 204 18.41 51.09 -26.46
N PHE P 205 18.22 52.35 -26.84
CA PHE P 205 18.81 53.49 -26.10
C PHE P 205 18.24 53.64 -24.69
N LYS P 206 17.01 53.18 -24.51
CA LYS P 206 16.18 53.62 -23.42
C LYS P 206 16.30 52.82 -22.14
N HIS P 207 16.26 53.53 -21.01
CA HIS P 207 16.08 52.88 -19.74
C HIS P 207 15.55 53.89 -18.73
N PRO P 208 14.57 53.51 -17.92
CA PRO P 208 14.00 54.40 -16.90
C PRO P 208 15.02 54.89 -15.87
N MET P 209 16.00 54.05 -15.56
CA MET P 209 17.06 54.40 -14.61
C MET P 209 18.04 55.45 -15.18
N THR P 210 18.27 55.36 -16.50
CA THR P 210 19.05 56.37 -17.17
C THR P 210 18.36 57.72 -17.05
N ASP P 211 17.04 57.78 -17.27
CA ASP P 211 16.30 59.05 -17.18
C ASP P 211 16.34 59.62 -15.77
N LEU P 212 16.17 58.77 -14.78
CA LEU P 212 16.23 59.19 -13.38
C LEU P 212 17.59 59.71 -13.02
N GLY P 213 18.62 59.02 -13.50
CA GLY P 213 20.00 59.44 -13.29
C GLY P 213 20.24 60.82 -13.87
N ILE P 214 19.71 61.06 -15.06
CA ILE P 214 19.84 62.36 -15.70
C ILE P 214 19.09 63.46 -14.93
N GLU P 215 17.91 63.15 -14.40
CA GLU P 215 17.22 64.13 -13.53
C GLU P 215 18.01 64.40 -12.24
N ARG P 216 18.61 63.36 -11.65
CA ARG P 216 19.41 63.53 -10.42
C ARG P 216 20.73 64.28 -10.69
N PHE P 217 21.27 64.18 -11.91
CA PHE P 217 22.29 65.11 -12.38
C PHE P 217 21.70 66.33 -13.11
N MET P 218 20.69 66.99 -12.51
CA MET P 218 20.19 68.30 -12.96
C MET P 218 19.75 69.20 -11.76
N GLU P 219 18.46 69.19 -11.42
CA GLU P 219 17.94 69.97 -10.30
C GLU P 219 16.88 69.19 -9.52
N HIS Q 11 37.90 23.11 -42.64
CA HIS Q 11 36.92 24.21 -42.87
C HIS Q 11 35.47 23.63 -42.99
N HIS Q 12 34.82 23.90 -44.11
CA HIS Q 12 33.48 23.56 -44.48
C HIS Q 12 33.01 22.13 -44.24
N MET Q 13 31.74 21.99 -43.89
CA MET Q 13 31.10 20.69 -43.83
C MET Q 13 30.93 20.22 -45.25
N LYS Q 14 31.27 18.95 -45.52
CA LYS Q 14 31.08 18.40 -46.86
C LYS Q 14 29.79 17.62 -46.86
N ILE Q 15 29.14 17.63 -48.03
CA ILE Q 15 28.00 16.76 -48.31
C ILE Q 15 28.38 15.85 -49.48
N PHE Q 16 28.29 14.55 -49.25
CA PHE Q 16 28.36 13.57 -50.31
C PHE Q 16 26.96 13.04 -50.60
N LEU Q 17 26.75 12.53 -51.81
CA LEU Q 17 25.50 11.85 -52.14
C LEU Q 17 25.70 10.33 -52.14
N ASP Q 18 24.77 9.61 -51.51
CA ASP Q 18 24.65 8.16 -51.67
C ASP Q 18 23.84 7.85 -52.90
N THR Q 19 24.52 7.69 -54.02
CA THR Q 19 23.84 7.58 -55.29
C THR Q 19 24.81 7.06 -56.36
N ALA Q 20 24.24 6.54 -57.44
CA ALA Q 20 24.95 6.33 -58.68
C ALA Q 20 24.24 7.07 -59.82
N ASN Q 21 23.18 7.84 -59.51
CA ASN Q 21 22.41 8.53 -60.53
C ASN Q 21 23.06 9.85 -60.89
N LEU Q 22 23.33 10.02 -62.18
CA LEU Q 22 24.16 11.12 -62.68
C LEU Q 22 23.39 12.46 -62.77
N GLU Q 23 22.06 12.37 -62.95
CA GLU Q 23 21.20 13.56 -62.96
C GLU Q 23 21.17 14.19 -61.56
N GLU Q 24 20.98 13.33 -60.56
CA GLU Q 24 21.02 13.74 -59.16
C GLU Q 24 22.33 14.41 -58.80
N ILE Q 25 23.43 13.80 -59.22
CA ILE Q 25 24.75 14.35 -58.97
C ILE Q 25 24.96 15.67 -59.73
N LYS Q 26 24.46 15.77 -60.98
CA LYS Q 26 24.55 17.04 -61.71
C LYS Q 26 23.77 18.14 -60.96
N LYS Q 27 22.55 17.84 -60.53
N LYS Q 27 22.56 17.79 -60.52
CA LYS Q 27 21.75 18.82 -59.78
CA LYS Q 27 21.72 18.72 -59.75
C LYS Q 27 22.50 19.21 -58.50
C LYS Q 27 22.49 19.18 -58.53
N GLY Q 28 23.14 18.23 -57.86
CA GLY Q 28 23.96 18.50 -56.68
C GLY Q 28 25.11 19.46 -56.92
N VAL Q 29 25.80 19.30 -58.05
CA VAL Q 29 26.92 20.16 -58.43
C VAL Q 29 26.45 21.51 -58.95
N GLU Q 30 25.34 21.52 -59.70
CA GLU Q 30 24.65 22.77 -60.12
C GLU Q 30 24.35 23.67 -58.91
N TRP Q 31 23.89 23.07 -57.83
CA TRP Q 31 23.62 23.78 -56.58
C TRP Q 31 24.90 24.17 -55.86
N GLY Q 32 26.03 23.55 -56.20
CA GLY Q 32 27.33 23.81 -55.57
C GLY Q 32 27.36 23.37 -54.13
N ILE Q 33 26.61 22.32 -53.84
CA ILE Q 33 26.46 21.83 -52.45
C ILE Q 33 26.94 20.37 -52.26
N VAL Q 34 27.21 19.67 -53.36
CA VAL Q 34 27.68 18.29 -53.33
C VAL Q 34 29.18 18.22 -53.63
N ASP Q 35 29.93 17.67 -52.68
CA ASP Q 35 31.38 17.64 -52.72
C ASP Q 35 31.98 16.29 -53.15
N GLY Q 36 31.16 15.25 -53.16
CA GLY Q 36 31.60 13.90 -53.47
C GLY Q 36 30.42 12.92 -53.52
N VAL Q 37 30.72 11.66 -53.77
CA VAL Q 37 29.68 10.64 -53.92
C VAL Q 37 30.15 9.38 -53.24
N THR Q 38 29.24 8.71 -52.53
CA THR Q 38 29.53 7.35 -52.05
C THR Q 38 28.61 6.42 -52.79
N THR Q 39 29.16 5.29 -53.20
CA THR Q 39 28.52 4.42 -54.17
C THR Q 39 28.45 2.96 -53.65
N ASN Q 40 27.66 2.12 -54.35
CA ASN Q 40 27.58 0.63 -54.17
C ASN Q 40 27.17 -0.05 -55.50
N ALA Q 49 24.21 0.15 -65.90
CA ALA Q 49 25.52 0.79 -65.74
C ALA Q 49 26.62 -0.19 -65.27
N GLU Q 50 27.65 -0.41 -66.11
CA GLU Q 50 28.81 -1.25 -65.74
C GLU Q 50 29.63 -0.60 -64.60
N PHE Q 51 30.15 -1.42 -63.69
CA PHE Q 51 30.72 -0.87 -62.44
C PHE Q 51 31.78 0.21 -62.65
N LYS Q 52 32.88 -0.15 -63.31
CA LYS Q 52 34.00 0.78 -63.52
C LYS Q 52 33.62 1.95 -64.46
N GLN Q 53 32.57 1.79 -65.26
CA GLN Q 53 31.97 2.92 -66.00
C GLN Q 53 31.35 4.01 -65.10
N ARG Q 54 30.29 3.70 -64.34
CA ARG Q 54 29.64 4.71 -63.49
C ARG Q 54 30.70 5.39 -62.65
N VAL Q 55 31.66 4.64 -62.09
CA VAL Q 55 32.63 5.27 -61.18
C VAL Q 55 33.44 6.35 -61.92
N LYS Q 56 33.89 6.04 -63.14
CA LYS Q 56 34.58 7.01 -63.98
C LYS Q 56 33.66 8.21 -64.31
N GLU Q 57 32.44 7.92 -64.72
CA GLU Q 57 31.49 8.98 -65.09
C GLU Q 57 31.15 9.88 -63.91
N ILE Q 58 31.02 9.28 -62.73
CA ILE Q 58 30.76 10.02 -61.51
C ILE Q 58 31.94 10.92 -61.12
N CYS Q 59 33.14 10.37 -61.18
CA CYS Q 59 34.34 11.13 -60.88
C CYS Q 59 34.45 12.39 -61.74
N ASP Q 60 34.21 12.22 -63.04
CA ASP Q 60 34.20 13.32 -64.02
C ASP Q 60 33.18 14.38 -63.69
N LEU Q 61 32.04 13.95 -63.17
CA LEU Q 61 30.92 14.84 -62.83
C LEU Q 61 31.14 15.62 -61.53
N VAL Q 62 31.42 14.91 -60.45
CA VAL Q 62 31.54 15.56 -59.16
C VAL Q 62 32.90 16.19 -58.96
N LYS Q 63 33.93 15.65 -59.59
CA LYS Q 63 35.29 16.15 -59.39
C LYS Q 63 35.57 16.33 -57.89
N GLY Q 64 35.33 15.26 -57.15
CA GLY Q 64 35.55 15.21 -55.72
C GLY Q 64 35.56 13.75 -55.33
N PRO Q 65 35.78 13.45 -54.04
CA PRO Q 65 35.87 12.06 -53.59
C PRO Q 65 34.68 11.20 -53.99
N VAL Q 66 34.97 10.07 -54.63
CA VAL Q 66 33.96 9.10 -54.97
C VAL Q 66 34.37 7.78 -54.36
N SER Q 67 33.63 7.34 -53.36
CA SER Q 67 33.97 6.09 -52.67
C SER Q 67 33.33 4.91 -53.38
N ALA Q 68 34.15 3.87 -53.63
CA ALA Q 68 33.74 2.68 -54.38
C ALA Q 68 34.24 1.41 -53.69
N GLU Q 69 33.37 0.42 -53.58
CA GLU Q 69 33.68 -0.78 -52.80
C GLU Q 69 34.41 -1.84 -53.65
N VAL Q 70 35.25 -2.62 -52.98
CA VAL Q 70 35.95 -3.74 -53.58
C VAL Q 70 35.10 -4.99 -53.41
N VAL Q 71 35.36 -6.01 -54.22
CA VAL Q 71 34.62 -7.27 -54.12
C VAL Q 71 35.23 -8.16 -53.02
N SER Q 72 36.54 -8.32 -53.02
CA SER Q 72 37.22 -9.30 -52.15
C SER Q 72 37.17 -8.90 -50.70
N LEU Q 73 37.25 -9.89 -49.82
CA LEU Q 73 37.31 -9.69 -48.37
C LEU Q 73 38.65 -10.13 -47.74
N ASP Q 74 39.46 -10.85 -48.50
CA ASP Q 74 40.80 -11.21 -48.07
C ASP Q 74 41.74 -10.03 -48.33
N TYR Q 75 42.76 -9.89 -47.48
CA TYR Q 75 43.70 -8.79 -47.56
C TYR Q 75 44.34 -8.66 -48.95
N GLU Q 76 44.84 -9.77 -49.49
CA GLU Q 76 45.53 -9.71 -50.80
C GLU Q 76 44.58 -9.25 -51.91
N GLY Q 77 43.38 -9.82 -51.94
CA GLY Q 77 42.39 -9.46 -52.93
C GLY Q 77 41.91 -8.03 -52.81
N MET Q 78 41.70 -7.57 -51.58
CA MET Q 78 41.29 -6.19 -51.35
C MET Q 78 42.32 -5.19 -51.87
N VAL Q 79 43.59 -5.44 -51.59
CA VAL Q 79 44.64 -4.53 -52.00
C VAL Q 79 44.81 -4.58 -53.53
N ARG Q 80 44.82 -5.79 -54.10
CA ARG Q 80 44.82 -5.97 -55.56
C ARG Q 80 43.77 -5.12 -56.26
N GLU Q 81 42.53 -5.27 -55.81
CA GLU Q 81 41.39 -4.61 -56.43
C GLU Q 81 41.41 -3.11 -56.19
N ALA Q 82 41.85 -2.70 -55.00
CA ALA Q 82 41.94 -1.28 -54.66
C ALA Q 82 42.89 -0.56 -55.61
N ARG Q 83 44.02 -1.19 -55.91
CA ARG Q 83 44.99 -0.62 -56.83
C ARG Q 83 44.39 -0.46 -58.22
N GLU Q 84 43.59 -1.45 -58.64
CA GLU Q 84 42.86 -1.41 -59.92
C GLU Q 84 41.90 -0.25 -59.96
N LEU Q 85 41.06 -0.15 -58.94
CA LEU Q 85 40.07 0.92 -58.87
C LEU Q 85 40.71 2.29 -58.80
N ALA Q 86 41.81 2.38 -58.05
CA ALA Q 86 42.49 3.66 -57.87
C ALA Q 86 42.97 4.21 -59.21
N GLN Q 87 43.32 3.35 -60.14
CA GLN Q 87 43.78 3.77 -61.46
C GLN Q 87 42.71 4.45 -62.32
N ILE Q 88 41.43 4.29 -61.95
CA ILE Q 88 40.31 4.89 -62.72
C ILE Q 88 40.37 6.43 -62.66
N SER Q 89 40.69 6.97 -61.50
CA SER Q 89 40.71 8.41 -61.32
C SER Q 89 41.37 8.80 -59.99
N GLU Q 90 41.95 10.00 -59.98
CA GLU Q 90 42.52 10.59 -58.77
C GLU Q 90 41.49 10.74 -57.67
N TYR Q 91 40.21 10.84 -58.06
CA TYR Q 91 39.11 11.07 -57.11
C TYR Q 91 38.58 9.83 -56.42
N VAL Q 92 38.92 8.66 -56.93
CA VAL Q 92 38.41 7.41 -56.39
C VAL Q 92 38.98 7.14 -54.99
N VAL Q 93 38.08 6.80 -54.07
CA VAL Q 93 38.39 6.41 -52.71
C VAL Q 93 37.88 5.00 -52.52
N ILE Q 94 38.71 4.11 -51.98
CA ILE Q 94 38.33 2.70 -51.87
C ILE Q 94 37.61 2.43 -50.55
N LYS Q 95 36.37 1.94 -50.66
CA LYS Q 95 35.58 1.50 -49.50
C LYS Q 95 36.14 0.17 -49.02
N ILE Q 96 36.53 0.13 -47.75
CA ILE Q 96 37.06 -1.08 -47.10
C ILE Q 96 36.17 -1.38 -45.88
N PRO Q 97 35.63 -2.59 -45.76
CA PRO Q 97 34.85 -2.94 -44.60
C PRO Q 97 35.73 -3.02 -43.35
N MET Q 98 35.17 -2.67 -42.21
CA MET Q 98 35.91 -2.70 -40.95
C MET Q 98 36.12 -4.15 -40.47
N THR Q 99 37.27 -4.71 -40.88
CA THR Q 99 37.72 -6.05 -40.49
C THR Q 99 39.22 -5.98 -40.26
N PRO Q 100 39.75 -6.96 -39.51
CA PRO Q 100 41.20 -7.13 -39.42
C PRO Q 100 41.95 -7.05 -40.78
N ASP Q 101 41.52 -7.84 -41.76
CA ASP Q 101 42.12 -7.80 -43.11
C ASP Q 101 41.93 -6.45 -43.78
N GLY Q 102 40.75 -5.84 -43.58
CA GLY Q 102 40.47 -4.52 -44.10
C GLY Q 102 41.39 -3.45 -43.53
N ILE Q 103 41.67 -3.58 -42.23
CA ILE Q 103 42.59 -2.65 -41.55
C ILE Q 103 44.02 -2.86 -42.04
N LYS Q 104 44.41 -4.13 -42.27
CA LYS Q 104 45.71 -4.44 -42.87
C LYS Q 104 45.82 -3.74 -44.19
N ALA Q 105 44.74 -3.85 -44.97
CA ALA Q 105 44.67 -3.26 -46.33
C ALA Q 105 44.84 -1.76 -46.30
N VAL Q 106 44.23 -1.14 -45.30
CA VAL Q 106 44.32 0.31 -45.11
C VAL Q 106 45.77 0.74 -44.79
N LYS Q 107 46.46 -0.02 -43.94
CA LYS Q 107 47.88 0.21 -43.66
C LYS Q 107 48.67 0.22 -44.96
N THR Q 108 48.47 -0.81 -45.75
CA THR Q 108 49.16 -0.99 -47.01
C THR Q 108 48.84 0.10 -48.03
N LEU Q 109 47.56 0.32 -48.25
CA LEU Q 109 47.11 1.26 -49.28
C LEU Q 109 47.44 2.72 -48.93
N SER Q 110 47.34 3.08 -47.65
CA SER Q 110 47.76 4.42 -47.18
C SER Q 110 49.22 4.71 -47.50
N ALA Q 111 50.08 3.72 -47.27
CA ALA Q 111 51.50 3.84 -47.59
C ALA Q 111 51.76 4.09 -49.09
N GLU Q 112 50.87 3.59 -49.94
CA GLU Q 112 50.98 3.74 -51.41
C GLU Q 112 50.24 4.95 -51.93
N GLY Q 113 49.72 5.80 -51.04
CA GLY Q 113 48.98 7.00 -51.45
C GLY Q 113 47.58 6.73 -51.97
N ILE Q 114 47.04 5.54 -51.71
CA ILE Q 114 45.69 5.22 -52.15
C ILE Q 114 44.71 5.52 -51.01
N LYS Q 115 43.70 6.34 -51.32
CA LYS Q 115 42.75 6.83 -50.34
C LYS Q 115 41.74 5.76 -49.99
N THR Q 116 41.38 5.72 -48.71
CA THR Q 116 40.52 4.68 -48.16
C THR Q 116 39.37 5.24 -47.33
N ASN Q 117 38.27 4.51 -47.36
CA ASN Q 117 37.06 4.86 -46.61
C ASN Q 117 36.61 3.60 -45.87
N VAL Q 118 36.87 3.56 -44.56
CA VAL Q 118 36.51 2.41 -43.76
C VAL Q 118 35.03 2.51 -43.39
N THR Q 119 34.34 1.45 -43.77
CA THR Q 119 32.91 1.43 -43.77
C THR Q 119 32.43 0.32 -42.80
N LEU Q 120 31.11 0.28 -42.57
CA LEU Q 120 30.48 -0.65 -41.60
C LEU Q 120 31.08 -0.49 -40.21
N VAL Q 121 31.17 0.76 -39.80
CA VAL Q 121 31.65 1.12 -38.48
C VAL Q 121 30.43 1.39 -37.55
N PHE Q 122 30.37 0.64 -36.44
CA PHE Q 122 29.24 0.70 -35.51
C PHE Q 122 29.68 0.99 -34.07
N SER Q 123 30.96 1.25 -33.86
CA SER Q 123 31.46 1.55 -32.52
C SER Q 123 32.66 2.49 -32.58
N PRO Q 124 32.85 3.27 -31.53
CA PRO Q 124 34.01 4.14 -31.44
C PRO Q 124 35.35 3.38 -31.40
N ALA Q 125 35.35 2.14 -30.90
CA ALA Q 125 36.54 1.31 -30.86
C ALA Q 125 37.00 1.03 -32.26
N GLN Q 126 36.06 0.63 -33.11
CA GLN Q 126 36.35 0.42 -34.54
C GLN Q 126 36.92 1.70 -35.20
N ALA Q 127 36.29 2.82 -34.92
CA ALA Q 127 36.71 4.12 -35.47
C ALA Q 127 38.13 4.50 -35.09
N ILE Q 128 38.56 4.16 -33.88
CA ILE Q 128 39.95 4.39 -33.45
C ILE Q 128 40.92 3.59 -34.33
N LEU Q 129 40.64 2.30 -34.49
CA LEU Q 129 41.50 1.45 -35.29
C LEU Q 129 41.59 1.97 -36.71
N ALA Q 130 40.47 2.35 -37.28
CA ALA Q 130 40.45 2.86 -38.66
C ALA Q 130 41.38 4.06 -38.80
N ALA Q 131 41.29 5.00 -37.86
CA ALA Q 131 42.16 6.18 -37.86
C ALA Q 131 43.63 5.81 -37.68
N LYS Q 132 43.91 4.93 -36.74
CA LYS Q 132 45.28 4.52 -36.46
C LYS Q 132 45.94 3.79 -37.64
N ALA Q 133 45.15 3.03 -38.39
CA ALA Q 133 45.62 2.33 -39.58
C ALA Q 133 45.87 3.27 -40.75
N GLY Q 134 45.37 4.50 -40.65
CA GLY Q 134 45.63 5.54 -41.63
C GLY Q 134 44.51 5.77 -42.63
N ALA Q 135 43.28 5.43 -42.29
CA ALA Q 135 42.14 5.62 -43.21
C ALA Q 135 41.97 7.08 -43.58
N THR Q 136 41.59 7.34 -44.84
CA THR Q 136 41.35 8.72 -45.27
C THR Q 136 40.02 9.18 -44.68
N TYR Q 137 39.04 8.27 -44.70
CA TYR Q 137 37.73 8.52 -44.11
C TYR Q 137 37.28 7.31 -43.31
N VAL Q 138 36.40 7.57 -42.35
CA VAL Q 138 35.67 6.52 -41.66
C VAL Q 138 34.16 6.83 -41.82
N SER Q 139 33.35 5.79 -41.95
CA SER Q 139 31.93 5.97 -42.20
C SER Q 139 31.13 5.17 -41.15
N PRO Q 140 30.84 5.79 -39.99
CA PRO Q 140 29.90 5.20 -39.00
C PRO Q 140 28.45 5.18 -39.50
N PHE Q 141 27.77 4.05 -39.28
CA PHE Q 141 26.39 3.89 -39.77
C PHE Q 141 25.37 4.30 -38.67
N VAL Q 142 24.93 5.54 -38.75
CA VAL Q 142 24.05 6.15 -37.78
C VAL Q 142 22.65 5.53 -37.79
N GLY Q 143 21.99 5.58 -38.94
CA GLY Q 143 20.61 5.09 -39.05
C GLY Q 143 20.37 3.65 -38.68
N ARG Q 144 21.34 2.79 -39.01
CA ARG Q 144 21.23 1.38 -38.64
C ARG Q 144 21.36 1.13 -37.15
N MET Q 145 22.22 1.91 -36.48
CA MET Q 145 22.30 1.87 -35.03
C MET Q 145 21.03 2.42 -34.36
N ASP Q 146 20.49 3.50 -34.92
CA ASP Q 146 19.26 4.09 -34.45
C ASP Q 146 18.15 3.06 -34.39
N ASP Q 147 18.07 2.26 -35.45
CA ASP Q 147 17.02 1.27 -35.59
C ASP Q 147 17.16 0.09 -34.66
N LEU Q 148 18.35 -0.10 -34.09
CA LEU Q 148 18.52 -1.01 -32.94
C LEU Q 148 18.10 -0.38 -31.62
N SER Q 149 17.74 0.91 -31.65
CA SER Q 149 17.40 1.70 -30.49
C SER Q 149 18.61 1.87 -29.54
N ASN Q 150 19.82 1.74 -30.09
CA ASN Q 150 21.05 1.93 -29.34
C ASN Q 150 21.69 3.30 -29.63
N ASP Q 151 20.99 4.14 -30.38
CA ASP Q 151 21.36 5.54 -30.59
C ASP Q 151 22.62 5.73 -31.43
N GLY Q 152 22.43 5.83 -32.74
CA GLY Q 152 23.55 6.03 -33.69
C GLY Q 152 24.16 7.43 -33.64
N MET Q 153 23.36 8.42 -33.30
CA MET Q 153 23.90 9.79 -33.21
C MET Q 153 24.84 9.92 -31.98
N ARG Q 154 24.54 9.21 -30.91
CA ARG Q 154 25.42 9.19 -29.74
C ARG Q 154 26.76 8.52 -30.07
N MET Q 155 26.71 7.43 -30.82
CA MET Q 155 27.92 6.74 -31.25
C MET Q 155 28.79 7.63 -32.15
N LEU Q 156 28.13 8.34 -33.05
CA LEU Q 156 28.82 9.28 -33.89
C LEU Q 156 29.48 10.41 -33.07
N GLY Q 157 28.75 10.92 -32.07
CA GLY Q 157 29.24 11.97 -31.20
C GLY Q 157 30.45 11.53 -30.42
N GLU Q 158 30.53 10.25 -30.08
CA GLU Q 158 31.69 9.74 -29.38
C GLU Q 158 32.90 9.65 -30.30
N ILE Q 159 32.67 9.28 -31.55
CA ILE Q 159 33.74 9.21 -32.50
C ILE Q 159 34.27 10.62 -32.79
N VAL Q 160 33.37 11.58 -32.97
CA VAL Q 160 33.76 12.98 -33.17
C VAL Q 160 34.62 13.47 -32.01
N GLU Q 161 34.16 13.21 -30.81
CA GLU Q 161 34.86 13.60 -29.61
C GLU Q 161 36.28 13.01 -29.54
N ILE Q 162 36.39 11.72 -29.79
CA ILE Q 162 37.68 11.04 -29.80
C ILE Q 162 38.63 11.60 -30.89
N TYR Q 163 38.09 11.81 -32.10
CA TYR Q 163 38.88 12.32 -33.20
C TYR Q 163 39.34 13.75 -32.90
N ASN Q 164 38.50 14.54 -32.23
CA ASN Q 164 38.94 15.86 -31.77
C ASN Q 164 40.03 15.74 -30.73
N ASN Q 165 39.94 14.75 -29.86
CA ASN Q 165 40.96 14.61 -28.81
C ASN Q 165 42.34 14.44 -29.36
N TYR Q 166 42.45 13.72 -30.47
CA TYR Q 166 43.74 13.23 -30.99
C TYR Q 166 44.14 13.81 -32.33
N GLY Q 167 43.25 14.57 -32.96
CA GLY Q 167 43.51 15.14 -34.26
C GLY Q 167 43.95 14.13 -35.31
N PHE Q 168 43.30 12.96 -35.32
CA PHE Q 168 43.49 11.99 -36.38
C PHE Q 168 43.20 12.71 -37.71
N GLU Q 169 44.02 12.45 -38.72
CA GLU Q 169 43.84 13.06 -40.04
C GLU Q 169 42.57 12.52 -40.70
N THR Q 170 42.19 11.29 -40.35
CA THR Q 170 40.98 10.65 -40.84
C THR Q 170 39.79 11.59 -40.69
N GLU Q 171 38.96 11.65 -41.73
CA GLU Q 171 37.74 12.44 -41.68
C GLU Q 171 36.54 11.54 -41.50
N ILE Q 172 35.55 12.05 -40.76
CA ILE Q 172 34.35 11.29 -40.43
C ILE Q 172 33.27 11.61 -41.45
N ILE Q 173 32.79 10.55 -42.08
CA ILE Q 173 31.60 10.60 -42.91
C ILE Q 173 30.41 10.01 -42.14
N ALA Q 174 29.50 10.86 -41.67
CA ALA Q 174 28.23 10.36 -41.15
C ALA Q 174 27.49 9.62 -42.25
N ALA Q 175 27.31 8.32 -42.06
CA ALA Q 175 26.70 7.48 -43.06
C ALA Q 175 25.42 6.91 -42.52
N SER Q 176 24.71 6.17 -43.39
CA SER Q 176 23.41 5.63 -43.04
C SER Q 176 22.49 6.74 -42.52
N ILE Q 177 22.50 7.86 -43.25
CA ILE Q 177 21.71 9.05 -42.96
C ILE Q 177 20.35 8.90 -43.66
N ARG Q 178 19.28 9.11 -42.90
CA ARG Q 178 17.93 8.75 -43.31
C ARG Q 178 16.99 9.94 -43.39
N HIS Q 179 17.32 11.03 -42.74
CA HIS Q 179 16.38 12.14 -42.63
C HIS Q 179 17.11 13.44 -42.21
N PRO Q 180 16.47 14.59 -42.40
CA PRO Q 180 17.08 15.88 -42.06
C PRO Q 180 17.69 16.04 -40.65
N MET Q 181 17.06 15.48 -39.65
CA MET Q 181 17.57 15.69 -38.29
C MET Q 181 18.92 15.02 -38.11
N HIS Q 182 19.13 13.91 -38.79
CA HIS Q 182 20.44 13.27 -38.79
C HIS Q 182 21.50 14.29 -39.24
N VAL Q 183 21.20 15.01 -40.32
CA VAL Q 183 22.12 15.97 -40.92
C VAL Q 183 22.37 17.17 -40.00
N VAL Q 184 21.29 17.69 -39.41
CA VAL Q 184 21.43 18.83 -38.50
C VAL Q 184 22.19 18.41 -37.26
N GLU Q 185 21.86 17.25 -36.70
CA GLU Q 185 22.53 16.80 -35.49
C GLU Q 185 24.00 16.54 -35.73
N ALA Q 186 24.31 15.99 -36.90
CA ALA Q 186 25.68 15.76 -37.31
C ALA Q 186 26.42 17.07 -37.44
N ALA Q 187 25.76 18.05 -38.07
CA ALA Q 187 26.35 19.39 -38.22
C ALA Q 187 26.61 20.05 -36.86
N LEU Q 188 25.68 19.90 -35.93
CA LEU Q 188 25.83 20.56 -34.62
C LEU Q 188 26.99 19.99 -33.84
N MET Q 189 27.32 18.72 -34.09
CA MET Q 189 28.49 18.11 -33.48
C MET Q 189 29.74 18.47 -34.20
N GLY Q 190 29.59 18.89 -35.44
CA GLY Q 190 30.76 19.21 -36.25
C GLY Q 190 31.42 18.03 -36.92
N VAL Q 191 30.63 17.06 -37.39
CA VAL Q 191 31.17 15.97 -38.26
C VAL Q 191 31.73 16.58 -39.52
N ASP Q 192 32.76 15.97 -40.07
CA ASP Q 192 33.47 16.52 -41.23
C ASP Q 192 32.60 16.47 -42.49
N ILE Q 193 31.95 15.32 -42.67
CA ILE Q 193 31.18 15.05 -43.88
C ILE Q 193 29.90 14.34 -43.50
N VAL Q 194 28.84 14.62 -44.25
CA VAL Q 194 27.62 13.83 -44.18
C VAL Q 194 27.33 13.30 -45.56
N THR Q 195 27.13 11.98 -45.67
CA THR Q 195 26.72 11.41 -46.95
C THR Q 195 25.27 11.03 -46.82
N MET Q 196 24.47 11.40 -47.81
CA MET Q 196 23.03 11.22 -47.71
C MET Q 196 22.41 10.88 -49.04
N PRO Q 197 21.22 10.31 -49.03
CA PRO Q 197 20.47 10.14 -50.27
C PRO Q 197 20.00 11.48 -50.82
N PHE Q 198 19.81 11.53 -52.12
CA PHE Q 198 19.35 12.73 -52.79
C PHE Q 198 18.02 13.20 -52.21
N ALA Q 199 17.12 12.26 -51.95
CA ALA Q 199 15.83 12.55 -51.37
C ALA Q 199 15.93 13.32 -50.04
N VAL Q 200 16.95 13.01 -49.24
CA VAL Q 200 17.17 13.78 -48.01
C VAL Q 200 17.71 15.17 -48.34
N LEU Q 201 18.63 15.25 -49.28
CA LEU Q 201 19.16 16.54 -49.72
C LEU Q 201 18.03 17.50 -50.23
N GLU Q 202 17.13 16.98 -51.06
CA GLU Q 202 15.96 17.73 -51.47
C GLU Q 202 15.19 18.30 -50.26
N LYS Q 203 14.97 17.48 -49.23
CA LYS Q 203 14.23 17.93 -48.03
C LYS Q 203 14.87 19.14 -47.37
N LEU Q 204 16.18 19.17 -47.36
CA LEU Q 204 16.94 20.22 -46.70
C LEU Q 204 16.65 21.63 -47.21
N PHE Q 205 16.27 21.73 -48.47
CA PHE Q 205 15.92 23.01 -49.08
C PHE Q 205 14.60 23.55 -48.53
N LYS Q 206 13.71 22.64 -48.12
CA LYS Q 206 12.29 22.95 -47.97
C LYS Q 206 11.88 23.44 -46.56
N HIS Q 207 10.94 24.38 -46.55
CA HIS Q 207 10.26 24.80 -45.36
C HIS Q 207 8.94 25.52 -45.74
N PRO Q 208 7.85 25.18 -45.07
CA PRO Q 208 6.56 25.78 -45.33
C PRO Q 208 6.51 27.29 -45.16
N MET Q 209 7.31 27.82 -44.23
CA MET Q 209 7.40 29.26 -44.02
C MET Q 209 8.17 29.99 -45.15
N THR Q 210 9.12 29.30 -45.77
CA THR Q 210 9.76 29.79 -46.98
C THR Q 210 8.74 29.92 -48.14
N ASP Q 211 7.90 28.91 -48.31
CA ASP Q 211 6.87 28.93 -49.33
C ASP Q 211 5.84 30.06 -49.13
N LEU Q 212 5.39 30.27 -47.90
CA LEU Q 212 4.46 31.35 -47.59
C LEU Q 212 5.10 32.72 -47.76
N GLY Q 213 6.38 32.84 -47.37
CA GLY Q 213 7.15 34.07 -47.60
C GLY Q 213 7.23 34.41 -49.08
N ILE Q 214 7.41 33.40 -49.92
CA ILE Q 214 7.45 33.57 -51.36
C ILE Q 214 6.10 33.98 -51.94
N GLU Q 215 5.00 33.42 -51.46
CA GLU Q 215 3.67 33.88 -51.89
C GLU Q 215 3.41 35.30 -51.43
N ARG Q 216 3.88 35.65 -50.25
CA ARG Q 216 3.72 37.00 -49.68
C ARG Q 216 4.60 38.08 -50.35
N PHE Q 217 5.89 37.81 -50.51
CA PHE Q 217 6.82 38.77 -51.10
C PHE Q 217 6.44 38.95 -52.59
N MET Q 218 5.77 37.94 -53.13
CA MET Q 218 5.18 37.93 -54.48
C MET Q 218 3.87 38.75 -54.59
N GLU Q 219 3.13 38.81 -53.49
CA GLU Q 219 1.89 39.58 -53.37
C GLU Q 219 2.21 41.03 -53.10
N ASP Q 220 3.29 41.28 -52.36
CA ASP Q 220 3.76 42.64 -52.03
C ASP Q 220 4.31 43.41 -53.25
N TRP Q 221 5.02 42.69 -54.12
CA TRP Q 221 5.53 43.30 -55.34
C TRP Q 221 4.37 43.60 -56.31
N LYS Q 222 3.26 42.85 -56.20
CA LYS Q 222 2.07 43.15 -57.01
C LYS Q 222 1.39 44.45 -56.50
N LYS Q 223 1.31 44.59 -55.16
CA LYS Q 223 0.89 45.84 -54.49
C LYS Q 223 1.76 47.01 -54.94
N TYR Q 224 3.07 46.75 -55.02
CA TYR Q 224 4.11 47.76 -55.21
C TYR Q 224 3.93 48.63 -56.48
N LEU Q 225 2.89 48.38 -57.27
CA LEU Q 225 2.40 49.39 -58.22
C LEU Q 225 1.33 50.26 -57.57
N GLU Q 226 1.78 50.93 -56.50
CA GLU Q 226 0.98 51.71 -55.55
C GLU Q 226 -0.44 51.19 -55.28
N HIS R 12 47.94 11.77 -31.81
CA HIS R 12 47.62 10.34 -32.03
C HIS R 12 47.55 9.52 -30.74
N MET R 13 46.43 8.84 -30.50
CA MET R 13 46.35 7.93 -29.38
C MET R 13 47.25 6.76 -29.68
N LYS R 14 48.06 6.36 -28.71
CA LYS R 14 48.91 5.15 -28.87
C LYS R 14 48.25 3.94 -28.26
N ILE R 15 48.45 2.80 -28.89
CA ILE R 15 48.05 1.52 -28.32
C ILE R 15 49.31 0.73 -28.12
N PHE R 16 49.59 0.34 -26.87
CA PHE R 16 50.59 -0.67 -26.56
C PHE R 16 49.91 -2.01 -26.31
N LEU R 17 50.67 -3.09 -26.45
CA LEU R 17 50.19 -4.43 -26.07
C LEU R 17 50.81 -4.87 -24.74
N ASP R 18 49.98 -5.40 -23.84
CA ASP R 18 50.49 -6.15 -22.67
C ASP R 18 50.73 -7.60 -23.04
N THR R 19 51.95 -7.88 -23.47
CA THR R 19 52.28 -9.18 -24.00
C THR R 19 53.79 -9.37 -24.05
N ALA R 20 54.19 -10.63 -24.19
CA ALA R 20 55.50 -10.99 -24.65
C ALA R 20 55.42 -11.89 -25.90
N ASN R 21 54.21 -12.10 -26.41
CA ASN R 21 54.02 -13.00 -27.54
C ASN R 21 54.28 -12.27 -28.86
N LEU R 22 55.24 -12.80 -29.64
CA LEU R 22 55.72 -12.13 -30.85
C LEU R 22 54.74 -12.21 -32.01
N GLU R 23 53.95 -13.28 -32.08
CA GLU R 23 52.95 -13.42 -33.14
C GLU R 23 51.87 -12.38 -32.96
N GLU R 24 51.39 -12.19 -31.73
CA GLU R 24 50.38 -11.14 -31.49
C GLU R 24 50.93 -9.73 -31.76
N ILE R 25 52.20 -9.52 -31.41
CA ILE R 25 52.87 -8.26 -31.71
C ILE R 25 53.06 -8.07 -33.24
N LYS R 26 53.40 -9.13 -33.96
CA LYS R 26 53.50 -9.08 -35.43
C LYS R 26 52.14 -8.69 -36.04
N LYS R 27 51.09 -9.38 -35.63
CA LYS R 27 49.75 -9.05 -36.09
C LYS R 27 49.42 -7.59 -35.80
N GLY R 28 49.72 -7.13 -34.56
CA GLY R 28 49.52 -5.73 -34.15
C GLY R 28 50.19 -4.72 -35.06
N VAL R 29 51.43 -4.99 -35.45
CA VAL R 29 52.20 -4.12 -36.35
C VAL R 29 51.73 -4.27 -37.82
N GLU R 30 51.36 -5.50 -38.24
CA GLU R 30 50.73 -5.71 -39.56
C GLU R 30 49.46 -4.87 -39.74
N TRP R 31 48.68 -4.72 -38.65
CA TRP R 31 47.49 -3.88 -38.65
C TRP R 31 47.83 -2.38 -38.60
N GLY R 32 49.04 -2.05 -38.16
CA GLY R 32 49.47 -0.66 -38.09
C GLY R 32 48.82 0.07 -36.91
N ILE R 33 48.53 -0.68 -35.86
CA ILE R 33 47.75 -0.20 -34.74
C ILE R 33 48.55 -0.21 -33.44
N VAL R 34 49.57 -1.05 -33.37
CA VAL R 34 50.31 -1.20 -32.13
C VAL R 34 51.60 -0.40 -32.21
N ASP R 35 51.79 0.50 -31.24
CA ASP R 35 52.92 1.42 -31.22
C ASP R 35 54.02 1.03 -30.25
N GLY R 36 53.73 0.10 -29.35
CA GLY R 36 54.68 -0.30 -28.33
C GLY R 36 54.18 -1.48 -27.56
N VAL R 37 54.96 -1.91 -26.58
CA VAL R 37 54.62 -3.09 -25.79
C VAL R 37 54.97 -2.82 -24.34
N THR R 38 54.14 -3.30 -23.41
CA THR R 38 54.55 -3.35 -22.00
C THR R 38 54.63 -4.80 -21.61
N THR R 39 55.69 -5.12 -20.86
CA THR R 39 56.04 -6.52 -20.58
C THR R 39 56.18 -6.76 -19.09
N ASN R 40 56.30 -8.04 -18.74
CA ASN R 40 56.68 -8.48 -17.41
C ASN R 40 57.25 -9.90 -17.55
N PRO R 41 58.05 -10.34 -16.59
CA PRO R 41 58.83 -11.55 -16.81
C PRO R 41 57.97 -12.82 -16.95
N THR R 42 56.85 -12.91 -16.23
CA THR R 42 55.93 -14.05 -16.26
C THR R 42 56.51 -15.33 -16.87
N ALA R 49 60.78 -17.85 -22.99
CA ALA R 49 61.85 -17.01 -23.53
C ALA R 49 62.94 -16.70 -22.43
N GLU R 50 64.07 -16.05 -23.09
CA GLU R 50 65.05 -15.44 -22.19
C GLU R 50 64.60 -14.00 -22.09
N PHE R 51 64.60 -13.48 -20.85
CA PHE R 51 64.09 -12.14 -20.57
C PHE R 51 64.71 -11.01 -21.43
N LYS R 52 66.03 -10.85 -21.32
CA LYS R 52 66.79 -9.89 -22.13
C LYS R 52 66.62 -10.18 -23.62
N GLN R 53 66.81 -11.46 -23.98
CA GLN R 53 66.56 -11.95 -25.34
C GLN R 53 65.18 -11.52 -25.86
N ARG R 54 64.12 -11.81 -25.10
CA ARG R 54 62.75 -11.45 -25.53
C ARG R 54 62.55 -9.96 -25.68
N VAL R 55 63.07 -9.18 -24.73
CA VAL R 55 62.96 -7.72 -24.78
C VAL R 55 63.58 -7.20 -26.06
N LYS R 56 64.76 -7.74 -26.41
CA LYS R 56 65.43 -7.39 -27.65
C LYS R 56 64.56 -7.77 -28.87
N GLU R 57 64.03 -8.99 -28.88
CA GLU R 57 63.18 -9.48 -29.97
C GLU R 57 61.93 -8.61 -30.16
N ILE R 58 61.31 -8.22 -29.04
CA ILE R 58 60.13 -7.37 -29.08
C ILE R 58 60.46 -5.97 -29.61
N CYS R 59 61.58 -5.41 -29.16
CA CYS R 59 62.04 -4.09 -29.62
C CYS R 59 62.25 -4.09 -31.14
N ASP R 60 62.92 -5.13 -31.66
CA ASP R 60 63.13 -5.28 -33.11
C ASP R 60 61.83 -5.38 -33.88
N LEU R 61 60.83 -6.03 -33.29
CA LEU R 61 59.58 -6.27 -33.98
C LEU R 61 58.64 -5.02 -33.94
N VAL R 62 58.45 -4.42 -32.77
CA VAL R 62 57.54 -3.26 -32.64
C VAL R 62 58.20 -1.96 -33.08
N LYS R 63 59.50 -1.85 -32.90
CA LYS R 63 60.23 -0.61 -33.17
C LYS R 63 59.46 0.57 -32.58
N GLY R 64 59.17 0.44 -31.30
CA GLY R 64 58.49 1.45 -30.52
C GLY R 64 58.75 1.13 -29.06
N PRO R 65 58.28 2.00 -28.16
CA PRO R 65 58.50 1.82 -26.72
C PRO R 65 58.19 0.42 -26.20
N VAL R 66 59.17 -0.20 -25.55
CA VAL R 66 58.98 -1.51 -24.93
C VAL R 66 59.35 -1.40 -23.45
N SER R 67 58.33 -1.40 -22.58
CA SER R 67 58.54 -1.26 -21.14
C SER R 67 58.94 -2.58 -20.50
N ALA R 68 60.02 -2.56 -19.74
CA ALA R 68 60.54 -3.76 -19.07
C ALA R 68 60.88 -3.44 -17.63
N GLU R 69 60.52 -4.34 -16.70
CA GLU R 69 60.74 -4.06 -15.26
C GLU R 69 62.12 -4.52 -14.81
N VAL R 70 62.61 -3.85 -13.79
CA VAL R 70 63.85 -4.21 -13.10
C VAL R 70 63.54 -5.14 -11.95
N VAL R 71 64.54 -5.88 -11.49
CA VAL R 71 64.37 -6.80 -10.37
C VAL R 71 64.45 -6.05 -9.02
N SER R 72 65.46 -5.20 -8.83
CA SER R 72 65.75 -4.61 -7.52
C SER R 72 64.73 -3.54 -7.15
N LEU R 73 64.62 -3.30 -5.85
CA LEU R 73 63.70 -2.30 -5.30
C LEU R 73 64.44 -1.16 -4.56
N ASP R 74 65.73 -1.36 -4.28
CA ASP R 74 66.52 -0.26 -3.73
C ASP R 74 67.02 0.63 -4.88
N TYR R 75 67.22 1.90 -4.55
CA TYR R 75 67.61 2.92 -5.51
C TYR R 75 68.82 2.54 -6.32
N GLU R 76 69.90 2.14 -5.64
CA GLU R 76 71.16 1.81 -6.29
C GLU R 76 71.00 0.65 -7.27
N GLY R 77 70.32 -0.41 -6.82
CA GLY R 77 70.03 -1.57 -7.66
C GLY R 77 69.15 -1.27 -8.85
N MET R 78 68.11 -0.46 -8.64
CA MET R 78 67.21 -0.09 -9.72
C MET R 78 67.94 0.69 -10.82
N VAL R 79 68.81 1.62 -10.41
CA VAL R 79 69.56 2.43 -11.37
C VAL R 79 70.57 1.56 -12.12
N ARG R 80 71.32 0.74 -11.38
CA ARG R 80 72.27 -0.23 -11.95
C ARG R 80 71.62 -1.04 -13.07
N GLU R 81 70.49 -1.65 -12.75
CA GLU R 81 69.80 -2.55 -13.67
C GLU R 81 69.14 -1.83 -14.83
N ALA R 82 68.65 -0.62 -14.57
CA ALA R 82 68.07 0.22 -15.60
C ALA R 82 69.09 0.56 -16.67
N ARG R 83 70.31 0.90 -16.26
CA ARG R 83 71.40 1.18 -17.19
C ARG R 83 71.74 -0.03 -18.05
N GLU R 84 71.68 -1.22 -17.46
CA GLU R 84 71.94 -2.47 -18.19
C GLU R 84 70.85 -2.76 -19.20
N LEU R 85 69.60 -2.65 -18.78
CA LEU R 85 68.47 -2.88 -19.69
C LEU R 85 68.43 -1.88 -20.82
N ALA R 86 68.76 -0.63 -20.51
CA ALA R 86 68.74 0.45 -21.50
C ALA R 86 69.68 0.17 -22.65
N GLN R 87 70.80 -0.49 -22.37
CA GLN R 87 71.77 -0.77 -23.45
C GLN R 87 71.28 -1.86 -24.45
N ILE R 88 70.18 -2.57 -24.14
CA ILE R 88 69.62 -3.56 -25.07
C ILE R 88 69.12 -2.90 -26.35
N SER R 89 68.45 -1.76 -26.23
CA SER R 89 67.82 -1.12 -27.38
C SER R 89 67.40 0.30 -27.04
N GLU R 90 67.44 1.17 -28.04
CA GLU R 90 66.96 2.56 -27.92
C GLU R 90 65.50 2.63 -27.55
N TYR R 91 64.77 1.55 -27.83
CA TYR R 91 63.33 1.49 -27.57
C TYR R 91 62.94 1.07 -26.15
N VAL R 92 63.88 0.52 -25.39
CA VAL R 92 63.60 0.05 -24.05
C VAL R 92 63.22 1.22 -23.17
N VAL R 93 62.14 1.04 -22.40
CA VAL R 93 61.70 1.97 -21.37
C VAL R 93 61.72 1.19 -20.07
N ILE R 94 62.25 1.77 -19.00
CA ILE R 94 62.39 1.02 -17.74
C ILE R 94 61.19 1.22 -16.82
N LYS R 95 60.54 0.11 -16.48
CA LYS R 95 59.43 0.12 -15.52
C LYS R 95 59.96 0.30 -14.09
N ILE R 96 59.47 1.35 -13.42
CA ILE R 96 59.85 1.67 -12.06
C ILE R 96 58.59 1.67 -11.22
N PRO R 97 58.58 0.98 -10.09
CA PRO R 97 57.42 0.97 -9.23
C PRO R 97 57.31 2.31 -8.54
N MET R 98 56.09 2.76 -8.27
CA MET R 98 55.88 4.02 -7.57
C MET R 98 56.25 3.94 -6.08
N THR R 99 57.51 4.25 -5.79
CA THR R 99 58.02 4.27 -4.41
C THR R 99 59.01 5.45 -4.29
N PRO R 100 59.36 5.86 -3.07
CA PRO R 100 60.36 6.90 -2.88
C PRO R 100 61.68 6.62 -3.60
N ASP R 101 62.24 5.42 -3.42
CA ASP R 101 63.44 5.00 -4.14
C ASP R 101 63.22 4.98 -5.65
N GLY R 102 62.06 4.51 -6.08
CA GLY R 102 61.69 4.51 -7.50
C GLY R 102 61.72 5.89 -8.09
N ILE R 103 61.24 6.85 -7.34
CA ILE R 103 61.19 8.23 -7.76
C ILE R 103 62.57 8.87 -7.78
N LYS R 104 63.40 8.51 -6.78
CA LYS R 104 64.79 8.98 -6.83
C LYS R 104 65.49 8.38 -8.06
N ALA R 105 65.20 7.12 -8.37
CA ALA R 105 65.77 6.47 -9.56
C ALA R 105 65.33 7.17 -10.85
N VAL R 106 64.06 7.59 -10.93
CA VAL R 106 63.55 8.34 -12.09
C VAL R 106 64.31 9.67 -12.26
N LYS R 107 64.54 10.38 -11.17
CA LYS R 107 65.29 11.63 -11.23
C LYS R 107 66.65 11.40 -11.89
N THR R 108 67.37 10.38 -11.38
CA THR R 108 68.70 10.02 -11.84
C THR R 108 68.69 9.58 -13.31
N LEU R 109 67.79 8.65 -13.64
CA LEU R 109 67.77 8.06 -14.98
C LEU R 109 67.32 9.05 -16.05
N SER R 110 66.37 9.92 -15.69
CA SER R 110 65.94 11.01 -16.59
C SER R 110 67.13 11.88 -16.97
N ALA R 111 67.92 12.26 -15.97
CA ALA R 111 69.10 13.09 -16.22
C ALA R 111 70.10 12.40 -17.16
N GLU R 112 70.10 11.06 -17.19
CA GLU R 112 70.98 10.27 -18.05
C GLU R 112 70.35 9.91 -19.38
N GLY R 113 69.17 10.44 -19.69
CA GLY R 113 68.51 10.12 -20.95
C GLY R 113 67.92 8.72 -21.03
N ILE R 114 67.73 8.07 -19.88
CA ILE R 114 67.10 6.75 -19.86
C ILE R 114 65.62 6.91 -19.58
N LYS R 115 64.80 6.36 -20.46
CA LYS R 115 63.37 6.53 -20.42
C LYS R 115 62.75 5.63 -19.37
N THR R 116 61.74 6.17 -18.67
CA THR R 116 61.13 5.52 -17.52
C THR R 116 59.62 5.46 -17.62
N ASN R 117 59.07 4.41 -17.02
CA ASN R 117 57.64 4.19 -16.94
C ASN R 117 57.27 3.88 -15.50
N VAL R 118 56.70 4.87 -14.81
CA VAL R 118 56.35 4.67 -13.41
C VAL R 118 55.03 3.91 -13.30
N THR R 119 55.08 2.76 -12.63
CA THR R 119 53.98 1.84 -12.62
C THR R 119 53.47 1.69 -11.20
N LEU R 120 52.39 0.92 -11.06
CA LEU R 120 51.68 0.73 -9.79
C LEU R 120 51.19 2.07 -9.20
N VAL R 121 50.57 2.85 -10.08
CA VAL R 121 50.03 4.18 -9.74
C VAL R 121 48.53 4.05 -9.55
N PHE R 122 48.07 4.40 -8.35
CA PHE R 122 46.67 4.22 -7.98
C PHE R 122 46.06 5.49 -7.45
N SER R 123 46.81 6.59 -7.50
CA SER R 123 46.26 7.87 -7.06
C SER R 123 46.84 9.00 -7.87
N PRO R 124 46.07 10.06 -8.07
CA PRO R 124 46.58 11.28 -8.72
C PRO R 124 47.79 11.92 -8.01
N ALA R 125 47.88 11.80 -6.69
CA ALA R 125 49.03 12.33 -5.94
C ALA R 125 50.31 11.62 -6.38
N GLN R 126 50.25 10.30 -6.51
CA GLN R 126 51.37 9.51 -7.04
C GLN R 126 51.75 9.99 -8.45
N ALA R 127 50.74 10.19 -9.30
CA ALA R 127 50.96 10.61 -10.67
C ALA R 127 51.63 11.99 -10.76
N ILE R 128 51.35 12.90 -9.81
CA ILE R 128 52.05 14.21 -9.87
C ILE R 128 53.52 14.03 -9.56
N LEU R 129 53.84 13.24 -8.53
CA LEU R 129 55.24 13.01 -8.15
C LEU R 129 56.01 12.33 -9.27
N ALA R 130 55.39 11.38 -9.96
CA ALA R 130 56.03 10.71 -11.10
C ALA R 130 56.40 11.70 -12.18
N ALA R 131 55.48 12.58 -12.55
CA ALA R 131 55.73 13.61 -13.54
C ALA R 131 56.79 14.61 -13.09
N LYS R 132 56.71 15.00 -11.83
CA LYS R 132 57.66 15.97 -11.29
C LYS R 132 59.09 15.44 -11.27
N ALA R 133 59.23 14.14 -11.03
CA ALA R 133 60.54 13.50 -11.02
C ALA R 133 61.10 13.34 -12.42
N GLY R 134 60.25 13.46 -13.43
CA GLY R 134 60.68 13.40 -14.81
C GLY R 134 60.40 12.09 -15.53
N ALA R 135 59.41 11.34 -15.08
CA ALA R 135 59.02 10.10 -15.73
C ALA R 135 58.64 10.33 -17.20
N THR R 136 59.03 9.38 -18.06
CA THR R 136 58.65 9.46 -19.48
C THR R 136 57.18 9.10 -19.58
N TYR R 137 56.79 8.07 -18.84
CA TYR R 137 55.43 7.58 -18.78
C TYR R 137 54.98 7.36 -17.34
N VAL R 138 53.69 7.43 -17.11
CA VAL R 138 53.07 6.99 -15.85
C VAL R 138 51.95 6.01 -16.21
N SER R 139 51.82 4.92 -15.43
CA SER R 139 50.85 3.86 -15.72
C SER R 139 49.88 3.70 -14.55
N PRO R 140 48.77 4.43 -14.56
CA PRO R 140 47.70 4.23 -13.58
C PRO R 140 46.92 2.93 -13.84
N PHE R 141 46.66 2.18 -12.78
CA PHE R 141 46.05 0.86 -12.87
C PHE R 141 44.53 1.00 -12.69
N VAL R 142 43.85 1.09 -13.82
CA VAL R 142 42.41 1.31 -13.90
C VAL R 142 41.62 0.11 -13.37
N GLY R 143 41.82 -1.05 -14.00
CA GLY R 143 41.03 -2.25 -13.70
C GLY R 143 41.13 -2.71 -12.27
N ARG R 144 42.31 -2.57 -11.66
CA ARG R 144 42.47 -2.96 -10.27
C ARG R 144 41.75 -2.04 -9.29
N MET R 145 41.71 -0.74 -9.61
CA MET R 145 40.88 0.21 -8.83
C MET R 145 39.40 -0.03 -9.02
N ASP R 146 38.99 -0.30 -10.25
CA ASP R 146 37.61 -0.66 -10.56
C ASP R 146 37.10 -1.82 -9.67
N ASP R 147 37.93 -2.83 -9.47
CA ASP R 147 37.53 -4.02 -8.71
C ASP R 147 37.45 -3.80 -7.19
N LEU R 148 38.06 -2.71 -6.73
CA LEU R 148 37.86 -2.23 -5.36
C LEU R 148 36.56 -1.41 -5.24
N SER R 149 35.89 -1.18 -6.38
CA SER R 149 34.68 -0.36 -6.49
C SER R 149 34.97 1.09 -6.15
N ASN R 150 36.22 1.52 -6.30
CA ASN R 150 36.60 2.90 -6.04
C ASN R 150 36.80 3.68 -7.34
N ASP R 151 36.39 3.08 -8.46
CA ASP R 151 36.34 3.72 -9.78
C ASP R 151 37.70 4.13 -10.38
N GLY R 152 38.29 3.23 -11.15
CA GLY R 152 39.59 3.48 -11.75
C GLY R 152 39.57 4.48 -12.86
N MET R 153 38.46 4.56 -13.58
CA MET R 153 38.34 5.49 -14.69
C MET R 153 38.27 6.91 -14.18
N ARG R 154 37.68 7.10 -12.99
CA ARG R 154 37.62 8.44 -12.39
C ARG R 154 39.02 8.85 -11.95
N MET R 155 39.79 7.95 -11.39
CA MET R 155 41.14 8.28 -10.98
C MET R 155 42.01 8.59 -12.20
N LEU R 156 41.80 7.86 -13.29
CA LEU R 156 42.49 8.15 -14.52
C LEU R 156 42.12 9.54 -15.03
N GLY R 157 40.83 9.85 -15.03
CA GLY R 157 40.37 11.16 -15.44
C GLY R 157 40.99 12.28 -14.63
N GLU R 158 41.20 12.07 -13.33
CA GLU R 158 41.78 13.08 -12.46
C GLU R 158 43.26 13.31 -12.86
N ILE R 159 43.95 12.25 -13.23
CA ILE R 159 45.35 12.38 -13.64
C ILE R 159 45.50 13.10 -15.00
N VAL R 160 44.63 12.74 -15.94
CA VAL R 160 44.56 13.41 -17.22
C VAL R 160 44.27 14.92 -17.04
N GLU R 161 43.32 15.23 -16.18
CA GLU R 161 42.99 16.63 -15.89
C GLU R 161 44.19 17.38 -15.34
N ILE R 162 44.85 16.79 -14.36
CA ILE R 162 46.00 17.45 -13.73
C ILE R 162 47.16 17.61 -14.74
N TYR R 163 47.39 16.57 -15.53
CA TYR R 163 48.42 16.61 -16.56
C TYR R 163 48.14 17.65 -17.63
N ASN R 164 46.87 17.81 -18.01
CA ASN R 164 46.52 18.87 -18.93
C ASN R 164 46.68 20.24 -18.27
N ASN R 165 46.41 20.36 -16.97
CA ASN R 165 46.57 21.64 -16.29
C ASN R 165 48.00 22.17 -16.35
N TYR R 166 48.97 21.28 -16.26
CA TYR R 166 50.38 21.68 -16.07
C TYR R 166 51.27 21.33 -17.25
N GLY R 167 50.74 20.64 -18.25
CA GLY R 167 51.53 20.23 -19.42
C GLY R 167 52.81 19.48 -19.06
N PHE R 168 52.71 18.60 -18.07
CA PHE R 168 53.81 17.68 -17.77
C PHE R 168 54.17 16.93 -19.06
N GLU R 169 55.45 16.79 -19.33
CA GLU R 169 55.92 16.12 -20.53
C GLU R 169 55.67 14.59 -20.42
N THR R 170 55.51 14.10 -19.20
CA THR R 170 55.12 12.73 -18.93
C THR R 170 53.82 12.33 -19.61
N GLU R 171 53.84 11.15 -20.23
CA GLU R 171 52.70 10.64 -20.99
C GLU R 171 52.00 9.61 -20.16
N ILE R 172 50.67 9.61 -20.20
CA ILE R 172 49.88 8.67 -19.41
C ILE R 172 49.58 7.43 -20.23
N ILE R 173 49.92 6.28 -19.66
CA ILE R 173 49.51 4.98 -20.17
C ILE R 173 48.40 4.43 -19.28
N ALA R 174 47.16 4.48 -19.75
CA ALA R 174 46.09 3.72 -19.12
C ALA R 174 46.46 2.24 -19.06
N ALA R 175 46.66 1.73 -17.85
CA ALA R 175 47.06 0.34 -17.69
C ALA R 175 46.01 -0.42 -16.92
N SER R 176 46.23 -1.72 -16.74
CA SER R 176 45.23 -2.60 -16.11
C SER R 176 43.88 -2.46 -16.85
N ILE R 177 43.95 -2.48 -18.18
CA ILE R 177 42.79 -2.45 -19.07
C ILE R 177 42.28 -3.86 -19.29
N ARG R 178 40.99 -4.03 -19.09
CA ARG R 178 40.34 -5.34 -19.03
C ARG R 178 39.33 -5.57 -20.16
N HIS R 179 38.79 -4.50 -20.74
CA HIS R 179 37.68 -4.68 -21.69
C HIS R 179 37.53 -3.42 -22.55
N PRO R 180 36.77 -3.54 -23.63
CA PRO R 180 36.62 -2.44 -24.61
C PRO R 180 36.17 -1.07 -24.08
N MET R 181 35.30 -1.05 -23.08
CA MET R 181 34.81 0.20 -22.52
C MET R 181 35.90 0.97 -21.82
N HIS R 182 36.85 0.26 -21.20
CA HIS R 182 38.03 0.93 -20.63
C HIS R 182 38.73 1.74 -21.70
N VAL R 183 38.91 1.13 -22.88
CA VAL R 183 39.61 1.78 -24.00
C VAL R 183 38.84 3.00 -24.51
N VAL R 184 37.53 2.82 -24.69
CA VAL R 184 36.68 3.88 -25.23
C VAL R 184 36.56 5.05 -24.26
N GLU R 185 36.42 4.77 -22.96
CA GLU R 185 36.36 5.84 -21.96
C GLU R 185 37.69 6.56 -21.91
N ALA R 186 38.77 5.81 -21.94
CA ALA R 186 40.10 6.39 -21.89
C ALA R 186 40.32 7.31 -23.10
N ALA R 187 39.86 6.87 -24.27
CA ALA R 187 39.95 7.70 -25.50
C ALA R 187 39.12 8.95 -25.37
N LEU R 188 37.93 8.82 -24.79
CA LEU R 188 37.02 9.94 -24.60
C LEU R 188 37.59 11.02 -23.70
N MET R 189 38.38 10.61 -22.71
CA MET R 189 39.07 11.58 -21.85
C MET R 189 40.44 12.02 -22.41
N GLY R 190 40.87 11.37 -23.47
CA GLY R 190 42.09 11.78 -24.16
C GLY R 190 43.38 11.36 -23.46
N VAL R 191 43.42 10.12 -22.93
CA VAL R 191 44.73 9.63 -22.44
C VAL R 191 45.65 9.52 -23.62
N ASP R 192 46.93 9.61 -23.32
CA ASP R 192 47.96 9.61 -24.35
C ASP R 192 48.06 8.19 -24.97
N ILE R 193 48.03 7.17 -24.10
CA ILE R 193 48.33 5.79 -24.48
C ILE R 193 47.46 4.87 -23.69
N VAL R 194 46.94 3.82 -24.34
CA VAL R 194 46.28 2.74 -23.62
C VAL R 194 47.06 1.47 -23.91
N THR R 195 47.43 0.77 -22.86
CA THR R 195 48.09 -0.52 -23.00
C THR R 195 47.07 -1.59 -22.63
N MET R 196 46.97 -2.61 -23.49
CA MET R 196 45.94 -3.61 -23.36
C MET R 196 46.43 -5.00 -23.70
N PRO R 197 45.77 -6.03 -23.18
CA PRO R 197 45.95 -7.39 -23.70
C PRO R 197 45.53 -7.51 -25.16
N PHE R 198 46.12 -8.46 -25.85
CA PHE R 198 45.78 -8.74 -27.26
C PHE R 198 44.30 -9.09 -27.42
N ALA R 199 43.78 -9.89 -26.48
CA ALA R 199 42.39 -10.32 -26.47
C ALA R 199 41.44 -9.15 -26.48
N VAL R 200 41.79 -8.07 -25.78
CA VAL R 200 40.97 -6.85 -25.79
C VAL R 200 41.07 -6.16 -27.17
N LEU R 201 42.27 -6.06 -27.71
CA LEU R 201 42.45 -5.43 -29.01
C LEU R 201 41.62 -6.15 -30.09
N GLU R 202 41.65 -7.48 -30.08
CA GLU R 202 40.82 -8.25 -30.98
C GLU R 202 39.34 -7.87 -30.88
N LYS R 203 38.84 -7.68 -29.67
CA LYS R 203 37.43 -7.30 -29.49
C LYS R 203 37.07 -5.96 -30.14
N LEU R 204 38.01 -5.02 -30.12
CA LEU R 204 37.80 -3.68 -30.68
C LEU R 204 37.45 -3.69 -32.15
N PHE R 205 37.91 -4.69 -32.90
CA PHE R 205 37.59 -4.80 -34.32
C PHE R 205 36.12 -5.16 -34.57
N LYS R 206 35.49 -5.79 -33.58
CA LYS R 206 34.27 -6.58 -33.83
C LYS R 206 32.97 -5.82 -33.56
N HIS R 207 31.97 -6.08 -34.41
CA HIS R 207 30.61 -5.67 -34.17
C HIS R 207 29.68 -6.56 -34.98
N PRO R 208 28.59 -7.03 -34.38
CA PRO R 208 27.61 -7.83 -35.10
C PRO R 208 26.95 -7.17 -36.33
N MET R 209 26.85 -5.85 -36.29
CA MET R 209 26.27 -5.09 -37.41
C MET R 209 27.25 -4.98 -38.57
N THR R 210 28.55 -4.99 -38.26
CA THR R 210 29.57 -5.12 -39.31
C THR R 210 29.43 -6.46 -40.03
N ASP R 211 29.27 -7.53 -39.25
CA ASP R 211 29.17 -8.88 -39.80
C ASP R 211 27.93 -9.01 -40.67
N LEU R 212 26.81 -8.46 -40.23
CA LEU R 212 25.58 -8.48 -41.01
C LEU R 212 25.72 -7.67 -42.28
N GLY R 213 26.39 -6.51 -42.18
CA GLY R 213 26.66 -5.64 -43.33
C GLY R 213 27.44 -6.39 -44.40
N ILE R 214 28.44 -7.15 -43.96
CA ILE R 214 29.28 -7.94 -44.87
C ILE R 214 28.43 -9.02 -45.53
N GLU R 215 27.61 -9.73 -44.76
CA GLU R 215 26.72 -10.73 -45.34
C GLU R 215 25.81 -10.08 -46.38
N ARG R 216 25.29 -8.88 -46.09
CA ARG R 216 24.38 -8.23 -47.03
C ARG R 216 25.08 -7.67 -48.28
N PHE R 217 26.36 -7.35 -48.20
CA PHE R 217 27.05 -6.91 -49.41
C PHE R 217 27.58 -8.12 -50.24
N MET R 218 27.49 -9.32 -49.68
CA MET R 218 27.66 -10.55 -50.48
C MET R 218 26.47 -10.68 -51.41
N GLU R 219 25.27 -10.59 -50.83
CA GLU R 219 24.00 -10.83 -51.55
C GLU R 219 23.75 -9.74 -52.60
N ASP R 220 24.00 -8.48 -52.22
CA ASP R 220 23.92 -7.36 -53.16
C ASP R 220 24.80 -7.63 -54.40
N TRP R 221 26.06 -7.99 -54.18
CA TRP R 221 26.97 -8.33 -55.30
C TRP R 221 26.77 -9.73 -55.86
N LYS R 222 26.21 -10.66 -55.09
CA LYS R 222 25.82 -11.96 -55.64
C LYS R 222 24.68 -11.84 -56.67
N LYS R 223 23.95 -10.72 -56.65
CA LYS R 223 22.83 -10.45 -57.57
C LYS R 223 23.15 -9.34 -58.59
N TYR R 224 23.69 -8.23 -58.10
CA TYR R 224 24.05 -7.07 -58.94
C TYR R 224 25.28 -7.41 -59.76
N LEU R 225 25.07 -8.33 -60.69
CA LEU R 225 26.13 -9.11 -61.30
C LEU R 225 25.55 -9.95 -62.42
N GLU R 226 24.40 -10.58 -62.14
CA GLU R 226 23.65 -11.26 -63.19
C GLU R 226 22.88 -10.20 -63.99
N ASN R 227 21.93 -9.54 -63.31
CA ASN R 227 21.06 -8.52 -63.90
C ASN R 227 21.26 -8.24 -65.40
N HIS S 12 54.76 23.50 -15.24
CA HIS S 12 54.91 22.51 -14.14
C HIS S 12 54.37 23.03 -12.81
N MET S 13 53.62 22.16 -12.11
CA MET S 13 53.22 22.43 -10.74
C MET S 13 54.46 22.42 -9.88
N LYS S 14 54.60 23.43 -9.03
CA LYS S 14 55.69 23.50 -8.08
C LYS S 14 55.24 22.98 -6.72
N ILE S 15 56.16 22.28 -6.06
CA ILE S 15 55.97 21.88 -4.68
C ILE S 15 57.06 22.56 -3.86
N PHE S 16 56.65 23.34 -2.88
CA PHE S 16 57.53 23.87 -1.86
C PHE S 16 57.31 23.10 -0.56
N LEU S 17 58.29 23.13 0.32
CA LEU S 17 58.18 22.50 1.65
C LEU S 17 58.01 23.57 2.72
N ASP S 18 57.07 23.36 3.64
CA ASP S 18 56.97 24.15 4.88
C ASP S 18 57.88 23.54 5.91
N THR S 19 59.10 24.03 5.95
CA THR S 19 60.11 23.43 6.78
C THR S 19 61.30 24.35 6.98
N ALA S 20 62.07 24.06 8.01
CA ALA S 20 63.45 24.52 8.13
C ALA S 20 64.43 23.35 8.27
N ASN S 21 63.92 22.13 8.20
CA ASN S 21 64.77 20.95 8.39
C ASN S 21 65.53 20.62 7.09
N LEU S 22 66.86 20.55 7.18
CA LEU S 22 67.73 20.37 6.00
C LEU S 22 67.75 18.94 5.47
N GLU S 23 67.51 17.95 6.33
CA GLU S 23 67.44 16.56 5.90
C GLU S 23 66.20 16.35 5.02
N GLU S 24 65.05 16.83 5.48
CA GLU S 24 63.84 16.67 4.66
C GLU S 24 63.92 17.45 3.35
N ILE S 25 64.56 18.61 3.38
CA ILE S 25 64.81 19.36 2.14
C ILE S 25 65.76 18.60 1.20
N LYS S 26 66.80 17.99 1.75
CA LYS S 26 67.72 17.14 0.96
C LYS S 26 66.94 15.97 0.31
N LYS S 27 66.07 15.31 1.07
CA LYS S 27 65.24 14.22 0.51
C LYS S 27 64.35 14.76 -0.61
N GLY S 28 63.75 15.91 -0.34
CA GLY S 28 62.94 16.57 -1.33
C GLY S 28 63.66 16.80 -2.64
N VAL S 29 64.90 17.31 -2.58
CA VAL S 29 65.68 17.58 -3.79
C VAL S 29 66.26 16.29 -4.41
N GLU S 30 66.61 15.32 -3.56
CA GLU S 30 67.00 13.98 -4.03
C GLU S 30 65.93 13.35 -4.89
N TRP S 31 64.67 13.53 -4.48
CA TRP S 31 63.55 13.03 -5.24
C TRP S 31 63.26 13.87 -6.50
N GLY S 32 63.81 15.07 -6.55
CA GLY S 32 63.61 15.98 -7.67
C GLY S 32 62.19 16.48 -7.75
N ILE S 33 61.59 16.64 -6.56
CA ILE S 33 60.19 17.01 -6.44
C ILE S 33 60.00 18.37 -5.77
N VAL S 34 60.98 18.80 -4.99
CA VAL S 34 60.83 20.02 -4.21
C VAL S 34 61.54 21.17 -4.92
N ASP S 35 60.77 22.23 -5.22
CA ASP S 35 61.26 23.38 -6.01
C ASP S 35 61.65 24.57 -5.15
N GLY S 36 61.21 24.57 -3.88
CA GLY S 36 61.51 25.66 -2.97
C GLY S 36 61.04 25.35 -1.58
N VAL S 37 61.13 26.36 -0.72
CA VAL S 37 60.82 26.19 0.72
C VAL S 37 60.15 27.42 1.24
N THR S 38 59.17 27.23 2.12
CA THR S 38 58.55 28.34 2.81
C THR S 38 58.87 28.12 4.29
N THR S 39 59.31 29.17 4.97
CA THR S 39 59.89 29.05 6.30
C THR S 39 59.26 30.06 7.29
N ASN S 40 59.54 29.85 8.58
CA ASN S 40 59.15 30.75 9.68
C ASN S 40 60.10 30.55 10.91
N PRO S 41 60.19 31.51 11.82
CA PRO S 41 61.11 31.43 12.97
C PRO S 41 61.02 30.19 13.88
N THR S 42 59.80 29.79 14.25
CA THR S 42 59.60 28.61 15.14
C THR S 42 60.12 27.27 14.58
N LEU S 43 59.88 27.01 13.29
CA LEU S 43 60.41 25.82 12.58
C LEU S 43 61.95 25.73 12.73
N ILE S 44 62.56 26.91 12.74
CA ILE S 44 64.01 27.07 12.78
C ILE S 44 64.55 26.82 14.19
N SER S 45 64.10 27.59 15.16
CA SER S 45 64.54 27.41 16.55
C SER S 45 64.10 26.03 17.07
N LYS S 46 63.05 25.45 16.47
CA LYS S 46 62.72 24.02 16.70
C LYS S 46 63.94 23.15 16.35
N GLU S 47 64.50 23.39 15.16
CA GLU S 47 65.75 22.75 14.71
C GLU S 47 67.01 23.42 15.27
N GLY S 48 66.85 24.50 16.03
CA GLY S 48 67.93 25.11 16.81
C GLY S 48 68.93 25.96 16.03
N ALA S 49 68.51 26.43 14.85
CA ALA S 49 69.33 27.32 14.02
C ALA S 49 68.96 28.77 14.28
N GLU S 50 69.82 29.67 13.80
CA GLU S 50 69.62 31.13 13.87
C GLU S 50 68.40 31.51 13.01
N PHE S 51 68.60 32.04 11.81
CA PHE S 51 67.49 32.49 10.98
C PHE S 51 68.04 32.97 9.68
N LYS S 52 68.89 33.99 9.76
CA LYS S 52 69.54 34.55 8.57
C LYS S 52 70.44 33.50 7.94
N GLN S 53 71.14 32.77 8.83
CA GLN S 53 71.97 31.62 8.46
C GLN S 53 71.16 30.46 7.93
N ARG S 54 70.13 30.05 8.65
CA ARG S 54 69.39 28.88 8.20
C ARG S 54 68.72 29.15 6.87
N VAL S 55 68.34 30.41 6.64
CA VAL S 55 67.81 30.79 5.33
C VAL S 55 68.88 30.62 4.26
N LYS S 56 70.12 31.00 4.56
CA LYS S 56 71.25 30.80 3.64
C LYS S 56 71.46 29.32 3.35
N GLU S 57 71.47 28.50 4.39
CA GLU S 57 71.67 27.07 4.26
C GLU S 57 70.61 26.44 3.37
N ILE S 58 69.36 26.87 3.59
CA ILE S 58 68.20 26.38 2.82
C ILE S 58 68.32 26.77 1.34
N CYS S 59 68.67 28.03 1.09
CA CYS S 59 68.88 28.52 -0.27
C CYS S 59 69.90 27.70 -1.02
N ASP S 60 71.05 27.46 -0.39
CA ASP S 60 72.13 26.63 -0.96
C ASP S 60 71.65 25.22 -1.30
N LEU S 61 70.74 24.70 -0.47
CA LEU S 61 70.24 23.33 -0.64
C LEU S 61 69.21 23.22 -1.73
N VAL S 62 68.16 24.04 -1.66
CA VAL S 62 67.06 23.91 -2.59
C VAL S 62 67.37 24.54 -3.92
N LYS S 63 68.16 25.60 -3.89
CA LYS S 63 68.43 26.40 -5.08
C LYS S 63 67.14 26.70 -5.85
N GLY S 64 66.20 27.27 -5.12
CA GLY S 64 64.91 27.69 -5.61
C GLY S 64 64.32 28.64 -4.57
N PRO S 65 63.10 29.15 -4.80
CA PRO S 65 62.55 30.19 -3.93
C PRO S 65 62.45 29.75 -2.49
N VAL S 66 63.00 30.57 -1.59
CA VAL S 66 62.93 30.33 -0.15
C VAL S 66 62.26 31.55 0.49
N SER S 67 61.01 31.39 0.93
CA SER S 67 60.27 32.48 1.53
C SER S 67 60.65 32.64 3.01
N ALA S 68 60.95 33.86 3.40
CA ALA S 68 61.33 34.16 4.76
C ALA S 68 60.65 35.43 5.22
N GLU S 69 60.12 35.42 6.44
CA GLU S 69 59.33 36.53 6.96
C GLU S 69 60.21 37.60 7.59
N VAL S 70 59.72 38.83 7.54
CA VAL S 70 60.34 39.98 8.21
C VAL S 70 59.74 40.17 9.61
N VAL S 71 60.46 40.85 10.49
CA VAL S 71 59.96 41.11 11.86
C VAL S 71 58.96 42.25 11.88
N SER S 72 59.31 43.38 11.29
CA SER S 72 58.53 44.60 11.42
C SER S 72 57.22 44.55 10.66
N LEU S 73 56.26 45.35 11.11
CA LEU S 73 54.94 45.45 10.47
C LEU S 73 54.64 46.85 9.91
N ASP S 74 55.47 47.85 10.24
CA ASP S 74 55.35 49.16 9.62
C ASP S 74 56.10 49.10 8.31
N TYR S 75 55.61 49.91 7.37
CA TYR S 75 56.11 49.99 6.00
C TYR S 75 57.64 50.18 5.94
N GLU S 76 58.13 51.17 6.68
CA GLU S 76 59.54 51.50 6.67
C GLU S 76 60.40 50.32 7.14
N GLY S 77 60.02 49.75 8.28
CA GLY S 77 60.72 48.61 8.87
C GLY S 77 60.68 47.37 8.01
N MET S 78 59.53 47.13 7.36
CA MET S 78 59.39 45.98 6.48
C MET S 78 60.35 46.07 5.28
N VAL S 79 60.42 47.26 4.68
CA VAL S 79 61.24 47.50 3.49
C VAL S 79 62.71 47.41 3.87
N ARG S 80 63.06 48.05 4.98
CA ARG S 80 64.42 47.99 5.57
C ARG S 80 64.94 46.55 5.71
N GLU S 81 64.10 45.71 6.32
CA GLU S 81 64.45 44.31 6.64
C GLU S 81 64.42 43.42 5.42
N ALA S 82 63.51 43.69 4.51
CA ALA S 82 63.42 42.96 3.25
C ALA S 82 64.70 43.11 2.45
N ARG S 83 65.20 44.33 2.37
CA ARG S 83 66.42 44.63 1.66
C ARG S 83 67.58 43.86 2.23
N GLU S 84 67.60 43.76 3.55
CA GLU S 84 68.66 43.06 4.26
C GLU S 84 68.57 41.54 4.03
N LEU S 85 67.36 40.99 4.13
CA LEU S 85 67.17 39.56 3.86
C LEU S 85 67.47 39.21 2.41
N ALA S 86 67.10 40.10 1.48
CA ALA S 86 67.32 39.88 0.05
C ALA S 86 68.80 39.70 -0.26
N GLN S 87 69.66 40.36 0.50
CA GLN S 87 71.10 40.27 0.24
C GLN S 87 71.72 38.92 0.61
N ILE S 88 70.99 38.07 1.33
CA ILE S 88 71.49 36.73 1.69
C ILE S 88 71.65 35.85 0.48
N SER S 89 70.70 35.91 -0.45
CA SER S 89 70.71 35.04 -1.62
C SER S 89 69.73 35.51 -2.68
N GLU S 90 70.03 35.23 -3.93
CA GLU S 90 69.13 35.54 -5.04
C GLU S 90 67.82 34.76 -4.93
N TYR S 91 67.84 33.66 -4.17
CA TYR S 91 66.66 32.80 -3.99
C TYR S 91 65.67 33.25 -2.92
N VAL S 92 66.09 34.17 -2.05
CA VAL S 92 65.24 34.59 -0.95
C VAL S 92 64.05 35.38 -1.51
N VAL S 93 62.88 35.02 -0.98
CA VAL S 93 61.63 35.70 -1.25
C VAL S 93 61.12 36.22 0.09
N ILE S 94 60.67 37.46 0.12
CA ILE S 94 60.26 38.07 1.38
C ILE S 94 58.76 37.88 1.61
N LYS S 95 58.44 37.23 2.73
CA LYS S 95 57.05 37.04 3.16
C LYS S 95 56.56 38.36 3.80
N ILE S 96 55.47 38.87 3.25
CA ILE S 96 54.86 40.12 3.67
C ILE S 96 53.41 39.81 4.07
N PRO S 97 52.99 40.21 5.27
CA PRO S 97 51.59 40.00 5.67
C PRO S 97 50.65 40.83 4.81
N MET S 98 49.46 40.33 4.53
CA MET S 98 48.49 41.10 3.78
C MET S 98 47.92 42.24 4.63
N THR S 99 48.56 43.41 4.55
CA THR S 99 48.11 44.61 5.22
C THR S 99 48.33 45.76 4.28
N PRO S 100 47.68 46.90 4.54
CA PRO S 100 47.98 48.14 3.79
C PRO S 100 49.47 48.51 3.70
N ASP S 101 50.17 48.52 4.84
CA ASP S 101 51.62 48.73 4.84
C ASP S 101 52.37 47.66 4.06
N GLY S 102 51.95 46.41 4.23
CA GLY S 102 52.55 45.30 3.51
C GLY S 102 52.40 45.48 2.00
N ILE S 103 51.24 45.96 1.56
CA ILE S 103 51.01 46.19 0.12
C ILE S 103 51.85 47.35 -0.39
N LYS S 104 51.98 48.37 0.44
CA LYS S 104 52.81 49.53 0.15
C LYS S 104 54.26 49.05 0.00
N ALA S 105 54.69 48.15 0.90
CA ALA S 105 56.03 47.54 0.82
C ALA S 105 56.23 46.73 -0.46
N VAL S 106 55.21 45.99 -0.87
CA VAL S 106 55.29 45.19 -2.09
C VAL S 106 55.50 46.09 -3.34
N LYS S 107 54.77 47.19 -3.40
CA LYS S 107 54.96 48.17 -4.47
C LYS S 107 56.42 48.62 -4.53
N THR S 108 56.95 49.03 -3.39
CA THR S 108 58.34 49.48 -3.28
C THR S 108 59.38 48.39 -3.62
N LEU S 109 59.22 47.21 -3.03
CA LEU S 109 60.18 46.14 -3.22
C LEU S 109 60.16 45.59 -4.63
N SER S 110 58.96 45.45 -5.22
CA SER S 110 58.83 44.97 -6.59
C SER S 110 59.60 45.89 -7.54
N ALA S 111 59.47 47.20 -7.33
CA ALA S 111 60.19 48.20 -8.12
C ALA S 111 61.72 48.07 -8.01
N GLU S 112 62.21 47.54 -6.89
CA GLU S 112 63.65 47.30 -6.66
C GLU S 112 64.10 45.88 -7.04
N GLY S 113 63.26 45.10 -7.69
CA GLY S 113 63.63 43.73 -8.05
C GLY S 113 63.70 42.75 -6.90
N ILE S 114 63.07 43.08 -5.77
CA ILE S 114 63.05 42.19 -4.61
C ILE S 114 61.73 41.42 -4.61
N LYS S 115 61.84 40.08 -4.58
CA LYS S 115 60.69 39.19 -4.73
C LYS S 115 59.92 39.13 -3.43
N THR S 116 58.59 39.03 -3.56
CA THR S 116 57.71 39.04 -2.39
C THR S 116 56.69 37.92 -2.43
N ASN S 117 56.30 37.52 -1.25
CA ASN S 117 55.27 36.51 -1.05
C ASN S 117 54.27 37.11 -0.06
N VAL S 118 53.09 37.48 -0.55
CA VAL S 118 52.07 38.01 0.33
C VAL S 118 51.30 36.89 0.99
N THR S 119 51.31 36.90 2.31
CA THR S 119 50.86 35.80 3.12
C THR S 119 49.66 36.25 3.95
N LEU S 120 49.04 35.31 4.67
CA LEU S 120 47.82 35.53 5.46
C LEU S 120 46.71 36.11 4.59
N VAL S 121 46.52 35.46 3.42
CA VAL S 121 45.44 35.80 2.50
C VAL S 121 44.26 34.83 2.71
N PHE S 122 43.09 35.39 3.01
CA PHE S 122 41.89 34.61 3.33
C PHE S 122 40.68 34.97 2.46
N SER S 123 40.88 35.83 1.48
CA SER S 123 39.82 36.22 0.60
C SER S 123 40.36 36.52 -0.81
N PRO S 124 39.57 36.31 -1.84
CA PRO S 124 39.93 36.76 -3.19
C PRO S 124 40.16 38.27 -3.35
N ALA S 125 39.50 39.09 -2.54
CA ALA S 125 39.72 40.54 -2.60
C ALA S 125 41.15 40.88 -2.22
N GLN S 126 41.62 40.25 -1.15
CA GLN S 126 43.00 40.40 -0.72
C GLN S 126 43.94 39.99 -1.85
N ALA S 127 43.67 38.83 -2.44
CA ALA S 127 44.51 38.30 -3.52
C ALA S 127 44.62 39.23 -4.73
N ILE S 128 43.56 39.95 -5.05
CA ILE S 128 43.58 40.91 -6.15
C ILE S 128 44.56 42.04 -5.82
N LEU S 129 44.42 42.59 -4.62
CA LEU S 129 45.29 43.66 -4.21
C LEU S 129 46.76 43.25 -4.25
N ALA S 130 47.06 42.03 -3.73
CA ALA S 130 48.42 41.51 -3.74
C ALA S 130 48.98 41.45 -5.13
N ALA S 131 48.24 40.91 -6.09
CA ALA S 131 48.71 40.87 -7.47
C ALA S 131 48.88 42.25 -8.07
N LYS S 132 47.91 43.14 -7.82
CA LYS S 132 47.98 44.48 -8.38
C LYS S 132 49.15 45.28 -7.85
N ALA S 133 49.54 45.07 -6.59
CA ALA S 133 50.74 45.74 -6.02
C ALA S 133 52.04 45.17 -6.61
N GLY S 134 51.95 44.00 -7.25
CA GLY S 134 53.08 43.40 -7.95
C GLY S 134 53.76 42.27 -7.20
N ALA S 135 53.03 41.58 -6.31
CA ALA S 135 53.60 40.46 -5.52
C ALA S 135 54.11 39.37 -6.42
N THR S 136 55.20 38.75 -6.05
CA THR S 136 55.73 37.68 -6.85
C THR S 136 54.84 36.47 -6.65
N TYR S 137 54.46 36.26 -5.39
CA TYR S 137 53.58 35.18 -4.97
C TYR S 137 52.50 35.68 -4.01
N VAL S 138 51.35 34.98 -4.00
CA VAL S 138 50.33 35.08 -2.94
C VAL S 138 50.16 33.74 -2.33
N SER S 139 49.88 33.71 -1.02
CA SER S 139 49.71 32.50 -0.28
C SER S 139 48.37 32.51 0.46
N PRO S 140 47.32 32.03 -0.19
CA PRO S 140 46.03 31.82 0.46
C PRO S 140 46.03 30.62 1.42
N PHE S 141 45.44 30.83 2.60
CA PHE S 141 45.52 29.86 3.70
C PHE S 141 44.33 28.94 3.71
N VAL S 142 44.45 27.82 2.99
CA VAL S 142 43.36 26.89 2.74
C VAL S 142 42.84 26.20 4.00
N GLY S 143 43.73 25.50 4.68
CA GLY S 143 43.38 24.70 5.87
C GLY S 143 42.76 25.51 7.00
N ARG S 144 43.24 26.72 7.21
CA ARG S 144 42.70 27.57 8.27
C ARG S 144 41.27 28.04 7.96
N MET S 145 40.98 28.27 6.68
CA MET S 145 39.61 28.56 6.25
C MET S 145 38.71 27.34 6.37
N ASP S 146 39.25 26.20 5.96
CA ASP S 146 38.55 24.93 6.07
C ASP S 146 38.01 24.73 7.47
N ASP S 147 38.84 25.04 8.44
CA ASP S 147 38.56 24.81 9.85
C ASP S 147 37.50 25.76 10.42
N LEU S 148 37.26 26.86 9.72
CA LEU S 148 36.13 27.73 10.00
C LEU S 148 34.83 27.22 9.36
N SER S 149 34.95 26.14 8.59
CA SER S 149 33.84 25.58 7.80
C SER S 149 33.32 26.54 6.71
N ASN S 150 34.17 27.47 6.30
CA ASN S 150 33.86 28.39 5.21
C ASN S 150 34.55 28.00 3.91
N ASP S 151 35.13 26.80 3.87
CA ASP S 151 35.64 26.18 2.63
C ASP S 151 36.83 26.94 1.98
N GLY S 152 38.04 26.55 2.40
CA GLY S 152 39.27 27.16 1.90
C GLY S 152 39.63 26.77 0.46
N MET S 153 39.21 25.59 0.03
CA MET S 153 39.44 25.16 -1.34
C MET S 153 38.62 25.99 -2.33
N ARG S 154 37.41 26.36 -1.93
CA ARG S 154 36.58 27.16 -2.80
C ARG S 154 37.17 28.60 -2.89
N MET S 155 37.70 29.15 -1.77
CA MET S 155 38.33 30.48 -1.82
C MET S 155 39.54 30.43 -2.73
N LEU S 156 40.33 29.36 -2.64
CA LEU S 156 41.47 29.18 -3.50
C LEU S 156 41.05 29.11 -4.97
N GLY S 157 40.00 28.36 -5.25
CA GLY S 157 39.44 28.27 -6.60
C GLY S 157 38.99 29.58 -7.17
N GLU S 158 38.50 30.46 -6.32
CA GLU S 158 38.08 31.78 -6.75
C GLU S 158 39.26 32.63 -7.15
N ILE S 159 40.34 32.49 -6.41
CA ILE S 159 41.53 33.26 -6.66
C ILE S 159 42.18 32.78 -7.94
N VAL S 160 42.27 31.45 -8.12
CA VAL S 160 42.77 30.83 -9.36
C VAL S 160 41.97 31.31 -10.58
N GLU S 161 40.66 31.32 -10.45
CA GLU S 161 39.78 31.79 -11.51
C GLU S 161 40.02 33.27 -11.83
N ILE S 162 40.16 34.11 -10.81
CA ILE S 162 40.42 35.54 -11.01
C ILE S 162 41.78 35.79 -11.67
N TYR S 163 42.82 35.06 -11.22
CA TYR S 163 44.15 35.21 -11.76
C TYR S 163 44.22 34.68 -13.17
N ASN S 164 43.45 33.64 -13.49
CA ASN S 164 43.34 33.23 -14.92
C ASN S 164 42.68 34.29 -15.75
N ASN S 165 41.65 34.93 -15.22
CA ASN S 165 40.89 35.92 -15.97
C ASN S 165 41.77 37.09 -16.45
N TYR S 166 42.75 37.48 -15.62
CA TYR S 166 43.55 38.69 -15.84
C TYR S 166 45.04 38.44 -16.12
N GLY S 167 45.48 37.20 -16.01
CA GLY S 167 46.89 36.86 -16.21
C GLY S 167 47.84 37.70 -15.38
N PHE S 168 47.50 37.90 -14.12
CA PHE S 168 48.44 38.47 -13.16
C PHE S 168 49.72 37.64 -13.18
N GLU S 169 50.87 38.30 -13.19
CA GLU S 169 52.15 37.60 -13.18
C GLU S 169 52.35 36.88 -11.83
N THR S 170 51.75 37.41 -10.77
CA THR S 170 51.74 36.79 -9.45
C THR S 170 51.39 35.31 -9.52
N GLU S 171 52.15 34.49 -8.81
CA GLU S 171 51.89 33.06 -8.73
C GLU S 171 51.18 32.72 -7.42
N ILE S 172 50.29 31.74 -7.48
CA ILE S 172 49.52 31.32 -6.32
C ILE S 172 50.19 30.15 -5.66
N ILE S 173 50.53 30.33 -4.38
CA ILE S 173 50.98 29.25 -3.52
C ILE S 173 49.83 28.84 -2.60
N ALA S 174 49.20 27.70 -2.88
CA ALA S 174 48.26 27.12 -1.95
C ALA S 174 48.97 26.78 -0.67
N ALA S 175 48.61 27.48 0.40
CA ALA S 175 49.27 27.37 1.71
C ALA S 175 48.31 26.83 2.76
N SER S 176 48.81 26.63 3.97
CA SER S 176 48.04 25.97 5.01
C SER S 176 47.47 24.62 4.53
N ILE S 177 48.32 23.83 3.86
CA ILE S 177 47.99 22.50 3.32
C ILE S 177 48.19 21.49 4.41
N ARG S 178 47.19 20.64 4.63
CA ARG S 178 47.17 19.75 5.80
C ARG S 178 47.14 18.27 5.45
N HIS S 179 46.76 17.95 4.22
CA HIS S 179 46.57 16.56 3.87
C HIS S 179 46.54 16.39 2.34
N PRO S 180 46.71 15.16 1.87
CA PRO S 180 46.79 14.87 0.43
C PRO S 180 45.67 15.43 -0.48
N MET S 181 44.42 15.40 -0.03
CA MET S 181 43.30 15.89 -0.84
C MET S 181 43.41 17.37 -1.12
N HIS S 182 43.96 18.15 -0.17
CA HIS S 182 44.30 19.56 -0.43
C HIS S 182 45.18 19.69 -1.67
N VAL S 183 46.18 18.82 -1.77
CA VAL S 183 47.14 18.86 -2.87
C VAL S 183 46.49 18.46 -4.20
N VAL S 184 45.72 17.39 -4.16
CA VAL S 184 45.03 16.89 -5.35
C VAL S 184 44.02 17.92 -5.86
N GLU S 185 43.23 18.46 -4.96
CA GLU S 185 42.22 19.41 -5.35
C GLU S 185 42.85 20.70 -5.88
N ALA S 186 43.96 21.11 -5.28
CA ALA S 186 44.72 22.27 -5.76
C ALA S 186 45.30 22.00 -7.13
N ALA S 187 45.78 20.78 -7.36
CA ALA S 187 46.30 20.39 -8.68
C ALA S 187 45.22 20.37 -9.76
N LEU S 188 44.03 19.89 -9.39
CA LEU S 188 42.91 19.79 -10.30
C LEU S 188 42.41 21.16 -10.73
N MET S 189 42.57 22.17 -9.87
CA MET S 189 42.18 23.52 -10.23
C MET S 189 43.33 24.26 -10.91
N GLY S 190 44.53 23.68 -10.87
CA GLY S 190 45.69 24.25 -11.56
C GLY S 190 46.36 25.40 -10.82
N VAL S 191 46.45 25.30 -9.50
CA VAL S 191 47.25 26.25 -8.72
C VAL S 191 48.71 26.13 -9.16
N ASP S 192 49.44 27.24 -9.09
CA ASP S 192 50.80 27.28 -9.57
C ASP S 192 51.70 26.43 -8.69
N ILE S 193 51.55 26.62 -7.39
CA ILE S 193 52.44 26.07 -6.39
C ILE S 193 51.61 25.61 -5.21
N VAL S 194 52.00 24.49 -4.63
CA VAL S 194 51.45 24.03 -3.40
C VAL S 194 52.63 23.89 -2.38
N THR S 195 52.54 24.58 -1.25
CA THR S 195 53.54 24.45 -0.20
C THR S 195 52.94 23.58 0.89
N MET S 196 53.68 22.56 1.30
CA MET S 196 53.16 21.57 2.23
C MET S 196 54.22 21.09 3.24
N PRO S 197 53.78 20.61 4.39
CA PRO S 197 54.70 19.89 5.29
C PRO S 197 55.30 18.62 4.66
N PHE S 198 56.48 18.26 5.13
CA PHE S 198 57.15 17.06 4.65
C PHE S 198 56.29 15.84 4.84
N ALA S 199 55.65 15.78 6.01
CA ALA S 199 54.74 14.69 6.38
C ALA S 199 53.65 14.46 5.34
N VAL S 200 53.12 15.54 4.77
CA VAL S 200 52.12 15.42 3.72
C VAL S 200 52.75 14.90 2.42
N LEU S 201 53.96 15.38 2.12
CA LEU S 201 54.71 14.95 0.94
C LEU S 201 54.96 13.45 0.95
N GLU S 202 55.41 12.96 2.10
CA GLU S 202 55.60 11.53 2.34
C GLU S 202 54.34 10.72 1.97
N LYS S 203 53.18 11.20 2.42
CA LYS S 203 51.88 10.53 2.18
C LYS S 203 51.53 10.43 0.69
N LEU S 204 51.97 11.39 -0.10
CA LEU S 204 51.67 11.41 -1.54
C LEU S 204 52.26 10.20 -2.27
N PHE S 205 53.38 9.70 -1.78
CA PHE S 205 54.05 8.54 -2.40
C PHE S 205 53.19 7.30 -2.27
N LYS S 206 52.41 7.25 -1.20
CA LYS S 206 51.92 5.96 -0.64
C LYS S 206 50.57 5.52 -1.19
N HIS S 207 50.46 4.21 -1.43
CA HIS S 207 49.18 3.60 -1.73
C HIS S 207 49.25 2.10 -1.40
N PRO S 208 48.20 1.56 -0.77
CA PRO S 208 48.18 0.12 -0.41
C PRO S 208 48.28 -0.81 -1.59
N MET S 209 47.73 -0.38 -2.73
CA MET S 209 47.75 -1.19 -3.94
C MET S 209 49.11 -1.22 -4.60
N THR S 210 49.88 -0.14 -4.43
CA THR S 210 51.28 -0.14 -4.85
C THR S 210 52.08 -1.16 -4.02
N ASP S 211 51.87 -1.19 -2.71
CA ASP S 211 52.56 -2.12 -1.81
C ASP S 211 52.25 -3.57 -2.13
N LEU S 212 50.99 -3.86 -2.43
CA LEU S 212 50.55 -5.20 -2.83
C LEU S 212 51.11 -5.58 -4.20
N GLY S 213 51.16 -4.62 -5.13
CA GLY S 213 51.75 -4.84 -6.46
C GLY S 213 53.22 -5.21 -6.36
N ILE S 214 53.93 -4.52 -5.48
CA ILE S 214 55.34 -4.83 -5.22
C ILE S 214 55.54 -6.22 -4.60
N GLU S 215 54.69 -6.60 -3.64
CA GLU S 215 54.69 -7.95 -3.06
C GLU S 215 54.47 -8.99 -4.17
N ARG S 216 53.52 -8.71 -5.06
CA ARG S 216 53.20 -9.64 -6.15
C ARG S 216 54.28 -9.63 -7.25
N HIS T 12 45.55 42.82 -16.87
CA HIS T 12 45.34 43.19 -15.45
C HIS T 12 44.00 43.85 -15.20
N MET T 13 43.34 43.45 -14.11
CA MET T 13 42.13 44.13 -13.66
C MET T 13 42.52 45.49 -13.17
N LYS T 14 41.81 46.52 -13.61
CA LYS T 14 42.07 47.84 -13.14
C LYS T 14 41.09 48.22 -12.01
N ILE T 15 41.57 49.00 -11.06
CA ILE T 15 40.74 49.57 -10.04
C ILE T 15 40.82 51.07 -10.17
N PHE T 16 39.67 51.70 -10.39
CA PHE T 16 39.55 53.17 -10.30
C PHE T 16 38.87 53.56 -8.98
N LEU T 17 39.11 54.78 -8.51
CA LEU T 17 38.47 55.28 -7.29
C LEU T 17 37.36 56.28 -7.62
N ASP T 18 36.19 56.08 -7.02
CA ASP T 18 35.10 57.05 -7.07
C ASP T 18 35.39 58.10 -6.02
N THR T 19 36.10 59.17 -6.38
CA THR T 19 36.52 60.16 -5.41
C THR T 19 37.02 61.40 -6.11
N ALA T 20 37.08 62.49 -5.35
CA ALA T 20 37.86 63.66 -5.68
C ALA T 20 38.89 63.97 -4.58
N ASN T 21 38.98 63.11 -3.57
CA ASN T 21 39.86 63.37 -2.44
C ASN T 21 41.29 62.91 -2.76
N LEU T 22 42.23 63.85 -2.68
CA LEU T 22 43.61 63.63 -3.12
C LEU T 22 44.42 62.72 -2.17
N GLU T 23 44.10 62.80 -0.87
CA GLU T 23 44.80 61.97 0.11
C GLU T 23 44.48 60.50 -0.16
N GLU T 24 43.20 60.20 -0.38
CA GLU T 24 42.83 58.83 -0.65
C GLU T 24 43.38 58.33 -2.00
N ILE T 25 43.49 59.22 -3.01
CA ILE T 25 44.13 58.78 -4.27
C ILE T 25 45.66 58.66 -4.13
N LYS T 26 46.27 59.48 -3.28
CA LYS T 26 47.70 59.33 -2.93
C LYS T 26 47.96 57.99 -2.23
N LYS T 27 47.15 57.69 -1.22
CA LYS T 27 47.17 56.37 -0.59
C LYS T 27 47.10 55.29 -1.68
N GLY T 28 46.06 55.37 -2.54
CA GLY T 28 45.81 54.40 -3.62
C GLY T 28 47.00 54.15 -4.53
N VAL T 29 47.71 55.22 -4.88
CA VAL T 29 48.89 55.09 -5.75
C VAL T 29 50.13 54.61 -4.97
N GLU T 30 50.25 55.02 -3.70
CA GLU T 30 51.30 54.48 -2.80
C GLU T 30 51.18 52.94 -2.66
N TRP T 31 49.95 52.42 -2.64
CA TRP T 31 49.67 50.99 -2.63
C TRP T 31 49.95 50.33 -3.97
N GLY T 32 49.97 51.14 -5.01
CA GLY T 32 50.20 50.63 -6.37
C GLY T 32 49.01 49.84 -6.89
N ILE T 33 47.83 50.23 -6.43
CA ILE T 33 46.60 49.50 -6.68
C ILE T 33 45.57 50.30 -7.47
N VAL T 34 45.67 51.61 -7.45
CA VAL T 34 44.70 52.48 -8.13
C VAL T 34 45.25 52.97 -9.47
N ASP T 35 44.50 52.72 -10.53
CA ASP T 35 44.93 52.98 -11.89
C ASP T 35 44.29 54.20 -12.48
N GLY T 36 43.24 54.69 -11.85
CA GLY T 36 42.59 55.88 -12.35
C GLY T 36 41.53 56.34 -11.39
N VAL T 37 40.74 57.32 -11.80
CA VAL T 37 39.71 57.93 -10.94
C VAL T 37 38.48 58.24 -11.75
N THR T 38 37.31 58.02 -11.15
CA THR T 38 36.06 58.50 -11.70
C THR T 38 35.54 59.59 -10.77
N THR T 39 35.07 60.69 -11.35
CA THR T 39 34.73 61.89 -10.58
C THR T 39 33.32 62.41 -10.92
N ASN T 40 32.88 63.36 -10.09
CA ASN T 40 31.67 64.15 -10.32
C ASN T 40 31.78 65.47 -9.48
N PRO T 41 31.02 66.51 -9.80
CA PRO T 41 31.08 67.79 -9.07
C PRO T 41 31.35 67.74 -7.57
N THR T 42 30.86 66.71 -6.88
CA THR T 42 31.17 66.55 -5.45
C THR T 42 32.67 66.28 -5.20
N VAL T 55 40.37 68.34 -11.38
CA VAL T 55 40.59 67.34 -12.42
C VAL T 55 42.06 67.31 -12.78
N LYS T 56 42.66 68.47 -12.93
CA LYS T 56 44.10 68.57 -13.23
C LYS T 56 44.95 68.00 -12.11
N GLU T 57 44.63 68.35 -10.86
CA GLU T 57 45.37 67.84 -9.69
C GLU T 57 45.29 66.32 -9.59
N ILE T 58 44.11 65.77 -9.89
CA ILE T 58 43.89 64.32 -9.85
C ILE T 58 44.65 63.59 -10.99
N CYS T 59 44.65 64.17 -12.20
CA CYS T 59 45.42 63.63 -13.33
C CYS T 59 46.90 63.55 -12.97
N ASP T 60 47.43 64.64 -12.42
CA ASP T 60 48.84 64.71 -12.03
C ASP T 60 49.18 63.65 -10.97
N LEU T 61 48.22 63.35 -10.11
CA LEU T 61 48.44 62.41 -9.00
C LEU T 61 48.36 60.96 -9.43
N VAL T 62 47.27 60.58 -10.11
CA VAL T 62 47.07 59.18 -10.47
C VAL T 62 47.82 58.80 -11.75
N LYS T 63 48.04 59.77 -12.64
CA LYS T 63 48.68 59.50 -13.93
C LYS T 63 48.06 58.28 -14.59
N GLY T 64 46.73 58.32 -14.68
CA GLY T 64 45.92 57.26 -15.29
C GLY T 64 44.57 57.90 -15.61
N PRO T 65 43.68 57.14 -16.25
CA PRO T 65 42.41 57.71 -16.69
C PRO T 65 41.63 58.38 -15.57
N VAL T 66 41.22 59.62 -15.83
CA VAL T 66 40.38 60.38 -14.89
C VAL T 66 39.09 60.80 -15.60
N SER T 67 37.99 60.18 -15.23
CA SER T 67 36.70 60.44 -15.85
C SER T 67 36.10 61.72 -15.28
N ALA T 68 35.64 62.61 -16.15
CA ALA T 68 35.02 63.86 -15.70
C ALA T 68 33.82 64.20 -16.56
N GLU T 69 32.74 64.63 -15.91
CA GLU T 69 31.45 64.87 -16.55
C GLU T 69 31.35 66.24 -17.21
N VAL T 70 30.60 66.30 -18.29
CA VAL T 70 30.24 67.56 -18.94
C VAL T 70 28.94 68.09 -18.36
N VAL T 71 28.71 69.39 -18.53
CA VAL T 71 27.49 70.03 -18.06
C VAL T 71 26.34 69.78 -19.06
N SER T 72 26.58 70.07 -20.34
CA SER T 72 25.51 70.06 -21.35
C SER T 72 24.99 68.67 -21.63
N LEU T 73 23.74 68.63 -22.11
CA LEU T 73 23.09 67.39 -22.55
C LEU T 73 22.79 67.37 -24.05
N ASP T 74 22.86 68.51 -24.73
CA ASP T 74 22.68 68.53 -26.17
C ASP T 74 24.02 68.18 -26.80
N TYR T 75 23.95 67.59 -27.98
CA TYR T 75 25.12 67.10 -28.71
C TYR T 75 26.20 68.17 -28.89
N GLU T 76 25.81 69.34 -29.38
CA GLU T 76 26.75 70.43 -29.69
C GLU T 76 27.49 70.89 -28.43
N GLY T 77 26.73 71.11 -27.35
CA GLY T 77 27.30 71.49 -26.06
C GLY T 77 28.21 70.44 -25.42
N MET T 78 27.80 69.18 -25.50
CA MET T 78 28.63 68.09 -24.99
C MET T 78 29.98 68.02 -25.68
N VAL T 79 29.97 68.11 -27.01
CA VAL T 79 31.19 68.03 -27.80
C VAL T 79 32.09 69.23 -27.51
N ARG T 80 31.50 70.44 -27.51
CA ARG T 80 32.21 71.67 -27.15
C ARG T 80 32.94 71.50 -25.84
N GLU T 81 32.22 71.10 -24.80
CA GLU T 81 32.79 71.04 -23.46
C GLU T 81 33.81 69.92 -23.33
N ALA T 82 33.55 68.80 -24.01
CA ALA T 82 34.47 67.66 -24.04
C ALA T 82 35.85 68.08 -24.56
N ARG T 83 35.84 68.85 -25.64
CA ARG T 83 37.10 69.33 -26.21
C ARG T 83 37.83 70.23 -25.22
N GLU T 84 37.08 71.04 -24.49
CA GLU T 84 37.68 71.93 -23.48
C GLU T 84 38.24 71.13 -22.30
N LEU T 85 37.49 70.14 -21.81
CA LEU T 85 38.00 69.28 -20.73
C LEU T 85 39.19 68.43 -21.16
N ALA T 86 39.17 67.96 -22.41
CA ALA T 86 40.25 67.15 -22.95
C ALA T 86 41.58 67.88 -22.92
N GLN T 87 41.55 69.19 -23.11
CA GLN T 87 42.76 69.99 -23.12
C GLN T 87 43.49 70.02 -21.76
N ILE T 88 42.79 69.72 -20.67
CA ILE T 88 43.39 69.79 -19.34
C ILE T 88 44.55 68.81 -19.18
N SER T 89 44.38 67.60 -19.71
CA SER T 89 45.40 66.56 -19.58
C SER T 89 45.11 65.41 -20.53
N GLU T 90 46.18 64.71 -20.94
CA GLU T 90 46.05 63.50 -21.77
C GLU T 90 45.28 62.38 -21.06
N TYR T 91 45.21 62.44 -19.72
CA TYR T 91 44.54 61.42 -18.93
C TYR T 91 43.04 61.61 -18.77
N VAL T 92 42.53 62.78 -19.12
CA VAL T 92 41.11 63.08 -18.96
C VAL T 92 40.28 62.23 -19.93
N VAL T 93 39.24 61.61 -19.36
CA VAL T 93 38.24 60.84 -20.10
C VAL T 93 36.90 61.52 -19.88
N ILE T 94 36.15 61.74 -20.94
CA ILE T 94 34.91 62.52 -20.83
C ILE T 94 33.72 61.56 -20.55
N LYS T 95 33.04 61.78 -19.42
CA LYS T 95 31.81 61.03 -19.07
C LYS T 95 30.65 61.57 -19.90
N ILE T 96 29.99 60.69 -20.62
CA ILE T 96 28.85 61.03 -21.47
C ILE T 96 27.70 60.16 -21.03
N PRO T 97 26.52 60.73 -20.81
CA PRO T 97 25.39 59.95 -20.37
C PRO T 97 24.85 59.17 -21.56
N MET T 98 24.32 57.99 -21.28
CA MET T 98 23.77 57.13 -22.31
C MET T 98 22.47 57.72 -22.89
N THR T 99 22.63 58.54 -23.92
CA THR T 99 21.51 59.09 -24.66
C THR T 99 21.82 59.09 -26.14
N PRO T 100 20.80 59.29 -26.96
CA PRO T 100 21.02 59.50 -28.42
C PRO T 100 22.08 60.56 -28.73
N ASP T 101 21.93 61.75 -28.17
CA ASP T 101 22.90 62.82 -28.32
C ASP T 101 24.26 62.45 -27.78
N GLY T 102 24.26 61.79 -26.63
CA GLY T 102 25.51 61.30 -26.02
C GLY T 102 26.24 60.35 -26.93
N ILE T 103 25.49 59.47 -27.60
CA ILE T 103 26.06 58.50 -28.52
C ILE T 103 26.59 59.16 -29.79
N LYS T 104 25.87 60.17 -30.25
CA LYS T 104 26.27 61.03 -31.37
C LYS T 104 27.59 61.73 -31.01
N ALA T 105 27.68 62.23 -29.78
CA ALA T 105 28.90 62.87 -29.27
C ALA T 105 30.08 61.91 -29.23
N VAL T 106 29.83 60.69 -28.79
CA VAL T 106 30.88 59.67 -28.75
C VAL T 106 31.41 59.39 -30.15
N LYS T 107 30.54 59.30 -31.14
CA LYS T 107 30.98 59.07 -32.52
C LYS T 107 31.94 60.18 -32.95
N THR T 108 31.56 61.41 -32.68
CA THR T 108 32.36 62.57 -33.05
C THR T 108 33.67 62.64 -32.25
N LEU T 109 33.59 62.47 -30.93
CA LEU T 109 34.78 62.61 -30.07
C LEU T 109 35.80 61.50 -30.28
N SER T 110 35.34 60.28 -30.50
CA SER T 110 36.22 59.15 -30.83
C SER T 110 37.03 59.44 -32.10
N ALA T 111 36.36 59.97 -33.12
CA ALA T 111 37.02 60.36 -34.36
C ALA T 111 38.12 61.42 -34.15
N GLU T 112 37.97 62.26 -33.11
CA GLU T 112 38.99 63.27 -32.76
C GLU T 112 40.02 62.77 -31.77
N GLY T 113 39.99 61.50 -31.40
CA GLY T 113 40.93 60.97 -30.40
C GLY T 113 40.65 61.40 -28.97
N ILE T 114 39.43 61.84 -28.69
CA ILE T 114 39.05 62.19 -27.34
C ILE T 114 38.38 61.01 -26.66
N LYS T 115 38.92 60.59 -25.51
CA LYS T 115 38.47 59.40 -24.79
C LYS T 115 37.14 59.65 -24.09
N THR T 116 36.25 58.64 -24.13
CA THR T 116 34.88 58.74 -23.62
C THR T 116 34.53 57.61 -22.68
N ASN T 117 33.68 57.94 -21.72
CA ASN T 117 33.16 56.97 -20.77
C ASN T 117 31.66 57.14 -20.74
N VAL T 118 30.95 56.19 -21.38
CA VAL T 118 29.48 56.23 -21.39
C VAL T 118 28.94 55.71 -20.08
N THR T 119 28.20 56.60 -19.41
CA THR T 119 27.70 56.35 -18.09
C THR T 119 26.16 56.21 -18.12
N LEU T 120 25.61 55.89 -16.94
CA LEU T 120 24.19 55.63 -16.75
C LEU T 120 23.70 54.52 -17.68
N VAL T 121 24.44 53.41 -17.67
CA VAL T 121 24.08 52.25 -18.44
C VAL T 121 23.42 51.22 -17.53
N PHE T 122 22.21 50.81 -17.89
CA PHE T 122 21.47 49.88 -17.07
C PHE T 122 20.99 48.66 -17.83
N SER T 123 21.43 48.50 -19.08
CA SER T 123 21.04 47.36 -19.89
C SER T 123 22.13 47.01 -20.85
N PRO T 124 22.14 45.76 -21.32
CA PRO T 124 23.10 45.32 -22.31
C PRO T 124 22.89 45.94 -23.68
N ALA T 125 21.64 46.29 -24.01
CA ALA T 125 21.35 46.95 -25.27
C ALA T 125 22.06 48.28 -25.33
N GLN T 126 21.98 49.04 -24.24
CA GLN T 126 22.68 50.29 -24.14
C GLN T 126 24.19 50.09 -24.31
N ALA T 127 24.72 49.08 -23.65
CA ALA T 127 26.13 48.79 -23.71
C ALA T 127 26.63 48.45 -25.12
N ILE T 128 25.80 47.80 -25.92
CA ILE T 128 26.14 47.48 -27.30
C ILE T 128 26.26 48.76 -28.12
N LEU T 129 25.30 49.68 -27.98
CA LEU T 129 25.37 50.93 -28.68
C LEU T 129 26.60 51.74 -28.29
N ALA T 130 26.90 51.76 -27.00
CA ALA T 130 28.07 52.50 -26.53
C ALA T 130 29.32 52.01 -27.23
N ALA T 131 29.51 50.68 -27.24
CA ALA T 131 30.69 50.11 -27.89
C ALA T 131 30.69 50.38 -29.41
N LYS T 132 29.54 50.25 -30.04
CA LYS T 132 29.43 50.47 -31.47
C LYS T 132 29.73 51.90 -31.88
N ALA T 133 29.35 52.87 -31.03
CA ALA T 133 29.65 54.30 -31.31
C ALA T 133 31.13 54.66 -31.07
N GLY T 134 31.85 53.77 -30.38
CA GLY T 134 33.29 53.91 -30.20
C GLY T 134 33.72 54.37 -28.83
N ALA T 135 32.89 54.12 -27.83
CA ALA T 135 33.21 54.54 -26.46
C ALA T 135 34.50 53.89 -25.97
N THR T 136 35.33 54.65 -25.25
CA THR T 136 36.55 54.12 -24.69
C THR T 136 36.22 53.17 -23.54
N TYR T 137 35.26 53.61 -22.74
CA TYR T 137 34.74 52.87 -21.60
C TYR T 137 33.21 52.93 -21.59
N VAL T 138 32.61 51.91 -20.96
CA VAL T 138 31.19 51.93 -20.55
C VAL T 138 31.12 51.67 -19.07
N SER T 139 30.18 52.36 -18.40
CA SER T 139 29.99 52.21 -16.96
C SER T 139 28.56 51.73 -16.63
N PRO T 140 28.33 50.41 -16.57
CA PRO T 140 27.06 49.89 -16.09
C PRO T 140 26.94 50.04 -14.57
N PHE T 141 25.77 50.49 -14.13
CA PHE T 141 25.52 50.78 -12.71
C PHE T 141 24.92 49.56 -12.01
N VAL T 142 25.79 48.79 -11.37
CA VAL T 142 25.41 47.55 -10.74
C VAL T 142 24.57 47.74 -9.46
N GLY T 143 25.08 48.50 -8.52
CA GLY T 143 24.38 48.71 -7.25
C GLY T 143 22.98 49.30 -7.37
N ARG T 144 22.80 50.22 -8.30
CA ARG T 144 21.49 50.81 -8.51
C ARG T 144 20.49 49.83 -9.05
N MET T 145 20.95 48.93 -9.92
CA MET T 145 20.11 47.84 -10.43
C MET T 145 19.79 46.80 -9.38
N ASP T 146 20.78 46.48 -8.57
CA ASP T 146 20.61 45.59 -7.40
C ASP T 146 19.47 46.06 -6.49
N ASP T 147 19.42 47.36 -6.24
CA ASP T 147 18.44 47.93 -5.36
C ASP T 147 17.03 47.90 -5.92
N LEU T 148 16.90 47.75 -7.24
CA LEU T 148 15.59 47.48 -7.87
C LEU T 148 15.21 46.01 -7.73
N SER T 149 16.11 45.20 -7.17
CA SER T 149 15.96 43.77 -7.13
C SER T 149 15.91 43.13 -8.52
N ASN T 150 16.46 43.80 -9.54
CA ASN T 150 16.53 43.25 -10.91
C ASN T 150 17.93 42.67 -11.22
N ASP T 151 18.79 42.61 -10.20
CA ASP T 151 20.12 41.99 -10.30
C ASP T 151 21.13 42.67 -11.22
N GLY T 152 21.87 43.63 -10.65
CA GLY T 152 22.88 44.38 -11.40
C GLY T 152 24.05 43.53 -11.86
N MET T 153 24.43 42.54 -11.05
CA MET T 153 25.58 41.70 -11.39
C MET T 153 25.26 40.83 -12.60
N ARG T 154 24.01 40.41 -12.74
CA ARG T 154 23.58 39.68 -13.93
C ARG T 154 23.65 40.55 -15.16
N MET T 155 23.21 41.78 -15.07
CA MET T 155 23.26 42.64 -16.24
C MET T 155 24.72 42.90 -16.64
N LEU T 156 25.59 43.06 -15.64
CA LEU T 156 27.00 43.27 -15.91
C LEU T 156 27.58 42.03 -16.59
N GLY T 157 27.22 40.85 -16.10
CA GLY T 157 27.67 39.63 -16.74
C GLY T 157 27.17 39.47 -18.18
N GLU T 158 25.97 39.99 -18.48
CA GLU T 158 25.48 39.93 -19.89
C GLU T 158 26.33 40.82 -20.77
N ILE T 159 26.73 41.98 -20.24
CA ILE T 159 27.55 42.93 -20.98
C ILE T 159 28.95 42.37 -21.25
N VAL T 160 29.56 41.81 -20.20
CA VAL T 160 30.84 41.12 -20.32
C VAL T 160 30.79 40.03 -21.38
N GLU T 161 29.76 39.20 -21.31
CA GLU T 161 29.60 38.12 -22.29
C GLU T 161 29.50 38.68 -23.72
N ILE T 162 28.70 39.72 -23.91
CA ILE T 162 28.53 40.26 -25.25
C ILE T 162 29.86 40.86 -25.76
N TYR T 163 30.52 41.62 -24.89
CA TYR T 163 31.77 42.24 -25.24
C TYR T 163 32.83 41.21 -25.56
N ASN T 164 32.83 40.09 -24.83
CA ASN T 164 33.72 38.97 -25.16
C ASN T 164 33.38 38.35 -26.53
N ASN T 165 32.10 38.26 -26.85
CA ASN T 165 31.70 37.65 -28.13
C ASN T 165 32.25 38.42 -29.33
N TYR T 166 32.33 39.75 -29.21
CA TYR T 166 32.58 40.61 -30.33
C TYR T 166 33.93 41.35 -30.25
N GLY T 167 34.61 41.24 -29.12
CA GLY T 167 35.88 41.93 -28.92
C GLY T 167 35.81 43.42 -29.21
N PHE T 168 34.73 44.06 -28.74
CA PHE T 168 34.64 45.50 -28.76
C PHE T 168 35.84 46.06 -28.00
N GLU T 169 36.47 47.12 -28.54
CA GLU T 169 37.64 47.71 -27.87
C GLU T 169 37.24 48.42 -26.59
N THR T 170 35.98 48.84 -26.52
CA THR T 170 35.42 49.43 -25.32
C THR T 170 35.71 48.58 -24.09
N GLU T 171 36.15 49.21 -23.01
CA GLU T 171 36.42 48.52 -21.76
C GLU T 171 35.26 48.76 -20.79
N ILE T 172 34.92 47.73 -20.02
CA ILE T 172 33.82 47.82 -19.09
C ILE T 172 34.33 48.27 -17.74
N ILE T 173 33.78 49.37 -17.23
CA ILE T 173 33.97 49.72 -15.81
C ILE T 173 32.72 49.36 -15.01
N ALA T 174 32.81 48.34 -14.18
CA ALA T 174 31.78 48.05 -13.19
C ALA T 174 31.63 49.24 -12.25
N ALA T 175 30.48 49.91 -12.32
CA ALA T 175 30.23 51.11 -11.56
C ALA T 175 29.08 50.90 -10.59
N SER T 176 28.81 51.92 -9.77
CA SER T 176 27.82 51.82 -8.69
C SER T 176 28.16 50.61 -7.80
N ILE T 177 29.45 50.49 -7.46
CA ILE T 177 29.96 49.43 -6.58
C ILE T 177 29.84 49.84 -5.14
N ARG T 178 29.23 48.98 -4.34
CA ARG T 178 28.81 49.30 -2.99
C ARG T 178 29.56 48.54 -1.91
N HIS T 179 30.13 47.38 -2.25
CA HIS T 179 30.68 46.50 -1.24
C HIS T 179 31.60 45.47 -1.87
N PRO T 180 32.37 44.76 -1.04
CA PRO T 180 33.39 43.84 -1.52
C PRO T 180 32.92 42.74 -2.47
N MET T 181 31.74 42.18 -2.26
CA MET T 181 31.28 41.09 -3.13
C MET T 181 31.01 41.59 -4.54
N HIS T 182 30.60 42.86 -4.69
CA HIS T 182 30.48 43.43 -6.04
C HIS T 182 31.81 43.33 -6.77
N VAL T 183 32.88 43.61 -6.05
CA VAL T 183 34.24 43.59 -6.59
C VAL T 183 34.68 42.15 -6.95
N VAL T 184 34.44 41.21 -6.05
CA VAL T 184 34.85 39.83 -6.26
C VAL T 184 34.07 39.20 -7.37
N GLU T 185 32.77 39.44 -7.39
CA GLU T 185 31.93 38.86 -8.44
C GLU T 185 32.27 39.49 -9.80
N ALA T 186 32.58 40.77 -9.82
CA ALA T 186 33.01 41.41 -11.05
C ALA T 186 34.30 40.79 -11.55
N ALA T 187 35.25 40.56 -10.64
CA ALA T 187 36.52 39.92 -10.97
C ALA T 187 36.37 38.50 -11.48
N LEU T 188 35.46 37.76 -10.88
CA LEU T 188 35.19 36.38 -11.30
C LEU T 188 34.59 36.28 -12.69
N MET T 189 33.86 37.30 -13.13
CA MET T 189 33.36 37.34 -14.50
C MET T 189 34.35 38.01 -15.45
N GLY T 190 35.42 38.59 -14.92
CA GLY T 190 36.49 39.15 -15.74
C GLY T 190 36.17 40.52 -16.33
N VAL T 191 35.53 41.37 -15.55
CA VAL T 191 35.32 42.76 -15.98
C VAL T 191 36.66 43.48 -16.04
N ASP T 192 36.78 44.42 -16.97
CA ASP T 192 38.06 45.08 -17.23
C ASP T 192 38.48 45.91 -16.05
N ILE T 193 37.53 46.69 -15.55
CA ILE T 193 37.80 47.69 -14.53
C ILE T 193 36.67 47.70 -13.55
N VAL T 194 37.00 47.92 -12.28
CA VAL T 194 36.01 48.17 -11.25
C VAL T 194 36.29 49.54 -10.61
N THR T 195 35.32 50.42 -10.62
CA THR T 195 35.46 51.71 -9.98
C THR T 195 34.69 51.65 -8.67
N MET T 196 35.33 52.07 -7.58
CA MET T 196 34.77 51.91 -6.26
C MET T 196 35.06 53.08 -5.33
N PRO T 197 34.26 53.26 -4.28
CA PRO T 197 34.62 54.19 -3.23
C PRO T 197 35.85 53.71 -2.47
N PHE T 198 36.58 54.66 -1.91
CA PHE T 198 37.78 54.38 -1.15
C PHE T 198 37.44 53.46 0.02
N ALA T 199 36.28 53.71 0.65
CA ALA T 199 35.78 52.91 1.75
C ALA T 199 35.72 51.42 1.40
N VAL T 200 35.27 51.12 0.18
CA VAL T 200 35.20 49.74 -0.29
C VAL T 200 36.61 49.17 -0.49
N LEU T 201 37.51 49.98 -1.05
CA LEU T 201 38.88 49.54 -1.26
C LEU T 201 39.55 49.18 0.08
N GLU T 202 39.34 50.02 1.09
CA GLU T 202 39.86 49.74 2.45
C GLU T 202 39.43 48.39 2.96
N LYS T 203 38.17 48.04 2.74
CA LYS T 203 37.64 46.75 3.18
C LYS T 203 38.36 45.56 2.53
N LEU T 204 38.72 45.70 1.26
CA LEU T 204 39.33 44.61 0.50
C LEU T 204 40.61 44.09 1.14
N PHE T 205 41.32 44.94 1.87
CA PHE T 205 42.55 44.55 2.58
C PHE T 205 42.31 43.61 3.73
N LYS T 206 41.12 43.73 4.34
CA LYS T 206 40.90 43.23 5.71
C LYS T 206 40.32 41.82 5.77
N HIS T 207 40.82 41.09 6.75
CA HIS T 207 40.28 39.80 7.12
C HIS T 207 40.66 39.49 8.58
N PRO T 208 39.71 38.99 9.35
CA PRO T 208 39.96 38.71 10.77
C PRO T 208 41.02 37.64 10.99
N MET T 209 41.14 36.72 10.02
CA MET T 209 42.14 35.64 10.09
C MET T 209 43.56 36.14 9.78
N THR T 210 43.63 37.19 8.96
CA THR T 210 44.88 37.91 8.76
C THR T 210 45.34 38.55 10.06
N ASP T 211 44.43 39.20 10.77
CA ASP T 211 44.76 39.87 12.03
C ASP T 211 45.18 38.89 13.12
N LEU T 212 44.53 37.72 13.15
CA LEU T 212 44.88 36.65 14.08
C LEU T 212 46.22 36.07 13.75
N GLY T 213 46.48 35.85 12.48
CA GLY T 213 47.77 35.34 12.02
C GLY T 213 48.89 36.26 12.42
N ILE T 214 48.66 37.56 12.29
CA ILE T 214 49.65 38.58 12.68
C ILE T 214 49.91 38.59 14.19
N GLU T 215 48.87 38.43 15.01
CA GLU T 215 49.05 38.29 16.46
C GLU T 215 49.88 37.06 16.77
N ARG T 216 49.58 35.98 16.07
CA ARG T 216 50.27 34.70 16.25
C ARG T 216 51.73 34.71 15.76
N PHE T 217 52.00 35.33 14.61
CA PHE T 217 53.36 35.39 14.04
C PHE T 217 54.27 36.26 14.93
N MET T 218 53.68 37.16 15.71
CA MET T 218 54.38 37.96 16.69
C MET T 218 54.67 37.18 17.98
N GLU T 219 53.81 36.21 18.28
CA GLU T 219 54.05 35.30 19.39
C GLU T 219 55.29 34.47 19.09
N ASP T 220 55.28 33.84 17.91
CA ASP T 220 56.37 33.00 17.42
C ASP T 220 57.75 33.73 17.39
N TRP T 221 57.77 34.99 16.93
CA TRP T 221 59.01 35.79 16.89
C TRP T 221 59.45 36.13 18.31
N LYS T 222 58.51 36.36 19.22
CA LYS T 222 58.84 36.61 20.64
C LYS T 222 59.33 35.32 21.33
N LYS T 223 58.69 34.20 21.01
CA LYS T 223 59.10 32.88 21.46
C LYS T 223 60.43 32.44 20.83
N TYR T 224 60.56 32.64 19.51
CA TYR T 224 61.79 32.28 18.77
C TYR T 224 63.02 32.95 19.37
N LEU T 225 62.91 34.26 19.59
CA LEU T 225 64.04 35.10 19.98
C LEU T 225 64.54 34.76 21.40
N GLU T 226 63.66 34.26 22.26
CA GLU T 226 64.04 33.97 23.64
C GLU T 226 64.98 32.73 23.81
N ASN T 227 65.11 31.91 22.76
CA ASN T 227 66.04 30.77 22.75
C ASN T 227 67.32 31.13 21.99
#